data_2MLM
#
_entry.id   2MLM
#
_cell.length_a   1.000
_cell.length_b   1.000
_cell.length_c   1.000
_cell.angle_alpha   90.00
_cell.angle_beta   90.00
_cell.angle_gamma   90.00
#
_symmetry.space_group_name_H-M   'P 1'
#
loop_
_entity.id
_entity.type
_entity.pdbx_description
1 polymer 'Sortase family protein'
2 non-polymer N-{2-oxo-2-[(3s,5s,7s)-tricyclo[3.3.1.1~3,7~]dec-1-ylamino]ethyl}-2-sulfanylbenzamide
#
_entity_poly.entity_id   1
_entity_poly.type   'polypeptide(L)'
_entity_poly.pdbx_seq_one_letter_code
;MQAKPQIPKDKSKVAGYIEIPDADIKEPVYPGPATPEQLNRGVSFAEENESLDDQNISIAGHTFIDRPNYQFTNLKAAKK
GSMVYFKVGNETRKYKMTSIRDVKPTDVEVLDEQKGKDKQLTLITCDDYNEKTGVWEKRKIFVATEVK
;
_entity_poly.pdbx_strand_id   A
#
loop_
_chem_comp.id
_chem_comp.type
_chem_comp.name
_chem_comp.formula
2W7 non-polymer N-{2-oxo-2-[(3s,5s,7s)-tricyclo[3.3.1.1~3,7~]dec-1-ylamino]ethyl}-2-sulfanylbenzamide 'C19 H24 N2 O2 S'
#
# COMPACT_ATOMS: atom_id res chain seq x y z
N MET A 1 18.81 19.76 6.08
CA MET A 1 18.45 18.95 4.90
C MET A 1 17.97 17.57 5.34
N GLN A 2 17.55 16.76 4.39
CA GLN A 2 17.13 15.41 4.68
C GLN A 2 17.93 14.41 3.88
N ALA A 3 17.45 13.17 3.81
CA ALA A 3 18.17 12.09 3.18
C ALA A 3 17.23 10.93 2.88
N LYS A 4 17.76 9.86 2.31
CA LYS A 4 16.98 8.66 2.06
C LYS A 4 16.63 7.97 3.37
N PRO A 5 15.33 7.82 3.66
CA PRO A 5 14.87 7.20 4.90
C PRO A 5 15.03 5.68 4.89
N GLN A 6 15.00 5.08 6.07
CA GLN A 6 15.05 3.64 6.21
C GLN A 6 13.72 3.16 6.78
N ILE A 7 13.53 1.86 6.86
CA ILE A 7 12.28 1.31 7.38
C ILE A 7 12.47 0.71 8.77
N PRO A 8 12.07 1.46 9.82
CA PRO A 8 12.14 0.99 11.20
C PRO A 8 10.90 0.21 11.61
N LYS A 9 10.90 -0.28 12.84
CA LYS A 9 9.76 -1.02 13.36
C LYS A 9 8.74 -0.06 13.97
N ASP A 10 9.24 1.06 14.50
CA ASP A 10 8.38 2.06 15.14
C ASP A 10 7.36 2.62 14.15
N LYS A 11 6.10 2.63 14.56
CA LYS A 11 5.01 3.07 13.70
C LYS A 11 4.66 4.53 13.98
N SER A 12 5.53 5.21 14.70
CA SER A 12 5.33 6.61 15.00
C SER A 12 6.01 7.47 13.94
N LYS A 13 6.98 6.90 13.25
CA LYS A 13 7.74 7.62 12.24
C LYS A 13 7.10 7.45 10.87
N VAL A 14 7.49 8.31 9.94
CA VAL A 14 7.00 8.25 8.57
C VAL A 14 8.17 8.10 7.61
N ALA A 15 8.21 6.97 6.91
CA ALA A 15 9.29 6.71 5.95
C ALA A 15 8.91 7.21 4.56
N GLY A 16 7.63 7.12 4.25
CA GLY A 16 7.15 7.55 2.95
C GLY A 16 5.76 8.14 3.03
N TYR A 17 5.45 9.02 2.11
CA TYR A 17 4.15 9.64 2.04
C TYR A 17 3.43 9.19 0.80
N ILE A 18 2.25 8.61 0.96
CA ILE A 18 1.48 8.14 -0.17
C ILE A 18 0.49 9.21 -0.61
N GLU A 19 0.70 9.71 -1.81
CA GLU A 19 -0.10 10.81 -2.32
C GLU A 19 -0.69 10.48 -3.68
N ILE A 20 -2.00 10.42 -3.74
CA ILE A 20 -2.71 10.14 -4.98
C ILE A 20 -3.70 11.28 -5.26
N PRO A 21 -3.32 12.18 -6.19
CA PRO A 21 -4.10 13.40 -6.48
C PRO A 21 -5.53 13.12 -6.93
N ASP A 22 -5.73 12.02 -7.66
CA ASP A 22 -7.04 11.69 -8.20
C ASP A 22 -8.00 11.33 -7.09
N ALA A 23 -7.46 10.88 -5.97
CA ALA A 23 -8.28 10.47 -4.84
C ALA A 23 -8.08 11.40 -3.64
N ASP A 24 -7.34 12.49 -3.86
CA ASP A 24 -7.08 13.49 -2.82
C ASP A 24 -6.34 12.86 -1.63
N ILE A 25 -5.62 11.79 -1.90
CA ILE A 25 -4.92 11.06 -0.86
C ILE A 25 -3.55 11.68 -0.57
N LYS A 26 -3.33 12.02 0.69
CA LYS A 26 -2.03 12.49 1.16
C LYS A 26 -1.80 11.97 2.57
N GLU A 27 -1.36 10.72 2.67
CA GLU A 27 -1.26 10.05 3.96
C GLU A 27 0.13 9.50 4.21
N PRO A 28 0.60 9.58 5.46
CA PRO A 28 1.87 8.98 5.88
C PRO A 28 1.81 7.46 5.88
N VAL A 29 2.87 6.81 5.42
CA VAL A 29 2.95 5.36 5.42
C VAL A 29 3.75 4.92 6.61
N TYR A 30 3.23 3.94 7.33
CA TYR A 30 3.85 3.50 8.57
C TYR A 30 4.79 2.34 8.30
N PRO A 31 6.10 2.61 8.34
CA PRO A 31 7.14 1.66 8.01
C PRO A 31 7.27 0.53 9.04
N GLY A 32 7.61 -0.65 8.56
CA GLY A 32 7.84 -1.77 9.44
C GLY A 32 7.06 -2.99 9.03
N PRO A 33 7.01 -4.03 9.88
CA PRO A 33 6.31 -5.26 9.59
C PRO A 33 4.79 -5.10 9.76
N ALA A 34 4.05 -6.02 9.18
CA ALA A 34 2.60 -5.97 9.24
C ALA A 34 2.08 -6.53 10.54
N THR A 35 1.27 -5.74 11.23
CA THR A 35 0.64 -6.19 12.47
C THR A 35 -0.84 -5.85 12.43
N PRO A 36 -1.71 -6.82 12.82
CA PRO A 36 -3.17 -6.67 12.74
C PRO A 36 -3.69 -5.35 13.30
N GLU A 37 -3.05 -4.88 14.37
CA GLU A 37 -3.44 -3.63 15.01
C GLU A 37 -3.18 -2.44 14.09
N GLN A 38 -1.95 -2.32 13.61
CA GLN A 38 -1.53 -1.14 12.87
C GLN A 38 -2.28 -1.04 11.54
N LEU A 39 -2.57 -2.19 10.95
CA LEU A 39 -3.29 -2.24 9.67
C LEU A 39 -4.74 -1.78 9.81
N ASN A 40 -5.19 -1.56 11.04
CA ASN A 40 -6.52 -1.02 11.29
C ASN A 40 -6.42 0.46 11.63
N ARG A 41 -5.19 0.93 11.78
CA ARG A 41 -4.92 2.31 12.17
C ARG A 41 -4.46 3.11 10.96
N GLY A 42 -3.74 2.42 10.07
CA GLY A 42 -3.27 3.03 8.85
C GLY A 42 -2.71 2.00 7.90
N VAL A 43 -1.82 2.43 7.03
CA VAL A 43 -1.22 1.55 6.03
C VAL A 43 0.24 1.24 6.42
N SER A 44 0.59 -0.03 6.33
CA SER A 44 1.95 -0.46 6.64
C SER A 44 2.45 -1.43 5.60
N PHE A 45 3.77 -1.62 5.55
CA PHE A 45 4.39 -2.49 4.56
C PHE A 45 4.16 -3.96 4.89
N ALA A 46 4.09 -4.77 3.85
CA ALA A 46 3.95 -6.21 3.99
C ALA A 46 5.33 -6.86 3.91
N GLU A 47 6.30 -6.10 3.45
CA GLU A 47 7.66 -6.57 3.31
C GLU A 47 8.38 -6.54 4.65
N GLU A 48 9.05 -7.62 4.98
CA GLU A 48 9.79 -7.71 6.23
C GLU A 48 11.18 -7.06 6.10
N ASN A 49 11.50 -6.66 4.89
CA ASN A 49 12.80 -6.07 4.61
C ASN A 49 12.76 -4.56 4.78
N GLU A 50 13.68 -4.03 5.56
CA GLU A 50 13.71 -2.59 5.89
C GLU A 50 14.18 -1.74 4.73
N SER A 51 14.16 -2.30 3.53
CA SER A 51 14.69 -1.64 2.36
C SER A 51 13.58 -1.08 1.48
N LEU A 52 13.44 0.23 1.49
CA LEU A 52 12.55 0.92 0.56
C LEU A 52 13.31 1.30 -0.70
N ASP A 53 14.55 0.82 -0.75
CA ASP A 53 15.43 1.06 -1.90
C ASP A 53 15.25 -0.07 -2.92
N ASP A 54 14.52 -1.10 -2.50
CA ASP A 54 14.24 -2.24 -3.36
C ASP A 54 13.12 -1.86 -4.33
N GLN A 55 13.01 -2.59 -5.44
CA GLN A 55 12.05 -2.24 -6.47
C GLN A 55 10.68 -2.87 -6.17
N ASN A 56 10.65 -3.81 -5.23
CA ASN A 56 9.39 -4.43 -4.84
C ASN A 56 8.93 -3.91 -3.49
N ILE A 57 7.92 -3.07 -3.51
CA ILE A 57 7.40 -2.48 -2.29
C ILE A 57 5.96 -2.93 -2.06
N SER A 58 5.77 -3.88 -1.15
CA SER A 58 4.45 -4.36 -0.83
C SER A 58 3.88 -3.61 0.37
N ILE A 59 2.70 -3.03 0.21
CA ILE A 59 2.05 -2.29 1.28
C ILE A 59 0.64 -2.82 1.48
N ALA A 60 0.17 -2.89 2.71
CA ALA A 60 -1.15 -3.45 2.98
C ALA A 60 -2.08 -2.41 3.59
N GLY A 61 -3.36 -2.51 3.28
CA GLY A 61 -4.34 -1.57 3.81
C GLY A 61 -5.74 -2.16 3.85
N HIS A 62 -6.73 -1.34 4.16
CA HIS A 62 -8.11 -1.80 4.24
C HIS A 62 -9.05 -0.81 3.56
N THR A 63 -10.22 -1.30 3.16
CA THR A 63 -11.19 -0.51 2.42
C THR A 63 -11.99 0.42 3.34
N PHE A 64 -13.00 1.06 2.78
CA PHE A 64 -13.85 2.00 3.49
C PHE A 64 -15.23 1.40 3.73
N ILE A 65 -15.79 1.67 4.90
CA ILE A 65 -17.17 1.28 5.18
C ILE A 65 -17.94 2.50 5.70
N ASP A 66 -17.96 2.68 7.01
CA ASP A 66 -18.60 3.85 7.61
C ASP A 66 -17.57 4.93 7.87
N ARG A 67 -16.32 4.50 8.00
CA ARG A 67 -15.25 5.39 8.41
C ARG A 67 -14.48 5.92 7.22
N PRO A 68 -14.55 7.23 6.97
CA PRO A 68 -13.78 7.88 5.90
C PRO A 68 -12.36 8.20 6.36
N ASN A 69 -12.00 7.68 7.54
CA ASN A 69 -10.71 7.96 8.13
C ASN A 69 -9.68 6.88 7.80
N TYR A 70 -9.99 6.05 6.82
CA TYR A 70 -9.00 5.10 6.32
C TYR A 70 -8.22 5.76 5.19
N GLN A 71 -6.94 5.47 5.12
CA GLN A 71 -6.02 6.22 4.25
C GLN A 71 -6.29 5.97 2.77
N PHE A 72 -7.16 5.01 2.47
CA PHE A 72 -7.51 4.71 1.08
C PHE A 72 -9.02 4.66 0.89
N THR A 73 -9.75 5.49 1.64
CA THR A 73 -11.20 5.53 1.55
C THR A 73 -11.66 6.01 0.17
N ASN A 74 -10.92 6.94 -0.41
CA ASN A 74 -11.29 7.51 -1.70
C ASN A 74 -10.51 6.86 -2.83
N LEU A 75 -9.85 5.74 -2.54
CA LEU A 75 -9.07 5.03 -3.55
C LEU A 75 -9.98 4.45 -4.63
N LYS A 76 -11.28 4.48 -4.35
CA LYS A 76 -12.30 4.02 -5.29
C LYS A 76 -12.32 4.88 -6.55
N ALA A 77 -11.88 6.12 -6.42
CA ALA A 77 -11.93 7.06 -7.54
C ALA A 77 -10.75 6.85 -8.49
N ALA A 78 -9.57 6.61 -7.91
CA ALA A 78 -8.34 6.51 -8.69
C ALA A 78 -8.43 5.44 -9.77
N LYS A 79 -7.91 5.77 -10.95
CA LYS A 79 -8.00 4.87 -12.10
C LYS A 79 -6.67 4.18 -12.35
N LYS A 80 -6.67 3.24 -13.29
CA LYS A 80 -5.49 2.44 -13.61
C LYS A 80 -4.46 3.25 -14.39
N GLY A 81 -4.80 4.48 -14.69
CA GLY A 81 -3.88 5.37 -15.37
C GLY A 81 -3.72 6.66 -14.63
N SER A 82 -3.80 6.59 -13.30
CA SER A 82 -3.60 7.74 -12.46
C SER A 82 -2.16 7.76 -11.95
N MET A 83 -1.89 8.69 -11.06
CA MET A 83 -0.54 8.89 -10.55
C MET A 83 -0.48 8.66 -9.06
N VAL A 84 0.37 7.73 -8.69
CA VAL A 84 0.61 7.42 -7.30
C VAL A 84 1.98 7.94 -6.88
N TYR A 85 1.99 8.96 -6.04
CA TYR A 85 3.25 9.54 -5.61
C TYR A 85 3.69 8.95 -4.29
N PHE A 86 4.79 8.23 -4.33
CA PHE A 86 5.37 7.66 -3.13
C PHE A 86 6.57 8.50 -2.72
N LYS A 87 6.36 9.40 -1.77
CA LYS A 87 7.36 10.36 -1.40
C LYS A 87 8.18 9.88 -0.22
N VAL A 88 9.43 9.62 -0.48
CA VAL A 88 10.34 9.15 0.55
C VAL A 88 11.20 10.31 1.03
N GLY A 89 10.84 10.84 2.19
CA GLY A 89 11.48 12.05 2.67
C GLY A 89 11.13 13.23 1.79
N ASN A 90 11.98 13.52 0.82
CA ASN A 90 11.74 14.62 -0.11
C ASN A 90 11.64 14.11 -1.55
N GLU A 91 12.08 12.87 -1.76
CA GLU A 91 12.14 12.32 -3.12
C GLU A 91 10.79 11.77 -3.53
N THR A 92 10.31 12.25 -4.66
CA THR A 92 8.97 11.89 -5.12
C THR A 92 9.05 10.83 -6.21
N ARG A 93 8.67 9.61 -5.86
CA ARG A 93 8.66 8.51 -6.81
C ARG A 93 7.23 8.34 -7.36
N LYS A 94 7.08 8.52 -8.67
CA LYS A 94 5.75 8.46 -9.28
C LYS A 94 5.49 7.09 -9.88
N TYR A 95 4.39 6.49 -9.46
CA TYR A 95 3.98 5.18 -9.95
C TYR A 95 2.61 5.27 -10.61
N LYS A 96 2.37 4.44 -11.59
CA LYS A 96 1.09 4.43 -12.26
C LYS A 96 0.36 3.14 -11.91
N MET A 97 -0.94 3.27 -11.66
CA MET A 97 -1.76 2.14 -11.17
C MET A 97 -2.09 1.18 -12.31
N THR A 98 -1.05 0.70 -12.99
CA THR A 98 -1.19 -0.07 -14.21
C THR A 98 -2.00 -1.35 -14.01
N SER A 99 -1.83 -1.99 -12.86
CA SER A 99 -2.50 -3.24 -12.60
C SER A 99 -3.47 -3.11 -11.44
N ILE A 100 -4.76 -3.01 -11.77
CA ILE A 100 -5.81 -2.90 -10.75
C ILE A 100 -6.88 -3.96 -10.99
N ARG A 101 -7.15 -4.75 -9.97
CA ARG A 101 -8.29 -5.66 -9.98
C ARG A 101 -8.56 -6.16 -8.57
N ASP A 102 -9.82 -6.34 -8.27
CA ASP A 102 -10.21 -6.85 -6.97
C ASP A 102 -10.56 -8.33 -7.08
N VAL A 103 -9.72 -9.17 -6.50
CA VAL A 103 -9.85 -10.61 -6.67
C VAL A 103 -10.57 -11.26 -5.49
N LYS A 104 -10.79 -12.56 -5.61
CA LYS A 104 -11.58 -13.31 -4.64
C LYS A 104 -10.71 -13.77 -3.48
N PRO A 105 -11.33 -14.02 -2.32
CA PRO A 105 -10.60 -14.47 -1.12
C PRO A 105 -10.15 -15.92 -1.21
N THR A 106 -9.58 -16.41 -0.10
CA THR A 106 -9.11 -17.80 -0.01
C THR A 106 -7.81 -18.01 -0.79
N ASP A 107 -7.86 -17.76 -2.09
CA ASP A 107 -6.70 -17.95 -2.94
C ASP A 107 -5.73 -16.79 -2.84
N VAL A 108 -4.64 -17.01 -2.12
CA VAL A 108 -3.58 -16.03 -2.04
C VAL A 108 -2.65 -16.20 -3.24
N GLU A 109 -2.69 -17.39 -3.83
CA GLU A 109 -1.86 -17.73 -4.98
C GLU A 109 -2.59 -17.40 -6.28
N VAL A 110 -3.49 -16.43 -6.21
CA VAL A 110 -4.21 -15.97 -7.38
C VAL A 110 -3.24 -15.39 -8.42
N LEU A 111 -2.12 -14.88 -7.93
CA LEU A 111 -1.06 -14.38 -8.79
C LEU A 111 0.26 -15.00 -8.36
N ASP A 112 1.10 -15.34 -9.33
CA ASP A 112 2.40 -15.93 -9.04
C ASP A 112 3.44 -14.85 -8.79
N GLU A 113 4.01 -14.88 -7.60
CA GLU A 113 5.00 -13.88 -7.22
C GLU A 113 6.42 -14.43 -7.38
N GLN A 114 7.30 -13.57 -7.83
CA GLN A 114 8.69 -13.93 -8.10
C GLN A 114 9.59 -12.73 -7.86
N LYS A 115 10.90 -12.92 -7.93
CA LYS A 115 11.82 -11.81 -7.72
C LYS A 115 12.17 -11.11 -9.04
N GLY A 116 11.65 -11.65 -10.14
CA GLY A 116 11.81 -11.01 -11.43
C GLY A 116 10.71 -9.99 -11.67
N LYS A 117 10.87 -8.80 -11.10
CA LYS A 117 9.86 -7.76 -11.20
C LYS A 117 10.48 -6.44 -11.64
N ASP A 118 9.64 -5.43 -11.77
CA ASP A 118 10.09 -4.06 -11.95
C ASP A 118 9.87 -3.31 -10.66
N LYS A 119 10.09 -2.02 -10.68
CA LYS A 119 9.76 -1.18 -9.53
C LYS A 119 8.24 -1.07 -9.41
N GLN A 120 7.67 -1.84 -8.52
CA GLN A 120 6.23 -1.84 -8.34
C GLN A 120 5.85 -1.80 -6.87
N LEU A 121 4.85 -1.00 -6.55
CA LEU A 121 4.29 -1.01 -5.22
C LEU A 121 3.08 -1.93 -5.22
N THR A 122 3.17 -3.01 -4.48
CA THR A 122 2.12 -4.00 -4.43
C THR A 122 1.24 -3.75 -3.21
N LEU A 123 0.14 -3.03 -3.40
CA LEU A 123 -0.74 -2.69 -2.30
C LEU A 123 -1.88 -3.69 -2.17
N ILE A 124 -2.01 -4.23 -0.98
CA ILE A 124 -3.05 -5.20 -0.66
C ILE A 124 -4.16 -4.51 0.13
N THR A 125 -5.16 -4.01 -0.57
CA THR A 125 -6.28 -3.36 0.09
C THR A 125 -7.48 -4.29 0.16
N CYS A 126 -7.65 -4.93 1.31
CA CYS A 126 -8.77 -5.83 1.52
C CYS A 126 -10.08 -5.04 1.50
N ASP A 127 -10.98 -5.43 0.60
CA ASP A 127 -12.23 -4.68 0.39
C ASP A 127 -13.31 -5.18 1.35
N ASP A 128 -12.86 -5.73 2.47
CA ASP A 128 -13.73 -6.16 3.54
C ASP A 128 -12.87 -6.49 4.75
N TYR A 129 -13.46 -6.52 5.93
CA TYR A 129 -12.69 -6.76 7.15
C TYR A 129 -13.60 -6.95 8.36
N ASN A 130 -13.77 -8.19 8.78
CA ASN A 130 -14.40 -8.47 10.06
C ASN A 130 -13.38 -9.08 11.00
N GLU A 131 -12.97 -8.29 11.99
CA GLU A 131 -11.95 -8.71 12.95
C GLU A 131 -12.45 -9.86 13.83
N LYS A 132 -13.77 -9.97 13.96
CA LYS A 132 -14.36 -10.95 14.85
C LYS A 132 -14.11 -12.37 14.34
N THR A 133 -14.55 -12.65 13.13
CA THR A 133 -14.40 -13.97 12.55
C THR A 133 -13.10 -14.08 11.75
N GLY A 134 -12.53 -12.93 11.41
CA GLY A 134 -11.29 -12.90 10.65
C GLY A 134 -11.52 -13.21 9.19
N VAL A 135 -12.49 -12.52 8.60
CA VAL A 135 -12.87 -12.79 7.22
C VAL A 135 -12.89 -11.50 6.39
N TRP A 136 -12.66 -11.66 5.10
CA TRP A 136 -12.80 -10.58 4.15
C TRP A 136 -13.27 -11.15 2.81
N GLU A 137 -14.38 -10.63 2.33
CA GLU A 137 -15.02 -11.14 1.11
C GLU A 137 -14.26 -10.80 -0.16
N LYS A 138 -13.24 -9.95 -0.04
CA LYS A 138 -12.51 -9.52 -1.22
C LYS A 138 -11.16 -8.91 -0.85
N ARG A 139 -10.16 -9.20 -1.68
CA ARG A 139 -8.88 -8.54 -1.57
C ARG A 139 -8.58 -7.79 -2.87
N LYS A 140 -8.63 -6.47 -2.79
CA LYS A 140 -8.41 -5.63 -3.97
C LYS A 140 -6.92 -5.35 -4.10
N ILE A 141 -6.27 -6.05 -5.02
CA ILE A 141 -4.87 -5.90 -5.24
C ILE A 141 -4.60 -4.79 -6.23
N PHE A 142 -3.72 -3.89 -5.84
CA PHE A 142 -3.35 -2.76 -6.66
C PHE A 142 -1.83 -2.68 -6.79
N VAL A 143 -1.35 -2.83 -8.00
CA VAL A 143 0.08 -2.78 -8.27
C VAL A 143 0.43 -1.56 -9.11
N ALA A 144 1.23 -0.68 -8.56
CA ALA A 144 1.65 0.53 -9.25
C ALA A 144 3.10 0.41 -9.70
N THR A 145 3.31 0.47 -11.01
CA THR A 145 4.64 0.37 -11.57
C THR A 145 5.26 1.76 -11.73
N GLU A 146 6.56 1.86 -11.45
CA GLU A 146 7.24 3.15 -11.43
C GLU A 146 7.28 3.77 -12.82
N VAL A 147 6.96 5.04 -12.87
CA VAL A 147 7.01 5.80 -14.10
C VAL A 147 8.27 6.66 -14.12
N LYS A 148 8.60 7.17 -15.28
CA LYS A 148 9.77 8.00 -15.43
C LYS A 148 9.37 9.48 -15.45
S2 2W7 B . -6.25 -8.47 2.69
C5 2W7 B . -5.60 -9.30 4.09
C6 2W7 B . -5.79 -8.79 5.37
C10 2W7 B . -4.85 -10.48 3.92
C7 2W7 B . -5.25 -9.42 6.47
C8 2W7 B . -4.50 -10.59 6.31
C9 2W7 B . -4.31 -11.11 5.04
C11 2W7 B . -4.68 -11.04 2.66
O2 2W7 B . -5.65 -11.37 1.97
N3 2W7 B . -3.40 -11.21 2.30
C12 2W7 B . -2.97 -12.33 1.45
C13 2W7 B . -2.32 -11.82 0.16
O3 2W7 B . -2.68 -10.77 -0.36
N4 2W7 B . -1.35 -12.62 -0.33
C14 2W7 B . -0.58 -12.21 -1.50
C18 2W7 B . 0.10 -10.89 -1.25
C17 2W7 B . 0.92 -10.48 -2.46
C19 2W7 B . 1.98 -11.55 -2.73
C23 2W7 B . 1.30 -12.87 -2.99
C24 2W7 B . 0.48 -13.27 -1.79
C25 2W7 B . 0.39 -12.75 -4.20
C20 2W7 B . -0.66 -11.69 -3.94
C26 2W7 B . -1.49 -12.09 -2.72
C16 2W7 B . 0.01 -10.36 -3.68
H6 2W7 B . -6.38 -7.88 5.51
H7 2W7 B . -5.40 -9.01 7.48
H8 2W7 B . -4.07 -11.08 7.18
H9 2W7 B . -3.72 -12.02 4.91
H3 2W7 B . -2.66 -10.59 2.57
H122 2W7 B . -2.26 -12.94 2.00
H121 2W7 B . -3.84 -12.95 1.20
H4 2W7 B . -1.15 -13.50 0.10
HZ12 2W7 B . 0.76 -10.96 -0.38
HZ11 2W7 B . -0.65 -10.12 -1.05
HY1 2W7 B . 1.41 -9.53 -2.28
HX22 2W7 B . 2.57 -11.24 -3.59
HX21 2W7 B . 2.64 -11.61 -1.86
HY3 2W7 B . 2.06 -13.63 -3.18
HZ21 2W7 B . 1.13 -13.37 -0.92
HZ22 2W7 B . 0.00 -14.23 -1.98
HX31 2W7 B . 0.99 -12.47 -5.07
HX32 2W7 B . -0.08 -13.72 -4.40
HY2 2W7 B . -1.32 -11.61 -4.80
HZ32 2W7 B . -1.99 -13.03 -2.90
HZ31 2W7 B . -2.24 -11.31 -2.54
HX12 2W7 B . 0.60 -10.09 -4.56
HX11 2W7 B . -0.74 -9.60 -3.50
N MET A 1 12.37 13.57 8.40
CA MET A 1 13.66 12.92 8.06
C MET A 1 14.67 13.93 7.60
N GLN A 2 15.79 14.01 8.32
CA GLN A 2 16.85 14.95 7.98
C GLN A 2 17.93 14.23 7.19
N ALA A 3 17.81 12.92 7.13
CA ALA A 3 18.73 12.09 6.39
C ALA A 3 18.02 11.42 5.24
N LYS A 4 18.76 10.61 4.47
CA LYS A 4 18.20 9.90 3.34
C LYS A 4 17.01 9.03 3.76
N PRO A 5 16.00 8.92 2.90
CA PRO A 5 14.82 8.10 3.18
C PRO A 5 15.15 6.62 3.30
N GLN A 6 14.55 5.97 4.27
CA GLN A 6 14.81 4.57 4.55
C GLN A 6 13.57 3.96 5.19
N ILE A 7 13.44 2.64 5.11
CA ILE A 7 12.36 1.95 5.79
C ILE A 7 12.84 1.53 7.18
N PRO A 8 12.43 2.28 8.22
CA PRO A 8 12.93 2.07 9.58
C PRO A 8 12.17 0.97 10.32
N LYS A 9 12.66 0.63 11.50
CA LYS A 9 12.03 -0.36 12.34
C LYS A 9 11.06 0.33 13.30
N ASP A 10 11.32 1.61 13.56
CA ASP A 10 10.45 2.41 14.41
C ASP A 10 9.19 2.78 13.65
N LYS A 11 8.11 2.09 13.95
CA LYS A 11 6.84 2.32 13.28
C LYS A 11 6.12 3.53 13.86
N SER A 12 6.82 4.26 14.73
CA SER A 12 6.33 5.53 15.22
C SER A 12 6.81 6.65 14.28
N LYS A 13 7.70 6.28 13.36
CA LYS A 13 8.20 7.21 12.36
C LYS A 13 7.35 7.15 11.11
N VAL A 14 7.39 8.20 10.32
CA VAL A 14 6.68 8.23 9.05
C VAL A 14 7.64 7.92 7.92
N ALA A 15 7.56 6.71 7.37
CA ALA A 15 8.47 6.29 6.32
C ALA A 15 8.22 7.06 5.04
N GLY A 16 6.95 7.35 4.77
CA GLY A 16 6.60 8.05 3.57
C GLY A 16 5.19 8.58 3.61
N TYR A 17 4.82 9.33 2.59
CA TYR A 17 3.48 9.86 2.46
C TYR A 17 2.86 9.38 1.16
N ILE A 18 1.65 8.86 1.25
CA ILE A 18 0.93 8.43 0.06
C ILE A 18 -0.03 9.53 -0.37
N GLU A 19 0.30 10.15 -1.48
CA GLU A 19 -0.48 11.27 -1.98
C GLU A 19 -0.98 10.99 -3.39
N ILE A 20 -2.29 10.77 -3.51
CA ILE A 20 -2.91 10.53 -4.79
C ILE A 20 -3.99 11.56 -5.04
N PRO A 21 -3.71 12.57 -5.87
CA PRO A 21 -4.65 13.66 -6.17
C PRO A 21 -5.92 13.18 -6.84
N ASP A 22 -5.83 12.02 -7.48
CA ASP A 22 -6.96 11.43 -8.19
C ASP A 22 -8.04 10.98 -7.21
N ALA A 23 -7.66 10.78 -5.95
CA ALA A 23 -8.59 10.31 -4.94
C ALA A 23 -8.51 11.12 -3.65
N ASP A 24 -7.87 12.29 -3.73
CA ASP A 24 -7.71 13.17 -2.57
C ASP A 24 -7.02 12.45 -1.41
N ILE A 25 -6.11 11.53 -1.76
CA ILE A 25 -5.39 10.76 -0.75
C ILE A 25 -4.14 11.50 -0.32
N LYS A 26 -3.95 11.65 0.99
CA LYS A 26 -2.80 12.36 1.53
C LYS A 26 -2.61 12.00 3.00
N GLU A 27 -1.96 10.87 3.24
CA GLU A 27 -1.75 10.37 4.60
C GLU A 27 -0.39 9.70 4.72
N PRO A 28 0.15 9.60 5.93
CA PRO A 28 1.45 8.94 6.18
C PRO A 28 1.38 7.43 6.00
N VAL A 29 2.53 6.82 5.72
CA VAL A 29 2.63 5.38 5.57
C VAL A 29 3.43 4.82 6.73
N TYR A 30 2.91 3.77 7.34
CA TYR A 30 3.50 3.24 8.56
C TYR A 30 4.43 2.08 8.25
N PRO A 31 5.74 2.30 8.46
CA PRO A 31 6.77 1.28 8.24
C PRO A 31 6.76 0.19 9.31
N GLY A 32 6.82 -1.05 8.87
CA GLY A 32 6.84 -2.15 9.81
C GLY A 32 6.18 -3.38 9.23
N PRO A 33 5.91 -4.39 10.05
CA PRO A 33 5.26 -5.62 9.61
C PRO A 33 3.75 -5.49 9.60
N ALA A 34 3.10 -6.28 8.75
CA ALA A 34 1.64 -6.29 8.68
C ALA A 34 1.05 -6.74 10.00
N THR A 35 0.58 -5.77 10.78
CA THR A 35 0.07 -6.03 12.11
C THR A 35 -1.27 -5.33 12.32
N PRO A 36 -2.13 -5.88 13.19
CA PRO A 36 -3.47 -5.33 13.46
C PRO A 36 -3.42 -3.87 13.89
N GLU A 37 -2.42 -3.53 14.70
CA GLU A 37 -2.25 -2.17 15.21
C GLU A 37 -2.05 -1.18 14.07
N GLN A 38 -1.10 -1.47 13.19
CA GLN A 38 -0.72 -0.55 12.14
C GLN A 38 -1.75 -0.52 11.03
N LEU A 39 -2.32 -1.68 10.72
CA LEU A 39 -3.31 -1.79 9.64
C LEU A 39 -4.67 -1.27 10.09
N ASN A 40 -4.76 -0.86 11.35
CA ASN A 40 -5.97 -0.24 11.86
C ASN A 40 -5.85 1.29 11.76
N ARG A 41 -4.64 1.74 11.43
CA ARG A 41 -4.36 3.16 11.35
C ARG A 41 -4.25 3.62 9.90
N GLY A 42 -3.89 2.70 9.02
CA GLY A 42 -3.84 3.03 7.61
C GLY A 42 -3.04 2.04 6.80
N VAL A 43 -2.12 2.56 6.01
CA VAL A 43 -1.32 1.74 5.12
C VAL A 43 0.02 1.40 5.77
N SER A 44 0.32 0.11 5.82
CA SER A 44 1.54 -0.36 6.47
C SER A 44 2.19 -1.48 5.66
N PHE A 45 3.50 -1.59 5.74
CA PHE A 45 4.24 -2.61 5.01
C PHE A 45 3.91 -4.01 5.52
N ALA A 46 4.32 -5.03 4.79
CA ALA A 46 4.02 -6.40 5.16
C ALA A 46 5.24 -7.08 5.77
N GLU A 47 6.35 -7.07 5.04
CA GLU A 47 7.58 -7.72 5.50
C GLU A 47 8.52 -6.71 6.12
N GLU A 48 9.49 -7.21 6.87
CA GLU A 48 10.50 -6.34 7.47
C GLU A 48 11.73 -6.26 6.59
N ASN A 49 11.91 -7.28 5.75
CA ASN A 49 13.08 -7.35 4.88
C ASN A 49 12.93 -6.41 3.69
N GLU A 50 11.69 -6.17 3.26
CA GLU A 50 11.43 -5.33 2.10
C GLU A 50 11.88 -3.90 2.36
N SER A 51 12.29 -3.22 1.32
CA SER A 51 12.92 -1.92 1.47
C SER A 51 12.74 -1.10 0.21
N LEU A 52 12.69 0.22 0.39
CA LEU A 52 12.55 1.14 -0.73
C LEU A 52 13.82 1.16 -1.59
N ASP A 53 14.84 0.47 -1.10
CA ASP A 53 16.11 0.35 -1.82
C ASP A 53 16.04 -0.80 -2.83
N ASP A 54 15.23 -1.81 -2.51
CA ASP A 54 15.14 -3.01 -3.34
C ASP A 54 14.05 -2.83 -4.39
N GLN A 55 13.57 -3.94 -4.95
CA GLN A 55 12.57 -3.88 -6.01
C GLN A 55 11.21 -4.37 -5.52
N ASN A 56 11.20 -5.22 -4.49
CA ASN A 56 9.94 -5.75 -3.98
C ASN A 56 9.42 -4.89 -2.83
N ILE A 57 8.22 -4.38 -3.04
CA ILE A 57 7.52 -3.59 -2.04
C ILE A 57 6.12 -4.18 -1.85
N SER A 58 5.74 -4.44 -0.61
CA SER A 58 4.44 -5.01 -0.34
C SER A 58 3.78 -4.25 0.82
N ILE A 59 3.06 -3.19 0.49
CA ILE A 59 2.40 -2.38 1.50
C ILE A 59 0.91 -2.69 1.50
N ALA A 60 0.38 -3.01 2.66
CA ALA A 60 -1.03 -3.36 2.78
C ALA A 60 -1.86 -2.14 3.16
N GLY A 61 -2.98 -1.98 2.49
CA GLY A 61 -3.88 -0.89 2.79
C GLY A 61 -5.27 -1.39 3.09
N HIS A 62 -6.11 -0.53 3.67
CA HIS A 62 -7.44 -0.93 4.08
C HIS A 62 -8.48 0.04 3.59
N THR A 63 -9.63 -0.49 3.20
CA THR A 63 -10.75 0.34 2.77
C THR A 63 -11.94 0.14 3.70
N PHE A 64 -12.39 1.21 4.33
CA PHE A 64 -13.57 1.17 5.17
C PHE A 64 -14.74 1.82 4.45
N ILE A 65 -15.67 1.00 4.00
CA ILE A 65 -16.80 1.46 3.20
C ILE A 65 -17.68 2.44 3.97
N ASP A 66 -17.69 2.35 5.29
CA ASP A 66 -18.50 3.24 6.11
C ASP A 66 -17.66 4.39 6.67
N ARG A 67 -16.41 4.46 6.25
CA ARG A 67 -15.54 5.56 6.61
C ARG A 67 -14.88 6.14 5.36
N PRO A 68 -15.55 7.10 4.70
CA PRO A 68 -15.11 7.66 3.43
C PRO A 68 -13.96 8.66 3.57
N ASN A 69 -13.48 8.85 4.78
CA ASN A 69 -12.34 9.73 5.02
C ASN A 69 -11.08 8.92 5.22
N TYR A 70 -11.22 7.61 5.12
CA TYR A 70 -10.07 6.72 5.15
C TYR A 70 -9.40 6.76 3.77
N GLN A 71 -8.07 6.79 3.75
CA GLN A 71 -7.33 7.11 2.53
C GLN A 71 -7.64 6.17 1.37
N PHE A 72 -7.71 4.87 1.62
CA PHE A 72 -7.92 3.90 0.55
C PHE A 72 -9.41 3.65 0.29
N THR A 73 -10.26 4.41 0.96
CA THR A 73 -11.70 4.27 0.74
C THR A 73 -12.11 4.94 -0.58
N ASN A 74 -11.42 6.03 -0.92
CA ASN A 74 -11.74 6.76 -2.14
C ASN A 74 -10.89 6.26 -3.29
N LEU A 75 -10.27 5.09 -3.09
CA LEU A 75 -9.39 4.49 -4.09
C LEU A 75 -10.20 3.86 -5.24
N LYS A 76 -11.43 4.34 -5.38
CA LYS A 76 -12.29 3.98 -6.51
C LYS A 76 -12.29 5.11 -7.52
N ALA A 77 -11.99 6.31 -7.05
CA ALA A 77 -11.95 7.50 -7.90
C ALA A 77 -10.71 7.49 -8.79
N ALA A 78 -9.63 6.91 -8.28
CA ALA A 78 -8.42 6.75 -9.06
C ALA A 78 -8.56 5.58 -10.02
N LYS A 79 -7.76 5.60 -11.07
CA LYS A 79 -7.89 4.64 -12.14
C LYS A 79 -6.55 4.01 -12.49
N LYS A 80 -6.55 3.21 -13.55
CA LYS A 80 -5.35 2.48 -13.97
C LYS A 80 -4.26 3.42 -14.46
N GLY A 81 -4.62 4.67 -14.65
CA GLY A 81 -3.66 5.66 -15.07
C GLY A 81 -3.69 6.89 -14.20
N SER A 82 -3.51 6.69 -12.91
CA SER A 82 -3.45 7.78 -11.96
C SER A 82 -2.03 7.93 -11.44
N MET A 83 -1.65 9.15 -11.20
CA MET A 83 -0.35 9.47 -10.65
C MET A 83 -0.33 9.27 -9.15
N VAL A 84 0.36 8.23 -8.74
CA VAL A 84 0.51 7.92 -7.34
C VAL A 84 1.85 8.43 -6.83
N TYR A 85 1.81 9.33 -5.88
CA TYR A 85 3.04 9.90 -5.35
C TYR A 85 3.40 9.27 -4.03
N PHE A 86 4.55 8.61 -4.01
CA PHE A 86 5.08 8.02 -2.79
C PHE A 86 6.23 8.88 -2.30
N LYS A 87 5.95 9.70 -1.30
CA LYS A 87 6.92 10.67 -0.83
C LYS A 87 7.65 10.17 0.39
N VAL A 88 8.93 10.02 0.25
CA VAL A 88 9.77 9.53 1.34
C VAL A 88 10.71 10.62 1.82
N GLY A 89 10.33 11.26 2.92
CA GLY A 89 11.09 12.36 3.45
C GLY A 89 10.99 13.59 2.56
N ASN A 90 12.03 13.81 1.77
CA ASN A 90 12.07 14.94 0.86
C ASN A 90 12.01 14.45 -0.59
N GLU A 91 11.99 13.14 -0.76
CA GLU A 91 11.98 12.54 -2.08
C GLU A 91 10.56 12.19 -2.49
N THR A 92 10.28 12.24 -3.78
CA THR A 92 8.95 11.93 -4.28
C THR A 92 9.05 11.03 -5.51
N ARG A 93 8.61 9.79 -5.38
CA ARG A 93 8.66 8.84 -6.47
C ARG A 93 7.28 8.71 -7.11
N LYS A 94 7.24 8.65 -8.44
CA LYS A 94 5.99 8.62 -9.17
C LYS A 94 5.63 7.21 -9.58
N TYR A 95 4.42 6.79 -9.29
CA TYR A 95 3.95 5.48 -9.68
C TYR A 95 2.63 5.57 -10.43
N LYS A 96 2.44 4.66 -11.36
CA LYS A 96 1.19 4.60 -12.10
C LYS A 96 0.44 3.35 -11.67
N MET A 97 -0.87 3.45 -11.54
CA MET A 97 -1.70 2.34 -11.09
C MET A 97 -1.91 1.33 -12.22
N THR A 98 -0.81 0.80 -12.71
CA THR A 98 -0.80 0.00 -13.93
C THR A 98 -1.62 -1.28 -13.81
N SER A 99 -1.59 -1.91 -12.64
CA SER A 99 -2.33 -3.15 -12.46
C SER A 99 -3.29 -3.05 -11.28
N ILE A 100 -4.55 -2.76 -11.58
CA ILE A 100 -5.60 -2.75 -10.58
C ILE A 100 -6.58 -3.88 -10.85
N ARG A 101 -6.58 -4.88 -9.99
CA ARG A 101 -7.42 -6.03 -10.20
C ARG A 101 -7.89 -6.59 -8.86
N ASP A 102 -9.04 -7.22 -8.86
CA ASP A 102 -9.58 -7.82 -7.66
C ASP A 102 -9.37 -9.33 -7.67
N VAL A 103 -8.27 -9.76 -7.07
CA VAL A 103 -7.98 -11.18 -6.92
C VAL A 103 -8.41 -11.63 -5.53
N LYS A 104 -9.61 -12.18 -5.43
CA LYS A 104 -10.21 -12.46 -4.13
C LYS A 104 -10.25 -13.97 -3.83
N PRO A 105 -9.21 -14.50 -3.19
CA PRO A 105 -9.18 -15.85 -2.69
C PRO A 105 -9.36 -15.89 -1.16
N THR A 106 -8.93 -16.97 -0.55
CA THR A 106 -8.92 -17.08 0.91
C THR A 106 -7.52 -17.46 1.37
N ASP A 107 -6.57 -17.39 0.43
CA ASP A 107 -5.21 -17.82 0.66
C ASP A 107 -4.21 -16.82 0.06
N VAL A 108 -2.96 -16.90 0.48
CA VAL A 108 -1.96 -15.92 0.07
C VAL A 108 -1.00 -16.44 -1.00
N GLU A 109 -0.87 -17.76 -1.12
CA GLU A 109 0.11 -18.35 -2.03
C GLU A 109 -0.55 -18.73 -3.35
N VAL A 110 -1.73 -18.18 -3.59
CA VAL A 110 -2.46 -18.44 -4.83
C VAL A 110 -1.74 -17.86 -6.05
N LEU A 111 -0.86 -16.90 -5.82
CA LEU A 111 -0.10 -16.28 -6.89
C LEU A 111 1.21 -17.02 -7.11
N ASP A 112 2.00 -16.52 -8.06
CA ASP A 112 3.26 -17.16 -8.43
C ASP A 112 4.36 -16.82 -7.44
N GLU A 113 5.46 -17.54 -7.53
CA GLU A 113 6.64 -17.26 -6.72
C GLU A 113 7.76 -16.72 -7.60
N GLN A 114 7.39 -16.33 -8.81
CA GLN A 114 8.35 -15.78 -9.77
C GLN A 114 8.90 -14.45 -9.30
N LYS A 115 10.18 -14.46 -8.93
CA LYS A 115 10.86 -13.25 -8.46
C LYS A 115 11.14 -12.29 -9.62
N GLY A 116 10.69 -12.66 -10.82
CA GLY A 116 10.84 -11.80 -11.97
C GLY A 116 9.80 -10.69 -11.98
N LYS A 117 9.87 -9.83 -10.99
CA LYS A 117 8.96 -8.71 -10.87
C LYS A 117 9.68 -7.42 -11.19
N ASP A 118 8.95 -6.31 -11.14
CA ASP A 118 9.53 -5.00 -11.40
C ASP A 118 9.65 -4.24 -10.10
N LYS A 119 10.09 -3.00 -10.20
CA LYS A 119 10.08 -2.10 -9.06
C LYS A 119 8.68 -1.55 -8.91
N GLN A 120 7.90 -2.21 -8.08
CA GLN A 120 6.48 -1.92 -7.97
C GLN A 120 6.03 -1.92 -6.53
N LEU A 121 5.04 -1.09 -6.22
CA LEU A 121 4.46 -1.10 -4.89
C LEU A 121 3.25 -2.02 -4.88
N THR A 122 3.42 -3.19 -4.30
CA THR A 122 2.34 -4.16 -4.21
C THR A 122 1.38 -3.75 -3.09
N LEU A 123 0.46 -2.85 -3.42
CA LEU A 123 -0.47 -2.32 -2.44
C LEU A 123 -1.69 -3.21 -2.33
N ILE A 124 -1.70 -4.01 -1.27
CA ILE A 124 -2.80 -4.92 -1.00
C ILE A 124 -3.96 -4.17 -0.38
N THR A 125 -4.95 -3.84 -1.19
CA THR A 125 -6.10 -3.10 -0.70
C THR A 125 -7.15 -4.07 -0.16
N CYS A 126 -7.07 -4.34 1.13
CA CYS A 126 -8.02 -5.22 1.79
C CYS A 126 -9.32 -4.46 2.04
N ASP A 127 -10.30 -4.72 1.19
CA ASP A 127 -11.57 -4.01 1.23
C ASP A 127 -12.72 -4.99 1.49
N ASP A 128 -13.84 -4.46 2.00
CA ASP A 128 -15.03 -5.26 2.30
C ASP A 128 -14.72 -6.40 3.26
N TYR A 129 -14.90 -6.15 4.54
CA TYR A 129 -14.61 -7.16 5.55
C TYR A 129 -15.17 -6.75 6.91
N ASN A 130 -15.14 -7.70 7.85
CA ASN A 130 -15.57 -7.44 9.21
C ASN A 130 -14.34 -7.30 10.11
N GLU A 131 -14.35 -6.28 10.95
CA GLU A 131 -13.20 -5.95 11.80
C GLU A 131 -13.05 -6.96 12.93
N LYS A 132 -14.18 -7.44 13.43
CA LYS A 132 -14.20 -8.25 14.64
C LYS A 132 -14.00 -9.73 14.31
N THR A 133 -14.84 -10.25 13.44
CA THR A 133 -14.92 -11.68 13.21
C THR A 133 -13.76 -12.20 12.37
N GLY A 134 -12.99 -11.28 11.81
CA GLY A 134 -11.84 -11.66 11.01
C GLY A 134 -12.23 -12.10 9.61
N VAL A 135 -12.65 -11.15 8.80
CA VAL A 135 -13.04 -11.43 7.43
C VAL A 135 -12.12 -10.66 6.48
N TRP A 136 -11.83 -11.23 5.32
CA TRP A 136 -11.03 -10.58 4.31
C TRP A 136 -11.56 -10.93 2.92
N GLU A 137 -12.65 -10.29 2.51
CA GLU A 137 -13.34 -10.67 1.30
C GLU A 137 -12.68 -10.10 0.05
N LYS A 138 -12.87 -8.81 -0.21
CA LYS A 138 -12.38 -8.22 -1.44
C LYS A 138 -10.90 -7.93 -1.36
N ARG A 139 -10.12 -8.83 -1.92
CA ARG A 139 -8.67 -8.68 -1.96
C ARG A 139 -8.27 -7.93 -3.22
N LYS A 140 -8.47 -6.63 -3.20
CA LYS A 140 -8.18 -5.79 -4.35
C LYS A 140 -6.71 -5.43 -4.37
N ILE A 141 -5.99 -5.94 -5.36
CA ILE A 141 -4.61 -5.66 -5.46
C ILE A 141 -4.36 -4.46 -6.36
N PHE A 142 -3.61 -3.52 -5.83
CA PHE A 142 -3.25 -2.32 -6.54
C PHE A 142 -1.72 -2.28 -6.68
N VAL A 143 -1.25 -2.65 -7.86
CA VAL A 143 0.17 -2.65 -8.14
C VAL A 143 0.55 -1.40 -8.90
N ALA A 144 1.32 -0.54 -8.25
CA ALA A 144 1.76 0.69 -8.86
C ALA A 144 3.21 0.56 -9.31
N THR A 145 3.41 0.64 -10.62
CA THR A 145 4.75 0.54 -11.18
C THR A 145 5.40 1.92 -11.25
N GLU A 146 6.70 1.97 -10.94
CA GLU A 146 7.44 3.23 -10.90
C GLU A 146 7.55 3.82 -12.30
N VAL A 147 7.22 5.10 -12.42
CA VAL A 147 7.25 5.79 -13.70
C VAL A 147 8.53 6.63 -13.81
N LYS A 148 8.86 7.01 -15.02
CA LYS A 148 10.07 7.77 -15.29
C LYS A 148 9.77 9.26 -15.28
S2 2W7 B . -4.78 -6.32 4.51
C5 2W7 B . -4.97 -7.77 5.47
C6 2W7 B . -5.83 -7.75 6.56
C10 2W7 B . -4.31 -8.95 5.13
C7 2W7 B . -6.06 -8.91 7.30
C8 2W7 B . -5.41 -10.08 6.96
C9 2W7 B . -4.53 -10.11 5.88
C11 2W7 B . -3.37 -8.99 4.09
O2 2W7 B . -2.62 -8.04 3.84
N3 2W7 B . -3.33 -10.16 3.43
C12 2W7 B . -2.14 -10.62 2.70
C13 2W7 B . -2.46 -10.85 1.23
O3 2W7 B . -3.59 -11.17 0.87
N4 2W7 B . -1.42 -10.67 0.39
C14 2W7 B . -1.53 -11.07 -1.03
C18 2W7 B . -0.21 -10.81 -1.72
C17 2W7 B . -0.31 -11.21 -3.18
C19 2W7 B . -0.65 -12.70 -3.27
C23 2W7 B . -1.97 -12.95 -2.58
C24 2W7 B . -1.88 -12.55 -1.12
C25 2W7 B . -3.07 -12.13 -3.25
C20 2W7 B . -2.73 -10.65 -3.17
C26 2W7 B . -2.62 -10.25 -1.71
C16 2W7 B . -1.41 -10.40 -3.86
H6 2W7 B . -6.35 -6.83 6.83
H7 2W7 B . -6.73 -8.88 8.15
H8 2W7 B . -5.57 -10.98 7.54
H9 2W7 B . -4.02 -11.04 5.61
H3 2W7 B . -4.11 -10.79 3.38
H122 2W7 B . -1.35 -9.87 2.79
H121 2W7 B . -1.78 -11.55 3.14
H4 2W7 B . -0.56 -10.28 0.70
HZ12 2W7 B . 0.58 -11.40 -1.24
HZ11 2W7 B . 0.05 -9.76 -1.65
HY1 2W7 B . 0.63 -11.03 -3.68
HX22 2W7 B . -0.71 -12.97 -4.33
HX21 2W7 B . 0.15 -13.27 -2.80
HY3 2W7 B . -2.23 -14.01 -2.65
HZ21 2W7 B . -1.09 -13.13 -0.63
HZ22 2W7 B . -2.82 -12.74 -0.62
HX31 2W7 B . -3.14 -12.42 -4.30
HX32 2W7 B . -4.02 -12.32 -2.77
HY2 2W7 B . -3.51 -10.07 -3.65
HZ32 2W7 B . -3.57 -10.41 -1.21
HZ31 2W7 B . -2.38 -9.19 -1.64
HX12 2W7 B . -1.49 -10.69 -4.90
HX11 2W7 B . -1.16 -9.33 -3.80
N MET A 1 13.80 15.05 4.72
CA MET A 1 14.20 15.07 6.15
C MET A 1 15.71 15.17 6.27
N GLN A 2 16.23 14.97 7.48
CA GLN A 2 17.65 15.11 7.76
C GLN A 2 18.38 13.77 7.61
N ALA A 3 17.82 12.89 6.80
CA ALA A 3 18.39 11.56 6.62
C ALA A 3 17.96 10.98 5.28
N LYS A 4 18.83 10.19 4.67
CA LYS A 4 18.54 9.55 3.41
C LYS A 4 17.35 8.59 3.55
N PRO A 5 16.61 8.38 2.45
CA PRO A 5 15.44 7.51 2.44
C PRO A 5 15.70 6.15 3.06
N GLN A 6 15.14 5.97 4.25
CA GLN A 6 15.24 4.71 4.98
C GLN A 6 13.91 4.44 5.66
N ILE A 7 13.75 3.25 6.20
CA ILE A 7 12.50 2.87 6.84
C ILE A 7 12.76 2.46 8.28
N PRO A 8 12.45 3.33 9.23
CA PRO A 8 12.49 3.01 10.65
C PRO A 8 11.25 2.22 11.04
N LYS A 9 11.39 1.29 11.96
CA LYS A 9 10.27 0.47 12.40
C LYS A 9 9.54 1.12 13.57
N ASP A 10 9.50 2.44 13.55
CA ASP A 10 8.79 3.21 14.57
C ASP A 10 7.42 3.61 14.05
N LYS A 11 6.43 3.58 14.94
CA LYS A 11 5.04 3.81 14.55
C LYS A 11 4.63 5.26 14.76
N SER A 12 5.58 6.12 15.12
CA SER A 12 5.29 7.51 15.37
C SER A 12 5.94 8.40 14.32
N LYS A 13 7.19 8.11 14.02
CA LYS A 13 7.94 8.81 13.03
C LYS A 13 7.49 8.39 11.63
N VAL A 14 7.14 9.38 10.81
CA VAL A 14 6.67 9.11 9.46
C VAL A 14 7.84 8.96 8.51
N ALA A 15 7.97 7.77 7.92
CA ALA A 15 9.03 7.51 6.97
C ALA A 15 8.64 7.95 5.56
N GLY A 16 7.37 7.76 5.23
CA GLY A 16 6.91 8.06 3.90
C GLY A 16 5.48 8.56 3.87
N TYR A 17 5.08 9.08 2.72
CA TYR A 17 3.75 9.62 2.53
C TYR A 17 3.19 9.15 1.20
N ILE A 18 1.93 8.74 1.19
CA ILE A 18 1.28 8.35 -0.04
C ILE A 18 0.34 9.44 -0.51
N GLU A 19 0.53 9.89 -1.75
CA GLU A 19 -0.23 10.99 -2.29
C GLU A 19 -0.86 10.64 -3.63
N ILE A 20 -2.18 10.49 -3.65
CA ILE A 20 -2.93 10.26 -4.86
C ILE A 20 -3.96 11.38 -5.03
N PRO A 21 -3.68 12.33 -5.92
CA PRO A 21 -4.48 13.56 -6.07
C PRO A 21 -5.95 13.30 -6.42
N ASP A 22 -6.19 12.39 -7.34
CA ASP A 22 -7.55 12.12 -7.81
C ASP A 22 -8.35 11.31 -6.81
N ALA A 23 -7.69 10.77 -5.79
CA ALA A 23 -8.39 10.05 -4.74
C ALA A 23 -8.33 10.80 -3.43
N ASP A 24 -7.71 11.98 -3.45
CA ASP A 24 -7.58 12.83 -2.26
C ASP A 24 -6.80 12.11 -1.16
N ILE A 25 -5.95 11.19 -1.56
CA ILE A 25 -5.20 10.37 -0.62
C ILE A 25 -3.85 11.01 -0.34
N LYS A 26 -3.71 11.62 0.82
CA LYS A 26 -2.42 12.12 1.26
C LYS A 26 -2.22 11.80 2.72
N GLU A 27 -1.79 10.57 2.97
CA GLU A 27 -1.67 10.05 4.33
C GLU A 27 -0.29 9.50 4.56
N PRO A 28 0.20 9.54 5.82
CA PRO A 28 1.49 8.97 6.18
C PRO A 28 1.52 7.45 6.05
N VAL A 29 2.65 6.92 5.63
CA VAL A 29 2.82 5.48 5.55
C VAL A 29 3.46 5.01 6.84
N TYR A 30 2.92 3.96 7.42
CA TYR A 30 3.39 3.47 8.69
C TYR A 30 4.45 2.40 8.49
N PRO A 31 5.70 2.76 8.74
CA PRO A 31 6.84 1.88 8.53
C PRO A 31 7.04 0.90 9.67
N GLY A 32 7.40 -0.33 9.32
CA GLY A 32 7.65 -1.35 10.32
C GLY A 32 7.32 -2.72 9.79
N PRO A 33 7.30 -3.74 10.66
CA PRO A 33 6.96 -5.10 10.26
C PRO A 33 5.46 -5.28 10.09
N ALA A 34 5.06 -6.16 9.18
CA ALA A 34 3.65 -6.45 8.95
C ALA A 34 3.02 -7.06 10.19
N THR A 35 2.35 -6.22 10.96
CA THR A 35 1.73 -6.66 12.20
C THR A 35 0.30 -6.11 12.31
N PRO A 36 -0.62 -6.91 12.84
CA PRO A 36 -2.05 -6.54 12.95
C PRO A 36 -2.27 -5.19 13.62
N GLU A 37 -1.38 -4.82 14.53
CA GLU A 37 -1.49 -3.55 15.25
C GLU A 37 -1.44 -2.36 14.28
N GLN A 38 -0.73 -2.52 13.17
CA GLN A 38 -0.59 -1.45 12.19
C GLN A 38 -1.52 -1.67 11.01
N LEU A 39 -1.60 -2.92 10.55
CA LEU A 39 -2.42 -3.25 9.40
C LEU A 39 -3.91 -3.26 9.74
N ASN A 40 -4.24 -3.03 11.00
CA ASN A 40 -5.64 -2.87 11.39
C ASN A 40 -5.95 -1.38 11.52
N ARG A 41 -4.90 -0.57 11.47
CA ARG A 41 -5.05 0.88 11.57
C ARG A 41 -5.15 1.50 10.18
N GLY A 42 -4.16 1.24 9.34
CA GLY A 42 -4.12 1.88 8.04
C GLY A 42 -3.22 1.18 7.06
N VAL A 43 -2.21 1.90 6.56
CA VAL A 43 -1.31 1.35 5.56
C VAL A 43 0.07 1.11 6.16
N SER A 44 0.56 -0.10 6.00
CA SER A 44 1.89 -0.46 6.49
C SER A 44 2.52 -1.48 5.55
N PHE A 45 3.84 -1.58 5.58
CA PHE A 45 4.56 -2.52 4.73
C PHE A 45 4.23 -3.96 5.12
N ALA A 46 3.96 -4.78 4.12
CA ALA A 46 3.64 -6.18 4.35
C ALA A 46 4.91 -7.01 4.45
N GLU A 47 6.01 -6.39 4.08
CA GLU A 47 7.32 -7.00 4.21
C GLU A 47 8.03 -6.47 5.44
N GLU A 48 8.38 -7.38 6.35
CA GLU A 48 8.91 -7.02 7.66
C GLU A 48 10.26 -6.32 7.56
N ASN A 49 11.06 -6.71 6.59
CA ASN A 49 12.40 -6.16 6.43
C ASN A 49 12.34 -4.83 5.69
N GLU A 50 12.91 -3.81 6.31
CA GLU A 50 12.87 -2.45 5.79
C GLU A 50 13.59 -2.34 4.45
N SER A 51 12.82 -2.16 3.39
CA SER A 51 13.37 -1.88 2.06
C SER A 51 12.37 -1.03 1.28
N LEU A 52 12.89 -0.06 0.53
CA LEU A 52 12.04 0.85 -0.22
C LEU A 52 12.49 0.96 -1.67
N ASP A 53 13.46 0.13 -2.05
CA ASP A 53 14.02 0.20 -3.39
C ASP A 53 14.26 -1.20 -3.93
N ASP A 54 13.40 -2.13 -3.56
CA ASP A 54 13.51 -3.49 -4.03
C ASP A 54 12.59 -3.69 -5.23
N GLN A 55 12.56 -4.89 -5.80
CA GLN A 55 11.74 -5.16 -6.96
C GLN A 55 10.28 -5.21 -6.54
N ASN A 56 10.02 -5.94 -5.47
CA ASN A 56 8.67 -6.01 -4.92
C ASN A 56 8.58 -5.16 -3.66
N ILE A 57 7.61 -4.26 -3.65
CA ILE A 57 7.33 -3.46 -2.48
C ILE A 57 5.90 -3.71 -2.02
N SER A 58 5.75 -4.62 -1.07
CA SER A 58 4.44 -4.99 -0.60
C SER A 58 3.98 -4.05 0.52
N ILE A 59 2.97 -3.24 0.25
CA ILE A 59 2.38 -2.36 1.25
C ILE A 59 0.90 -2.67 1.36
N ALA A 60 0.45 -3.05 2.54
CA ALA A 60 -0.94 -3.42 2.73
C ALA A 60 -1.70 -2.28 3.37
N GLY A 61 -2.94 -2.10 2.95
CA GLY A 61 -3.75 -1.01 3.47
C GLY A 61 -5.09 -1.48 3.96
N HIS A 62 -5.38 -1.17 5.21
CA HIS A 62 -6.65 -1.54 5.83
C HIS A 62 -7.72 -0.51 5.51
N THR A 63 -8.88 -0.98 5.10
CA THR A 63 -10.02 -0.12 4.84
C THR A 63 -11.30 -0.91 5.03
N PHE A 64 -12.44 -0.23 4.93
CA PHE A 64 -13.75 -0.86 5.02
C PHE A 64 -14.69 -0.23 4.01
N ILE A 65 -15.48 -1.06 3.34
CA ILE A 65 -16.51 -0.56 2.45
C ILE A 65 -17.62 0.09 3.28
N ASP A 66 -17.62 -0.22 4.57
CA ASP A 66 -18.59 0.34 5.51
C ASP A 66 -18.14 1.71 6.02
N ARG A 67 -16.84 1.97 5.92
CA ARG A 67 -16.27 3.17 6.50
C ARG A 67 -15.53 4.01 5.49
N PRO A 68 -16.05 5.20 5.18
CA PRO A 68 -15.39 6.18 4.31
C PRO A 68 -14.31 6.93 5.07
N ASN A 69 -14.15 6.55 6.33
CA ASN A 69 -13.24 7.23 7.24
C ASN A 69 -11.83 6.66 7.14
N TYR A 70 -11.58 5.88 6.09
CA TYR A 70 -10.27 5.29 5.88
C TYR A 70 -9.50 6.01 4.78
N GLN A 71 -8.31 5.51 4.49
CA GLN A 71 -7.37 6.20 3.60
C GLN A 71 -7.51 5.73 2.15
N PHE A 72 -7.88 4.47 1.95
CA PHE A 72 -8.01 3.92 0.60
C PHE A 72 -9.47 3.84 0.17
N THR A 73 -10.32 4.66 0.77
CA THR A 73 -11.74 4.63 0.49
C THR A 73 -12.05 5.23 -0.88
N ASN A 74 -11.35 6.29 -1.23
CA ASN A 74 -11.62 7.02 -2.46
C ASN A 74 -10.75 6.51 -3.61
N LEU A 75 -10.22 5.31 -3.45
CA LEU A 75 -9.32 4.73 -4.44
C LEU A 75 -10.07 4.40 -5.73
N LYS A 76 -11.40 4.47 -5.68
CA LYS A 76 -12.24 4.25 -6.86
C LYS A 76 -12.23 5.47 -7.77
N ALA A 77 -11.91 6.64 -7.20
CA ALA A 77 -11.89 7.89 -7.96
C ALA A 77 -10.58 8.04 -8.74
N ALA A 78 -9.67 7.10 -8.54
CA ALA A 78 -8.40 7.11 -9.25
C ALA A 78 -8.50 6.26 -10.52
N LYS A 79 -7.61 6.49 -11.47
CA LYS A 79 -7.65 5.76 -12.74
C LYS A 79 -6.35 4.99 -12.97
N LYS A 80 -6.34 4.18 -14.02
CA LYS A 80 -5.19 3.33 -14.34
C LYS A 80 -4.04 4.15 -14.93
N GLY A 81 -4.30 5.42 -15.14
CA GLY A 81 -3.30 6.29 -15.72
C GLY A 81 -3.07 7.52 -14.87
N SER A 82 -3.36 7.40 -13.58
CA SER A 82 -3.18 8.48 -12.65
C SER A 82 -1.75 8.50 -12.14
N MET A 83 -1.50 9.35 -11.19
CA MET A 83 -0.16 9.51 -10.62
C MET A 83 -0.17 9.24 -9.14
N VAL A 84 0.39 8.11 -8.78
CA VAL A 84 0.51 7.71 -7.39
C VAL A 84 1.85 8.17 -6.87
N TYR A 85 1.85 9.20 -6.05
CA TYR A 85 3.08 9.77 -5.55
C TYR A 85 3.48 9.10 -4.24
N PHE A 86 4.72 8.65 -4.19
CA PHE A 86 5.25 8.03 -3.00
C PHE A 86 6.42 8.83 -2.46
N LYS A 87 6.17 9.50 -1.34
CA LYS A 87 7.19 10.31 -0.70
C LYS A 87 7.91 9.47 0.34
N VAL A 88 9.22 9.64 0.43
CA VAL A 88 10.01 8.92 1.40
C VAL A 88 11.38 9.56 1.59
N GLY A 89 11.74 9.81 2.85
CA GLY A 89 13.04 10.38 3.17
C GLY A 89 13.21 11.79 2.64
N ASN A 90 13.68 11.89 1.40
CA ASN A 90 13.93 13.18 0.78
C ASN A 90 13.42 13.20 -0.66
N GLU A 91 12.85 12.10 -1.12
CA GLU A 91 12.42 12.00 -2.51
C GLU A 91 10.93 11.67 -2.61
N THR A 92 10.41 11.77 -3.82
CA THR A 92 9.02 11.46 -4.09
C THR A 92 8.88 10.91 -5.51
N ARG A 93 8.57 9.62 -5.61
CA ARG A 93 8.50 8.95 -6.90
C ARG A 93 7.07 8.93 -7.40
N LYS A 94 6.92 8.85 -8.72
CA LYS A 94 5.60 8.80 -9.34
C LYS A 94 5.32 7.42 -9.91
N TYR A 95 4.31 6.77 -9.38
CA TYR A 95 3.90 5.45 -9.84
C TYR A 95 2.58 5.54 -10.59
N LYS A 96 2.33 4.62 -11.50
CA LYS A 96 1.09 4.62 -12.24
C LYS A 96 0.27 3.39 -11.86
N MET A 97 -1.05 3.53 -11.94
CA MET A 97 -1.94 2.47 -11.51
C MET A 97 -2.17 1.48 -12.65
N THR A 98 -1.10 0.79 -13.01
CA THR A 98 -1.09 -0.04 -14.20
C THR A 98 -1.97 -1.28 -14.05
N SER A 99 -1.96 -1.87 -12.87
CA SER A 99 -2.72 -3.09 -12.64
C SER A 99 -3.65 -2.96 -11.43
N ILE A 100 -4.90 -2.63 -11.70
CA ILE A 100 -5.92 -2.56 -10.67
C ILE A 100 -6.92 -3.70 -10.86
N ARG A 101 -6.92 -4.66 -9.95
CA ARG A 101 -7.79 -5.82 -10.08
C ARG A 101 -8.40 -6.20 -8.74
N ASP A 102 -9.58 -6.78 -8.79
CA ASP A 102 -10.26 -7.23 -7.59
C ASP A 102 -9.97 -8.71 -7.34
N VAL A 103 -9.50 -9.01 -6.14
CA VAL A 103 -9.06 -10.37 -5.82
C VAL A 103 -9.65 -10.84 -4.50
N LYS A 104 -10.79 -11.52 -4.58
CA LYS A 104 -11.46 -12.05 -3.41
C LYS A 104 -10.98 -13.46 -3.10
N PRO A 105 -11.04 -13.88 -1.83
CA PRO A 105 -10.54 -15.19 -1.38
C PRO A 105 -11.44 -16.36 -1.79
N THR A 106 -12.34 -16.11 -2.71
CA THR A 106 -13.20 -17.16 -3.24
C THR A 106 -12.39 -18.11 -4.12
N ASP A 107 -11.36 -17.57 -4.78
CA ASP A 107 -10.45 -18.37 -5.59
C ASP A 107 -9.04 -17.79 -5.50
N VAL A 108 -8.16 -18.49 -4.80
CA VAL A 108 -6.78 -18.05 -4.66
C VAL A 108 -5.90 -18.67 -5.73
N GLU A 109 -4.59 -18.38 -5.67
CA GLU A 109 -3.62 -18.85 -6.65
C GLU A 109 -3.86 -18.21 -8.02
N VAL A 110 -4.77 -17.24 -8.06
CA VAL A 110 -5.04 -16.48 -9.27
C VAL A 110 -3.82 -15.66 -9.67
N LEU A 111 -3.08 -15.20 -8.67
CA LEU A 111 -1.83 -14.49 -8.88
C LEU A 111 -0.80 -14.95 -7.87
N ASP A 112 0.46 -14.95 -8.27
CA ASP A 112 1.52 -15.48 -7.43
C ASP A 112 2.46 -14.37 -6.96
N GLU A 113 3.26 -14.69 -5.97
CA GLU A 113 4.26 -13.75 -5.46
C GLU A 113 5.63 -14.06 -6.07
N GLN A 114 5.78 -13.73 -7.34
CA GLN A 114 7.02 -14.01 -8.04
C GLN A 114 7.70 -12.72 -8.52
N LYS A 115 9.00 -12.82 -8.74
CA LYS A 115 9.79 -11.71 -9.25
C LYS A 115 9.68 -11.63 -10.78
N GLY A 116 10.51 -10.78 -11.38
CA GLY A 116 10.53 -10.68 -12.83
C GLY A 116 9.87 -9.41 -13.33
N LYS A 117 9.85 -8.40 -12.48
CA LYS A 117 9.24 -7.11 -12.82
C LYS A 117 10.20 -5.99 -12.46
N ASP A 118 9.70 -4.77 -12.41
CA ASP A 118 10.47 -3.66 -11.89
C ASP A 118 9.94 -3.32 -10.51
N LYS A 119 10.17 -2.10 -10.07
CA LYS A 119 9.71 -1.64 -8.77
C LYS A 119 8.18 -1.54 -8.75
N GLN A 120 7.55 -2.59 -8.26
CA GLN A 120 6.10 -2.63 -8.16
C GLN A 120 5.68 -2.46 -6.70
N LEU A 121 4.81 -1.51 -6.43
CA LEU A 121 4.26 -1.38 -5.10
C LEU A 121 2.95 -2.15 -5.05
N THR A 122 2.98 -3.30 -4.40
CA THR A 122 1.80 -4.14 -4.29
C THR A 122 0.93 -3.63 -3.14
N LEU A 123 0.00 -2.75 -3.46
CA LEU A 123 -0.88 -2.20 -2.45
C LEU A 123 -2.06 -3.13 -2.20
N ILE A 124 -1.93 -3.93 -1.17
CA ILE A 124 -2.98 -4.88 -0.81
C ILE A 124 -4.07 -4.16 -0.04
N THR A 125 -5.12 -3.78 -0.75
CA THR A 125 -6.20 -3.03 -0.14
C THR A 125 -7.35 -3.98 0.24
N CYS A 126 -7.27 -4.55 1.43
CA CYS A 126 -8.34 -5.38 1.94
C CYS A 126 -9.52 -4.50 2.34
N ASP A 127 -10.57 -4.56 1.54
CA ASP A 127 -11.69 -3.63 1.61
C ASP A 127 -12.69 -4.04 2.69
N ASP A 128 -12.67 -5.32 3.04
CA ASP A 128 -13.50 -5.83 4.12
C ASP A 128 -12.72 -6.81 4.96
N TYR A 129 -12.89 -6.75 6.28
CA TYR A 129 -12.15 -7.61 7.18
C TYR A 129 -12.93 -7.84 8.48
N ASN A 130 -12.97 -9.09 8.92
CA ASN A 130 -13.55 -9.45 10.20
C ASN A 130 -12.47 -10.09 11.06
N GLU A 131 -12.22 -9.48 12.22
CA GLU A 131 -11.07 -9.81 13.03
C GLU A 131 -11.17 -11.20 13.65
N LYS A 132 -12.31 -11.51 14.26
CA LYS A 132 -12.45 -12.73 15.05
C LYS A 132 -12.18 -13.97 14.21
N THR A 133 -13.01 -14.18 13.20
CA THR A 133 -12.95 -15.37 12.38
C THR A 133 -11.75 -15.33 11.44
N GLY A 134 -11.13 -14.16 11.32
CA GLY A 134 -9.99 -14.00 10.46
C GLY A 134 -10.36 -14.16 9.00
N VAL A 135 -11.30 -13.34 8.55
CA VAL A 135 -11.76 -13.40 7.18
C VAL A 135 -11.80 -12.00 6.57
N TRP A 136 -11.52 -11.93 5.28
CA TRP A 136 -11.53 -10.69 4.55
C TRP A 136 -12.37 -10.84 3.28
N GLU A 137 -13.56 -10.27 3.32
CA GLU A 137 -14.56 -10.46 2.27
C GLU A 137 -14.03 -10.03 0.90
N LYS A 138 -13.60 -8.78 0.78
CA LYS A 138 -13.10 -8.29 -0.48
C LYS A 138 -11.68 -7.78 -0.33
N ARG A 139 -10.83 -8.12 -1.30
CA ARG A 139 -9.50 -7.55 -1.37
C ARG A 139 -9.32 -6.89 -2.73
N LYS A 140 -8.89 -5.64 -2.71
CA LYS A 140 -8.65 -4.90 -3.93
C LYS A 140 -7.14 -4.77 -4.12
N ILE A 141 -6.60 -5.54 -5.05
CA ILE A 141 -5.17 -5.53 -5.26
C ILE A 141 -4.79 -4.48 -6.28
N PHE A 142 -3.94 -3.59 -5.85
CA PHE A 142 -3.46 -2.52 -6.68
C PHE A 142 -1.94 -2.62 -6.83
N VAL A 143 -1.50 -2.97 -8.02
CA VAL A 143 -0.07 -3.05 -8.30
C VAL A 143 0.38 -1.82 -9.09
N ALA A 144 1.11 -0.95 -8.41
CA ALA A 144 1.59 0.27 -9.05
C ALA A 144 2.99 0.08 -9.57
N THR A 145 3.23 0.52 -10.79
CA THR A 145 4.54 0.43 -11.40
C THR A 145 5.22 1.79 -11.39
N GLU A 146 6.50 1.81 -11.03
CA GLU A 146 7.27 3.04 -11.01
C GLU A 146 7.46 3.56 -12.43
N VAL A 147 7.01 4.78 -12.67
CA VAL A 147 7.12 5.38 -13.98
C VAL A 147 8.40 6.19 -14.07
N LYS A 148 8.79 6.52 -15.28
CA LYS A 148 10.00 7.30 -15.54
C LYS A 148 9.75 8.77 -15.23
S2 2W7 B . -5.05 -7.45 3.29
C5 2W7 B . -4.93 -8.60 4.61
C6 2W7 B . -5.03 -8.12 5.92
C10 2W7 B . -4.74 -9.97 4.37
C7 2W7 B . -4.96 -9.01 6.99
C8 2W7 B . -4.77 -10.37 6.75
C9 2W7 B . -4.66 -10.84 5.45
C11 2W7 B . -4.63 -10.50 3.07
O2 2W7 B . -4.97 -9.86 2.07
N3 2W7 B . -4.13 -11.75 3.02
C12 2W7 B . -4.48 -12.67 1.95
C13 2W7 B . -3.23 -13.09 1.17
O3 2W7 B . -2.14 -13.20 1.72
N4 2W7 B . -3.44 -13.32 -0.14
C14 2W7 B . -2.40 -13.94 -0.98
C18 2W7 B . -2.08 -15.33 -0.45
C17 2W7 B . -1.01 -15.98 -1.33
C19 2W7 B . -1.54 -16.10 -2.76
C23 2W7 B . -1.86 -14.70 -3.28
C24 2W7 B . -2.91 -14.04 -2.41
C25 2W7 B . -0.60 -13.86 -3.27
C20 2W7 B . -0.07 -13.74 -1.86
C26 2W7 B . -1.14 -13.09 -0.97
C16 2W7 B . 0.25 -15.13 -1.33
H6 2W7 B . -5.17 -7.06 6.10
H7 2W7 B . -5.04 -8.64 8.01
H8 2W7 B . -4.70 -11.06 7.60
H9 2W7 B . -4.52 -11.91 5.28
H3 2W7 B . -3.50 -12.11 3.71
H122 2W7 B . -4.96 -13.56 2.36
H121 2W7 B . -5.18 -12.20 1.26
H4 2W7 B . -4.30 -13.08 -0.58
HZ12 2W7 B . -2.98 -15.95 -0.46
HZ11 2W7 B . -1.70 -15.26 0.57
HY1 2W7 B . -0.78 -16.98 -0.95
HX22 2W7 B . -0.79 -16.58 -3.37
HX21 2W7 B . -2.44 -16.71 -2.75
HY3 2W7 B . -2.24 -14.78 -4.30
HZ21 2W7 B . -3.82 -14.64 -2.42
HZ22 2W7 B . -3.13 -13.06 -2.79
HX31 2W7 B . 0.16 -14.34 -3.90
HX32 2W7 B . -0.82 -12.86 -3.67
HY2 2W7 B . 0.83 -13.13 -1.85
HZ32 2W7 B . -1.36 -12.09 -1.35
HZ31 2W7 B . -0.74 -13.01 0.04
HX12 2W7 B . 1.00 -15.59 -1.96
HX11 2W7 B . 0.64 -15.06 -0.31
N MET A 1 19.29 16.33 5.83
CA MET A 1 20.36 15.70 5.02
C MET A 1 20.94 14.52 5.77
N GLN A 2 20.45 13.34 5.45
CA GLN A 2 20.85 12.12 6.14
C GLN A 2 21.38 11.10 5.15
N ALA A 3 20.51 10.19 4.75
CA ALA A 3 20.84 9.12 3.81
C ALA A 3 19.57 8.39 3.40
N LYS A 4 19.72 7.37 2.57
CA LYS A 4 18.60 6.53 2.19
C LYS A 4 18.01 5.82 3.40
N PRO A 5 16.75 6.12 3.74
CA PRO A 5 16.10 5.52 4.89
C PRO A 5 15.60 4.11 4.60
N GLN A 6 15.54 3.28 5.63
CA GLN A 6 15.02 1.94 5.52
C GLN A 6 13.80 1.79 6.41
N ILE A 7 13.19 0.62 6.40
CA ILE A 7 12.05 0.35 7.28
C ILE A 7 12.55 -0.24 8.60
N PRO A 8 12.53 0.56 9.68
CA PRO A 8 13.06 0.16 10.97
C PRO A 8 12.00 -0.37 11.93
N LYS A 9 12.39 -0.53 13.18
CA LYS A 9 11.48 -0.94 14.24
C LYS A 9 10.57 0.21 14.64
N ASP A 10 10.99 1.43 14.33
CA ASP A 10 10.25 2.63 14.66
C ASP A 10 9.11 2.84 13.67
N LYS A 11 7.89 2.57 14.11
CA LYS A 11 6.73 2.67 13.24
C LYS A 11 6.17 4.09 13.27
N SER A 12 6.35 4.77 14.38
CA SER A 12 5.84 6.13 14.54
C SER A 12 6.68 7.11 13.73
N LYS A 13 7.84 6.63 13.28
CA LYS A 13 8.71 7.43 12.43
C LYS A 13 8.31 7.25 10.98
N VAL A 14 7.26 7.97 10.57
CA VAL A 14 6.73 7.85 9.23
C VAL A 14 7.80 8.14 8.18
N ALA A 15 8.17 7.11 7.43
CA ALA A 15 9.22 7.20 6.44
C ALA A 15 8.71 7.85 5.16
N GLY A 16 7.45 7.58 4.82
CA GLY A 16 6.94 8.03 3.55
C GLY A 16 5.52 8.54 3.61
N TYR A 17 5.13 9.28 2.58
CA TYR A 17 3.78 9.80 2.46
C TYR A 17 3.18 9.36 1.13
N ILE A 18 2.03 8.70 1.19
CA ILE A 18 1.38 8.23 -0.01
C ILE A 18 0.23 9.16 -0.38
N GLU A 19 0.32 9.76 -1.55
CA GLU A 19 -0.67 10.74 -1.99
C GLU A 19 -1.11 10.45 -3.41
N ILE A 20 -2.41 10.30 -3.58
CA ILE A 20 -3.01 10.05 -4.88
C ILE A 20 -4.11 11.08 -5.14
N PRO A 21 -3.80 12.10 -5.95
CA PRO A 21 -4.73 13.21 -6.23
C PRO A 21 -6.03 12.73 -6.87
N ASP A 22 -5.95 11.62 -7.59
CA ASP A 22 -7.11 11.04 -8.26
C ASP A 22 -8.18 10.62 -7.26
N ALA A 23 -7.76 10.29 -6.05
CA ALA A 23 -8.67 9.80 -5.04
C ALA A 23 -8.66 10.68 -3.79
N ASP A 24 -8.01 11.83 -3.90
CA ASP A 24 -7.91 12.78 -2.79
C ASP A 24 -7.18 12.14 -1.62
N ILE A 25 -6.28 11.21 -1.92
CA ILE A 25 -5.55 10.47 -0.90
C ILE A 25 -4.32 11.24 -0.47
N LYS A 26 -4.16 11.41 0.83
CA LYS A 26 -3.02 12.14 1.38
C LYS A 26 -2.72 11.62 2.78
N GLU A 27 -2.07 10.47 2.85
CA GLU A 27 -1.85 9.78 4.11
C GLU A 27 -0.40 9.32 4.27
N PRO A 28 0.11 9.30 5.50
CA PRO A 28 1.47 8.82 5.78
C PRO A 28 1.58 7.28 5.76
N VAL A 29 2.79 6.77 5.64
CA VAL A 29 3.02 5.33 5.64
C VAL A 29 3.83 4.94 6.87
N TYR A 30 3.33 3.96 7.59
CA TYR A 30 3.96 3.54 8.83
C TYR A 30 4.89 2.37 8.61
N PRO A 31 6.20 2.61 8.73
CA PRO A 31 7.21 1.56 8.61
C PRO A 31 7.13 0.55 9.74
N GLY A 32 6.72 -0.67 9.41
CA GLY A 32 6.61 -1.72 10.39
C GLY A 32 6.01 -2.96 9.80
N PRO A 33 6.05 -4.09 10.54
CA PRO A 33 5.50 -5.36 10.07
C PRO A 33 3.98 -5.36 10.09
N ALA A 34 3.39 -6.04 9.12
CA ALA A 34 1.94 -6.16 9.03
C ALA A 34 1.36 -6.79 10.29
N THR A 35 0.66 -5.98 11.06
CA THR A 35 0.04 -6.42 12.30
C THR A 35 -1.34 -5.79 12.44
N PRO A 36 -2.29 -6.52 13.06
CA PRO A 36 -3.69 -6.09 13.17
C PRO A 36 -3.84 -4.69 13.78
N GLU A 37 -3.08 -4.42 14.82
CA GLU A 37 -3.18 -3.15 15.53
C GLU A 37 -2.47 -2.02 14.79
N GLN A 38 -1.58 -2.37 13.88
CA GLN A 38 -0.87 -1.35 13.10
C GLN A 38 -1.71 -0.98 11.88
N LEU A 39 -2.26 -1.99 11.23
CA LEU A 39 -3.19 -1.78 10.12
C LEU A 39 -4.52 -1.25 10.63
N ASN A 40 -4.67 -1.23 11.96
CA ASN A 40 -5.84 -0.64 12.60
C ASN A 40 -5.81 0.87 12.44
N ARG A 41 -4.63 1.39 12.11
CA ARG A 41 -4.44 2.82 11.96
C ARG A 41 -4.61 3.25 10.50
N GLY A 42 -3.71 2.77 9.65
CA GLY A 42 -3.75 3.17 8.25
C GLY A 42 -2.92 2.25 7.36
N VAL A 43 -1.85 2.80 6.79
CA VAL A 43 -1.03 2.08 5.85
C VAL A 43 0.30 1.66 6.50
N SER A 44 0.64 0.38 6.35
CA SER A 44 1.88 -0.16 6.88
C SER A 44 2.44 -1.21 5.93
N PHE A 45 3.73 -1.48 6.01
CA PHE A 45 4.36 -2.42 5.11
C PHE A 45 3.91 -3.85 5.39
N ALA A 46 3.91 -4.67 4.35
CA ALA A 46 3.40 -6.03 4.46
C ALA A 46 4.48 -7.00 4.93
N GLU A 47 5.54 -7.15 4.15
CA GLU A 47 6.60 -8.07 4.49
C GLU A 47 7.87 -7.33 4.89
N GLU A 48 8.96 -8.05 5.04
CA GLU A 48 10.18 -7.50 5.61
C GLU A 48 11.16 -6.99 4.56
N ASN A 49 10.63 -6.38 3.50
CA ASN A 49 11.47 -5.70 2.53
C ASN A 49 12.01 -4.41 3.14
N GLU A 50 13.16 -4.52 3.78
CA GLU A 50 13.70 -3.45 4.61
C GLU A 50 14.09 -2.23 3.81
N SER A 51 14.25 -2.41 2.53
CA SER A 51 14.63 -1.33 1.66
C SER A 51 13.41 -0.74 0.98
N LEU A 52 13.07 0.47 1.37
CA LEU A 52 11.95 1.18 0.76
C LEU A 52 12.40 1.82 -0.55
N ASP A 53 13.70 1.80 -0.75
CA ASP A 53 14.31 2.32 -1.95
C ASP A 53 14.64 1.18 -2.91
N ASP A 54 14.13 -0.01 -2.58
CA ASP A 54 14.33 -1.19 -3.42
C ASP A 54 13.32 -1.17 -4.57
N GLN A 55 13.40 -2.13 -5.46
CA GLN A 55 12.49 -2.16 -6.60
C GLN A 55 11.15 -2.78 -6.22
N ASN A 56 11.19 -3.88 -5.48
CA ASN A 56 9.97 -4.59 -5.12
C ASN A 56 9.49 -4.20 -3.73
N ILE A 57 8.30 -3.62 -3.68
CA ILE A 57 7.75 -3.11 -2.43
C ILE A 57 6.35 -3.68 -2.20
N SER A 58 6.08 -4.08 -0.98
CA SER A 58 4.76 -4.58 -0.62
C SER A 58 4.21 -3.83 0.59
N ILE A 59 3.16 -3.06 0.37
CA ILE A 59 2.57 -2.25 1.42
C ILE A 59 1.11 -2.64 1.62
N ALA A 60 0.68 -2.70 2.86
CA ALA A 60 -0.71 -3.03 3.17
C ALA A 60 -1.45 -1.78 3.63
N GLY A 61 -2.51 -1.44 2.93
CA GLY A 61 -3.29 -0.29 3.28
C GLY A 61 -4.73 -0.65 3.51
N HIS A 62 -5.02 -1.23 4.67
CA HIS A 62 -6.35 -1.71 4.95
C HIS A 62 -7.29 -0.56 5.24
N THR A 63 -8.34 -0.47 4.46
CA THR A 63 -9.29 0.63 4.58
C THR A 63 -10.64 0.08 5.06
N PHE A 64 -11.53 0.98 5.49
CA PHE A 64 -12.88 0.58 5.88
C PHE A 64 -13.91 1.44 5.15
N ILE A 65 -14.72 0.79 4.33
CA ILE A 65 -15.78 1.45 3.58
C ILE A 65 -16.73 2.22 4.52
N ASP A 66 -16.89 1.71 5.73
CA ASP A 66 -17.78 2.32 6.71
C ASP A 66 -17.27 3.69 7.16
N ARG A 67 -15.95 3.90 7.04
CA ARG A 67 -15.35 5.15 7.44
C ARG A 67 -14.83 5.91 6.21
N PRO A 68 -15.66 6.81 5.65
CA PRO A 68 -15.37 7.50 4.37
C PRO A 68 -14.11 8.36 4.44
N ASN A 69 -13.71 8.76 5.63
CA ASN A 69 -12.51 9.59 5.79
C ASN A 69 -11.27 8.74 6.01
N TYR A 70 -11.33 7.49 5.57
CA TYR A 70 -10.15 6.62 5.58
C TYR A 70 -9.32 6.86 4.32
N GLN A 71 -8.14 6.23 4.25
CA GLN A 71 -7.17 6.54 3.21
C GLN A 71 -7.65 6.15 1.80
N PHE A 72 -7.96 4.87 1.58
CA PHE A 72 -8.25 4.40 0.22
C PHE A 72 -9.75 4.28 -0.04
N THR A 73 -10.54 5.07 0.67
CA THR A 73 -11.99 5.03 0.51
C THR A 73 -12.41 5.55 -0.87
N ASN A 74 -11.71 6.56 -1.35
CA ASN A 74 -12.04 7.17 -2.62
C ASN A 74 -11.15 6.63 -3.73
N LEU A 75 -10.45 5.53 -3.44
CA LEU A 75 -9.54 4.91 -4.40
C LEU A 75 -10.33 4.36 -5.61
N LYS A 76 -11.64 4.41 -5.49
CA LYS A 76 -12.54 4.05 -6.57
C LYS A 76 -12.46 5.08 -7.70
N ALA A 77 -12.04 6.30 -7.36
CA ALA A 77 -11.89 7.38 -8.33
C ALA A 77 -10.56 7.28 -9.08
N ALA A 78 -9.73 6.34 -8.66
CA ALA A 78 -8.46 6.11 -9.33
C ALA A 78 -8.69 5.33 -10.62
N LYS A 79 -7.65 5.22 -11.42
CA LYS A 79 -7.75 4.56 -12.70
C LYS A 79 -6.48 3.80 -13.03
N LYS A 80 -6.50 3.12 -14.17
CA LYS A 80 -5.40 2.27 -14.59
C LYS A 80 -4.24 3.09 -15.13
N GLY A 81 -4.39 4.40 -15.10
CA GLY A 81 -3.33 5.28 -15.51
C GLY A 81 -3.36 6.60 -14.77
N SER A 82 -3.49 6.53 -13.45
CA SER A 82 -3.56 7.72 -12.63
C SER A 82 -2.15 8.19 -12.26
N MET A 83 -2.07 8.94 -11.18
CA MET A 83 -0.79 9.39 -10.66
C MET A 83 -0.67 9.10 -9.18
N VAL A 84 0.22 8.18 -8.86
CA VAL A 84 0.49 7.82 -7.48
C VAL A 84 1.82 8.41 -7.06
N TYR A 85 1.81 9.27 -6.05
CA TYR A 85 3.01 9.91 -5.60
C TYR A 85 3.49 9.33 -4.29
N PHE A 86 4.68 8.75 -4.31
CA PHE A 86 5.26 8.20 -3.10
C PHE A 86 6.38 9.09 -2.62
N LYS A 87 6.13 9.80 -1.54
CA LYS A 87 7.09 10.70 -0.96
C LYS A 87 7.84 10.01 0.15
N VAL A 88 9.14 10.24 0.22
CA VAL A 88 9.96 9.68 1.28
C VAL A 88 11.22 10.51 1.51
N GLY A 89 11.29 11.12 2.67
CA GLY A 89 12.44 11.94 3.01
C GLY A 89 12.44 13.26 2.27
N ASN A 90 13.00 13.24 1.07
CA ASN A 90 13.06 14.44 0.25
C ASN A 90 12.80 14.10 -1.21
N GLU A 91 12.53 12.82 -1.48
CA GLU A 91 12.29 12.38 -2.84
C GLU A 91 10.83 12.01 -3.04
N THR A 92 10.33 12.26 -4.23
CA THR A 92 8.97 11.90 -4.59
C THR A 92 8.95 11.17 -5.92
N ARG A 93 8.66 9.89 -5.86
CA ARG A 93 8.66 9.06 -7.05
C ARG A 93 7.23 8.73 -7.46
N LYS A 94 7.01 8.57 -8.76
CA LYS A 94 5.67 8.47 -9.31
C LYS A 94 5.37 7.03 -9.72
N TYR A 95 4.15 6.60 -9.48
CA TYR A 95 3.74 5.25 -9.81
C TYR A 95 2.44 5.26 -10.61
N LYS A 96 2.31 4.24 -11.46
CA LYS A 96 1.14 4.10 -12.31
C LYS A 96 0.40 2.83 -11.94
N MET A 97 -0.90 2.94 -11.71
CA MET A 97 -1.72 1.79 -11.34
C MET A 97 -1.91 0.87 -12.55
N THR A 98 -0.90 0.07 -12.83
CA THR A 98 -0.87 -0.74 -14.02
C THR A 98 -1.64 -2.04 -13.83
N SER A 99 -1.84 -2.43 -12.59
CA SER A 99 -2.58 -3.65 -12.29
C SER A 99 -3.68 -3.36 -11.27
N ILE A 100 -4.91 -3.44 -11.73
CA ILE A 100 -6.07 -3.24 -10.87
C ILE A 100 -6.93 -4.50 -10.88
N ARG A 101 -7.01 -5.17 -9.75
CA ARG A 101 -7.76 -6.41 -9.65
C ARG A 101 -8.29 -6.59 -8.23
N ASP A 102 -9.26 -7.47 -8.08
CA ASP A 102 -9.83 -7.76 -6.78
C ASP A 102 -9.30 -9.09 -6.26
N VAL A 103 -8.88 -9.11 -5.00
CA VAL A 103 -8.39 -10.33 -4.38
C VAL A 103 -9.56 -11.26 -4.06
N LYS A 104 -9.36 -12.54 -4.33
CA LYS A 104 -10.39 -13.54 -4.12
C LYS A 104 -9.82 -14.76 -3.42
N PRO A 105 -10.64 -15.48 -2.65
CA PRO A 105 -10.25 -16.74 -2.02
C PRO A 105 -10.18 -17.86 -3.05
N THR A 106 -9.16 -17.82 -3.90
CA THR A 106 -9.01 -18.80 -4.95
C THR A 106 -7.53 -19.12 -5.18
N ASP A 107 -7.07 -20.18 -4.51
CA ASP A 107 -5.72 -20.68 -4.67
C ASP A 107 -4.68 -19.59 -4.42
N VAL A 108 -4.82 -18.91 -3.29
CA VAL A 108 -3.97 -17.81 -2.90
C VAL A 108 -2.51 -18.24 -2.72
N GLU A 109 -2.27 -19.55 -2.67
CA GLU A 109 -0.93 -20.10 -2.48
C GLU A 109 -0.34 -20.59 -3.80
N VAL A 110 -0.74 -19.95 -4.90
CA VAL A 110 -0.32 -20.37 -6.22
C VAL A 110 1.01 -19.72 -6.63
N LEU A 111 1.49 -18.78 -5.82
CA LEU A 111 2.68 -18.01 -6.14
C LEU A 111 3.95 -18.87 -6.05
N ASP A 112 4.80 -18.73 -7.06
CA ASP A 112 6.09 -19.42 -7.07
C ASP A 112 7.23 -18.42 -6.84
N GLU A 113 8.46 -18.82 -7.15
CA GLU A 113 9.62 -17.98 -6.88
C GLU A 113 10.09 -17.25 -8.14
N GLN A 114 9.23 -17.11 -9.15
CA GLN A 114 9.64 -16.43 -10.36
C GLN A 114 9.79 -14.95 -10.11
N LYS A 115 11.01 -14.46 -10.24
CA LYS A 115 11.30 -13.06 -9.98
C LYS A 115 10.85 -12.17 -11.12
N GLY A 116 9.55 -12.04 -11.28
CA GLY A 116 8.99 -11.10 -12.22
C GLY A 116 8.81 -9.74 -11.59
N LYS A 117 9.84 -9.31 -10.87
CA LYS A 117 9.78 -8.09 -10.10
C LYS A 117 10.31 -6.92 -10.90
N ASP A 118 10.01 -5.72 -10.45
CA ASP A 118 10.53 -4.48 -11.02
C ASP A 118 10.26 -3.37 -10.03
N LYS A 119 10.41 -2.13 -10.45
CA LYS A 119 10.13 -1.00 -9.57
C LYS A 119 8.62 -0.81 -9.44
N GLN A 120 8.06 -1.27 -8.34
CA GLN A 120 6.62 -1.18 -8.13
C GLN A 120 6.26 -1.23 -6.65
N LEU A 121 5.05 -0.79 -6.33
CA LEU A 121 4.53 -0.91 -4.99
C LEU A 121 3.29 -1.78 -5.00
N THR A 122 3.36 -2.93 -4.35
CA THR A 122 2.23 -3.81 -4.23
C THR A 122 1.35 -3.34 -3.07
N LEU A 123 0.24 -2.68 -3.40
CA LEU A 123 -0.63 -2.10 -2.39
C LEU A 123 -1.81 -3.01 -2.10
N ILE A 124 -1.78 -3.64 -0.94
CA ILE A 124 -2.87 -4.49 -0.49
C ILE A 124 -3.97 -3.62 0.10
N THR A 125 -4.97 -3.31 -0.71
CA THR A 125 -6.00 -2.35 -0.34
C THR A 125 -7.31 -3.03 0.01
N CYS A 126 -7.25 -4.00 0.91
CA CYS A 126 -8.44 -4.71 1.35
C CYS A 126 -9.27 -3.83 2.27
N ASP A 127 -10.58 -4.07 2.29
CA ASP A 127 -11.52 -3.21 3.02
C ASP A 127 -12.21 -4.03 4.10
N ASP A 128 -12.79 -5.13 3.64
CA ASP A 128 -13.43 -6.11 4.50
C ASP A 128 -12.47 -6.58 5.59
N TYR A 129 -12.88 -6.38 6.84
CA TYR A 129 -12.04 -6.73 7.98
C TYR A 129 -12.83 -6.68 9.26
N ASN A 130 -13.02 -7.82 9.89
CA ASN A 130 -13.58 -7.85 11.23
C ASN A 130 -12.45 -7.70 12.22
N GLU A 131 -12.37 -6.56 12.87
CA GLU A 131 -11.26 -6.24 13.76
C GLU A 131 -11.19 -7.17 14.96
N LYS A 132 -12.29 -7.85 15.25
CA LYS A 132 -12.34 -8.80 16.34
C LYS A 132 -11.40 -9.98 16.06
N THR A 133 -11.50 -10.54 14.87
CA THR A 133 -10.76 -11.74 14.51
C THR A 133 -9.56 -11.40 13.63
N GLY A 134 -9.73 -10.41 12.75
CA GLY A 134 -8.71 -10.09 11.77
C GLY A 134 -8.89 -10.89 10.51
N VAL A 135 -10.14 -10.96 10.03
CA VAL A 135 -10.46 -11.76 8.85
C VAL A 135 -10.47 -10.94 7.58
N TRP A 136 -10.04 -11.56 6.49
CA TRP A 136 -10.05 -10.96 5.17
C TRP A 136 -10.79 -11.89 4.22
N GLU A 137 -11.60 -11.32 3.34
CA GLU A 137 -12.41 -12.13 2.43
C GLU A 137 -12.05 -11.85 0.97
N LYS A 138 -12.30 -10.62 0.53
CA LYS A 138 -12.16 -10.25 -0.88
C LYS A 138 -12.43 -8.76 -1.08
N ARG A 139 -11.52 -8.08 -1.78
CA ARG A 139 -11.71 -6.65 -2.02
C ARG A 139 -10.86 -6.13 -3.18
N LYS A 140 -9.59 -5.84 -2.92
CA LYS A 140 -8.78 -5.10 -3.89
C LYS A 140 -7.29 -5.31 -3.72
N ILE A 141 -6.59 -5.36 -4.85
CA ILE A 141 -5.17 -5.27 -4.87
C ILE A 141 -4.73 -4.31 -5.98
N PHE A 142 -3.72 -3.49 -5.69
CA PHE A 142 -3.21 -2.55 -6.67
C PHE A 142 -1.70 -2.68 -6.79
N VAL A 143 -1.22 -2.90 -8.01
CA VAL A 143 0.20 -2.92 -8.28
C VAL A 143 0.59 -1.71 -9.11
N ALA A 144 1.25 -0.77 -8.48
CA ALA A 144 1.65 0.47 -9.14
C ALA A 144 3.11 0.42 -9.56
N THR A 145 3.34 0.41 -10.87
CA THR A 145 4.69 0.39 -11.41
C THR A 145 5.27 1.80 -11.45
N GLU A 146 6.54 1.94 -11.15
CA GLU A 146 7.18 3.24 -11.09
C GLU A 146 7.28 3.88 -12.47
N VAL A 147 6.80 5.11 -12.58
CA VAL A 147 6.79 5.84 -13.84
C VAL A 147 8.06 6.67 -13.95
N LYS A 148 8.32 7.16 -15.15
CA LYS A 148 9.49 7.97 -15.40
C LYS A 148 9.17 9.44 -15.18
S2 2W7 B . -6.05 -8.33 2.35
C5 2W7 B . -6.76 -9.88 1.94
C6 2W7 B . -7.96 -9.94 1.25
C10 2W7 B . -6.13 -11.07 2.34
C7 2W7 B . -8.55 -11.17 0.98
C8 2W7 B . -7.93 -12.35 1.37
C9 2W7 B . -6.73 -12.30 2.07
C11 2W7 B . -4.88 -11.05 2.97
O2 2W7 B . -4.64 -11.77 3.94
N3 2W7 B . -3.98 -10.24 2.42
C12 2W7 B . -2.59 -10.18 2.90
C13 2W7 B . -1.64 -10.65 1.80
O3 2W7 B . -0.48 -10.25 1.74
N4 2W7 B . -2.19 -11.51 0.93
C14 2W7 B . -1.39 -12.06 -0.18
C18 2W7 B . -0.91 -10.93 -1.07
C17 2W7 B . -0.09 -11.50 -2.22
C19 2W7 B . 1.11 -12.26 -1.67
C23 2W7 B . 0.61 -13.40 -0.78
C24 2W7 B . -0.20 -12.83 0.36
C25 2W7 B . -0.25 -14.34 -1.59
C20 2W7 B . -1.45 -13.58 -2.15
C26 2W7 B . -2.26 -13.00 -1.00
C16 2W7 B . -0.96 -12.44 -3.03
H6 2W7 B . -8.46 -9.03 0.93
H7 2W7 B . -9.49 -11.21 0.43
H8 2W7 B . -8.40 -13.31 1.17
H9 2W7 B . -6.25 -13.22 2.39
H3 2W7 B . -4.18 -9.64 1.64
H122 2W7 B . -2.35 -9.15 3.18
H121 2W7 B . -2.47 -10.82 3.78
H4 2W7 B . -3.13 -11.81 1.02
HZ12 2W7 B . -0.27 -10.25 -0.49
HZ11 2W7 B . -1.75 -10.37 -1.46
HY1 2W7 B . 0.26 -10.68 -2.86
HX22 2W7 B . 1.69 -12.66 -2.50
HX21 2W7 B . 1.73 -11.57 -1.10
HY3 2W7 B . 1.48 -13.95 -0.39
HZ21 2W7 B . 0.43 -12.16 0.96
HZ22 2W7 B . -0.54 -13.64 1.00
HX31 2W7 B . 0.34 -14.74 -2.42
HX32 2W7 B . -0.60 -15.16 -0.97
HY2 2W7 B . -2.07 -14.25 -2.73
HZ32 2W7 B . -2.62 -13.81 -0.36
HZ31 2W7 B . -3.12 -12.46 -1.40
HX12 2W7 B . -0.38 -12.86 -3.87
HX11 2W7 B . -1.81 -11.91 -3.44
N MET A 1 16.15 17.23 6.97
CA MET A 1 16.50 16.11 7.89
C MET A 1 17.96 15.72 7.70
N GLN A 2 18.59 15.28 8.78
CA GLN A 2 20.00 14.94 8.76
C GLN A 2 20.20 13.43 8.62
N ALA A 3 19.11 12.70 8.73
CA ALA A 3 19.16 11.25 8.66
C ALA A 3 18.32 10.74 7.49
N LYS A 4 18.65 9.55 7.02
CA LYS A 4 17.91 8.94 5.92
C LYS A 4 16.75 8.12 6.45
N PRO A 5 15.54 8.35 5.95
CA PRO A 5 14.35 7.60 6.35
C PRO A 5 14.37 6.17 5.81
N GLN A 6 14.48 5.22 6.72
CA GLN A 6 14.45 3.80 6.38
C GLN A 6 13.31 3.13 7.12
N ILE A 7 13.31 1.81 7.14
CA ILE A 7 12.28 1.05 7.84
C ILE A 7 12.87 0.46 9.12
N PRO A 8 12.68 1.13 10.25
CA PRO A 8 13.24 0.73 11.52
C PRO A 8 12.28 -0.08 12.37
N LYS A 9 12.67 -0.29 13.62
CA LYS A 9 11.85 -0.99 14.60
C LYS A 9 10.82 -0.04 15.22
N ASP A 10 10.66 1.12 14.62
CA ASP A 10 9.78 2.15 15.14
C ASP A 10 8.56 2.29 14.24
N LYS A 11 7.37 2.17 14.83
CA LYS A 11 6.12 2.22 14.08
C LYS A 11 5.36 3.51 14.37
N SER A 12 6.03 4.45 15.00
CA SER A 12 5.41 5.72 15.36
C SER A 12 5.95 6.83 14.46
N LYS A 13 6.88 6.48 13.59
CA LYS A 13 7.46 7.44 12.66
C LYS A 13 6.78 7.34 11.31
N VAL A 14 7.19 8.20 10.38
CA VAL A 14 6.67 8.16 9.03
C VAL A 14 7.81 7.90 8.05
N ALA A 15 7.74 6.79 7.34
CA ALA A 15 8.80 6.42 6.39
C ALA A 15 8.51 7.02 5.03
N GLY A 16 7.23 7.11 4.69
CA GLY A 16 6.85 7.61 3.39
C GLY A 16 5.50 8.28 3.40
N TYR A 17 5.17 8.93 2.29
CA TYR A 17 3.89 9.60 2.14
C TYR A 17 3.27 9.24 0.80
N ILE A 18 2.01 8.84 0.82
CA ILE A 18 1.34 8.45 -0.41
C ILE A 18 0.35 9.55 -0.82
N GLU A 19 0.51 10.03 -2.05
CA GLU A 19 -0.35 11.07 -2.58
C GLU A 19 -1.04 10.61 -3.85
N ILE A 20 -2.36 10.64 -3.82
CA ILE A 20 -3.16 10.39 -4.99
C ILE A 20 -4.19 11.51 -5.13
N PRO A 21 -3.84 12.55 -5.92
CA PRO A 21 -4.69 13.73 -6.11
C PRO A 21 -6.09 13.37 -6.58
N ASP A 22 -6.19 12.31 -7.37
CA ASP A 22 -7.48 11.83 -7.88
C ASP A 22 -8.42 11.46 -6.73
N ALA A 23 -7.85 11.00 -5.63
CA ALA A 23 -8.65 10.46 -4.54
C ALA A 23 -8.51 11.29 -3.27
N ASP A 24 -7.91 12.48 -3.40
CA ASP A 24 -7.70 13.38 -2.27
C ASP A 24 -6.81 12.72 -1.20
N ILE A 25 -5.95 11.81 -1.62
CA ILE A 25 -5.13 11.06 -0.69
C ILE A 25 -3.79 11.75 -0.45
N LYS A 26 -3.55 12.11 0.81
CA LYS A 26 -2.28 12.68 1.24
C LYS A 26 -1.91 12.08 2.60
N GLU A 27 -1.80 10.75 2.63
CA GLU A 27 -1.66 10.03 3.90
C GLU A 27 -0.24 9.47 4.06
N PRO A 28 0.25 9.44 5.30
CA PRO A 28 1.57 8.87 5.61
C PRO A 28 1.54 7.34 5.65
N VAL A 29 2.70 6.71 5.47
CA VAL A 29 2.80 5.27 5.51
C VAL A 29 3.59 4.87 6.74
N TYR A 30 3.08 3.92 7.49
CA TYR A 30 3.68 3.52 8.74
C TYR A 30 4.73 2.44 8.53
N PRO A 31 5.99 2.77 8.80
CA PRO A 31 7.11 1.82 8.71
C PRO A 31 7.02 0.73 9.76
N GLY A 32 7.35 -0.49 9.36
CA GLY A 32 7.34 -1.60 10.28
C GLY A 32 6.78 -2.85 9.65
N PRO A 33 6.49 -3.88 10.45
CA PRO A 33 5.90 -5.12 9.98
C PRO A 33 4.38 -5.05 9.93
N ALA A 34 3.79 -5.94 9.15
CA ALA A 34 2.34 -6.02 9.06
C ALA A 34 1.77 -6.61 10.35
N THR A 35 0.82 -5.91 10.94
CA THR A 35 0.27 -6.31 12.22
C THR A 35 -1.09 -5.63 12.45
N PRO A 36 -2.02 -6.35 13.12
CA PRO A 36 -3.42 -5.93 13.30
C PRO A 36 -3.63 -4.44 13.63
N GLU A 37 -2.91 -3.92 14.61
CA GLU A 37 -3.14 -2.56 15.09
C GLU A 37 -2.87 -1.55 13.99
N GLN A 38 -1.75 -1.73 13.30
CA GLN A 38 -1.38 -0.83 12.21
C GLN A 38 -2.39 -0.95 11.08
N LEU A 39 -2.68 -2.18 10.70
CA LEU A 39 -3.60 -2.47 9.61
C LEU A 39 -5.06 -2.33 10.03
N ASN A 40 -5.30 -1.61 11.10
CA ASN A 40 -6.67 -1.28 11.50
C ASN A 40 -6.81 0.23 11.60
N ARG A 41 -5.69 0.92 11.42
CA ARG A 41 -5.66 2.37 11.57
C ARG A 41 -5.12 3.04 10.31
N GLY A 42 -4.20 2.38 9.62
CA GLY A 42 -3.60 2.99 8.45
C GLY A 42 -2.88 1.99 7.57
N VAL A 43 -2.02 2.50 6.70
CA VAL A 43 -1.22 1.68 5.81
C VAL A 43 0.16 1.41 6.40
N SER A 44 0.66 0.20 6.22
CA SER A 44 1.99 -0.18 6.69
C SER A 44 2.68 -1.05 5.64
N PHE A 45 3.92 -1.40 5.89
CA PHE A 45 4.66 -2.24 4.97
C PHE A 45 4.48 -3.72 5.29
N ALA A 46 4.36 -4.52 4.24
CA ALA A 46 4.24 -5.96 4.38
C ALA A 46 5.59 -6.63 4.15
N GLU A 47 6.55 -5.80 3.80
CA GLU A 47 7.86 -6.27 3.39
C GLU A 47 8.74 -6.63 4.58
N GLU A 48 9.68 -7.51 4.31
CA GLU A 48 10.71 -7.88 5.26
C GLU A 48 12.06 -7.49 4.69
N ASN A 49 12.01 -6.58 3.71
CA ASN A 49 13.20 -6.12 3.02
C ASN A 49 14.03 -5.22 3.93
N GLU A 50 15.22 -4.85 3.47
CA GLU A 50 16.14 -4.06 4.27
C GLU A 50 16.16 -2.62 3.78
N SER A 51 15.27 -2.31 2.88
CA SER A 51 15.18 -0.97 2.29
C SER A 51 13.77 -0.69 1.80
N LEU A 52 13.41 0.59 1.79
CA LEU A 52 12.10 1.02 1.28
C LEU A 52 12.24 1.63 -0.11
N ASP A 53 13.48 1.81 -0.53
CA ASP A 53 13.78 2.43 -1.82
C ASP A 53 13.99 1.36 -2.88
N ASP A 54 13.66 0.11 -2.54
CA ASP A 54 13.87 -1.00 -3.46
C ASP A 54 12.77 -1.04 -4.51
N GLN A 55 12.95 -1.86 -5.53
CA GLN A 55 12.00 -1.97 -6.61
C GLN A 55 10.74 -2.72 -6.17
N ASN A 56 10.88 -3.68 -5.27
CA ASN A 56 9.72 -4.44 -4.83
C ASN A 56 9.30 -4.01 -3.43
N ILE A 57 8.14 -3.38 -3.35
CA ILE A 57 7.62 -2.87 -2.10
C ILE A 57 6.13 -3.19 -1.95
N SER A 58 5.82 -4.20 -1.16
CA SER A 58 4.44 -4.54 -0.85
C SER A 58 3.92 -3.66 0.28
N ILE A 59 3.06 -2.71 -0.08
CA ILE A 59 2.49 -1.80 0.91
C ILE A 59 1.10 -2.28 1.30
N ALA A 60 0.96 -2.72 2.53
CA ALA A 60 -0.31 -3.21 3.02
C ALA A 60 -1.21 -2.05 3.42
N GLY A 61 -2.08 -1.65 2.51
CA GLY A 61 -2.94 -0.52 2.74
C GLY A 61 -4.35 -0.95 3.09
N HIS A 62 -4.58 -1.24 4.37
CA HIS A 62 -5.90 -1.63 4.82
C HIS A 62 -6.93 -0.58 4.45
N THR A 63 -8.08 -1.03 4.01
CA THR A 63 -9.11 -0.15 3.50
C THR A 63 -10.34 -0.18 4.38
N PHE A 64 -11.02 0.95 4.46
CA PHE A 64 -12.29 1.04 5.15
C PHE A 64 -13.18 1.99 4.39
N ILE A 65 -13.83 1.47 3.36
CA ILE A 65 -14.60 2.27 2.43
C ILE A 65 -15.83 2.87 3.11
N ASP A 66 -16.15 2.36 4.29
CA ASP A 66 -17.29 2.85 5.05
C ASP A 66 -17.06 4.29 5.53
N ARG A 67 -15.93 4.53 6.18
CA ARG A 67 -15.62 5.86 6.70
C ARG A 67 -14.83 6.66 5.68
N PRO A 68 -15.40 7.76 5.16
CA PRO A 68 -14.79 8.56 4.09
C PRO A 68 -13.49 9.28 4.48
N ASN A 69 -13.22 9.38 5.77
CA ASN A 69 -12.03 10.09 6.23
C ASN A 69 -10.88 9.12 6.54
N TYR A 70 -11.02 7.88 6.11
CA TYR A 70 -9.96 6.90 6.29
C TYR A 70 -8.91 7.11 5.19
N GLN A 71 -7.69 6.66 5.44
CA GLN A 71 -6.58 6.86 4.49
C GLN A 71 -6.95 6.39 3.10
N PHE A 72 -7.47 5.17 3.01
CA PHE A 72 -7.89 4.63 1.73
C PHE A 72 -9.39 4.38 1.74
N THR A 73 -10.13 5.38 1.27
CA THR A 73 -11.57 5.26 1.11
C THR A 73 -11.99 5.78 -0.25
N ASN A 74 -11.47 6.94 -0.62
CA ASN A 74 -11.81 7.55 -1.90
C ASN A 74 -10.97 6.96 -3.03
N LEU A 75 -10.37 5.81 -2.75
CA LEU A 75 -9.54 5.08 -3.72
C LEU A 75 -10.37 4.77 -4.97
N LYS A 76 -11.68 4.70 -4.77
CA LYS A 76 -12.64 4.47 -5.85
C LYS A 76 -12.50 5.50 -6.98
N ALA A 77 -11.96 6.67 -6.65
CA ALA A 77 -11.83 7.75 -7.63
C ALA A 77 -10.54 7.62 -8.45
N ALA A 78 -9.78 6.57 -8.22
CA ALA A 78 -8.55 6.35 -8.98
C ALA A 78 -8.85 5.62 -10.29
N LYS A 79 -7.82 5.43 -11.09
CA LYS A 79 -7.98 4.79 -12.39
C LYS A 79 -6.71 4.03 -12.74
N LYS A 80 -6.72 3.43 -13.91
CA LYS A 80 -5.62 2.58 -14.35
C LYS A 80 -4.41 3.41 -14.77
N GLY A 81 -4.65 4.67 -15.01
CA GLY A 81 -3.59 5.52 -15.53
C GLY A 81 -3.56 6.89 -14.89
N SER A 82 -3.68 6.94 -13.58
CA SER A 82 -3.48 8.18 -12.87
C SER A 82 -2.00 8.34 -12.58
N MET A 83 -1.68 9.20 -11.63
CA MET A 83 -0.30 9.42 -11.25
C MET A 83 -0.16 9.31 -9.74
N VAL A 84 0.27 8.14 -9.29
CA VAL A 84 0.42 7.89 -7.87
C VAL A 84 1.78 8.39 -7.39
N TYR A 85 1.77 9.21 -6.36
CA TYR A 85 2.99 9.78 -5.84
C TYR A 85 3.40 9.12 -4.54
N PHE A 86 4.54 8.46 -4.56
CA PHE A 86 5.08 7.85 -3.36
C PHE A 86 6.31 8.62 -2.92
N LYS A 87 6.19 9.30 -1.80
CA LYS A 87 7.25 10.11 -1.27
C LYS A 87 7.95 9.39 -0.13
N VAL A 88 9.26 9.51 -0.08
CA VAL A 88 10.04 8.94 1.00
C VAL A 88 11.16 9.90 1.40
N GLY A 89 11.04 10.46 2.59
CA GLY A 89 11.97 11.48 3.02
C GLY A 89 11.86 12.71 2.16
N ASN A 90 12.77 12.83 1.19
CA ASN A 90 12.73 13.94 0.25
C ASN A 90 12.58 13.42 -1.18
N GLU A 91 12.51 12.09 -1.32
CA GLU A 91 12.43 11.50 -2.64
C GLU A 91 10.98 11.25 -3.02
N THR A 92 10.71 11.15 -4.31
CA THR A 92 9.38 10.90 -4.80
C THR A 92 9.41 10.13 -6.12
N ARG A 93 8.64 9.05 -6.19
CA ARG A 93 8.53 8.27 -7.42
C ARG A 93 7.10 8.34 -7.94
N LYS A 94 6.94 8.18 -9.25
CA LYS A 94 5.61 8.17 -9.85
C LYS A 94 5.24 6.74 -10.17
N TYR A 95 4.00 6.37 -9.90
CA TYR A 95 3.54 5.03 -10.20
C TYR A 95 2.25 5.05 -11.00
N LYS A 96 2.11 4.09 -11.90
CA LYS A 96 0.94 3.97 -12.74
C LYS A 96 0.15 2.72 -12.35
N MET A 97 -1.14 2.88 -12.12
CA MET A 97 -2.01 1.80 -11.66
C MET A 97 -2.38 0.89 -12.82
N THR A 98 -1.38 0.49 -13.60
CA THR A 98 -1.60 -0.22 -14.84
C THR A 98 -1.76 -1.73 -14.61
N SER A 99 -1.83 -2.14 -13.35
CA SER A 99 -2.17 -3.51 -13.01
C SER A 99 -3.16 -3.52 -11.84
N ILE A 100 -4.41 -3.84 -12.15
CA ILE A 100 -5.48 -3.75 -11.17
C ILE A 100 -6.27 -5.05 -11.13
N ARG A 101 -5.92 -5.91 -10.19
CA ARG A 101 -6.57 -7.20 -10.02
C ARG A 101 -6.64 -7.55 -8.54
N ASP A 102 -7.77 -8.07 -8.12
CA ASP A 102 -7.98 -8.37 -6.70
C ASP A 102 -7.97 -9.86 -6.43
N VAL A 103 -8.05 -10.20 -5.16
CA VAL A 103 -7.98 -11.57 -4.71
C VAL A 103 -8.73 -11.73 -3.39
N LYS A 104 -9.32 -12.88 -3.18
CA LYS A 104 -9.99 -13.15 -1.91
C LYS A 104 -9.22 -14.21 -1.14
N PRO A 105 -8.98 -13.96 0.15
CA PRO A 105 -8.16 -14.85 0.99
C PRO A 105 -8.93 -16.08 1.46
N THR A 106 -9.26 -16.95 0.53
CA THR A 106 -9.84 -18.25 0.85
C THR A 106 -8.80 -19.11 1.57
N ASP A 107 -7.54 -18.84 1.25
CA ASP A 107 -6.41 -19.44 1.91
C ASP A 107 -5.22 -18.49 1.77
N VAL A 108 -4.22 -18.64 2.61
CA VAL A 108 -3.07 -17.75 2.57
C VAL A 108 -2.06 -18.20 1.51
N GLU A 109 -2.09 -19.48 1.17
CA GLU A 109 -1.12 -20.05 0.23
C GLU A 109 -1.73 -20.19 -1.15
N VAL A 110 -2.69 -19.33 -1.46
CA VAL A 110 -3.27 -19.29 -2.80
C VAL A 110 -2.22 -18.83 -3.81
N LEU A 111 -1.16 -18.20 -3.30
CA LEU A 111 -0.06 -17.71 -4.11
C LEU A 111 1.26 -18.19 -3.51
N ASP A 112 2.36 -17.73 -4.09
CA ASP A 112 3.69 -18.10 -3.57
C ASP A 112 4.66 -16.94 -3.79
N GLU A 113 5.94 -17.18 -3.60
CA GLU A 113 6.93 -16.13 -3.76
C GLU A 113 7.43 -16.08 -5.20
N GLN A 114 6.73 -15.31 -6.02
CA GLN A 114 7.15 -15.09 -7.39
C GLN A 114 8.34 -14.15 -7.44
N LYS A 115 9.51 -14.71 -7.72
CA LYS A 115 10.77 -13.97 -7.60
C LYS A 115 10.92 -12.96 -8.74
N GLY A 116 10.13 -13.10 -9.79
CA GLY A 116 10.16 -12.17 -10.89
C GLY A 116 9.55 -10.83 -10.53
N LYS A 117 10.32 -10.00 -9.85
CA LYS A 117 9.85 -8.69 -9.41
C LYS A 117 10.26 -7.60 -10.39
N ASP A 118 9.68 -6.43 -10.21
CA ASP A 118 10.05 -5.23 -10.94
C ASP A 118 9.77 -4.04 -10.04
N LYS A 119 9.78 -2.83 -10.58
CA LYS A 119 9.41 -1.67 -9.80
C LYS A 119 7.91 -1.59 -9.68
N GLN A 120 7.38 -2.13 -8.60
CA GLN A 120 5.96 -2.15 -8.36
C GLN A 120 5.68 -2.19 -6.88
N LEU A 121 4.70 -1.43 -6.44
CA LEU A 121 4.31 -1.48 -5.04
C LEU A 121 3.04 -2.31 -4.93
N THR A 122 3.10 -3.35 -4.12
CA THR A 122 1.96 -4.24 -3.94
C THR A 122 1.01 -3.68 -2.89
N LEU A 123 0.14 -2.75 -3.32
CA LEU A 123 -0.83 -2.18 -2.41
C LEU A 123 -1.94 -3.17 -2.10
N ILE A 124 -1.91 -3.69 -0.88
CA ILE A 124 -2.96 -4.61 -0.44
C ILE A 124 -4.15 -3.81 0.07
N THR A 125 -4.94 -3.30 -0.85
CA THR A 125 -6.11 -2.51 -0.54
C THR A 125 -7.25 -3.43 -0.10
N CYS A 126 -7.31 -3.73 1.19
CA CYS A 126 -8.26 -4.71 1.68
C CYS A 126 -9.37 -4.07 2.51
N ASP A 127 -10.58 -4.12 1.98
CA ASP A 127 -11.77 -3.65 2.68
C ASP A 127 -12.60 -4.85 3.10
N ASP A 128 -13.55 -4.64 4.02
CA ASP A 128 -14.46 -5.69 4.47
C ASP A 128 -13.78 -6.66 5.44
N TYR A 129 -14.42 -6.86 6.58
CA TYR A 129 -13.98 -7.82 7.58
C TYR A 129 -15.00 -7.85 8.71
N ASN A 130 -15.03 -8.95 9.46
CA ASN A 130 -15.89 -9.06 10.62
C ASN A 130 -15.05 -9.38 11.85
N GLU A 131 -15.08 -8.50 12.83
CA GLU A 131 -14.30 -8.65 14.05
C GLU A 131 -14.83 -9.77 14.93
N LYS A 132 -16.13 -9.99 14.89
CA LYS A 132 -16.77 -10.99 15.74
C LYS A 132 -16.43 -12.39 15.26
N THR A 133 -16.89 -12.72 14.06
CA THR A 133 -16.73 -14.06 13.52
C THR A 133 -15.33 -14.29 12.97
N GLY A 134 -14.82 -13.30 12.25
CA GLY A 134 -13.51 -13.42 11.64
C GLY A 134 -13.58 -13.84 10.19
N VAL A 135 -14.28 -13.05 9.39
CA VAL A 135 -14.39 -13.29 7.96
C VAL A 135 -13.84 -12.11 7.17
N TRP A 136 -13.37 -12.39 5.97
CA TRP A 136 -12.76 -11.37 5.11
C TRP A 136 -12.96 -11.75 3.65
N GLU A 137 -13.34 -10.78 2.83
CA GLU A 137 -13.56 -11.03 1.41
C GLU A 137 -12.63 -10.22 0.52
N LYS A 138 -12.94 -8.93 0.38
CA LYS A 138 -12.37 -8.12 -0.67
C LYS A 138 -10.95 -7.66 -0.37
N ARG A 139 -9.97 -8.33 -0.95
CA ARG A 139 -8.59 -7.87 -0.93
C ARG A 139 -8.20 -7.39 -2.31
N LYS A 140 -8.41 -6.12 -2.56
CA LYS A 140 -8.20 -5.57 -3.89
C LYS A 140 -6.77 -5.07 -4.01
N ILE A 141 -5.91 -5.90 -4.59
CA ILE A 141 -4.53 -5.53 -4.75
C ILE A 141 -4.37 -4.57 -5.92
N PHE A 142 -3.59 -3.54 -5.69
CA PHE A 142 -3.31 -2.55 -6.71
C PHE A 142 -1.83 -2.50 -7.00
N VAL A 143 -1.46 -2.98 -8.18
CA VAL A 143 -0.08 -3.04 -8.58
C VAL A 143 0.25 -1.83 -9.45
N ALA A 144 0.91 -0.85 -8.85
CA ALA A 144 1.31 0.33 -9.58
C ALA A 144 2.77 0.23 -9.98
N THR A 145 3.01 0.13 -11.27
CA THR A 145 4.36 0.02 -11.79
C THR A 145 5.01 1.40 -11.80
N GLU A 146 6.29 1.45 -11.42
CA GLU A 146 7.02 2.70 -11.34
C GLU A 146 7.18 3.33 -12.73
N VAL A 147 6.89 4.61 -12.80
CA VAL A 147 7.11 5.38 -14.01
C VAL A 147 8.26 6.33 -13.81
N LYS A 148 8.92 6.68 -14.88
CA LYS A 148 10.12 7.48 -14.81
C LYS A 148 9.89 8.89 -15.36
S2 2W7 B . -6.70 -6.86 5.21
C5 2W7 B . -5.03 -7.38 5.15
C6 2W7 B . -4.02 -6.42 5.19
C10 2W7 B . -4.71 -8.74 5.13
C7 2W7 B . -2.69 -6.83 5.23
C8 2W7 B . -2.37 -8.18 5.22
C9 2W7 B . -3.37 -9.13 5.17
C11 2W7 B . -5.70 -9.71 5.02
O2 2W7 B . -6.62 -9.59 4.21
N3 2W7 B . -5.57 -10.76 5.83
C12 2W7 B . -5.76 -12.13 5.36
C13 2W7 B . -4.71 -12.47 4.30
O3 2W7 B . -3.65 -12.99 4.61
N4 2W7 B . -5.05 -12.15 3.04
C14 2W7 B . -4.12 -12.47 1.93
C18 2W7 B . -4.70 -11.95 0.62
C17 2W7 B . -3.77 -12.27 -0.52
C19 2W7 B . -2.42 -11.59 -0.28
C23 2W7 B . -1.83 -12.10 1.03
C24 2W7 B . -2.78 -11.78 2.17
C25 2W7 B . -1.64 -13.61 0.94
C20 2W7 B . -2.97 -14.29 0.69
C26 2W7 B . -3.92 -13.98 1.83
C16 2W7 B . -3.56 -13.78 -0.60
H6 2W7 B . -4.26 -5.37 5.20
H7 2W7 B . -1.89 -6.08 5.27
H8 2W7 B . -1.32 -8.49 5.26
H9 2W7 B . -3.12 -10.20 5.16
H3 2W7 B . -5.34 -10.68 6.80
H122 2W7 B . -5.67 -12.83 6.19
H121 2W7 B . -6.76 -12.24 4.91
H4 2W7 B . -5.91 -11.70 2.83
HZ12 2W7 B . -4.85 -10.87 0.68
HZ11 2W7 B . -5.67 -12.42 0.44
HY1 2W7 B . -4.18 -11.90 -1.45
HX22 2W7 B . -1.76 -11.83 -1.12
HX21 2W7 B . -2.57 -10.51 -0.23
HY3 2W7 B . -0.86 -11.63 1.21
HZ21 2W7 B . -2.92 -10.70 2.24
HZ22 2W7 B . -2.35 -12.14 3.10
HX31 2W7 B . -0.95 -13.83 0.11
HX32 2W7 B . -1.19 -13.99 1.86
HY2 2W7 B . -2.82 -15.37 0.62
HZ32 2W7 B . -3.51 -14.36 2.76
HZ31 2W7 B . -4.88 -14.46 1.64
HX12 2W7 B . -2.88 -14.02 -1.43
HX11 2W7 B . -4.51 -14.26 -0.80
N MET A 1 14.39 19.38 5.30
CA MET A 1 14.95 18.43 4.31
C MET A 1 15.74 17.35 5.02
N GLN A 2 15.82 16.17 4.40
CA GLN A 2 16.57 15.05 4.96
C GLN A 2 16.90 14.05 3.86
N ALA A 3 17.67 13.05 4.23
CA ALA A 3 18.00 11.95 3.34
C ALA A 3 16.82 10.98 3.24
N LYS A 4 16.96 9.95 2.40
CA LYS A 4 15.93 8.93 2.28
C LYS A 4 15.97 8.00 3.49
N PRO A 5 14.93 8.04 4.32
CA PRO A 5 14.87 7.26 5.56
C PRO A 5 14.53 5.81 5.33
N GLN A 6 15.29 4.92 5.97
CA GLN A 6 15.00 3.50 5.89
C GLN A 6 14.14 3.09 7.07
N ILE A 7 13.49 1.96 6.93
CA ILE A 7 12.56 1.45 7.94
C ILE A 7 13.28 1.24 9.27
N PRO A 8 12.96 2.08 10.26
CA PRO A 8 13.68 2.14 11.53
C PRO A 8 13.05 1.32 12.65
N LYS A 9 13.69 1.39 13.81
CA LYS A 9 13.22 0.73 15.01
C LYS A 9 11.87 1.31 15.45
N ASP A 10 11.76 2.63 15.43
CA ASP A 10 10.52 3.30 15.75
C ASP A 10 9.53 3.19 14.59
N LYS A 11 8.50 2.39 14.78
CA LYS A 11 7.52 2.15 13.73
C LYS A 11 6.47 3.26 13.70
N SER A 12 6.67 4.28 14.52
CA SER A 12 5.78 5.43 14.53
C SER A 12 6.38 6.57 13.70
N LYS A 13 7.60 6.35 13.21
CA LYS A 13 8.26 7.34 12.37
C LYS A 13 7.96 7.04 10.90
N VAL A 14 7.10 7.85 10.31
CA VAL A 14 6.72 7.67 8.93
C VAL A 14 7.93 7.82 8.01
N ALA A 15 8.19 6.77 7.25
CA ALA A 15 9.34 6.73 6.37
C ALA A 15 9.00 7.27 4.99
N GLY A 16 7.74 7.14 4.60
CA GLY A 16 7.34 7.55 3.27
C GLY A 16 5.93 8.09 3.22
N TYR A 17 5.63 8.89 2.21
CA TYR A 17 4.30 9.46 2.06
C TYR A 17 3.66 8.97 0.77
N ILE A 18 2.37 8.70 0.82
CA ILE A 18 1.64 8.29 -0.37
C ILE A 18 0.57 9.33 -0.71
N GLU A 19 0.57 9.80 -1.95
CA GLU A 19 -0.35 10.84 -2.37
C GLU A 19 -0.98 10.50 -3.72
N ILE A 20 -2.30 10.45 -3.75
CA ILE A 20 -3.04 10.18 -4.98
C ILE A 20 -4.10 11.25 -5.19
N PRO A 21 -3.86 12.17 -6.13
CA PRO A 21 -4.72 13.33 -6.36
C PRO A 21 -6.15 12.97 -6.74
N ASP A 22 -6.33 11.86 -7.46
CA ASP A 22 -7.66 11.43 -7.89
C ASP A 22 -8.55 11.09 -6.70
N ALA A 23 -7.93 10.62 -5.62
CA ALA A 23 -8.69 10.18 -4.47
C ALA A 23 -8.46 11.10 -3.29
N ASP A 24 -7.69 12.16 -3.51
CA ASP A 24 -7.35 13.13 -2.46
C ASP A 24 -6.61 12.42 -1.32
N ILE A 25 -5.91 11.35 -1.65
CA ILE A 25 -5.20 10.55 -0.67
C ILE A 25 -3.86 11.18 -0.35
N LYS A 26 -3.68 11.56 0.90
CA LYS A 26 -2.42 12.10 1.38
C LYS A 26 -2.15 11.58 2.79
N GLU A 27 -1.57 10.39 2.87
CA GLU A 27 -1.37 9.75 4.15
C GLU A 27 0.05 9.23 4.29
N PRO A 28 0.55 9.19 5.53
CA PRO A 28 1.87 8.64 5.84
C PRO A 28 1.90 7.10 5.75
N VAL A 29 2.97 6.56 5.21
CA VAL A 29 3.13 5.11 5.13
C VAL A 29 3.80 4.62 6.39
N TYR A 30 3.28 3.55 6.96
CA TYR A 30 3.76 3.06 8.24
C TYR A 30 4.76 1.94 8.05
N PRO A 31 6.04 2.25 8.22
CA PRO A 31 7.12 1.28 8.12
C PRO A 31 7.19 0.40 9.37
N GLY A 32 6.81 -0.86 9.21
CA GLY A 32 6.83 -1.76 10.34
C GLY A 32 6.31 -3.14 9.99
N PRO A 33 5.94 -3.93 11.00
CA PRO A 33 5.43 -5.28 10.81
C PRO A 33 3.96 -5.30 10.42
N ALA A 34 3.56 -6.30 9.65
CA ALA A 34 2.18 -6.45 9.25
C ALA A 34 1.34 -6.94 10.42
N THR A 35 0.34 -6.16 10.78
CA THR A 35 -0.52 -6.49 11.90
C THR A 35 -1.83 -5.71 11.78
N PRO A 36 -2.97 -6.41 12.01
CA PRO A 36 -4.32 -5.84 11.84
C PRO A 36 -4.49 -4.44 12.42
N GLU A 37 -4.04 -4.25 13.66
CA GLU A 37 -4.16 -2.96 14.34
C GLU A 37 -3.51 -1.83 13.53
N GLN A 38 -2.30 -2.09 13.04
CA GLN A 38 -1.54 -1.09 12.31
C GLN A 38 -2.06 -0.94 10.89
N LEU A 39 -2.49 -2.08 10.32
CA LEU A 39 -3.03 -2.11 8.96
C LEU A 39 -4.41 -1.46 8.90
N ASN A 40 -5.01 -1.25 10.06
CA ASN A 40 -6.33 -0.64 10.13
C ASN A 40 -6.21 0.89 10.18
N ARG A 41 -5.00 1.36 10.47
CA ARG A 41 -4.75 2.80 10.52
C ARG A 41 -4.37 3.31 9.13
N GLY A 42 -3.58 2.52 8.42
CA GLY A 42 -3.13 2.89 7.10
C GLY A 42 -2.25 1.83 6.51
N VAL A 43 -1.66 2.13 5.36
CA VAL A 43 -0.79 1.17 4.69
C VAL A 43 0.50 0.93 5.46
N SER A 44 0.74 -0.34 5.74
CA SER A 44 1.96 -0.77 6.41
C SER A 44 2.57 -1.93 5.62
N PHE A 45 3.89 -2.01 5.60
CA PHE A 45 4.59 -3.05 4.84
C PHE A 45 4.19 -4.45 5.31
N ALA A 46 3.94 -5.33 4.35
CA ALA A 46 3.51 -6.69 4.64
C ALA A 46 4.70 -7.63 4.72
N GLU A 47 5.89 -7.07 4.59
CA GLU A 47 7.12 -7.85 4.65
C GLU A 47 8.01 -7.34 5.76
N GLU A 48 8.77 -8.22 6.37
CA GLU A 48 9.74 -7.82 7.38
C GLU A 48 11.07 -7.48 6.71
N ASN A 49 11.15 -6.28 6.16
CA ASN A 49 12.34 -5.85 5.46
C ASN A 49 12.99 -4.68 6.18
N GLU A 50 14.30 -4.58 6.08
CA GLU A 50 15.06 -3.55 6.80
C GLU A 50 15.28 -2.34 5.90
N SER A 51 14.66 -2.35 4.74
CA SER A 51 14.86 -1.29 3.78
C SER A 51 13.62 -1.06 2.92
N LEU A 52 13.48 0.17 2.46
CA LEU A 52 12.41 0.55 1.54
C LEU A 52 13.04 1.09 0.27
N ASP A 53 14.33 0.79 0.12
CA ASP A 53 15.14 1.36 -0.95
C ASP A 53 15.06 0.52 -2.22
N ASP A 54 14.50 -0.68 -2.09
CA ASP A 54 14.40 -1.58 -3.23
C ASP A 54 13.26 -1.16 -4.15
N GLN A 55 12.89 -2.03 -5.08
CA GLN A 55 11.97 -1.68 -6.15
C GLN A 55 10.67 -2.50 -6.12
N ASN A 56 10.64 -3.55 -5.31
CA ASN A 56 9.49 -4.46 -5.29
C ASN A 56 9.14 -4.81 -3.86
N ILE A 57 8.28 -4.02 -3.25
CA ILE A 57 7.93 -4.21 -1.87
C ILE A 57 6.43 -4.43 -1.71
N SER A 58 6.04 -5.21 -0.72
CA SER A 58 4.64 -5.49 -0.46
C SER A 58 4.13 -4.61 0.69
N ILE A 59 3.09 -3.83 0.42
CA ILE A 59 2.50 -2.98 1.44
C ILE A 59 1.01 -3.32 1.54
N ALA A 60 0.52 -3.51 2.76
CA ALA A 60 -0.88 -3.89 2.95
C ALA A 60 -1.70 -2.70 3.40
N GLY A 61 -2.95 -2.66 2.97
CA GLY A 61 -3.81 -1.53 3.28
C GLY A 61 -5.26 -1.93 3.40
N HIS A 62 -6.10 -1.02 3.85
CA HIS A 62 -7.53 -1.25 3.94
C HIS A 62 -8.28 -0.13 3.23
N THR A 63 -9.32 -0.47 2.48
CA THR A 63 -10.06 0.54 1.75
C THR A 63 -11.28 1.03 2.53
N PHE A 64 -12.40 0.32 2.41
CA PHE A 64 -13.64 0.80 3.00
C PHE A 64 -14.68 -0.30 3.15
N ILE A 65 -15.59 -0.09 4.10
CA ILE A 65 -16.77 -0.90 4.25
C ILE A 65 -17.99 0.02 4.31
N ASP A 66 -18.12 0.72 5.42
CA ASP A 66 -19.17 1.74 5.57
C ASP A 66 -18.55 3.03 6.07
N ARG A 67 -17.24 3.11 5.99
CA ARG A 67 -16.48 4.24 6.52
C ARG A 67 -16.02 5.15 5.39
N PRO A 68 -16.72 6.27 5.17
CA PRO A 68 -16.39 7.23 4.11
C PRO A 68 -15.42 8.32 4.57
N ASN A 69 -15.01 8.22 5.83
CA ASN A 69 -14.05 9.16 6.39
C ASN A 69 -12.68 8.51 6.49
N TYR A 70 -12.47 7.48 5.69
CA TYR A 70 -11.19 6.80 5.62
C TYR A 70 -10.48 7.22 4.34
N GLN A 71 -9.17 7.12 4.33
CA GLN A 71 -8.37 7.59 3.20
C GLN A 71 -8.72 6.85 1.92
N PHE A 72 -8.61 5.53 1.96
CA PHE A 72 -8.77 4.71 0.76
C PHE A 72 -10.23 4.49 0.38
N THR A 73 -11.15 5.18 1.05
CA THR A 73 -12.56 5.06 0.69
C THR A 73 -12.82 5.77 -0.63
N ASN A 74 -12.00 6.76 -0.94
CA ASN A 74 -12.17 7.52 -2.16
C ASN A 74 -11.27 6.95 -3.25
N LEU A 75 -10.60 5.84 -2.96
CA LEU A 75 -9.71 5.19 -3.92
C LEU A 75 -10.50 4.66 -5.11
N LYS A 76 -11.81 4.56 -4.93
CA LYS A 76 -12.71 4.16 -6.01
C LYS A 76 -12.76 5.22 -7.11
N ALA A 77 -12.42 6.45 -6.74
CA ALA A 77 -12.42 7.56 -7.68
C ALA A 77 -11.17 7.54 -8.56
N ALA A 78 -10.20 6.74 -8.14
CA ALA A 78 -8.97 6.59 -8.91
C ALA A 78 -9.16 5.57 -10.01
N LYS A 79 -8.17 5.42 -10.88
CA LYS A 79 -8.26 4.48 -11.98
C LYS A 79 -6.90 3.94 -12.35
N LYS A 80 -6.87 3.11 -13.38
CA LYS A 80 -5.63 2.48 -13.84
C LYS A 80 -4.67 3.52 -14.41
N GLY A 81 -5.19 4.72 -14.60
CA GLY A 81 -4.38 5.82 -15.07
C GLY A 81 -4.37 6.97 -14.09
N SER A 82 -4.01 6.66 -12.86
CA SER A 82 -3.89 7.66 -11.83
C SER A 82 -2.43 7.84 -11.47
N MET A 83 -2.05 9.08 -11.29
CA MET A 83 -0.70 9.44 -10.92
C MET A 83 -0.50 9.27 -9.42
N VAL A 84 0.18 8.20 -9.03
CA VAL A 84 0.43 7.92 -7.63
C VAL A 84 1.80 8.44 -7.23
N TYR A 85 1.82 9.27 -6.21
CA TYR A 85 3.06 9.86 -5.74
C TYR A 85 3.59 9.11 -4.53
N PHE A 86 4.81 8.62 -4.64
CA PHE A 86 5.45 7.92 -3.54
C PHE A 86 6.67 8.70 -3.08
N LYS A 87 6.62 9.17 -1.85
CA LYS A 87 7.63 10.06 -1.32
C LYS A 87 8.44 9.40 -0.23
N VAL A 88 9.74 9.55 -0.29
CA VAL A 88 10.64 9.03 0.73
C VAL A 88 11.78 10.01 1.01
N GLY A 89 11.65 10.75 2.10
CA GLY A 89 12.68 11.71 2.49
C GLY A 89 12.72 12.93 1.58
N ASN A 90 13.41 12.78 0.46
CA ASN A 90 13.53 13.86 -0.51
C ASN A 90 13.07 13.38 -1.88
N GLU A 91 12.92 12.07 -2.03
CA GLU A 91 12.59 11.49 -3.31
C GLU A 91 11.08 11.32 -3.45
N THR A 92 10.55 11.69 -4.60
CA THR A 92 9.14 11.50 -4.90
C THR A 92 8.98 11.05 -6.34
N ARG A 93 8.75 9.77 -6.54
CA ARG A 93 8.64 9.23 -7.89
C ARG A 93 7.18 9.07 -8.29
N LYS A 94 6.94 8.95 -9.58
CA LYS A 94 5.58 8.86 -10.10
C LYS A 94 5.27 7.41 -10.46
N TYR A 95 4.20 6.89 -9.91
CA TYR A 95 3.77 5.54 -10.21
C TYR A 95 2.36 5.56 -10.77
N LYS A 96 2.08 4.67 -11.71
CA LYS A 96 0.75 4.60 -12.28
C LYS A 96 0.04 3.35 -11.80
N MET A 97 -1.27 3.46 -11.62
CA MET A 97 -2.07 2.35 -11.11
C MET A 97 -2.40 1.39 -12.25
N THR A 98 -1.38 1.06 -13.02
CA THR A 98 -1.56 0.36 -14.28
C THR A 98 -1.74 -1.15 -14.09
N SER A 99 -1.88 -1.60 -12.85
CA SER A 99 -2.20 -2.99 -12.58
C SER A 99 -3.09 -3.10 -11.35
N ILE A 100 -4.40 -3.12 -11.59
CA ILE A 100 -5.39 -3.22 -10.52
C ILE A 100 -6.34 -4.38 -10.81
N ARG A 101 -6.66 -5.17 -9.78
CA ARG A 101 -7.62 -6.26 -9.93
C ARG A 101 -8.07 -6.76 -8.57
N ASP A 102 -9.31 -7.21 -8.51
CA ASP A 102 -9.85 -7.78 -7.29
C ASP A 102 -9.60 -9.28 -7.29
N VAL A 103 -8.49 -9.68 -6.68
CA VAL A 103 -8.04 -11.06 -6.72
C VAL A 103 -8.47 -11.80 -5.47
N LYS A 104 -9.68 -12.33 -5.50
CA LYS A 104 -10.21 -13.11 -4.38
C LYS A 104 -9.31 -14.30 -4.08
N PRO A 105 -8.87 -14.44 -2.83
CA PRO A 105 -7.85 -15.43 -2.44
C PRO A 105 -8.40 -16.85 -2.33
N THR A 106 -9.17 -17.27 -3.33
CA THR A 106 -9.62 -18.66 -3.41
C THR A 106 -8.46 -19.52 -3.89
N ASP A 107 -7.44 -18.85 -4.42
CA ASP A 107 -6.19 -19.47 -4.81
C ASP A 107 -5.08 -18.44 -4.65
N VAL A 108 -3.89 -18.86 -4.25
CA VAL A 108 -2.82 -17.93 -3.96
C VAL A 108 -1.64 -18.09 -4.92
N GLU A 109 -1.81 -18.96 -5.92
CA GLU A 109 -0.74 -19.28 -6.85
C GLU A 109 -1.15 -18.92 -8.27
N VAL A 110 -2.09 -17.99 -8.37
CA VAL A 110 -2.60 -17.53 -9.65
C VAL A 110 -1.63 -16.59 -10.36
N LEU A 111 -0.37 -16.57 -9.89
CA LEU A 111 0.66 -15.73 -10.48
C LEU A 111 1.65 -16.58 -11.25
N ASP A 112 2.43 -15.94 -12.12
CA ASP A 112 3.47 -16.61 -12.87
C ASP A 112 4.56 -17.14 -11.94
N GLU A 113 5.19 -18.24 -12.32
CA GLU A 113 6.31 -18.78 -11.57
C GLU A 113 7.46 -17.78 -11.60
N GLN A 114 7.64 -17.18 -12.75
CA GLN A 114 8.63 -16.13 -12.96
C GLN A 114 8.15 -14.81 -12.34
N LYS A 115 9.03 -14.15 -11.60
CA LYS A 115 8.70 -12.85 -11.03
C LYS A 115 9.43 -11.73 -11.77
N GLY A 116 8.74 -11.09 -12.71
CA GLY A 116 9.30 -9.95 -13.40
C GLY A 116 9.38 -8.75 -12.50
N LYS A 117 10.51 -8.06 -12.51
CA LYS A 117 10.73 -6.96 -11.59
C LYS A 117 10.62 -5.60 -12.26
N ASP A 118 10.55 -4.60 -11.40
CA ASP A 118 10.58 -3.19 -11.75
C ASP A 118 10.36 -2.41 -10.46
N LYS A 119 10.05 -1.14 -10.56
CA LYS A 119 9.68 -0.38 -9.40
C LYS A 119 8.17 -0.34 -9.26
N GLN A 120 7.65 -1.25 -8.47
CA GLN A 120 6.21 -1.40 -8.32
C GLN A 120 5.87 -1.78 -6.89
N LEU A 121 5.20 -0.88 -6.20
CA LEU A 121 4.79 -1.14 -4.83
C LEU A 121 3.36 -1.65 -4.84
N THR A 122 3.16 -2.89 -4.44
CA THR A 122 1.83 -3.44 -4.42
C THR A 122 1.15 -3.14 -3.10
N LEU A 123 -0.05 -2.60 -3.18
CA LEU A 123 -0.84 -2.30 -2.01
C LEU A 123 -1.99 -3.27 -1.92
N ILE A 124 -1.88 -4.21 -1.01
CA ILE A 124 -2.94 -5.19 -0.80
C ILE A 124 -4.05 -4.55 0.01
N THR A 125 -4.95 -3.86 -0.68
CA THR A 125 -6.06 -3.22 -0.02
C THR A 125 -7.22 -4.18 0.13
N CYS A 126 -7.20 -4.95 1.21
CA CYS A 126 -8.30 -5.86 1.52
C CYS A 126 -9.55 -5.05 1.80
N ASP A 127 -10.47 -5.08 0.85
CA ASP A 127 -11.69 -4.30 0.92
C ASP A 127 -12.70 -5.03 1.78
N ASP A 128 -13.17 -6.16 1.28
CA ASP A 128 -14.10 -6.99 2.01
C ASP A 128 -13.36 -7.85 3.02
N TYR A 129 -13.79 -7.77 4.27
CA TYR A 129 -13.14 -8.49 5.35
C TYR A 129 -14.14 -8.80 6.46
N ASN A 130 -14.24 -10.08 6.80
CA ASN A 130 -15.07 -10.49 7.92
C ASN A 130 -14.25 -10.44 9.20
N GLU A 131 -14.84 -9.91 10.25
CA GLU A 131 -14.12 -9.58 11.45
C GLU A 131 -14.03 -10.75 12.40
N LYS A 132 -15.13 -11.50 12.50
CA LYS A 132 -15.23 -12.62 13.45
C LYS A 132 -14.25 -13.72 13.07
N THR A 133 -14.43 -14.31 11.90
CA THR A 133 -13.63 -15.46 11.50
C THR A 133 -12.29 -15.04 10.90
N GLY A 134 -12.16 -13.77 10.55
CA GLY A 134 -10.91 -13.26 10.00
C GLY A 134 -10.65 -13.76 8.59
N VAL A 135 -11.57 -13.42 7.69
CA VAL A 135 -11.45 -13.84 6.30
C VAL A 135 -11.76 -12.67 5.37
N TRP A 136 -11.20 -12.69 4.18
CA TRP A 136 -11.38 -11.61 3.21
C TRP A 136 -11.62 -12.18 1.83
N GLU A 137 -12.67 -11.73 1.15
CA GLU A 137 -12.94 -12.16 -0.21
C GLU A 137 -12.37 -11.14 -1.19
N LYS A 138 -12.94 -9.95 -1.18
CA LYS A 138 -12.50 -8.90 -2.08
C LYS A 138 -11.25 -8.21 -1.56
N ARG A 139 -10.10 -8.73 -1.94
CA ARG A 139 -8.85 -8.08 -1.65
C ARG A 139 -8.30 -7.46 -2.93
N LYS A 140 -8.82 -6.29 -3.27
CA LYS A 140 -8.40 -5.60 -4.48
C LYS A 140 -6.92 -5.25 -4.42
N ILE A 141 -6.17 -5.80 -5.35
CA ILE A 141 -4.75 -5.59 -5.41
C ILE A 141 -4.44 -4.36 -6.25
N PHE A 142 -3.68 -3.47 -5.68
CA PHE A 142 -3.26 -2.26 -6.35
C PHE A 142 -1.75 -2.30 -6.56
N VAL A 143 -1.33 -2.47 -7.80
CA VAL A 143 0.07 -2.44 -8.16
C VAL A 143 0.37 -1.20 -8.97
N ALA A 144 1.14 -0.28 -8.39
CA ALA A 144 1.54 0.92 -9.09
C ALA A 144 2.97 0.79 -9.58
N THR A 145 3.11 0.71 -10.89
CA THR A 145 4.43 0.59 -11.50
C THR A 145 4.98 1.98 -11.80
N GLU A 146 6.25 2.19 -11.53
CA GLU A 146 6.88 3.49 -11.73
C GLU A 146 6.81 3.91 -13.18
N VAL A 147 6.24 5.08 -13.40
CA VAL A 147 6.15 5.62 -14.73
C VAL A 147 7.06 6.82 -14.88
N LYS A 148 7.41 7.05 -16.12
CA LYS A 148 8.47 7.98 -16.46
C LYS A 148 7.89 9.24 -17.09
S2 2W7 B . -5.11 -6.65 3.86
C5 2W7 B . -4.62 -7.92 4.97
C6 2W7 B . -5.12 -7.92 6.27
C10 2W7 B . -3.75 -8.93 4.54
C7 2W7 B . -4.76 -8.94 7.15
C8 2W7 B . -3.89 -9.95 6.73
C9 2W7 B . -3.39 -9.95 5.43
C11 2W7 B . -3.22 -8.92 3.25
O2 2W7 B . -2.42 -8.04 2.91
N3 2W7 B . -3.62 -9.92 2.45
C12 2W7 B . -3.02 -11.26 2.52
C13 2W7 B . -2.41 -11.65 1.18
O3 2W7 B . -2.90 -11.26 0.11
N4 2W7 B . -1.33 -12.45 1.27
C14 2W7 B . -0.70 -13.01 0.07
C18 2W7 B . -0.22 -11.89 -0.85
C17 2W7 B . 0.44 -12.50 -2.08
C19 2W7 B . 1.63 -13.32 -1.66
C23 2W7 B . 1.17 -14.45 -0.74
C24 2W7 B . 0.51 -13.85 0.48
C25 2W7 B . 0.17 -15.32 -1.48
C20 2W7 B . -1.02 -14.49 -1.90
C26 2W7 B . -1.68 -13.90 -0.67
C16 2W7 B . -0.56 -13.38 -2.82
H6 2W7 B . -5.79 -7.14 6.60
H7 2W7 B . -5.15 -8.95 8.17
H8 2W7 B . -3.61 -10.74 7.42
H9 2W7 B . -2.72 -10.73 5.10
H3 2W7 B . -4.33 -9.81 1.76
H122 2W7 B . -2.25 -11.28 3.29
H121 2W7 B . -3.79 -11.99 2.78
H4 2W7 B . -0.93 -12.66 2.16
HZ12 2W7 B . 0.50 -11.26 -0.32
HZ11 2W7 B . -1.06 -11.28 -1.16
HY1 2W7 B . 0.76 -11.69 -2.74
HX22 2W7 B . 2.11 -13.74 -2.56
HX21 2W7 B . 2.34 -12.67 -1.14
HY3 2W7 B . 2.03 -15.04 -0.43
HZ21 2W7 B . 1.22 -13.23 1.03
HZ22 2W7 B . 0.17 -14.66 1.14
HX31 2W7 B . 0.66 -15.74 -2.36
HX32 2W7 B . -0.15 -16.14 -0.83
HY2 2W7 B . -1.73 -15.13 -2.43
HZ32 2W7 B . -2.03 -14.69 -0.02
HZ31 2W7 B . -2.55 -13.31 -0.99
HX12 2W7 B . -0.09 -13.81 -3.70
HX11 2W7 B . -1.42 -12.79 -3.13
N MET A 1 13.51 14.78 8.72
CA MET A 1 13.99 13.40 9.01
C MET A 1 15.40 13.42 9.58
N GLN A 2 16.29 14.22 8.99
CA GLN A 2 17.69 14.34 9.44
C GLN A 2 18.42 13.00 9.25
N ALA A 3 17.95 12.23 8.27
CA ALA A 3 18.49 10.91 8.02
C ALA A 3 18.08 10.43 6.63
N LYS A 4 18.61 9.29 6.22
CA LYS A 4 18.30 8.73 4.92
C LYS A 4 16.91 8.08 4.94
N PRO A 5 16.21 8.13 3.80
CA PRO A 5 14.93 7.44 3.64
C PRO A 5 15.09 5.94 3.81
N GLN A 6 14.49 5.41 4.86
CA GLN A 6 14.60 4.00 5.18
C GLN A 6 13.34 3.53 5.91
N ILE A 7 13.09 2.24 5.89
CA ILE A 7 11.96 1.66 6.59
C ILE A 7 12.44 1.04 7.90
N PRO A 8 12.20 1.73 9.03
CA PRO A 8 12.65 1.28 10.34
C PRO A 8 11.69 0.29 10.98
N LYS A 9 12.15 -0.35 12.05
CA LYS A 9 11.32 -1.28 12.79
C LYS A 9 10.34 -0.53 13.69
N ASP A 10 10.59 0.76 13.85
CA ASP A 10 9.68 1.62 14.60
C ASP A 10 8.56 2.10 13.70
N LYS A 11 7.34 1.82 14.13
CA LYS A 11 6.15 2.13 13.36
C LYS A 11 5.57 3.46 13.80
N SER A 12 6.32 4.21 14.59
CA SER A 12 5.90 5.52 15.03
C SER A 12 6.45 6.60 14.10
N LYS A 13 7.26 6.16 13.15
CA LYS A 13 7.86 7.07 12.17
C LYS A 13 7.02 7.09 10.89
N VAL A 14 7.37 7.99 9.98
CA VAL A 14 6.74 8.04 8.67
C VAL A 14 7.80 7.83 7.59
N ALA A 15 7.91 6.60 7.11
CA ALA A 15 8.93 6.26 6.12
C ALA A 15 8.54 6.78 4.74
N GLY A 16 7.24 6.80 4.48
CA GLY A 16 6.76 7.22 3.18
C GLY A 16 5.41 7.89 3.27
N TYR A 17 5.11 8.72 2.28
CA TYR A 17 3.83 9.40 2.22
C TYR A 17 3.14 9.08 0.91
N ILE A 18 1.90 8.65 0.98
CA ILE A 18 1.16 8.27 -0.23
C ILE A 18 0.19 9.38 -0.62
N GLU A 19 0.40 9.93 -1.80
CA GLU A 19 -0.44 11.02 -2.28
C GLU A 19 -0.95 10.74 -3.69
N ILE A 20 -2.26 10.67 -3.80
CA ILE A 20 -2.91 10.53 -5.10
C ILE A 20 -3.88 11.69 -5.29
N PRO A 21 -3.48 12.69 -6.09
CA PRO A 21 -4.24 13.93 -6.26
C PRO A 21 -5.61 13.70 -6.87
N ASP A 22 -5.75 12.62 -7.61
CA ASP A 22 -7.01 12.31 -8.29
C ASP A 22 -7.98 11.63 -7.34
N ALA A 23 -7.53 11.38 -6.11
CA ALA A 23 -8.37 10.73 -5.11
C ALA A 23 -8.29 11.43 -3.77
N ASP A 24 -7.69 12.62 -3.75
CA ASP A 24 -7.57 13.43 -2.52
C ASP A 24 -6.79 12.69 -1.43
N ILE A 25 -6.01 11.70 -1.84
CA ILE A 25 -5.27 10.87 -0.91
C ILE A 25 -3.93 11.51 -0.57
N LYS A 26 -3.72 11.81 0.70
CA LYS A 26 -2.45 12.34 1.18
C LYS A 26 -2.16 11.79 2.57
N GLU A 27 -1.91 10.50 2.66
CA GLU A 27 -1.77 9.82 3.95
C GLU A 27 -0.35 9.33 4.17
N PRO A 28 0.12 9.35 5.43
CA PRO A 28 1.39 8.74 5.81
C PRO A 28 1.34 7.21 5.78
N VAL A 29 2.46 6.58 5.49
CA VAL A 29 2.53 5.14 5.49
C VAL A 29 3.36 4.69 6.68
N TYR A 30 2.82 3.75 7.44
CA TYR A 30 3.46 3.32 8.66
C TYR A 30 4.45 2.20 8.40
N PRO A 31 5.75 2.49 8.56
CA PRO A 31 6.82 1.51 8.35
C PRO A 31 6.81 0.39 9.40
N GLY A 32 7.32 -0.77 9.00
CA GLY A 32 7.44 -1.88 9.91
C GLY A 32 6.62 -3.07 9.46
N PRO A 33 6.68 -4.19 10.20
CA PRO A 33 5.92 -5.40 9.89
C PRO A 33 4.45 -5.21 10.20
N ALA A 34 3.61 -5.67 9.28
CA ALA A 34 2.16 -5.57 9.43
C ALA A 34 1.68 -6.12 10.76
N THR A 35 1.14 -5.25 11.59
CA THR A 35 0.65 -5.64 12.90
C THR A 35 -0.78 -5.13 13.10
N PRO A 36 -1.58 -5.84 13.91
CA PRO A 36 -3.01 -5.53 14.11
C PRO A 36 -3.27 -4.09 14.50
N GLU A 37 -2.50 -3.57 15.45
CA GLU A 37 -2.73 -2.24 15.99
C GLU A 37 -2.20 -1.16 15.05
N GLN A 38 -1.48 -1.60 14.02
CA GLN A 38 -0.92 -0.70 13.03
C GLN A 38 -1.78 -0.74 11.76
N LEU A 39 -2.20 -1.93 11.39
CA LEU A 39 -3.09 -2.12 10.24
C LEU A 39 -4.46 -1.52 10.52
N ASN A 40 -4.89 -1.56 11.77
CA ASN A 40 -6.20 -1.02 12.14
C ASN A 40 -6.11 0.48 12.33
N ARG A 41 -4.88 0.99 12.39
CA ARG A 41 -4.63 2.40 12.53
C ARG A 41 -4.56 3.07 11.15
N GLY A 42 -3.94 2.38 10.20
CA GLY A 42 -3.84 2.89 8.86
C GLY A 42 -3.30 1.85 7.88
N VAL A 43 -2.25 2.21 7.16
CA VAL A 43 -1.63 1.30 6.19
C VAL A 43 -0.15 1.10 6.53
N SER A 44 0.31 -0.13 6.44
CA SER A 44 1.69 -0.45 6.75
C SER A 44 2.30 -1.38 5.70
N PHE A 45 3.58 -1.64 5.83
CA PHE A 45 4.27 -2.56 4.93
C PHE A 45 4.07 -4.00 5.40
N ALA A 46 4.38 -4.94 4.52
CA ALA A 46 4.29 -6.35 4.86
C ALA A 46 5.48 -6.76 5.72
N GLU A 47 6.67 -6.58 5.19
CA GLU A 47 7.88 -6.89 5.93
C GLU A 47 8.71 -5.64 6.17
N GLU A 48 9.81 -5.81 6.87
CA GLU A 48 10.70 -4.72 7.21
C GLU A 48 12.05 -4.96 6.52
N ASN A 49 12.06 -5.88 5.57
CA ASN A 49 13.31 -6.36 4.99
C ASN A 49 13.65 -5.62 3.71
N GLU A 50 12.64 -5.28 2.94
CA GLU A 50 12.84 -4.58 1.68
C GLU A 50 13.04 -3.08 1.89
N SER A 51 13.93 -2.50 1.11
CA SER A 51 14.16 -1.07 1.16
C SER A 51 13.18 -0.34 0.25
N LEU A 52 12.88 0.90 0.59
CA LEU A 52 11.97 1.72 -0.22
C LEU A 52 12.67 2.25 -1.48
N ASP A 53 13.87 1.73 -1.72
CA ASP A 53 14.63 2.04 -2.93
C ASP A 53 14.89 0.76 -3.71
N ASP A 54 14.43 -0.36 -3.16
CA ASP A 54 14.69 -1.67 -3.75
C ASP A 54 13.66 -1.97 -4.83
N GLN A 55 13.69 -3.17 -5.36
CA GLN A 55 12.86 -3.53 -6.50
C GLN A 55 11.65 -4.36 -6.05
N ASN A 56 11.06 -3.97 -4.94
CA ASN A 56 9.80 -4.54 -4.49
C ASN A 56 9.28 -3.76 -3.29
N ILE A 57 8.04 -3.31 -3.39
CA ILE A 57 7.41 -2.55 -2.33
C ILE A 57 6.19 -3.29 -1.82
N SER A 58 6.31 -3.91 -0.65
CA SER A 58 5.23 -4.70 -0.09
C SER A 58 4.42 -3.90 0.93
N ILE A 59 3.28 -3.37 0.50
CA ILE A 59 2.42 -2.60 1.40
C ILE A 59 1.04 -3.25 1.47
N ALA A 60 0.38 -3.15 2.61
CA ALA A 60 -0.94 -3.74 2.79
C ALA A 60 -1.83 -2.82 3.63
N GLY A 61 -3.10 -2.72 3.25
CA GLY A 61 -4.00 -1.85 3.96
C GLY A 61 -5.46 -2.16 3.71
N HIS A 62 -6.16 -2.57 4.77
CA HIS A 62 -7.58 -2.88 4.67
C HIS A 62 -8.41 -1.60 4.79
N THR A 63 -9.21 -1.30 3.79
CA THR A 63 -10.03 -0.11 3.83
C THR A 63 -11.49 -0.47 4.07
N PHE A 64 -12.06 0.01 5.16
CA PHE A 64 -13.44 -0.30 5.49
C PHE A 64 -14.34 0.91 5.31
N ILE A 65 -15.53 0.65 4.75
CA ILE A 65 -16.50 1.66 4.35
C ILE A 65 -16.78 2.70 5.44
N ASP A 66 -16.76 2.26 6.70
CA ASP A 66 -17.07 3.12 7.83
C ASP A 66 -16.20 4.38 7.86
N ARG A 67 -14.99 4.29 7.31
CA ARG A 67 -14.09 5.43 7.31
C ARG A 67 -13.84 5.94 5.90
N PRO A 68 -14.50 7.04 5.51
CA PRO A 68 -14.29 7.68 4.21
C PRO A 68 -12.97 8.44 4.18
N ASN A 69 -12.37 8.58 5.35
CA ASN A 69 -11.15 9.33 5.49
C ASN A 69 -9.97 8.39 5.70
N TYR A 70 -10.15 7.15 5.27
CA TYR A 70 -9.10 6.15 5.35
C TYR A 70 -8.19 6.34 4.15
N GLN A 71 -6.99 5.77 4.22
CA GLN A 71 -5.95 6.00 3.22
C GLN A 71 -6.43 5.77 1.79
N PHE A 72 -7.25 4.74 1.56
CA PHE A 72 -7.58 4.34 0.20
C PHE A 72 -9.08 4.20 -0.03
N THR A 73 -9.89 4.90 0.75
CA THR A 73 -11.34 4.80 0.60
C THR A 73 -11.81 5.41 -0.72
N ASN A 74 -11.04 6.37 -1.22
CA ASN A 74 -11.44 7.08 -2.43
C ASN A 74 -10.70 6.55 -3.65
N LEU A 75 -10.20 5.32 -3.56
CA LEU A 75 -9.49 4.71 -4.69
C LEU A 75 -10.40 4.47 -5.89
N LYS A 76 -11.70 4.62 -5.68
CA LYS A 76 -12.66 4.44 -6.78
C LYS A 76 -12.58 5.59 -7.77
N ALA A 77 -12.09 6.73 -7.29
CA ALA A 77 -11.94 7.92 -8.11
C ALA A 77 -10.67 7.85 -8.94
N ALA A 78 -9.75 6.98 -8.53
CA ALA A 78 -8.46 6.85 -9.19
C ALA A 78 -8.52 5.78 -10.28
N LYS A 79 -7.73 5.94 -11.33
CA LYS A 79 -7.72 5.01 -12.45
C LYS A 79 -6.31 4.56 -12.77
N LYS A 80 -6.19 3.69 -13.78
CA LYS A 80 -4.92 3.02 -14.09
C LYS A 80 -3.85 3.99 -14.58
N GLY A 81 -4.22 5.24 -14.78
CA GLY A 81 -3.27 6.23 -15.22
C GLY A 81 -3.18 7.41 -14.27
N SER A 82 -3.55 7.16 -13.01
CA SER A 82 -3.45 8.16 -11.98
C SER A 82 -2.06 8.09 -11.35
N MET A 83 -1.44 9.24 -11.26
CA MET A 83 -0.10 9.34 -10.68
C MET A 83 -0.11 9.09 -9.19
N VAL A 84 0.51 8.00 -8.82
CA VAL A 84 0.68 7.64 -7.42
C VAL A 84 1.98 8.24 -6.90
N TYR A 85 1.86 9.27 -6.08
CA TYR A 85 3.04 9.93 -5.53
C TYR A 85 3.41 9.32 -4.20
N PHE A 86 4.48 8.57 -4.19
CA PHE A 86 4.97 7.97 -2.97
C PHE A 86 6.25 8.65 -2.52
N LYS A 87 6.13 9.53 -1.56
CA LYS A 87 7.26 10.30 -1.07
C LYS A 87 7.99 9.52 0.00
N VAL A 88 9.27 9.34 -0.20
CA VAL A 88 10.10 8.66 0.78
C VAL A 88 11.00 9.67 1.47
N GLY A 89 10.53 10.20 2.59
CA GLY A 89 11.22 11.29 3.25
C GLY A 89 10.88 12.62 2.60
N ASN A 90 11.65 12.99 1.58
CA ASN A 90 11.41 14.23 0.86
C ASN A 90 11.33 13.98 -0.64
N GLU A 91 11.84 12.84 -1.07
CA GLU A 91 11.87 12.50 -2.49
C GLU A 91 10.54 11.89 -2.92
N THR A 92 10.11 12.21 -4.12
CA THR A 92 8.82 11.77 -4.61
C THR A 92 8.97 10.71 -5.70
N ARG A 93 8.56 9.48 -5.39
CA ARG A 93 8.53 8.41 -6.37
C ARG A 93 7.20 8.41 -7.09
N LYS A 94 7.22 8.36 -8.41
CA LYS A 94 5.99 8.35 -9.19
C LYS A 94 5.66 6.93 -9.64
N TYR A 95 4.48 6.48 -9.33
CA TYR A 95 4.02 5.18 -9.77
C TYR A 95 2.73 5.32 -10.56
N LYS A 96 2.57 4.51 -11.57
CA LYS A 96 1.34 4.49 -12.35
C LYS A 96 0.52 3.29 -11.90
N MET A 97 -0.79 3.48 -11.78
CA MET A 97 -1.66 2.40 -11.31
C MET A 97 -1.92 1.38 -12.43
N THR A 98 -0.84 0.79 -12.91
CA THR A 98 -0.90 -0.09 -14.07
C THR A 98 -1.82 -1.29 -13.84
N SER A 99 -1.72 -1.91 -12.67
CA SER A 99 -2.46 -3.12 -12.39
C SER A 99 -3.51 -2.89 -11.32
N ILE A 100 -4.74 -2.69 -11.74
CA ILE A 100 -5.87 -2.61 -10.81
C ILE A 100 -6.90 -3.66 -11.19
N ARG A 101 -6.98 -4.72 -10.40
CA ARG A 101 -7.89 -5.81 -10.70
C ARG A 101 -8.36 -6.48 -9.42
N ASP A 102 -9.56 -7.02 -9.47
CA ASP A 102 -10.14 -7.71 -8.32
C ASP A 102 -9.82 -9.20 -8.42
N VAL A 103 -9.27 -9.76 -7.35
CA VAL A 103 -8.89 -11.16 -7.35
C VAL A 103 -9.78 -11.95 -6.37
N LYS A 104 -10.04 -13.21 -6.69
CA LYS A 104 -10.89 -14.06 -5.87
C LYS A 104 -10.36 -14.16 -4.44
N PRO A 105 -11.20 -13.80 -3.47
CA PRO A 105 -10.84 -13.86 -2.06
C PRO A 105 -11.07 -15.23 -1.45
N THR A 106 -11.72 -16.10 -2.22
CA THR A 106 -12.09 -17.42 -1.75
C THR A 106 -11.02 -18.45 -2.13
N ASP A 107 -10.16 -18.08 -3.06
CA ASP A 107 -9.21 -19.03 -3.62
C ASP A 107 -7.82 -18.43 -3.71
N VAL A 108 -6.88 -19.08 -3.05
CA VAL A 108 -5.47 -18.77 -3.22
C VAL A 108 -4.86 -19.76 -4.19
N GLU A 109 -5.71 -20.64 -4.69
CA GLU A 109 -5.32 -21.69 -5.63
C GLU A 109 -5.11 -21.09 -7.02
N VAL A 110 -5.71 -19.93 -7.24
CA VAL A 110 -5.70 -19.29 -8.55
C VAL A 110 -4.47 -18.42 -8.76
N LEU A 111 -3.54 -18.49 -7.80
CA LEU A 111 -2.33 -17.69 -7.87
C LEU A 111 -1.33 -18.28 -8.84
N ASP A 112 -1.08 -17.57 -9.92
CA ASP A 112 -0.07 -17.95 -10.90
C ASP A 112 1.24 -17.26 -10.54
N GLU A 113 2.30 -18.04 -10.55
CA GLU A 113 3.58 -17.59 -10.03
C GLU A 113 4.59 -17.35 -11.13
N GLN A 114 5.15 -16.14 -11.14
CA GLN A 114 6.19 -15.79 -12.10
C GLN A 114 7.46 -15.39 -11.37
N LYS A 115 8.58 -15.84 -11.90
CA LYS A 115 9.88 -15.48 -11.33
C LYS A 115 10.32 -14.11 -11.85
N GLY A 116 9.44 -13.13 -11.72
CA GLY A 116 9.72 -11.81 -12.22
C GLY A 116 9.54 -10.74 -11.15
N LYS A 117 10.36 -9.72 -11.20
CA LYS A 117 10.31 -8.62 -10.26
C LYS A 117 10.39 -7.29 -11.00
N ASP A 118 10.11 -6.22 -10.27
CA ASP A 118 10.27 -4.86 -10.79
C ASP A 118 9.98 -3.90 -9.67
N LYS A 119 10.04 -2.61 -9.95
CA LYS A 119 9.81 -1.62 -8.94
C LYS A 119 8.32 -1.37 -8.84
N GLN A 120 7.66 -2.17 -8.01
CA GLN A 120 6.21 -2.13 -7.92
C GLN A 120 5.74 -2.42 -6.50
N LEU A 121 4.64 -1.77 -6.12
CA LEU A 121 4.02 -2.01 -4.84
C LEU A 121 2.76 -2.84 -5.01
N THR A 122 2.78 -4.04 -4.46
CA THR A 122 1.66 -4.96 -4.55
C THR A 122 0.68 -4.71 -3.40
N LEU A 123 0.17 -3.49 -3.36
CA LEU A 123 -0.77 -3.06 -2.32
C LEU A 123 -1.98 -3.97 -2.23
N ILE A 124 -2.09 -4.67 -1.10
CA ILE A 124 -3.25 -5.49 -0.82
C ILE A 124 -4.30 -4.65 -0.10
N THR A 125 -5.25 -4.16 -0.86
CA THR A 125 -6.31 -3.32 -0.31
C THR A 125 -7.66 -4.04 -0.34
N CYS A 126 -8.12 -4.45 0.83
CA CYS A 126 -9.42 -5.12 0.93
C CYS A 126 -10.55 -4.09 0.89
N ASP A 127 -11.62 -4.45 0.20
CA ASP A 127 -12.77 -3.55 0.01
C ASP A 127 -13.78 -3.71 1.14
N ASP A 128 -14.10 -4.97 1.46
CA ASP A 128 -15.17 -5.28 2.39
C ASP A 128 -14.68 -5.32 3.82
N TYR A 129 -15.64 -5.38 4.74
CA TYR A 129 -15.35 -5.58 6.14
C TYR A 129 -16.57 -6.18 6.84
N ASN A 130 -16.36 -7.28 7.54
CA ASN A 130 -17.41 -7.85 8.37
C ASN A 130 -17.26 -7.32 9.78
N GLU A 131 -18.20 -6.47 10.16
CA GLU A 131 -18.14 -5.72 11.41
C GLU A 131 -18.05 -6.61 12.65
N LYS A 132 -18.60 -7.83 12.55
CA LYS A 132 -18.66 -8.72 13.69
C LYS A 132 -17.28 -9.30 14.03
N THR A 133 -16.87 -10.32 13.29
CA THR A 133 -15.69 -11.09 13.64
C THR A 133 -14.45 -10.63 12.88
N GLY A 134 -14.60 -9.64 12.00
CA GLY A 134 -13.46 -9.09 11.29
C GLY A 134 -13.09 -9.91 10.06
N VAL A 135 -13.87 -9.76 9.02
CA VAL A 135 -13.57 -10.40 7.73
C VAL A 135 -13.42 -9.35 6.65
N TRP A 136 -12.47 -9.55 5.77
CA TRP A 136 -12.32 -8.69 4.61
C TRP A 136 -12.52 -9.52 3.35
N GLU A 137 -13.68 -9.39 2.72
CA GLU A 137 -14.03 -10.23 1.59
C GLU A 137 -13.20 -9.86 0.36
N LYS A 138 -13.67 -8.89 -0.43
CA LYS A 138 -12.97 -8.51 -1.63
C LYS A 138 -11.60 -7.94 -1.30
N ARG A 139 -10.58 -8.44 -2.00
CA ARG A 139 -9.26 -7.84 -1.96
C ARG A 139 -8.89 -7.38 -3.35
N LYS A 140 -9.08 -6.10 -3.62
CA LYS A 140 -8.68 -5.53 -4.89
C LYS A 140 -7.18 -5.31 -4.91
N ILE A 141 -6.53 -5.81 -5.92
CA ILE A 141 -5.10 -5.66 -6.04
C ILE A 141 -4.77 -4.40 -6.80
N PHE A 142 -3.87 -3.64 -6.23
CA PHE A 142 -3.40 -2.41 -6.82
C PHE A 142 -1.88 -2.41 -6.83
N VAL A 143 -1.32 -2.75 -7.98
CA VAL A 143 0.11 -2.78 -8.15
C VAL A 143 0.55 -1.58 -8.98
N ALA A 144 1.12 -0.60 -8.32
CA ALA A 144 1.63 0.58 -9.00
C ALA A 144 3.09 0.37 -9.38
N THR A 145 3.42 0.69 -10.62
CA THR A 145 4.77 0.49 -11.11
C THR A 145 5.52 1.82 -11.19
N GLU A 146 6.79 1.81 -10.79
CA GLU A 146 7.60 3.01 -10.78
C GLU A 146 7.82 3.51 -12.21
N VAL A 147 7.26 4.67 -12.49
CA VAL A 147 7.29 5.22 -13.82
C VAL A 147 8.06 6.53 -13.89
N LYS A 148 8.58 6.77 -15.07
CA LYS A 148 9.38 7.95 -15.36
C LYS A 148 8.57 8.93 -16.19
S2 2W7 B . -7.36 -7.93 3.13
C5 2W7 B . -5.66 -7.92 3.54
C6 2W7 B . -5.08 -6.76 4.06
C10 2W7 B . -4.89 -9.09 3.41
C7 2W7 B . -3.75 -6.76 4.45
C8 2W7 B . -2.99 -7.92 4.32
C9 2W7 B . -3.55 -9.07 3.80
C11 2W7 B . -5.44 -10.25 2.85
O2 2W7 B . -6.05 -10.25 1.78
N3 2W7 B . -5.21 -11.36 3.57
C12 2W7 B . -4.45 -12.48 3.00
C13 2W7 B . -5.09 -12.90 1.68
O3 2W7 B . -6.00 -13.74 1.65
N4 2W7 B . -4.58 -12.29 0.60
C14 2W7 B . -4.98 -12.70 -0.76
C18 2W7 B . -4.34 -11.76 -1.76
C17 2W7 B . -4.73 -12.15 -3.17
C19 2W7 B . -4.26 -13.58 -3.45
C23 2W7 B . -4.90 -14.52 -2.45
C24 2W7 B . -4.51 -14.12 -1.03
C25 2W7 B . -6.41 -14.46 -2.58
C20 2W7 B . -6.89 -13.04 -2.32
C26 2W7 B . -6.49 -12.63 -0.91
C16 2W7 B . -6.24 -12.09 -3.31
H6 2W7 B . -5.67 -5.85 4.17
H7 2W7 B . -3.29 -5.86 4.86
H8 2W7 B . -1.94 -7.92 4.64
H9 2W7 B . -2.95 -9.98 3.69
H3 2W7 B . -5.54 -11.49 4.50
H122 2W7 B . -3.42 -12.17 2.83
H121 2W7 B . -4.46 -13.32 3.70
H4 2W7 B . -3.93 -11.54 0.69
HZ12 2W7 B . -3.25 -11.80 -1.67
HZ11 2W7 B . -4.67 -10.73 -1.57
HY1 2W7 B . -4.28 -11.47 -3.88
HX22 2W7 B . -4.55 -13.84 -4.47
HX21 2W7 B . -3.17 -13.60 -3.36
HY3 2W7 B . -4.56 -15.54 -2.64
HZ21 2W7 B . -3.43 -14.18 -0.92
HZ22 2W7 B . -4.97 -14.80 -0.32
HX31 2W7 B . -6.68 -14.75 -3.60
HX32 2W7 B . -6.88 -15.15 -1.88
HY2 2W7 B . -7.97 -12.99 -2.42
HZ32 2W7 B . -6.96 -13.30 -0.19
HZ31 2W7 B . -6.83 -11.62 -0.72
HX12 2W7 B . -6.55 -12.38 -4.31
HX11 2W7 B . -6.59 -11.07 -3.12
N MET A 1 12.63 13.82 7.32
CA MET A 1 12.56 14.95 6.38
C MET A 1 13.96 15.36 5.91
N GLN A 2 14.81 15.77 6.85
CA GLN A 2 16.17 16.17 6.52
C GLN A 2 17.09 14.95 6.52
N ALA A 3 16.71 13.93 5.79
CA ALA A 3 17.47 12.70 5.76
C ALA A 3 16.95 11.79 4.65
N LYS A 4 17.81 10.90 4.18
CA LYS A 4 17.43 9.96 3.14
C LYS A 4 16.40 8.96 3.65
N PRO A 5 15.50 8.53 2.76
CA PRO A 5 14.45 7.57 3.11
C PRO A 5 15.01 6.22 3.55
N GLN A 6 14.70 5.83 4.76
CA GLN A 6 15.13 4.55 5.30
C GLN A 6 14.00 3.98 6.14
N ILE A 7 14.01 2.67 6.36
CA ILE A 7 12.96 2.03 7.13
C ILE A 7 13.44 1.71 8.53
N PRO A 8 12.91 2.41 9.54
CA PRO A 8 13.21 2.12 10.95
C PRO A 8 12.36 0.96 11.46
N LYS A 9 12.49 0.65 12.74
CA LYS A 9 11.69 -0.38 13.34
C LYS A 9 10.42 0.22 13.94
N ASP A 10 10.46 1.52 14.16
CA ASP A 10 9.32 2.25 14.68
C ASP A 10 8.48 2.80 13.54
N LYS A 11 7.27 3.22 13.85
CA LYS A 11 6.37 3.75 12.86
C LYS A 11 6.04 5.22 13.15
N SER A 12 6.84 5.84 14.00
CA SER A 12 6.64 7.24 14.32
C SER A 12 7.43 8.11 13.34
N LYS A 13 8.51 7.55 12.82
CA LYS A 13 9.30 8.23 11.80
C LYS A 13 8.68 7.99 10.43
N VAL A 14 8.17 9.06 9.82
CA VAL A 14 7.53 8.94 8.51
C VAL A 14 8.58 8.67 7.43
N ALA A 15 8.73 7.40 7.09
CA ALA A 15 9.67 7.00 6.05
C ALA A 15 9.08 7.24 4.66
N GLY A 16 7.77 7.14 4.57
CA GLY A 16 7.10 7.31 3.31
C GLY A 16 5.73 7.94 3.46
N TYR A 17 5.24 8.54 2.40
CA TYR A 17 3.93 9.18 2.40
C TYR A 17 3.21 8.85 1.10
N ILE A 18 2.02 8.30 1.20
CA ILE A 18 1.26 7.94 0.01
C ILE A 18 0.30 9.06 -0.37
N GLU A 19 0.46 9.57 -1.58
CA GLU A 19 -0.33 10.70 -2.04
C GLU A 19 -0.97 10.40 -3.39
N ILE A 20 -2.28 10.17 -3.37
CA ILE A 20 -3.05 9.94 -4.57
C ILE A 20 -4.14 11.01 -4.68
N PRO A 21 -3.88 12.06 -5.48
CA PRO A 21 -4.81 13.19 -5.63
C PRO A 21 -6.17 12.77 -6.16
N ASP A 22 -6.17 11.75 -7.02
CA ASP A 22 -7.40 11.24 -7.62
C ASP A 22 -8.34 10.65 -6.58
N ALA A 23 -7.80 10.30 -5.42
CA ALA A 23 -8.59 9.61 -4.40
C ALA A 23 -8.50 10.30 -3.03
N ASP A 24 -8.02 11.55 -3.02
CA ASP A 24 -7.92 12.33 -1.78
C ASP A 24 -6.99 11.65 -0.77
N ILE A 25 -6.08 10.81 -1.25
CA ILE A 25 -5.27 10.00 -0.36
C ILE A 25 -3.94 10.67 -0.07
N LYS A 26 -3.76 11.09 1.18
CA LYS A 26 -2.48 11.57 1.64
C LYS A 26 -2.23 11.10 3.07
N GLU A 27 -1.68 9.90 3.17
CA GLU A 27 -1.47 9.26 4.46
C GLU A 27 0.00 8.90 4.64
N PRO A 28 0.53 9.07 5.87
CA PRO A 28 1.88 8.62 6.20
C PRO A 28 1.97 7.10 6.25
N VAL A 29 3.11 6.57 5.86
CA VAL A 29 3.31 5.14 5.89
C VAL A 29 4.09 4.77 7.12
N TYR A 30 3.56 3.85 7.87
CA TYR A 30 4.13 3.44 9.14
C TYR A 30 5.01 2.22 8.96
N PRO A 31 6.33 2.43 9.02
CA PRO A 31 7.31 1.34 8.90
C PRO A 31 7.26 0.40 10.09
N GLY A 32 7.47 -0.88 9.83
CA GLY A 32 7.52 -1.85 10.89
C GLY A 32 6.85 -3.16 10.50
N PRO A 33 6.02 -3.72 11.39
CA PRO A 33 5.36 -4.99 11.17
C PRO A 33 3.95 -4.83 10.61
N ALA A 34 3.48 -5.86 9.93
CA ALA A 34 2.12 -5.87 9.41
C ALA A 34 1.16 -6.45 10.44
N THR A 35 0.08 -5.73 10.72
CA THR A 35 -0.90 -6.17 11.69
C THR A 35 -2.23 -5.46 11.46
N PRO A 36 -3.35 -6.20 11.58
CA PRO A 36 -4.69 -5.66 11.35
C PRO A 36 -4.99 -4.43 12.22
N GLU A 37 -4.42 -4.39 13.42
CA GLU A 37 -4.65 -3.30 14.34
C GLU A 37 -4.04 -2.00 13.82
N GLN A 38 -2.90 -2.11 13.17
CA GLN A 38 -2.18 -0.94 12.68
C GLN A 38 -2.71 -0.53 11.31
N LEU A 39 -3.09 -1.51 10.52
CA LEU A 39 -3.62 -1.26 9.17
C LEU A 39 -5.04 -0.68 9.24
N ASN A 40 -5.66 -0.81 10.40
CA ASN A 40 -7.04 -0.33 10.60
C ASN A 40 -7.05 1.16 10.90
N ARG A 41 -5.88 1.78 10.86
CA ARG A 41 -5.76 3.19 11.16
C ARG A 41 -4.83 3.88 10.17
N GLY A 42 -3.70 3.25 9.87
CA GLY A 42 -2.74 3.85 8.96
C GLY A 42 -2.15 2.83 8.02
N VAL A 43 -1.42 3.31 7.02
CA VAL A 43 -0.80 2.43 6.04
C VAL A 43 0.55 1.94 6.57
N SER A 44 0.85 0.68 6.33
CA SER A 44 2.11 0.10 6.80
C SER A 44 2.69 -0.81 5.73
N PHE A 45 3.90 -1.31 5.97
CA PHE A 45 4.52 -2.23 5.03
C PHE A 45 4.12 -3.66 5.34
N ALA A 46 3.97 -4.47 4.30
CA ALA A 46 3.54 -5.85 4.47
C ALA A 46 4.73 -6.75 4.79
N GLU A 47 5.48 -7.12 3.77
CA GLU A 47 6.66 -7.94 3.95
C GLU A 47 7.60 -7.83 2.77
N GLU A 48 8.33 -6.74 2.72
CA GLU A 48 9.47 -6.62 1.84
C GLU A 48 10.67 -7.19 2.58
N ASN A 49 10.48 -7.31 3.91
CA ASN A 49 11.50 -7.79 4.83
C ASN A 49 12.87 -7.18 4.57
N GLU A 50 12.89 -5.90 4.16
CA GLU A 50 14.13 -5.27 3.73
C GLU A 50 14.04 -3.75 3.86
N SER A 51 14.76 -3.06 2.99
CA SER A 51 14.71 -1.62 2.91
C SER A 51 13.87 -1.18 1.72
N LEU A 52 13.40 0.06 1.76
CA LEU A 52 12.56 0.60 0.70
C LEU A 52 13.33 0.83 -0.59
N ASP A 53 14.61 0.48 -0.58
CA ASP A 53 15.45 0.64 -1.76
C ASP A 53 15.42 -0.63 -2.61
N ASP A 54 14.76 -1.66 -2.07
CA ASP A 54 14.62 -2.93 -2.79
C ASP A 54 13.63 -2.77 -3.94
N GLN A 55 13.60 -3.73 -4.84
CA GLN A 55 12.79 -3.61 -6.07
C GLN A 55 11.36 -4.07 -5.82
N ASN A 56 11.17 -5.09 -4.98
CA ASN A 56 9.83 -5.61 -4.73
C ASN A 56 9.22 -5.00 -3.46
N ILE A 57 8.60 -3.85 -3.64
CA ILE A 57 7.95 -3.16 -2.53
C ILE A 57 6.56 -3.72 -2.29
N SER A 58 6.24 -4.01 -1.04
CA SER A 58 4.91 -4.47 -0.67
C SER A 58 4.36 -3.66 0.50
N ILE A 59 3.38 -2.82 0.21
CA ILE A 59 2.77 -1.98 1.22
C ILE A 59 1.37 -2.51 1.53
N ALA A 60 0.94 -2.44 2.78
CA ALA A 60 -0.31 -3.06 3.17
C ALA A 60 -1.29 -2.02 3.75
N GLY A 61 -2.57 -2.29 3.55
CA GLY A 61 -3.61 -1.45 4.09
C GLY A 61 -4.94 -2.16 4.03
N HIS A 62 -6.04 -1.42 4.22
CA HIS A 62 -7.35 -2.03 4.16
C HIS A 62 -8.36 -1.06 3.55
N THR A 63 -9.22 -1.57 2.69
CA THR A 63 -10.27 -0.78 2.08
C THR A 63 -11.53 -0.82 2.95
N PHE A 64 -12.13 0.34 3.21
CA PHE A 64 -13.29 0.40 4.08
C PHE A 64 -14.40 1.21 3.45
N ILE A 65 -15.55 0.59 3.28
CA ILE A 65 -16.72 1.26 2.71
C ILE A 65 -17.55 1.93 3.81
N ASP A 66 -17.52 1.35 5.00
CA ASP A 66 -18.31 1.83 6.13
C ASP A 66 -17.81 3.19 6.62
N ARG A 67 -16.51 3.35 6.69
CA ARG A 67 -15.91 4.60 7.16
C ARG A 67 -15.33 5.39 5.99
N PRO A 68 -16.01 6.46 5.55
CA PRO A 68 -15.53 7.29 4.42
C PRO A 68 -14.22 8.02 4.75
N ASN A 69 -14.07 8.45 6.00
CA ASN A 69 -12.83 9.10 6.43
C ASN A 69 -11.81 8.06 6.90
N TYR A 70 -11.58 7.08 6.04
CA TYR A 70 -10.61 6.03 6.32
C TYR A 70 -9.35 6.28 5.49
N GLN A 71 -8.47 5.30 5.42
CA GLN A 71 -7.22 5.45 4.68
C GLN A 71 -7.43 5.21 3.18
N PHE A 72 -8.27 4.24 2.85
CA PHE A 72 -8.58 3.91 1.46
C PHE A 72 -10.08 3.83 1.25
N THR A 73 -10.66 4.90 0.74
CA THR A 73 -12.09 4.95 0.50
C THR A 73 -12.41 5.46 -0.90
N ASN A 74 -11.79 6.58 -1.27
CA ASN A 74 -12.03 7.19 -2.57
C ASN A 74 -11.15 6.54 -3.65
N LEU A 75 -10.61 5.37 -3.34
CA LEU A 75 -9.72 4.67 -4.28
C LEU A 75 -10.49 4.22 -5.52
N LYS A 76 -11.82 4.26 -5.44
CA LYS A 76 -12.67 3.95 -6.58
C LYS A 76 -12.55 5.04 -7.64
N ALA A 77 -12.15 6.24 -7.21
CA ALA A 77 -11.95 7.36 -8.11
C ALA A 77 -10.54 7.35 -8.69
N ALA A 78 -9.82 6.27 -8.45
CA ALA A 78 -8.48 6.11 -8.99
C ALA A 78 -8.51 5.16 -10.18
N LYS A 79 -7.91 5.61 -11.27
CA LYS A 79 -7.99 4.91 -12.53
C LYS A 79 -6.63 4.35 -12.93
N LYS A 80 -6.57 3.71 -14.10
CA LYS A 80 -5.35 3.04 -14.57
C LYS A 80 -4.23 4.04 -14.87
N GLY A 81 -4.56 5.32 -14.81
CA GLY A 81 -3.56 6.34 -15.06
C GLY A 81 -3.56 7.40 -14.00
N SER A 82 -4.11 7.09 -12.84
CA SER A 82 -4.07 8.00 -11.72
C SER A 82 -2.67 8.01 -11.15
N MET A 83 -2.05 9.16 -11.26
CA MET A 83 -0.67 9.33 -10.84
C MET A 83 -0.54 9.14 -9.34
N VAL A 84 0.15 8.08 -8.95
CA VAL A 84 0.33 7.76 -7.55
C VAL A 84 1.69 8.27 -7.10
N TYR A 85 1.69 9.09 -6.07
CA TYR A 85 2.92 9.67 -5.57
C TYR A 85 3.31 9.02 -4.26
N PHE A 86 4.53 8.53 -4.20
CA PHE A 86 5.05 7.96 -2.99
C PHE A 86 6.23 8.79 -2.50
N LYS A 87 5.97 9.57 -1.47
CA LYS A 87 6.99 10.42 -0.88
C LYS A 87 7.89 9.60 0.02
N VAL A 88 9.18 9.85 -0.05
CA VAL A 88 10.13 9.15 0.78
C VAL A 88 11.17 10.12 1.35
N GLY A 89 10.98 10.47 2.62
CA GLY A 89 11.86 11.42 3.27
C GLY A 89 11.66 12.83 2.74
N ASN A 90 12.29 13.11 1.61
CA ASN A 90 12.16 14.42 0.96
C ASN A 90 11.95 14.24 -0.55
N GLU A 91 12.03 13.00 -1.01
CA GLU A 91 11.95 12.71 -2.44
C GLU A 91 10.57 12.21 -2.80
N THR A 92 10.19 12.35 -4.06
CA THR A 92 8.90 11.90 -4.53
C THR A 92 9.06 10.92 -5.69
N ARG A 93 8.46 9.74 -5.55
CA ARG A 93 8.48 8.74 -6.60
C ARG A 93 7.12 8.67 -7.27
N LYS A 94 7.10 8.58 -8.59
CA LYS A 94 5.84 8.56 -9.33
C LYS A 94 5.52 7.14 -9.77
N TYR A 95 4.28 6.75 -9.58
CA TYR A 95 3.83 5.43 -10.00
C TYR A 95 2.51 5.54 -10.77
N LYS A 96 2.33 4.66 -11.74
CA LYS A 96 1.09 4.62 -12.49
C LYS A 96 0.32 3.36 -12.11
N MET A 97 -0.99 3.48 -11.98
CA MET A 97 -1.82 2.35 -11.55
C MET A 97 -2.04 1.38 -12.71
N THR A 98 -1.04 0.55 -12.97
CA THR A 98 -1.06 -0.31 -14.14
C THR A 98 -1.90 -1.56 -13.91
N SER A 99 -1.76 -2.17 -12.74
CA SER A 99 -2.48 -3.40 -12.43
C SER A 99 -3.50 -3.15 -11.34
N ILE A 100 -4.78 -3.17 -11.72
CA ILE A 100 -5.86 -2.92 -10.78
C ILE A 100 -6.91 -4.02 -10.87
N ARG A 101 -6.89 -4.93 -9.89
CA ARG A 101 -7.86 -6.01 -9.84
C ARG A 101 -8.04 -6.46 -8.39
N ASP A 102 -8.98 -7.36 -8.15
CA ASP A 102 -9.13 -7.96 -6.83
C ASP A 102 -9.17 -9.46 -6.96
N VAL A 103 -8.57 -10.12 -5.98
CA VAL A 103 -8.38 -11.56 -6.04
C VAL A 103 -9.25 -12.25 -5.00
N LYS A 104 -9.70 -13.46 -5.32
CA LYS A 104 -10.47 -14.24 -4.37
C LYS A 104 -9.77 -15.57 -4.11
N PRO A 105 -8.90 -15.60 -3.10
CA PRO A 105 -8.19 -16.78 -2.68
C PRO A 105 -8.81 -17.39 -1.42
N THR A 106 -7.98 -18.05 -0.62
CA THR A 106 -8.39 -18.55 0.67
C THR A 106 -7.23 -18.43 1.65
N ASP A 107 -6.07 -18.86 1.19
CA ASP A 107 -4.84 -18.72 1.97
C ASP A 107 -3.71 -18.30 1.02
N VAL A 108 -2.48 -18.60 1.37
CA VAL A 108 -1.33 -18.25 0.54
C VAL A 108 -1.00 -19.39 -0.44
N GLU A 109 0.11 -19.21 -1.17
CA GLU A 109 0.64 -20.21 -2.10
C GLU A 109 -0.24 -20.39 -3.34
N VAL A 110 -1.38 -19.71 -3.37
CA VAL A 110 -2.22 -19.71 -4.56
C VAL A 110 -1.60 -18.88 -5.67
N LEU A 111 -0.74 -17.94 -5.29
CA LEU A 111 -0.01 -17.14 -6.26
C LEU A 111 1.47 -17.44 -6.18
N ASP A 112 2.07 -17.68 -7.34
CA ASP A 112 3.47 -18.05 -7.42
C ASP A 112 4.36 -16.83 -7.53
N GLU A 113 5.38 -16.76 -6.70
CA GLU A 113 6.33 -15.65 -6.73
C GLU A 113 7.61 -16.10 -7.45
N GLN A 114 8.18 -15.20 -8.25
CA GLN A 114 9.35 -15.52 -9.04
C GLN A 114 10.14 -14.25 -9.34
N LYS A 115 11.43 -14.40 -9.64
CA LYS A 115 12.27 -13.24 -9.92
C LYS A 115 12.06 -12.74 -11.34
N GLY A 116 10.98 -11.99 -11.52
CA GLY A 116 10.69 -11.38 -12.80
C GLY A 116 9.76 -10.19 -12.62
N LYS A 117 10.05 -9.38 -11.62
CA LYS A 117 9.23 -8.25 -11.29
C LYS A 117 9.86 -6.95 -11.78
N ASP A 118 9.35 -5.85 -11.28
CA ASP A 118 9.87 -4.52 -11.58
C ASP A 118 9.80 -3.67 -10.32
N LYS A 119 10.12 -2.39 -10.42
CA LYS A 119 9.97 -1.50 -9.28
C LYS A 119 8.50 -1.13 -9.15
N GLN A 120 7.81 -1.83 -8.28
CA GLN A 120 6.38 -1.66 -8.13
C GLN A 120 6.02 -1.61 -6.66
N LEU A 121 5.01 -0.82 -6.32
CA LEU A 121 4.49 -0.84 -4.98
C LEU A 121 3.30 -1.79 -4.93
N THR A 122 3.53 -2.99 -4.43
CA THR A 122 2.48 -3.98 -4.32
C THR A 122 1.59 -3.64 -3.14
N LEU A 123 0.55 -2.87 -3.39
CA LEU A 123 -0.35 -2.43 -2.34
C LEU A 123 -1.42 -3.47 -2.05
N ILE A 124 -1.34 -4.01 -0.85
CA ILE A 124 -2.30 -4.98 -0.38
C ILE A 124 -3.43 -4.29 0.35
N THR A 125 -4.50 -4.00 -0.37
CA THR A 125 -5.66 -3.35 0.21
C THR A 125 -6.87 -4.28 0.16
N CYS A 126 -7.01 -5.14 1.17
CA CYS A 126 -8.11 -6.08 1.19
C CYS A 126 -9.39 -5.39 1.66
N ASP A 127 -10.48 -5.66 0.96
CA ASP A 127 -11.79 -5.10 1.31
C ASP A 127 -12.50 -6.03 2.28
N ASP A 128 -12.72 -7.24 1.79
CA ASP A 128 -13.50 -8.25 2.50
C ASP A 128 -12.62 -9.05 3.46
N TYR A 129 -13.14 -9.31 4.64
CA TYR A 129 -12.44 -10.13 5.62
C TYR A 129 -13.44 -10.63 6.65
N ASN A 130 -13.26 -11.86 7.10
CA ASN A 130 -14.09 -12.38 8.17
C ASN A 130 -13.38 -12.18 9.50
N GLU A 131 -13.93 -11.28 10.31
CA GLU A 131 -13.33 -10.89 11.59
C GLU A 131 -13.14 -12.09 12.51
N LYS A 132 -14.00 -13.09 12.37
CA LYS A 132 -13.98 -14.24 13.25
C LYS A 132 -12.76 -15.12 12.99
N THR A 133 -12.68 -15.65 11.78
CA THR A 133 -11.64 -16.61 11.45
C THR A 133 -10.34 -15.92 11.07
N GLY A 134 -10.45 -14.73 10.47
CA GLY A 134 -9.28 -14.01 10.04
C GLY A 134 -8.93 -14.29 8.59
N VAL A 135 -9.90 -14.84 7.86
CA VAL A 135 -9.70 -15.14 6.45
C VAL A 135 -10.32 -14.04 5.59
N TRP A 136 -9.78 -13.88 4.40
CA TRP A 136 -10.27 -12.87 3.47
C TRP A 136 -10.66 -13.52 2.14
N GLU A 137 -11.81 -13.15 1.62
CA GLU A 137 -12.25 -13.65 0.33
C GLU A 137 -11.93 -12.65 -0.77
N LYS A 138 -12.40 -11.43 -0.60
CA LYS A 138 -12.28 -10.42 -1.62
C LYS A 138 -11.18 -9.42 -1.26
N ARG A 139 -10.00 -9.61 -1.80
CA ARG A 139 -8.87 -8.76 -1.47
C ARG A 139 -8.32 -8.04 -2.70
N LYS A 140 -8.40 -6.72 -2.68
CA LYS A 140 -8.00 -5.88 -3.81
C LYS A 140 -6.50 -5.76 -3.88
N ILE A 141 -5.92 -6.11 -5.02
CA ILE A 141 -4.54 -5.93 -5.24
C ILE A 141 -4.30 -4.78 -6.21
N PHE A 142 -3.54 -3.81 -5.74
CA PHE A 142 -3.21 -2.67 -6.57
C PHE A 142 -1.70 -2.56 -6.70
N VAL A 143 -1.23 -2.71 -7.92
CA VAL A 143 0.19 -2.63 -8.20
C VAL A 143 0.50 -1.38 -9.03
N ALA A 144 1.28 -0.49 -8.44
CA ALA A 144 1.69 0.73 -9.13
C ALA A 144 3.15 0.63 -9.56
N THR A 145 3.37 0.73 -10.86
CA THR A 145 4.71 0.60 -11.43
C THR A 145 5.42 1.95 -11.43
N GLU A 146 6.72 1.94 -11.08
CA GLU A 146 7.52 3.16 -11.04
C GLU A 146 7.73 3.71 -12.44
N VAL A 147 7.13 4.86 -12.68
CA VAL A 147 7.24 5.52 -13.96
C VAL A 147 7.79 6.93 -13.80
N LYS A 148 8.47 7.37 -14.83
CA LYS A 148 9.17 8.64 -14.81
C LYS A 148 8.64 9.59 -15.87
S2 2W7 B . -6.92 -8.63 4.66
C5 2W7 B . -5.24 -8.42 5.12
C6 2W7 B . -4.95 -8.06 6.43
C10 2W7 B . -4.21 -8.56 4.19
C7 2W7 B . -3.63 -7.82 6.82
C8 2W7 B . -2.61 -7.94 5.88
C9 2W7 B . -2.90 -8.31 4.57
C11 2W7 B . -4.49 -8.98 2.87
O2 2W7 B . -5.09 -8.25 2.08
N3 2W7 B . -4.05 -10.21 2.57
C12 2W7 B . -2.62 -10.52 2.37
C13 2W7 B . -2.37 -11.10 0.98
O3 2W7 B . -3.09 -10.80 0.02
N4 2W7 B . -1.33 -11.95 0.90
C14 2W7 B . -0.97 -12.58 -0.38
C18 2W7 B . 0.25 -13.46 -0.18
C17 2W7 B . 0.63 -14.12 -1.50
C19 2W7 B . -0.53 -14.96 -2.00
C23 2W7 B . -1.75 -14.07 -2.20
C24 2W7 B . -2.13 -13.42 -0.88
C25 2W7 B . -1.42 -13.00 -3.23
C20 2W7 B . -0.27 -12.16 -2.72
C26 2W7 B . -0.64 -11.50 -1.40
C16 2W7 B . 0.94 -13.04 -2.52
H6 2W7 B . -5.75 -7.97 7.17
H7 2W7 B . -3.40 -7.54 7.84
H8 2W7 B . -1.58 -7.75 6.18
H9 2W7 B . -2.09 -8.37 3.84
H3 2W7 B . -4.66 -10.99 2.44
H122 2W7 B . -2.03 -9.61 2.48
H121 2W7 B . -2.29 -11.24 3.12
H4 2W7 B . -0.78 -12.17 1.71
HZ12 2W7 B . 0.02 -14.24 0.55
HZ11 2W7 B . 1.08 -12.87 0.18
HY1 2W7 B . 1.50 -14.75 -1.35
HX22 2W7 B . -0.25 -15.43 -2.94
HX21 2W7 B . -0.75 -15.74 -1.26
HY3 2W7 B . -2.58 -14.67 -2.56
HZ21 2W7 B . -2.36 -14.19 -0.14
HZ22 2W7 B . -3.01 -12.79 -1.03
HX31 2W7 B . -1.16 -13.47 -4.17
HX32 2W7 B . -2.30 -12.37 -3.37
HY2 2W7 B . -0.03 -11.38 -3.46
HZ32 2W7 B . -1.51 -10.85 -1.56
HZ31 2W7 B . 0.20 -10.89 -1.06
HX12 2W7 B . 1.21 -13.50 -3.48
HX11 2W7 B . 1.78 -12.44 -2.17
N MET A 1 18.57 11.43 12.23
CA MET A 1 18.07 12.47 11.31
C MET A 1 19.19 12.92 10.38
N GLN A 2 18.86 13.83 9.45
CA GLN A 2 19.84 14.42 8.55
C GLN A 2 20.40 13.37 7.58
N ALA A 3 19.63 12.33 7.34
CA ALA A 3 20.09 11.22 6.51
C ALA A 3 18.93 10.63 5.71
N LYS A 4 19.24 9.70 4.81
CA LYS A 4 18.22 9.05 4.02
C LYS A 4 17.37 8.13 4.88
N PRO A 5 16.05 8.36 4.89
CA PRO A 5 15.11 7.60 5.73
C PRO A 5 15.16 6.10 5.45
N GLN A 6 14.95 5.33 6.50
CA GLN A 6 14.95 3.88 6.40
C GLN A 6 13.69 3.31 7.04
N ILE A 7 13.44 2.03 6.83
CA ILE A 7 12.26 1.38 7.38
C ILE A 7 12.65 0.59 8.62
N PRO A 8 12.29 1.08 9.82
CA PRO A 8 12.63 0.45 11.08
C PRO A 8 11.59 -0.56 11.55
N LYS A 9 10.66 -0.11 12.38
CA LYS A 9 9.67 -0.98 12.96
C LYS A 9 8.53 -0.17 13.57
N ASP A 10 8.88 0.93 14.22
CA ASP A 10 7.93 1.75 14.96
C ASP A 10 6.77 2.19 14.08
N LYS A 11 5.58 1.87 14.55
CA LYS A 11 4.37 2.00 13.75
C LYS A 11 3.73 3.37 13.95
N SER A 12 4.47 4.29 14.54
CA SER A 12 3.98 5.62 14.80
C SER A 12 4.84 6.67 14.10
N LYS A 13 5.78 6.20 13.29
CA LYS A 13 6.72 7.09 12.62
C LYS A 13 6.36 7.21 11.15
N VAL A 14 6.56 8.39 10.60
CA VAL A 14 6.33 8.62 9.18
C VAL A 14 7.64 8.50 8.40
N ALA A 15 7.83 7.37 7.74
CA ALA A 15 9.02 7.16 6.92
C ALA A 15 8.80 7.75 5.54
N GLY A 16 7.55 7.71 5.09
CA GLY A 16 7.23 8.16 3.76
C GLY A 16 5.79 8.61 3.65
N TYR A 17 5.42 9.08 2.47
CA TYR A 17 4.09 9.61 2.23
C TYR A 17 3.50 9.01 0.97
N ILE A 18 2.21 8.76 0.97
CA ILE A 18 1.53 8.26 -0.21
C ILE A 18 0.49 9.28 -0.68
N GLU A 19 0.68 9.77 -1.89
CA GLU A 19 -0.16 10.83 -2.42
C GLU A 19 -0.77 10.44 -3.77
N ILE A 20 -2.09 10.28 -3.76
CA ILE A 20 -2.84 10.03 -4.98
C ILE A 20 -3.88 11.13 -5.15
N PRO A 21 -3.60 12.13 -6.00
CA PRO A 21 -4.47 13.30 -6.18
C PRO A 21 -5.86 12.93 -6.69
N ASP A 22 -5.93 11.83 -7.44
CA ASP A 22 -7.18 11.36 -8.02
C ASP A 22 -8.18 10.96 -6.93
N ALA A 23 -7.67 10.69 -5.74
CA ALA A 23 -8.52 10.27 -4.64
C ALA A 23 -8.31 11.16 -3.42
N ASP A 24 -7.55 12.23 -3.61
CA ASP A 24 -7.19 13.15 -2.53
C ASP A 24 -6.49 12.41 -1.39
N ILE A 25 -5.77 11.36 -1.76
CA ILE A 25 -5.03 10.58 -0.78
C ILE A 25 -3.70 11.23 -0.49
N LYS A 26 -3.57 11.77 0.71
CA LYS A 26 -2.33 12.43 1.12
C LYS A 26 -1.99 11.99 2.53
N GLU A 27 -1.65 10.72 2.66
CA GLU A 27 -1.46 10.11 3.98
C GLU A 27 -0.05 9.58 4.14
N PRO A 28 0.44 9.43 5.37
CA PRO A 28 1.75 8.84 5.65
C PRO A 28 1.73 7.31 5.55
N VAL A 29 2.91 6.72 5.38
CA VAL A 29 3.04 5.28 5.36
C VAL A 29 3.81 4.84 6.60
N TYR A 30 3.29 3.82 7.26
CA TYR A 30 3.89 3.36 8.49
C TYR A 30 4.88 2.23 8.22
N PRO A 31 6.18 2.51 8.41
CA PRO A 31 7.26 1.57 8.16
C PRO A 31 7.29 0.42 9.16
N GLY A 32 6.74 -0.70 8.75
CA GLY A 32 6.70 -1.87 9.58
C GLY A 32 5.92 -2.98 8.93
N PRO A 33 5.90 -4.18 9.51
CA PRO A 33 5.16 -5.32 8.96
C PRO A 33 3.67 -5.18 9.18
N ALA A 34 2.88 -5.81 8.31
CA ALA A 34 1.43 -5.80 8.42
C ALA A 34 0.97 -6.26 9.79
N THR A 35 0.49 -5.32 10.59
CA THR A 35 0.08 -5.60 11.95
C THR A 35 -1.23 -4.92 12.28
N PRO A 36 -2.10 -5.61 13.05
CA PRO A 36 -3.47 -5.17 13.32
C PRO A 36 -3.61 -3.70 13.74
N GLU A 37 -2.80 -3.28 14.70
CA GLU A 37 -2.92 -1.93 15.25
C GLU A 37 -2.27 -0.89 14.35
N GLN A 38 -1.26 -1.29 13.61
CA GLN A 38 -0.63 -0.41 12.64
C GLN A 38 -1.56 -0.22 11.44
N LEU A 39 -2.19 -1.32 11.04
CA LEU A 39 -3.20 -1.28 10.00
C LEU A 39 -4.37 -0.42 10.44
N ASN A 40 -4.69 -0.52 11.73
CA ASN A 40 -5.78 0.26 12.33
C ASN A 40 -5.50 1.76 12.20
N ARG A 41 -4.24 2.13 12.25
CA ARG A 41 -3.84 3.53 12.17
C ARG A 41 -3.68 3.98 10.72
N GLY A 42 -3.66 3.02 9.80
CA GLY A 42 -3.61 3.35 8.40
C GLY A 42 -3.16 2.20 7.52
N VAL A 43 -1.87 2.19 7.20
CA VAL A 43 -1.32 1.19 6.30
C VAL A 43 0.17 0.98 6.58
N SER A 44 0.60 -0.27 6.51
CA SER A 44 2.00 -0.61 6.73
C SER A 44 2.55 -1.38 5.53
N PHE A 45 3.83 -1.67 5.55
CA PHE A 45 4.42 -2.51 4.51
C PHE A 45 4.15 -3.99 4.78
N ALA A 46 4.34 -4.81 3.76
CA ALA A 46 4.07 -6.23 3.88
C ALA A 46 5.20 -6.95 4.60
N GLU A 47 6.39 -6.79 4.08
CA GLU A 47 7.55 -7.47 4.63
C GLU A 47 8.51 -6.47 5.26
N GLU A 48 9.23 -6.94 6.28
CA GLU A 48 10.16 -6.12 7.01
C GLU A 48 11.42 -5.83 6.20
N ASN A 49 11.85 -6.81 5.44
CA ASN A 49 13.13 -6.71 4.74
C ASN A 49 12.95 -6.09 3.35
N GLU A 50 11.84 -5.40 3.14
CA GLU A 50 11.61 -4.68 1.89
C GLU A 50 12.27 -3.30 1.96
N SER A 51 13.42 -3.18 1.32
CA SER A 51 14.16 -1.94 1.32
C SER A 51 13.48 -0.90 0.44
N LEU A 52 13.34 0.31 0.96
CA LEU A 52 12.73 1.42 0.24
C LEU A 52 13.62 1.90 -0.90
N ASP A 53 14.80 1.30 -1.03
CA ASP A 53 15.76 1.65 -2.08
C ASP A 53 15.84 0.53 -3.11
N ASP A 54 15.13 -0.56 -2.86
CA ASP A 54 15.19 -1.75 -3.71
C ASP A 54 14.51 -1.51 -5.05
N GLN A 55 13.19 -1.71 -5.08
CA GLN A 55 12.39 -1.56 -6.29
C GLN A 55 10.97 -2.04 -6.00
N ASN A 56 10.86 -3.14 -5.26
CA ASN A 56 9.57 -3.70 -4.90
C ASN A 56 9.13 -3.17 -3.55
N ILE A 57 7.99 -2.49 -3.54
CA ILE A 57 7.44 -1.95 -2.32
C ILE A 57 6.03 -2.47 -2.09
N SER A 58 5.89 -3.45 -1.22
CA SER A 58 4.58 -4.02 -0.94
C SER A 58 3.95 -3.32 0.26
N ILE A 59 2.85 -2.61 0.03
CA ILE A 59 2.19 -1.85 1.08
C ILE A 59 0.84 -2.49 1.42
N ALA A 60 0.76 -3.11 2.58
CA ALA A 60 -0.45 -3.81 2.99
C ALA A 60 -1.35 -2.90 3.81
N GLY A 61 -2.58 -2.72 3.32
CA GLY A 61 -3.50 -1.81 3.98
C GLY A 61 -4.48 -2.54 4.88
N HIS A 62 -5.30 -1.78 5.59
CA HIS A 62 -6.26 -2.35 6.54
C HIS A 62 -7.54 -2.79 5.83
N THR A 63 -8.46 -1.84 5.64
CA THR A 63 -9.74 -2.12 5.00
C THR A 63 -10.63 -0.88 5.12
N PHE A 64 -11.90 -1.02 4.78
CA PHE A 64 -12.86 0.08 4.85
C PHE A 64 -13.35 0.27 6.28
N ILE A 65 -13.69 1.51 6.62
CA ILE A 65 -14.18 1.84 7.95
C ILE A 65 -14.97 3.15 7.87
N ASP A 66 -15.56 3.58 8.98
CA ASP A 66 -16.38 4.80 9.01
C ASP A 66 -15.52 6.07 8.99
N ARG A 67 -14.39 6.00 8.29
CA ARG A 67 -13.50 7.13 8.15
C ARG A 67 -13.26 7.43 6.67
N PRO A 68 -13.87 8.51 6.14
CA PRO A 68 -13.63 8.97 4.76
C PRO A 68 -12.26 9.61 4.61
N ASN A 69 -11.58 9.75 5.74
CA ASN A 69 -10.25 10.34 5.77
C ASN A 69 -9.20 9.25 5.93
N TYR A 70 -9.60 8.03 5.64
CA TYR A 70 -8.71 6.88 5.74
C TYR A 70 -7.93 6.75 4.44
N GLN A 71 -6.73 6.18 4.54
CA GLN A 71 -5.78 6.11 3.42
C GLN A 71 -6.40 5.66 2.09
N PHE A 72 -7.30 4.69 2.13
CA PHE A 72 -7.77 4.08 0.89
C PHE A 72 -9.30 4.16 0.74
N THR A 73 -9.94 5.03 1.50
CA THR A 73 -11.40 5.14 1.46
C THR A 73 -11.88 5.71 0.13
N ASN A 74 -11.17 6.71 -0.39
CA ASN A 74 -11.58 7.37 -1.63
C ASN A 74 -10.80 6.82 -2.82
N LEU A 75 -10.02 5.78 -2.60
CA LEU A 75 -9.17 5.21 -3.65
C LEU A 75 -10.04 4.66 -4.81
N LYS A 76 -11.33 4.53 -4.54
CA LYS A 76 -12.29 4.11 -5.54
C LYS A 76 -12.39 5.13 -6.68
N ALA A 77 -12.02 6.37 -6.39
CA ALA A 77 -12.06 7.45 -7.38
C ALA A 77 -10.86 7.40 -8.31
N ALA A 78 -9.89 6.54 -7.99
CA ALA A 78 -8.69 6.41 -8.78
C ALA A 78 -8.91 5.45 -9.95
N LYS A 79 -8.08 5.56 -10.97
CA LYS A 79 -8.21 4.72 -12.15
C LYS A 79 -6.88 4.06 -12.49
N LYS A 80 -6.88 3.30 -13.57
CA LYS A 80 -5.70 2.55 -13.98
C LYS A 80 -4.61 3.48 -14.54
N GLY A 81 -4.95 4.75 -14.65
CA GLY A 81 -4.02 5.71 -15.22
C GLY A 81 -3.67 6.81 -14.25
N SER A 82 -4.10 6.66 -13.01
CA SER A 82 -3.86 7.65 -11.98
C SER A 82 -2.42 7.63 -11.54
N MET A 83 -2.00 8.76 -11.03
CA MET A 83 -0.63 8.95 -10.58
C MET A 83 -0.51 8.70 -9.09
N VAL A 84 0.32 7.73 -8.75
CA VAL A 84 0.59 7.39 -7.37
C VAL A 84 1.95 7.95 -6.98
N TYR A 85 1.95 8.97 -6.15
CA TYR A 85 3.18 9.60 -5.71
C TYR A 85 3.68 8.93 -4.45
N PHE A 86 4.77 8.20 -4.57
CA PHE A 86 5.36 7.54 -3.43
C PHE A 86 6.53 8.37 -2.93
N LYS A 87 6.34 8.95 -1.77
CA LYS A 87 7.33 9.86 -1.21
C LYS A 87 8.00 9.22 -0.02
N VAL A 88 9.28 9.47 0.12
CA VAL A 88 10.03 8.99 1.27
C VAL A 88 11.18 9.94 1.57
N GLY A 89 10.98 10.74 2.60
CA GLY A 89 11.95 11.76 2.96
C GLY A 89 12.13 12.78 1.86
N ASN A 90 13.18 12.61 1.06
CA ASN A 90 13.51 13.56 0.00
C ASN A 90 13.17 12.95 -1.36
N GLU A 91 12.79 11.68 -1.37
CA GLU A 91 12.54 10.97 -2.62
C GLU A 91 11.07 11.05 -3.00
N THR A 92 10.80 11.12 -4.29
CA THR A 92 9.43 11.12 -4.79
C THR A 92 9.39 10.49 -6.17
N ARG A 93 8.99 9.23 -6.23
CA ARG A 93 8.93 8.49 -7.47
C ARG A 93 7.47 8.33 -7.90
N LYS A 94 7.20 8.53 -9.19
CA LYS A 94 5.85 8.42 -9.70
C LYS A 94 5.55 7.01 -10.13
N TYR A 95 4.41 6.51 -9.72
CA TYR A 95 3.94 5.20 -10.16
C TYR A 95 2.53 5.34 -10.72
N LYS A 96 2.21 4.53 -11.70
CA LYS A 96 0.87 4.55 -12.27
C LYS A 96 0.12 3.30 -11.85
N MET A 97 -1.20 3.42 -11.70
CA MET A 97 -2.01 2.31 -11.20
C MET A 97 -2.31 1.33 -12.32
N THR A 98 -1.25 0.82 -12.93
CA THR A 98 -1.35 -0.01 -14.11
C THR A 98 -2.14 -1.30 -13.85
N SER A 99 -1.95 -1.87 -12.68
CA SER A 99 -2.57 -3.14 -12.35
C SER A 99 -3.50 -3.02 -11.14
N ILE A 100 -4.78 -2.82 -11.42
CA ILE A 100 -5.79 -2.80 -10.37
C ILE A 100 -6.75 -3.96 -10.58
N ARG A 101 -6.59 -4.99 -9.77
CA ARG A 101 -7.38 -6.21 -9.94
C ARG A 101 -7.96 -6.66 -8.61
N ASP A 102 -9.13 -7.25 -8.66
CA ASP A 102 -9.79 -7.72 -7.46
C ASP A 102 -9.86 -9.24 -7.49
N VAL A 103 -9.26 -9.87 -6.49
CA VAL A 103 -9.13 -11.31 -6.47
C VAL A 103 -9.75 -11.88 -5.19
N LYS A 104 -10.17 -13.13 -5.25
CA LYS A 104 -10.73 -13.79 -4.08
C LYS A 104 -9.64 -14.49 -3.28
N PRO A 105 -9.69 -14.39 -1.95
CA PRO A 105 -8.73 -15.03 -1.05
C PRO A 105 -8.93 -16.53 -0.93
N THR A 106 -9.17 -17.19 -2.06
CA THR A 106 -9.31 -18.64 -2.10
C THR A 106 -8.04 -19.29 -1.59
N ASP A 107 -6.92 -18.83 -2.10
CA ASP A 107 -5.61 -19.24 -1.62
C ASP A 107 -4.67 -18.06 -1.69
N VAL A 108 -3.48 -18.21 -1.11
CA VAL A 108 -2.45 -17.20 -1.25
C VAL A 108 -1.62 -17.49 -2.50
N GLU A 109 -1.89 -18.65 -3.09
CA GLU A 109 -1.17 -19.13 -4.26
C GLU A 109 -1.71 -18.48 -5.54
N VAL A 110 -2.86 -17.83 -5.41
CA VAL A 110 -3.55 -17.26 -6.56
C VAL A 110 -2.79 -16.05 -7.10
N LEU A 111 -1.98 -15.42 -6.24
CA LEU A 111 -1.22 -14.26 -6.64
C LEU A 111 0.27 -14.52 -6.44
N ASP A 112 1.06 -14.14 -7.42
CA ASP A 112 2.51 -14.33 -7.37
C ASP A 112 3.18 -13.51 -8.46
N GLU A 113 4.35 -12.99 -8.15
CA GLU A 113 5.11 -12.20 -9.10
C GLU A 113 6.20 -13.05 -9.71
N GLN A 114 6.09 -13.30 -11.00
CA GLN A 114 7.03 -14.16 -11.70
C GLN A 114 8.12 -13.34 -12.37
N LYS A 115 9.23 -14.00 -12.71
CA LYS A 115 10.35 -13.38 -13.36
C LYS A 115 10.95 -12.25 -12.51
N GLY A 116 10.74 -12.35 -11.21
CA GLY A 116 11.25 -11.36 -10.29
C GLY A 116 10.30 -10.20 -10.13
N LYS A 117 10.84 -9.02 -9.88
CA LYS A 117 10.03 -7.82 -9.72
C LYS A 117 10.74 -6.60 -10.27
N ASP A 118 9.95 -5.58 -10.58
CA ASP A 118 10.48 -4.32 -11.07
C ASP A 118 10.26 -3.24 -10.02
N LYS A 119 10.33 -1.98 -10.40
CA LYS A 119 9.99 -0.91 -9.48
C LYS A 119 8.48 -0.77 -9.42
N GLN A 120 7.89 -1.39 -8.40
CA GLN A 120 6.46 -1.50 -8.32
C GLN A 120 6.00 -1.47 -6.87
N LEU A 121 4.92 -0.76 -6.62
CA LEU A 121 4.31 -0.77 -5.31
C LEU A 121 3.19 -1.79 -5.31
N THR A 122 3.46 -2.94 -4.74
CA THR A 122 2.49 -4.02 -4.68
C THR A 122 1.66 -3.90 -3.41
N LEU A 123 0.61 -3.09 -3.46
CA LEU A 123 -0.25 -2.88 -2.31
C LEU A 123 -1.18 -4.07 -2.09
N ILE A 124 -0.85 -4.87 -1.11
CA ILE A 124 -1.68 -6.00 -0.74
C ILE A 124 -2.81 -5.53 0.17
N THR A 125 -3.86 -5.02 -0.44
CA THR A 125 -5.01 -4.53 0.29
C THR A 125 -6.17 -5.50 0.21
N CYS A 126 -6.34 -6.32 1.24
CA CYS A 126 -7.50 -7.18 1.32
C CYS A 126 -8.75 -6.32 1.47
N ASP A 127 -9.58 -6.37 0.44
CA ASP A 127 -10.73 -5.48 0.30
C ASP A 127 -11.74 -5.73 1.42
N ASP A 128 -11.92 -7.00 1.76
CA ASP A 128 -12.81 -7.39 2.85
C ASP A 128 -11.99 -7.91 4.02
N TYR A 129 -12.36 -7.51 5.22
CA TYR A 129 -11.61 -7.89 6.41
C TYR A 129 -12.48 -7.84 7.66
N ASN A 130 -12.64 -8.97 8.32
CA ASN A 130 -13.31 -9.02 9.62
C ASN A 130 -12.27 -9.19 10.71
N GLU A 131 -12.26 -8.24 11.65
CA GLU A 131 -11.21 -8.18 12.67
C GLU A 131 -11.32 -9.31 13.70
N LYS A 132 -12.54 -9.78 13.95
CA LYS A 132 -12.75 -10.76 15.02
C LYS A 132 -12.28 -12.14 14.59
N THR A 133 -12.88 -12.66 13.53
CA THR A 133 -12.61 -14.02 13.09
C THR A 133 -11.36 -14.08 12.21
N GLY A 134 -10.85 -12.91 11.83
CA GLY A 134 -9.67 -12.85 10.99
C GLY A 134 -9.92 -13.45 9.61
N VAL A 135 -11.05 -13.11 9.02
CA VAL A 135 -11.42 -13.66 7.72
C VAL A 135 -11.48 -12.56 6.66
N TRP A 136 -11.23 -12.95 5.42
CA TRP A 136 -11.26 -12.06 4.29
C TRP A 136 -11.83 -12.78 3.08
N GLU A 137 -12.94 -12.27 2.56
CA GLU A 137 -13.60 -12.91 1.43
C GLU A 137 -13.33 -12.15 0.12
N LYS A 138 -12.53 -11.11 0.20
CA LYS A 138 -12.26 -10.26 -0.96
C LYS A 138 -10.93 -9.53 -0.80
N ARG A 139 -10.11 -9.50 -1.85
CA ARG A 139 -8.85 -8.78 -1.79
C ARG A 139 -8.51 -8.15 -3.15
N LYS A 140 -8.60 -6.83 -3.20
CA LYS A 140 -8.23 -6.10 -4.40
C LYS A 140 -6.74 -5.74 -4.33
N ILE A 141 -5.96 -6.38 -5.19
CA ILE A 141 -4.56 -6.14 -5.24
C ILE A 141 -4.26 -5.01 -6.22
N PHE A 142 -3.52 -4.03 -5.73
CA PHE A 142 -3.16 -2.87 -6.53
C PHE A 142 -1.65 -2.78 -6.68
N VAL A 143 -1.18 -2.94 -7.91
CA VAL A 143 0.24 -2.84 -8.21
C VAL A 143 0.51 -1.62 -9.06
N ALA A 144 1.25 -0.67 -8.50
CA ALA A 144 1.61 0.54 -9.21
C ALA A 144 3.00 0.41 -9.82
N THR A 145 3.06 0.49 -11.13
CA THR A 145 4.33 0.36 -11.85
C THR A 145 4.97 1.74 -12.01
N GLU A 146 6.30 1.77 -11.89
CA GLU A 146 7.05 3.00 -11.97
C GLU A 146 6.85 3.72 -13.30
N VAL A 147 6.72 5.04 -13.23
CA VAL A 147 6.69 5.87 -14.41
C VAL A 147 7.96 6.71 -14.45
N LYS A 148 8.28 7.24 -15.61
CA LYS A 148 9.51 7.99 -15.78
C LYS A 148 9.24 9.47 -15.96
S2 2W7 B . -5.61 -10.28 3.86
C5 2W7 B . -4.07 -9.48 4.14
C6 2W7 B . -4.00 -8.40 5.02
C10 2W7 B . -2.91 -9.91 3.48
C7 2W7 B . -2.80 -7.73 5.21
C8 2W7 B . -1.65 -8.17 4.56
C9 2W7 B . -1.71 -9.25 3.69
C11 2W7 B . -2.94 -11.03 2.65
O2 2W7 B . -3.07 -10.92 1.43
N3 2W7 B . -2.81 -12.20 3.29
C12 2W7 B . -2.42 -13.42 2.57
C13 2W7 B . -1.04 -13.22 1.94
O3 2W7 B . -0.01 -13.58 2.54
N4 2W7 B . -1.04 -12.67 0.72
C14 2W7 B . 0.09 -12.89 -0.21
C18 2W7 B . -0.19 -12.13 -1.51
C17 2W7 B . 0.96 -12.37 -2.47
C19 2W7 B . 2.26 -11.84 -1.86
C23 2W7 B . 2.53 -12.59 -0.57
C24 2W7 B . 1.38 -12.37 0.40
C25 2W7 B . 2.66 -14.07 -0.85
C20 2W7 B . 1.37 -14.60 -1.47
C26 2W7 B . 0.22 -14.37 -0.50
C16 2W7 B . 1.10 -13.85 -2.77
H6 2W7 B . -4.90 -8.06 5.53
H7 2W7 B . -2.74 -6.89 5.89
H8 2W7 B . -0.70 -7.65 4.73
H9 2W7 B . -0.81 -9.58 3.17
H3 2W7 B . -2.98 -12.31 4.26
H122 2W7 B . -2.40 -14.26 3.25
H121 2W7 B . -3.14 -13.64 1.77
H4 2W7 B . -1.81 -12.12 0.41
HZ12 2W7 B . -0.28 -11.07 -1.31
HZ11 2W7 B . -1.11 -12.49 -1.95
HY1 2W7 B . 0.76 -11.83 -3.40
HX22 2W7 B . 3.06 -12.00 -2.58
HX21 2W7 B . 2.14 -10.78 -1.67
HY3 2W7 B . 3.45 -12.22 -0.13
HZ21 2W7 B . 1.29 -11.30 0.62
HZ22 2W7 B . 1.59 -12.90 1.33
HX31 2W7 B . 3.49 -14.24 -1.55
HX32 2W7 B . 2.87 -14.61 0.06
HY2 2W7 B . 1.47 -15.66 -1.68
HZ32 2W7 B . 0.41 -14.92 0.42
HZ31 2W7 B . -0.70 -14.74 -0.96
HX12 2W7 B . 1.92 -14.02 -3.46
HX11 2W7 B . 0.17 -14.22 -3.21
N MET A 1 25.93 16.38 6.43
CA MET A 1 24.92 15.51 5.79
C MET A 1 24.91 14.13 6.44
N GLN A 2 23.73 13.68 6.84
CA GLN A 2 23.57 12.38 7.48
C GLN A 2 22.10 11.97 7.48
N ALA A 3 21.82 10.85 8.15
CA ALA A 3 20.45 10.33 8.32
C ALA A 3 19.88 9.84 7.00
N LYS A 4 19.81 8.52 6.85
CA LYS A 4 19.28 7.91 5.64
C LYS A 4 17.89 7.35 5.90
N PRO A 5 16.97 7.51 4.93
CA PRO A 5 15.63 6.92 5.02
C PRO A 5 15.67 5.40 4.83
N GLN A 6 15.27 4.67 5.86
CA GLN A 6 15.26 3.23 5.82
C GLN A 6 13.91 2.70 6.28
N ILE A 7 13.74 1.38 6.21
CA ILE A 7 12.52 0.74 6.69
C ILE A 7 12.85 -0.15 7.89
N PRO A 8 12.80 0.44 9.10
CA PRO A 8 13.13 -0.27 10.34
C PRO A 8 11.91 -0.91 11.01
N LYS A 9 12.14 -1.51 12.18
CA LYS A 9 11.09 -2.18 12.92
C LYS A 9 10.16 -1.17 13.61
N ASP A 10 10.69 0.02 13.88
CA ASP A 10 9.91 1.10 14.45
C ASP A 10 8.78 1.48 13.50
N LYS A 11 7.54 1.34 13.94
CA LYS A 11 6.40 1.49 13.06
C LYS A 11 5.94 2.94 12.97
N SER A 12 5.82 3.59 14.12
CA SER A 12 5.13 4.88 14.24
C SER A 12 5.70 5.96 13.32
N LYS A 13 7.01 5.96 13.13
CA LYS A 13 7.66 6.95 12.30
C LYS A 13 7.22 6.82 10.83
N VAL A 14 7.06 7.96 10.18
CA VAL A 14 6.70 7.96 8.78
C VAL A 14 7.94 8.12 7.89
N ALA A 15 8.08 7.19 6.95
CA ALA A 15 9.24 7.20 6.04
C ALA A 15 8.83 7.72 4.68
N GLY A 16 7.55 7.64 4.37
CA GLY A 16 7.09 8.05 3.07
C GLY A 16 5.66 8.57 3.09
N TYR A 17 5.29 9.33 2.08
CA TYR A 17 3.94 9.88 1.97
C TYR A 17 3.28 9.36 0.70
N ILE A 18 2.09 8.79 0.84
CA ILE A 18 1.35 8.33 -0.31
C ILE A 18 0.33 9.39 -0.72
N GLU A 19 0.48 9.89 -1.93
CA GLU A 19 -0.33 10.99 -2.42
C GLU A 19 -1.01 10.61 -3.73
N ILE A 20 -2.32 10.48 -3.69
CA ILE A 20 -3.13 10.16 -4.86
C ILE A 20 -4.21 11.21 -5.05
N PRO A 21 -4.00 12.13 -6.00
CA PRO A 21 -4.91 13.25 -6.25
C PRO A 21 -6.32 12.81 -6.67
N ASP A 22 -6.40 11.66 -7.33
CA ASP A 22 -7.67 11.16 -7.84
C ASP A 22 -8.56 10.65 -6.71
N ALA A 23 -7.96 10.41 -5.55
CA ALA A 23 -8.70 9.87 -4.42
C ALA A 23 -8.55 10.76 -3.19
N ASP A 24 -7.95 11.93 -3.37
CA ASP A 24 -7.73 12.89 -2.28
C ASP A 24 -6.89 12.26 -1.16
N ILE A 25 -5.97 11.41 -1.55
CA ILE A 25 -5.13 10.70 -0.60
C ILE A 25 -3.80 11.42 -0.41
N LYS A 26 -3.53 11.82 0.83
CA LYS A 26 -2.24 12.39 1.20
C LYS A 26 -1.91 11.94 2.63
N GLU A 27 -1.44 10.71 2.75
CA GLU A 27 -1.29 10.07 4.04
C GLU A 27 0.14 9.66 4.32
N PRO A 28 0.59 9.80 5.57
CA PRO A 28 1.89 9.30 6.00
C PRO A 28 1.90 7.78 6.14
N VAL A 29 2.93 7.15 5.61
CA VAL A 29 3.03 5.70 5.64
C VAL A 29 3.87 5.25 6.83
N TYR A 30 3.43 4.19 7.50
CA TYR A 30 4.13 3.67 8.66
C TYR A 30 4.79 2.33 8.35
N PRO A 31 6.04 2.36 7.90
CA PRO A 31 6.81 1.14 7.61
C PRO A 31 7.14 0.34 8.86
N GLY A 32 6.91 -0.96 8.79
CA GLY A 32 7.18 -1.84 9.91
C GLY A 32 6.49 -3.17 9.74
N PRO A 33 6.70 -4.14 10.66
CA PRO A 33 6.04 -5.44 10.59
C PRO A 33 4.52 -5.33 10.65
N ALA A 34 3.86 -5.78 9.59
CA ALA A 34 2.41 -5.68 9.46
C ALA A 34 1.68 -6.33 10.64
N THR A 35 0.81 -5.56 11.25
CA THR A 35 0.00 -6.04 12.35
C THR A 35 -1.41 -5.43 12.26
N PRO A 36 -2.46 -6.22 12.53
CA PRO A 36 -3.85 -5.78 12.37
C PRO A 36 -4.16 -4.50 13.17
N GLU A 37 -3.53 -4.37 14.34
CA GLU A 37 -3.74 -3.22 15.19
C GLU A 37 -3.02 -1.99 14.64
N GLN A 38 -2.08 -2.23 13.73
CA GLN A 38 -1.32 -1.16 13.09
C GLN A 38 -2.02 -0.66 11.84
N LEU A 39 -2.44 -1.60 11.00
CA LEU A 39 -3.11 -1.28 9.74
C LEU A 39 -4.41 -0.52 9.96
N ASN A 40 -4.98 -0.67 11.16
CA ASN A 40 -6.20 0.03 11.52
C ASN A 40 -5.91 1.50 11.84
N ARG A 41 -4.64 1.82 12.04
CA ARG A 41 -4.24 3.18 12.38
C ARG A 41 -3.71 3.94 11.17
N GLY A 42 -3.28 3.22 10.14
CA GLY A 42 -2.79 3.88 8.94
C GLY A 42 -2.12 2.93 7.98
N VAL A 43 -1.68 3.47 6.84
CA VAL A 43 -1.03 2.67 5.81
C VAL A 43 0.31 2.12 6.31
N SER A 44 0.46 0.81 6.26
CA SER A 44 1.63 0.16 6.83
C SER A 44 2.18 -0.91 5.90
N PHE A 45 3.48 -1.17 6.01
CA PHE A 45 4.16 -2.16 5.16
C PHE A 45 3.81 -3.58 5.60
N ALA A 46 4.18 -4.55 4.78
CA ALA A 46 3.95 -5.95 5.09
C ALA A 46 5.09 -6.51 5.93
N GLU A 47 6.28 -6.55 5.35
CA GLU A 47 7.42 -7.12 6.04
C GLU A 47 8.37 -6.02 6.52
N GLU A 48 9.19 -6.36 7.50
CA GLU A 48 10.25 -5.49 7.97
C GLU A 48 11.57 -5.84 7.27
N ASN A 49 11.48 -6.78 6.34
CA ASN A 49 12.64 -7.24 5.58
C ASN A 49 12.72 -6.55 4.23
N GLU A 50 11.76 -5.70 3.96
CA GLU A 50 11.73 -4.96 2.71
C GLU A 50 12.08 -3.50 2.95
N SER A 51 12.93 -2.94 2.11
CA SER A 51 13.39 -1.59 2.28
C SER A 51 12.98 -0.73 1.10
N LEU A 52 12.92 0.57 1.32
CA LEU A 52 12.60 1.51 0.25
C LEU A 52 13.76 1.62 -0.73
N ASP A 53 14.83 0.90 -0.41
CA ASP A 53 16.01 0.82 -1.26
C ASP A 53 15.90 -0.37 -2.20
N ASP A 54 14.98 -1.28 -1.88
CA ASP A 54 14.80 -2.49 -2.67
C ASP A 54 13.86 -2.27 -3.85
N GLN A 55 13.66 -3.32 -4.63
CA GLN A 55 12.82 -3.26 -5.82
C GLN A 55 11.42 -3.81 -5.53
N ASN A 56 11.33 -4.70 -4.55
CA ASN A 56 10.06 -5.32 -4.21
C ASN A 56 9.49 -4.73 -2.92
N ILE A 57 8.27 -4.22 -3.00
CA ILE A 57 7.62 -3.58 -1.86
C ILE A 57 6.16 -4.05 -1.75
N SER A 58 5.72 -4.27 -0.51
CA SER A 58 4.33 -4.63 -0.24
C SER A 58 3.79 -3.79 0.92
N ILE A 59 2.83 -2.94 0.62
CA ILE A 59 2.23 -2.07 1.63
C ILE A 59 0.73 -2.34 1.68
N ALA A 60 0.16 -2.43 2.86
CA ALA A 60 -1.25 -2.78 3.01
C ALA A 60 -2.04 -1.63 3.63
N GLY A 61 -3.36 -1.80 3.70
CA GLY A 61 -4.21 -0.79 4.31
C GLY A 61 -5.68 -0.99 3.97
N HIS A 62 -6.48 -0.01 4.38
CA HIS A 62 -7.94 0.00 4.15
C HIS A 62 -8.67 -0.90 5.13
N THR A 63 -9.60 -0.31 5.85
CA THR A 63 -10.51 -1.05 6.70
C THR A 63 -11.79 -0.24 6.87
N PHE A 64 -12.91 -0.91 7.09
CA PHE A 64 -14.17 -0.20 7.26
C PHE A 64 -14.33 0.29 8.69
N ILE A 65 -13.73 1.44 8.96
CA ILE A 65 -13.77 2.04 10.28
C ILE A 65 -14.85 3.12 10.32
N ASP A 66 -15.75 3.04 9.34
CA ASP A 66 -16.89 3.95 9.18
C ASP A 66 -16.50 5.24 8.46
N ARG A 67 -15.22 5.59 8.56
CA ARG A 67 -14.67 6.79 7.94
C ARG A 67 -14.51 6.61 6.43
N PRO A 68 -15.36 7.25 5.62
CA PRO A 68 -15.29 7.15 4.16
C PRO A 68 -14.16 7.99 3.57
N ASN A 69 -13.43 8.67 4.43
CA ASN A 69 -12.27 9.43 3.99
C ASN A 69 -10.99 8.78 4.49
N TYR A 70 -11.13 7.59 5.05
CA TYR A 70 -9.98 6.79 5.46
C TYR A 70 -9.20 6.37 4.21
N GLN A 71 -8.09 7.08 3.97
CA GLN A 71 -7.32 7.08 2.71
C GLN A 71 -7.84 6.14 1.60
N PHE A 72 -7.69 4.83 1.75
CA PHE A 72 -7.95 3.90 0.66
C PHE A 72 -9.45 3.61 0.46
N THR A 73 -10.30 4.33 1.18
CA THR A 73 -11.73 4.19 1.00
C THR A 73 -12.16 4.84 -0.32
N ASN A 74 -11.48 5.93 -0.67
CA ASN A 74 -11.81 6.67 -1.88
C ASN A 74 -10.95 6.16 -3.05
N LEU A 75 -10.26 5.05 -2.82
CA LEU A 75 -9.40 4.45 -3.84
C LEU A 75 -10.24 3.84 -4.96
N LYS A 76 -11.55 3.98 -4.83
CA LYS A 76 -12.50 3.58 -5.86
C LYS A 76 -12.49 4.60 -7.00
N ALA A 77 -12.10 5.82 -6.69
CA ALA A 77 -12.12 6.91 -7.65
C ALA A 77 -10.84 6.96 -8.47
N ALA A 78 -9.89 6.09 -8.11
CA ALA A 78 -8.62 6.02 -8.82
C ALA A 78 -8.75 5.13 -10.06
N LYS A 79 -7.98 5.44 -11.09
CA LYS A 79 -8.05 4.72 -12.34
C LYS A 79 -6.77 3.93 -12.57
N LYS A 80 -6.75 3.12 -13.62
CA LYS A 80 -5.57 2.32 -13.95
C LYS A 80 -4.50 3.18 -14.62
N GLY A 81 -4.86 4.42 -14.90
CA GLY A 81 -3.91 5.36 -15.47
C GLY A 81 -3.68 6.54 -14.58
N SER A 82 -4.03 6.40 -13.30
CA SER A 82 -3.84 7.45 -12.33
C SER A 82 -2.38 7.56 -11.97
N MET A 83 -1.90 8.79 -12.02
CA MET A 83 -0.57 9.11 -11.58
C MET A 83 -0.53 9.15 -10.06
N VAL A 84 0.11 8.15 -9.50
CA VAL A 84 0.24 8.04 -8.06
C VAL A 84 1.58 8.58 -7.63
N TYR A 85 1.57 9.38 -6.58
CA TYR A 85 2.79 9.98 -6.08
C TYR A 85 3.18 9.35 -4.76
N PHE A 86 4.41 8.90 -4.69
CA PHE A 86 4.93 8.32 -3.47
C PHE A 86 6.17 9.07 -3.05
N LYS A 87 6.07 9.77 -1.94
CA LYS A 87 7.16 10.56 -1.43
C LYS A 87 8.01 9.73 -0.51
N VAL A 88 9.30 9.80 -0.70
CA VAL A 88 10.25 9.06 0.13
C VAL A 88 11.38 9.98 0.56
N GLY A 89 11.49 10.17 1.86
CA GLY A 89 12.44 11.14 2.38
C GLY A 89 12.04 12.55 2.01
N ASN A 90 12.68 13.10 0.98
CA ASN A 90 12.39 14.45 0.52
C ASN A 90 12.15 14.50 -0.97
N GLU A 91 12.02 13.33 -1.59
CA GLU A 91 11.79 13.26 -3.02
C GLU A 91 10.54 12.44 -3.31
N THR A 92 9.93 12.66 -4.47
CA THR A 92 8.68 12.00 -4.80
C THR A 92 8.78 11.29 -6.16
N ARG A 93 8.38 10.03 -6.19
CA ARG A 93 8.38 9.25 -7.43
C ARG A 93 6.97 9.18 -7.99
N LYS A 94 6.88 9.01 -9.30
CA LYS A 94 5.58 8.84 -9.94
C LYS A 94 5.36 7.37 -10.28
N TYR A 95 4.20 6.88 -9.92
CA TYR A 95 3.83 5.51 -10.23
C TYR A 95 2.49 5.49 -10.93
N LYS A 96 2.32 4.57 -11.86
CA LYS A 96 1.05 4.45 -12.55
C LYS A 96 0.34 3.20 -12.07
N MET A 97 -0.99 3.28 -11.97
CA MET A 97 -1.78 2.19 -11.44
C MET A 97 -2.06 1.18 -12.54
N THR A 98 -1.03 0.86 -13.31
CA THR A 98 -1.16 0.06 -14.51
C THR A 98 -1.40 -1.41 -14.21
N SER A 99 -1.25 -1.82 -12.95
CA SER A 99 -1.51 -3.19 -12.57
C SER A 99 -2.55 -3.26 -11.46
N ILE A 100 -3.82 -3.22 -11.86
CA ILE A 100 -4.93 -3.38 -10.92
C ILE A 100 -5.75 -4.59 -11.31
N ARG A 101 -5.74 -5.62 -10.48
CA ARG A 101 -6.45 -6.86 -10.79
C ARG A 101 -7.36 -7.24 -9.64
N ASP A 102 -8.40 -8.01 -9.95
CA ASP A 102 -9.34 -8.48 -8.95
C ASP A 102 -8.79 -9.71 -8.22
N VAL A 103 -8.67 -9.60 -6.91
CA VAL A 103 -8.23 -10.72 -6.08
C VAL A 103 -9.21 -10.92 -4.93
N LYS A 104 -10.11 -11.88 -5.09
CA LYS A 104 -11.07 -12.19 -4.04
C LYS A 104 -10.38 -13.00 -2.95
N PRO A 105 -11.02 -13.17 -1.77
CA PRO A 105 -10.49 -14.03 -0.71
C PRO A 105 -10.34 -15.48 -1.16
N THR A 106 -10.94 -15.80 -2.30
CA THR A 106 -10.86 -17.12 -2.89
C THR A 106 -9.95 -17.12 -4.12
N ASP A 107 -9.35 -15.97 -4.42
CA ASP A 107 -8.45 -15.85 -5.56
C ASP A 107 -7.02 -15.62 -5.09
N VAL A 108 -6.72 -16.16 -3.92
CA VAL A 108 -5.40 -16.09 -3.36
C VAL A 108 -4.46 -17.01 -4.15
N GLU A 109 -3.16 -16.89 -3.90
CA GLU A 109 -2.10 -17.67 -4.56
C GLU A 109 -2.24 -17.71 -6.09
N VAL A 110 -2.92 -16.72 -6.67
CA VAL A 110 -2.99 -16.62 -8.12
C VAL A 110 -1.85 -15.76 -8.65
N LEU A 111 -1.29 -14.92 -7.77
CA LEU A 111 -0.13 -14.13 -8.13
C LEU A 111 1.13 -14.94 -7.92
N ASP A 112 1.75 -15.35 -9.01
CA ASP A 112 2.98 -16.13 -8.95
C ASP A 112 4.20 -15.21 -9.03
N GLU A 113 5.38 -15.78 -8.87
CA GLU A 113 6.59 -15.00 -8.68
C GLU A 113 7.43 -14.90 -9.95
N GLN A 114 7.46 -13.72 -10.55
CA GLN A 114 8.33 -13.44 -11.67
C GLN A 114 9.53 -12.60 -11.22
N LYS A 115 10.70 -12.90 -11.76
CA LYS A 115 11.88 -12.10 -11.51
C LYS A 115 12.18 -11.22 -12.73
N GLY A 116 12.74 -10.05 -12.48
CA GLY A 116 13.00 -9.12 -13.55
C GLY A 116 11.87 -8.12 -13.71
N LYS A 117 11.48 -7.52 -12.60
CA LYS A 117 10.37 -6.57 -12.57
C LYS A 117 10.90 -5.14 -12.43
N ASP A 118 9.99 -4.21 -12.20
CA ASP A 118 10.35 -2.82 -11.96
C ASP A 118 10.04 -2.51 -10.49
N LYS A 119 10.10 -1.24 -10.13
CA LYS A 119 9.77 -0.83 -8.78
C LYS A 119 8.27 -0.73 -8.63
N GLN A 120 7.67 -1.75 -8.05
CA GLN A 120 6.24 -1.80 -7.88
C GLN A 120 5.89 -1.90 -6.39
N LEU A 121 5.05 -0.99 -5.93
CA LEU A 121 4.55 -1.07 -4.57
C LEU A 121 3.27 -1.89 -4.59
N THR A 122 3.37 -3.13 -4.11
CA THR A 122 2.22 -4.00 -4.07
C THR A 122 1.29 -3.59 -2.93
N LEU A 123 0.35 -2.71 -3.24
CA LEU A 123 -0.56 -2.22 -2.24
C LEU A 123 -1.73 -3.17 -2.07
N ILE A 124 -1.77 -3.79 -0.90
CA ILE A 124 -2.78 -4.79 -0.59
C ILE A 124 -4.05 -4.11 -0.10
N THR A 125 -4.94 -3.82 -1.04
CA THR A 125 -6.20 -3.18 -0.70
C THR A 125 -7.18 -4.20 -0.11
N CYS A 126 -7.12 -4.36 1.21
CA CYS A 126 -8.06 -5.23 1.90
C CYS A 126 -9.37 -4.47 2.11
N ASP A 127 -10.12 -4.36 1.02
CA ASP A 127 -11.36 -3.58 1.00
C ASP A 127 -12.52 -4.42 1.53
N ASP A 128 -12.28 -5.72 1.59
CA ASP A 128 -13.31 -6.70 1.89
C ASP A 128 -13.40 -6.98 3.39
N TYR A 129 -12.96 -6.04 4.21
CA TYR A 129 -13.02 -6.24 5.64
C TYR A 129 -13.98 -5.25 6.30
N ASN A 130 -15.23 -5.65 6.47
CA ASN A 130 -16.17 -4.86 7.25
C ASN A 130 -16.32 -5.52 8.61
N GLU A 131 -15.59 -5.02 9.59
CA GLU A 131 -15.48 -5.68 10.89
C GLU A 131 -16.83 -5.88 11.59
N LYS A 132 -17.71 -4.89 11.49
CA LYS A 132 -19.01 -4.94 12.16
C LYS A 132 -19.87 -6.07 11.59
N THR A 133 -20.13 -6.02 10.30
CA THR A 133 -21.05 -6.93 9.66
C THR A 133 -20.39 -8.26 9.29
N GLY A 134 -19.07 -8.22 9.12
CA GLY A 134 -18.33 -9.42 8.78
C GLY A 134 -18.50 -9.80 7.32
N VAL A 135 -18.49 -8.81 6.44
CA VAL A 135 -18.69 -9.06 5.02
C VAL A 135 -17.44 -8.78 4.21
N TRP A 136 -17.22 -9.62 3.21
CA TRP A 136 -16.10 -9.48 2.30
C TRP A 136 -16.60 -9.48 0.85
N GLU A 137 -15.87 -8.81 -0.03
CA GLU A 137 -16.22 -8.79 -1.44
C GLU A 137 -15.02 -9.17 -2.32
N LYS A 138 -14.27 -8.16 -2.74
CA LYS A 138 -13.19 -8.34 -3.70
C LYS A 138 -12.05 -7.36 -3.40
N ARG A 139 -10.82 -7.84 -3.48
CA ARG A 139 -9.66 -7.01 -3.21
C ARG A 139 -8.99 -6.58 -4.51
N LYS A 140 -9.13 -5.32 -4.86
CA LYS A 140 -8.43 -4.79 -6.02
C LYS A 140 -6.97 -4.56 -5.66
N ILE A 141 -6.10 -5.45 -6.11
CA ILE A 141 -4.71 -5.33 -5.84
C ILE A 141 -4.14 -4.16 -6.62
N PHE A 142 -3.57 -3.23 -5.88
CA PHE A 142 -3.07 -2.01 -6.46
C PHE A 142 -1.56 -2.07 -6.58
N VAL A 143 -1.11 -2.44 -7.76
CA VAL A 143 0.31 -2.48 -8.05
C VAL A 143 0.68 -1.33 -8.97
N ALA A 144 1.30 -0.31 -8.40
CA ALA A 144 1.72 0.84 -9.18
C ALA A 144 3.18 0.72 -9.56
N THR A 145 3.45 0.78 -10.85
CA THR A 145 4.81 0.61 -11.35
C THR A 145 5.47 1.98 -11.55
N GLU A 146 6.75 2.06 -11.19
CA GLU A 146 7.50 3.31 -11.28
C GLU A 146 7.58 3.81 -12.72
N VAL A 147 7.12 5.03 -12.92
CA VAL A 147 7.13 5.64 -14.24
C VAL A 147 7.68 7.05 -14.16
N LYS A 148 8.01 7.58 -15.31
CA LYS A 148 8.61 8.89 -15.43
C LYS A 148 7.98 9.64 -16.58
S2 2W7 B . -5.32 -7.13 4.92
C5 2W7 B . -5.69 -8.85 5.00
C6 2W7 B . -6.93 -9.24 5.50
C10 2W7 B . -4.79 -9.80 4.52
C7 2W7 B . -7.28 -10.60 5.50
C8 2W7 B . -6.39 -11.55 5.01
C9 2W7 B . -5.15 -11.15 4.53
C11 2W7 B . -3.50 -9.45 4.13
O2 2W7 B . -2.82 -8.68 4.80
N3 2W7 B . -3.05 -10.06 3.01
C12 2W7 B . -1.69 -10.58 2.91
C13 2W7 B . -1.46 -11.20 1.53
O3 2W7 B . -1.75 -12.38 1.30
N4 2W7 B . -0.93 -10.37 0.62
C14 2W7 B . -0.46 -10.87 -0.68
C18 2W7 B . 0.20 -9.74 -1.46
C17 2W7 B . 0.69 -10.26 -2.80
C19 2W7 B . 1.70 -11.37 -2.58
C23 2W7 B . 1.05 -12.50 -1.81
C24 2W7 B . 0.56 -11.98 -0.46
C25 2W7 B . -0.13 -13.04 -2.60
C20 2W7 B . -1.15 -11.94 -2.83
C26 2W7 B . -1.64 -11.42 -1.48
C16 2W7 B . -0.49 -10.80 -3.60
H6 2W7 B . -7.63 -8.50 5.87
H7 2W7 B . -8.25 -10.90 5.89
H8 2W7 B . -6.66 -12.59 5.01
H9 2W7 B . -4.45 -11.90 4.14
H3 2W7 B . -3.62 -10.19 2.20
H122 2W7 B . -0.97 -9.78 3.07
H121 2W7 B . -1.53 -11.35 3.67
H4 2W7 B . -0.84 -9.39 0.81
HZ12 2W7 B . 1.04 -9.35 -0.89
HZ11 2W7 B . -0.53 -8.94 -1.61
HY1 2W7 B . 1.16 -9.45 -3.36
HX22 2W7 B . 2.05 -11.72 -3.55
HX21 2W7 B . 2.55 -10.97 -2.02
HY3 2W7 B . 1.78 -13.30 -1.64
HZ21 2W7 B . 1.40 -11.60 0.11
HZ22 2W7 B . 0.11 -12.80 0.09
HX31 2W7 B . 0.24 -13.42 -3.56
HX32 2W7 B . -0.59 -13.86 -2.06
HY2 2W7 B . -1.99 -12.33 -3.40
HZ32 2W7 B . -2.12 -12.23 -0.93
HZ31 2W7 B . -2.37 -10.62 -1.65
HX12 2W7 B . -0.15 -11.18 -4.56
HX11 2W7 B . -1.21 -10.01 -3.77
N MET A 1 22.48 13.81 3.84
CA MET A 1 21.77 13.69 5.14
C MET A 1 22.68 12.96 6.12
N GLN A 2 22.34 12.96 7.40
CA GLN A 2 23.15 12.27 8.40
C GLN A 2 22.91 10.76 8.34
N ALA A 3 21.78 10.41 7.77
CA ALA A 3 21.38 9.02 7.60
C ALA A 3 20.35 8.93 6.50
N LYS A 4 20.33 7.81 5.79
CA LYS A 4 19.36 7.61 4.73
C LYS A 4 18.07 7.04 5.32
N PRO A 5 16.91 7.55 4.89
CA PRO A 5 15.62 7.07 5.35
C PRO A 5 15.36 5.63 4.93
N GLN A 6 15.25 4.73 5.89
CA GLN A 6 14.96 3.34 5.62
C GLN A 6 13.65 2.94 6.30
N ILE A 7 13.38 1.65 6.37
CA ILE A 7 12.16 1.16 6.98
C ILE A 7 12.47 0.42 8.28
N PRO A 8 12.20 1.08 9.42
CA PRO A 8 12.37 0.48 10.74
C PRO A 8 11.17 -0.38 11.13
N LYS A 9 11.19 -0.91 12.34
CA LYS A 9 10.11 -1.74 12.81
C LYS A 9 9.18 -0.95 13.74
N ASP A 10 9.46 0.34 13.88
CA ASP A 10 8.63 1.21 14.69
C ASP A 10 7.83 2.15 13.79
N LYS A 11 6.68 2.59 14.27
CA LYS A 11 5.73 3.29 13.43
C LYS A 11 5.76 4.80 13.67
N SER A 12 6.50 5.23 14.69
CA SER A 12 6.57 6.65 15.03
C SER A 12 7.41 7.40 14.02
N LYS A 13 8.25 6.67 13.29
CA LYS A 13 9.11 7.26 12.29
C LYS A 13 8.46 7.16 10.92
N VAL A 14 7.96 8.27 10.40
CA VAL A 14 7.32 8.27 9.09
C VAL A 14 8.36 8.05 8.00
N ALA A 15 8.41 6.83 7.49
CA ALA A 15 9.39 6.46 6.49
C ALA A 15 9.05 7.04 5.12
N GLY A 16 7.75 7.15 4.84
CA GLY A 16 7.33 7.63 3.54
C GLY A 16 5.91 8.14 3.54
N TYR A 17 5.54 8.79 2.43
CA TYR A 17 4.20 9.33 2.26
C TYR A 17 3.56 8.77 1.00
N ILE A 18 2.27 8.56 1.04
CA ILE A 18 1.52 8.14 -0.13
C ILE A 18 0.52 9.23 -0.52
N GLU A 19 0.76 9.84 -1.65
CA GLU A 19 -0.06 10.96 -2.10
C GLU A 19 -0.63 10.69 -3.48
N ILE A 20 -1.94 10.55 -3.56
CA ILE A 20 -2.62 10.27 -4.81
C ILE A 20 -3.63 11.36 -5.10
N PRO A 21 -3.30 12.30 -6.00
CA PRO A 21 -4.18 13.43 -6.35
C PRO A 21 -5.53 12.96 -6.87
N ASP A 22 -5.53 11.82 -7.55
CA ASP A 22 -6.75 11.24 -8.12
C ASP A 22 -7.73 10.83 -7.02
N ALA A 23 -7.20 10.47 -5.85
CA ALA A 23 -8.03 9.94 -4.78
C ALA A 23 -7.98 10.84 -3.55
N ASP A 24 -7.38 12.02 -3.69
CA ASP A 24 -7.27 12.99 -2.60
C ASP A 24 -6.45 12.44 -1.43
N ILE A 25 -5.65 11.41 -1.71
CA ILE A 25 -4.88 10.76 -0.67
C ILE A 25 -3.57 11.51 -0.43
N LYS A 26 -3.24 11.72 0.84
CA LYS A 26 -2.03 12.44 1.19
C LYS A 26 -1.62 12.08 2.62
N GLU A 27 -1.35 10.80 2.84
CA GLU A 27 -1.13 10.27 4.17
C GLU A 27 0.22 9.57 4.29
N PRO A 28 0.79 9.53 5.50
CA PRO A 28 2.05 8.83 5.77
C PRO A 28 1.88 7.31 5.79
N VAL A 29 2.98 6.60 5.58
CA VAL A 29 2.96 5.16 5.65
C VAL A 29 3.70 4.72 6.90
N TYR A 30 3.10 3.80 7.63
CA TYR A 30 3.66 3.37 8.90
C TYR A 30 4.54 2.15 8.70
N PRO A 31 5.86 2.31 8.84
CA PRO A 31 6.83 1.23 8.70
C PRO A 31 6.72 0.20 9.80
N GLY A 32 7.02 -1.04 9.47
CA GLY A 32 6.95 -2.11 10.43
C GLY A 32 6.30 -3.34 9.84
N PRO A 33 6.08 -4.39 10.66
CA PRO A 33 5.44 -5.61 10.19
C PRO A 33 3.91 -5.47 10.15
N ALA A 34 3.29 -6.09 9.16
CA ALA A 34 1.85 -6.06 9.02
C ALA A 34 1.18 -6.77 10.18
N THR A 35 0.19 -6.12 10.77
CA THR A 35 -0.49 -6.64 11.94
C THR A 35 -1.78 -5.85 12.17
N PRO A 36 -2.84 -6.52 12.66
CA PRO A 36 -4.17 -5.93 12.87
C PRO A 36 -4.14 -4.52 13.47
N GLU A 37 -3.35 -4.33 14.52
CA GLU A 37 -3.26 -3.04 15.21
C GLU A 37 -2.92 -1.90 14.24
N GLN A 38 -2.06 -2.20 13.27
CA GLN A 38 -1.62 -1.21 12.31
C GLN A 38 -2.72 -0.87 11.31
N LEU A 39 -3.17 -1.88 10.58
CA LEU A 39 -4.13 -1.70 9.51
C LEU A 39 -5.51 -1.30 10.03
N ASN A 40 -5.65 -1.34 11.35
CA ASN A 40 -6.85 -0.86 12.02
C ASN A 40 -6.93 0.67 11.89
N ARG A 41 -5.77 1.31 11.90
CA ARG A 41 -5.71 2.77 11.93
C ARG A 41 -5.18 3.36 10.62
N GLY A 42 -4.22 2.69 10.00
CA GLY A 42 -3.60 3.23 8.80
C GLY A 42 -2.91 2.17 7.96
N VAL A 43 -2.15 2.63 6.99
CA VAL A 43 -1.42 1.75 6.07
C VAL A 43 -0.04 1.40 6.63
N SER A 44 0.44 0.21 6.33
CA SER A 44 1.74 -0.25 6.77
C SER A 44 2.39 -1.10 5.70
N PHE A 45 3.59 -1.61 5.97
CA PHE A 45 4.26 -2.50 5.01
C PHE A 45 3.95 -3.95 5.33
N ALA A 46 3.88 -4.77 4.29
CA ALA A 46 3.48 -6.16 4.44
C ALA A 46 4.67 -7.10 4.51
N GLU A 47 5.50 -7.08 3.47
CA GLU A 47 6.59 -8.03 3.34
C GLU A 47 7.86 -7.54 4.02
N GLU A 48 8.96 -8.25 3.77
CA GLU A 48 10.25 -7.97 4.39
C GLU A 48 10.91 -6.74 3.77
N ASN A 49 10.18 -5.64 3.68
CA ASN A 49 10.70 -4.40 3.14
C ASN A 49 11.56 -3.67 4.16
N GLU A 50 12.86 -3.90 4.10
CA GLU A 50 13.80 -3.22 4.99
C GLU A 50 14.30 -1.95 4.33
N SER A 51 13.89 -1.77 3.09
CA SER A 51 14.34 -0.65 2.29
C SER A 51 13.21 -0.14 1.40
N LEU A 52 13.01 1.17 1.44
CA LEU A 52 12.09 1.83 0.52
C LEU A 52 12.88 2.45 -0.63
N ASP A 53 14.20 2.23 -0.58
CA ASP A 53 15.13 2.74 -1.58
C ASP A 53 15.37 1.69 -2.66
N ASP A 54 14.71 0.56 -2.51
CA ASP A 54 14.86 -0.55 -3.46
C ASP A 54 13.77 -0.48 -4.52
N GLN A 55 13.46 -1.60 -5.16
CA GLN A 55 12.52 -1.61 -6.27
C GLN A 55 11.17 -2.21 -5.87
N ASN A 56 11.18 -3.30 -5.11
CA ASN A 56 9.94 -3.94 -4.72
C ASN A 56 9.40 -3.30 -3.44
N ILE A 57 8.21 -2.72 -3.54
CA ILE A 57 7.58 -2.07 -2.40
C ILE A 57 6.22 -2.71 -2.14
N SER A 58 6.14 -3.52 -1.10
CA SER A 58 4.91 -4.22 -0.78
C SER A 58 4.20 -3.54 0.39
N ILE A 59 3.21 -2.71 0.09
CA ILE A 59 2.48 -1.97 1.09
C ILE A 59 1.17 -2.68 1.39
N ALA A 60 0.75 -2.66 2.64
CA ALA A 60 -0.51 -3.26 3.05
C ALA A 60 -1.40 -2.20 3.69
N GLY A 61 -2.66 -2.16 3.29
CA GLY A 61 -3.56 -1.14 3.81
C GLY A 61 -4.99 -1.63 3.90
N HIS A 62 -5.76 -1.00 4.77
CA HIS A 62 -7.16 -1.33 4.90
C HIS A 62 -8.01 -0.28 4.18
N THR A 63 -8.47 -0.62 2.99
CA THR A 63 -9.30 0.30 2.21
C THR A 63 -10.75 0.13 2.60
N PHE A 64 -11.22 1.00 3.46
CA PHE A 64 -12.57 0.92 3.97
C PHE A 64 -13.39 2.08 3.45
N ILE A 65 -14.06 1.85 2.32
CA ILE A 65 -14.87 2.87 1.67
C ILE A 65 -15.98 3.39 2.59
N ASP A 66 -16.41 2.54 3.51
CA ASP A 66 -17.48 2.88 4.45
C ASP A 66 -17.05 3.98 5.43
N ARG A 67 -15.78 4.37 5.38
CA ARG A 67 -15.28 5.39 6.27
C ARG A 67 -14.44 6.40 5.50
N PRO A 68 -14.98 7.60 5.29
CA PRO A 68 -14.27 8.67 4.57
C PRO A 68 -13.12 9.24 5.39
N ASN A 69 -13.09 8.87 6.66
CA ASN A 69 -12.02 9.30 7.57
C ASN A 69 -10.85 8.33 7.52
N TYR A 70 -10.93 7.37 6.61
CA TYR A 70 -9.87 6.40 6.41
C TYR A 70 -8.89 6.92 5.38
N GLN A 71 -7.63 6.49 5.49
CA GLN A 71 -6.60 6.89 4.55
C GLN A 71 -6.91 6.43 3.14
N PHE A 72 -7.55 5.27 3.02
CA PHE A 72 -7.89 4.72 1.72
C PHE A 72 -9.39 4.46 1.62
N THR A 73 -10.15 5.52 1.38
CA THR A 73 -11.59 5.40 1.16
C THR A 73 -11.93 5.77 -0.29
N ASN A 74 -11.13 6.65 -0.88
CA ASN A 74 -11.45 7.22 -2.19
C ASN A 74 -10.69 6.49 -3.29
N LEU A 75 -10.26 5.27 -3.01
CA LEU A 75 -9.49 4.50 -3.99
C LEU A 75 -10.35 4.02 -5.16
N LYS A 76 -11.64 4.27 -5.10
CA LYS A 76 -12.52 3.93 -6.22
C LYS A 76 -12.28 4.90 -7.37
N ALA A 77 -11.77 6.08 -7.02
CA ALA A 77 -11.47 7.10 -8.02
C ALA A 77 -10.11 6.86 -8.67
N ALA A 78 -9.45 5.78 -8.25
CA ALA A 78 -8.15 5.42 -8.79
C ALA A 78 -8.32 4.43 -9.94
N LYS A 79 -7.98 4.87 -11.14
CA LYS A 79 -8.12 4.04 -12.32
C LYS A 79 -6.76 3.61 -12.84
N LYS A 80 -6.77 2.92 -13.98
CA LYS A 80 -5.56 2.30 -14.56
C LYS A 80 -4.46 3.30 -14.91
N GLY A 81 -4.74 4.58 -14.76
CA GLY A 81 -3.74 5.57 -15.04
C GLY A 81 -3.78 6.72 -14.07
N SER A 82 -4.15 6.42 -12.83
CA SER A 82 -4.10 7.38 -11.76
C SER A 82 -2.67 7.52 -11.28
N MET A 83 -2.13 8.71 -11.43
CA MET A 83 -0.77 9.00 -11.03
C MET A 83 -0.63 8.97 -9.51
N VAL A 84 0.22 8.08 -9.05
CA VAL A 84 0.45 7.88 -7.63
C VAL A 84 1.84 8.37 -7.24
N TYR A 85 1.90 9.30 -6.30
CA TYR A 85 3.16 9.83 -5.85
C TYR A 85 3.59 9.21 -4.54
N PHE A 86 4.71 8.51 -4.56
CA PHE A 86 5.25 7.91 -3.37
C PHE A 86 6.45 8.72 -2.90
N LYS A 87 6.40 9.18 -1.67
CA LYS A 87 7.43 10.06 -1.14
C LYS A 87 8.25 9.34 -0.09
N VAL A 88 9.56 9.45 -0.20
CA VAL A 88 10.47 8.84 0.76
C VAL A 88 11.61 9.80 1.10
N GLY A 89 11.65 10.20 2.36
CA GLY A 89 12.68 11.12 2.82
C GLY A 89 12.49 12.52 2.25
N ASN A 90 12.96 12.72 1.03
CA ASN A 90 12.84 14.01 0.37
C ASN A 90 12.38 13.85 -1.09
N GLU A 91 12.48 12.64 -1.62
CA GLU A 91 12.22 12.43 -3.04
C GLU A 91 10.78 11.95 -3.25
N THR A 92 10.27 12.17 -4.45
CA THR A 92 8.92 11.78 -4.80
C THR A 92 8.92 11.13 -6.19
N ARG A 93 8.49 9.87 -6.24
CA ARG A 93 8.47 9.14 -7.50
C ARG A 93 7.04 9.02 -8.03
N LYS A 94 6.91 8.87 -9.34
CA LYS A 94 5.62 8.78 -9.99
C LYS A 94 5.30 7.33 -10.38
N TYR A 95 4.16 6.85 -9.92
CA TYR A 95 3.74 5.47 -10.20
C TYR A 95 2.37 5.48 -10.88
N LYS A 96 2.11 4.48 -11.71
CA LYS A 96 0.82 4.37 -12.38
C LYS A 96 0.14 3.06 -12.00
N MET A 97 -1.18 3.08 -11.87
CA MET A 97 -1.93 1.90 -11.46
C MET A 97 -2.06 0.93 -12.62
N THR A 98 -1.01 0.15 -12.84
CA THR A 98 -0.93 -0.70 -14.02
C THR A 98 -1.65 -2.03 -13.83
N SER A 99 -1.96 -2.37 -12.60
CA SER A 99 -2.69 -3.60 -12.32
C SER A 99 -3.61 -3.44 -11.11
N ILE A 100 -4.89 -3.32 -11.38
CA ILE A 100 -5.92 -3.30 -10.35
C ILE A 100 -6.65 -4.64 -10.37
N ARG A 101 -6.46 -5.43 -9.31
CA ARG A 101 -7.00 -6.78 -9.29
C ARG A 101 -7.83 -7.02 -8.03
N ASP A 102 -8.83 -7.87 -8.18
CA ASP A 102 -9.68 -8.28 -7.06
C ASP A 102 -9.40 -9.72 -6.70
N VAL A 103 -9.26 -9.99 -5.42
CA VAL A 103 -8.92 -11.34 -4.95
C VAL A 103 -9.97 -11.88 -3.99
N LYS A 104 -10.48 -13.05 -4.29
CA LYS A 104 -11.42 -13.73 -3.40
C LYS A 104 -10.66 -14.40 -2.25
N PRO A 105 -11.28 -14.44 -1.06
CA PRO A 105 -10.61 -14.84 0.19
C PRO A 105 -10.12 -16.28 0.19
N THR A 106 -10.69 -17.11 -0.67
CA THR A 106 -10.34 -18.52 -0.72
C THR A 106 -9.07 -18.75 -1.52
N ASP A 107 -8.82 -17.90 -2.51
CA ASP A 107 -7.71 -18.11 -3.42
C ASP A 107 -6.86 -16.86 -3.53
N VAL A 108 -5.97 -16.67 -2.57
CA VAL A 108 -5.08 -15.54 -2.57
C VAL A 108 -3.69 -15.97 -3.05
N GLU A 109 -3.52 -17.28 -3.20
CA GLU A 109 -2.27 -17.88 -3.64
C GLU A 109 -2.30 -18.15 -5.14
N VAL A 110 -2.97 -17.27 -5.87
CA VAL A 110 -3.16 -17.44 -7.31
C VAL A 110 -1.95 -16.96 -8.11
N LEU A 111 -0.81 -16.81 -7.45
CA LEU A 111 0.41 -16.37 -8.10
C LEU A 111 1.62 -17.09 -7.52
N ASP A 112 2.77 -16.92 -8.15
CA ASP A 112 4.00 -17.52 -7.64
C ASP A 112 4.62 -16.61 -6.59
N GLU A 113 5.37 -17.21 -5.69
CA GLU A 113 6.01 -16.47 -4.61
C GLU A 113 7.15 -15.61 -5.15
N GLN A 114 6.87 -14.33 -5.36
CA GLN A 114 7.86 -13.44 -5.97
C GLN A 114 7.93 -12.11 -5.25
N LYS A 115 8.86 -11.99 -4.33
CA LYS A 115 9.16 -10.71 -3.72
C LYS A 115 10.53 -10.25 -4.20
N GLY A 116 10.54 -9.13 -4.91
CA GLY A 116 11.76 -8.65 -5.52
C GLY A 116 11.58 -8.37 -7.00
N LYS A 117 10.37 -7.98 -7.36
CA LYS A 117 10.04 -7.63 -8.74
C LYS A 117 10.61 -6.24 -9.07
N ASP A 118 10.09 -5.64 -10.12
CA ASP A 118 10.55 -4.34 -10.60
C ASP A 118 10.11 -3.26 -9.63
N LYS A 119 10.25 -2.01 -10.04
CA LYS A 119 9.85 -0.89 -9.20
C LYS A 119 8.34 -0.75 -9.23
N GLN A 120 7.68 -1.50 -8.37
CA GLN A 120 6.24 -1.45 -8.28
C GLN A 120 5.78 -1.45 -6.82
N LEU A 121 4.84 -0.58 -6.50
CA LEU A 121 4.23 -0.59 -5.20
C LEU A 121 3.05 -1.54 -5.21
N THR A 122 3.21 -2.68 -4.57
CA THR A 122 2.15 -3.67 -4.51
C THR A 122 1.33 -3.45 -3.24
N LEU A 123 0.24 -2.71 -3.38
CA LEU A 123 -0.64 -2.44 -2.25
C LEU A 123 -1.61 -3.58 -2.03
N ILE A 124 -1.41 -4.29 -0.94
CA ILE A 124 -2.33 -5.32 -0.51
C ILE A 124 -3.39 -4.70 0.39
N THR A 125 -4.54 -4.43 -0.19
CA THR A 125 -5.60 -3.74 0.52
C THR A 125 -6.81 -4.64 0.74
N CYS A 126 -6.98 -5.13 1.96
CA CYS A 126 -8.19 -5.85 2.32
C CYS A 126 -9.35 -4.87 2.39
N ASP A 127 -10.41 -5.13 1.61
CA ASP A 127 -11.58 -4.25 1.58
C ASP A 127 -12.28 -4.20 2.94
N ASP A 128 -13.06 -5.23 3.22
CA ASP A 128 -13.83 -5.28 4.45
C ASP A 128 -13.06 -6.08 5.50
N TYR A 129 -13.65 -6.29 6.68
CA TYR A 129 -12.96 -6.98 7.75
C TYR A 129 -13.92 -7.79 8.61
N ASN A 130 -13.51 -8.99 8.98
CA ASN A 130 -14.28 -9.86 9.85
C ASN A 130 -13.35 -10.64 10.77
N GLU A 131 -13.49 -10.41 12.06
CA GLU A 131 -12.61 -11.02 13.07
C GLU A 131 -12.77 -12.54 13.12
N LYS A 132 -13.86 -13.03 12.57
CA LYS A 132 -14.14 -14.46 12.54
C LYS A 132 -13.05 -15.22 11.77
N THR A 133 -12.61 -14.62 10.67
CA THR A 133 -11.70 -15.31 9.76
C THR A 133 -10.49 -14.43 9.41
N GLY A 134 -10.73 -13.14 9.20
CA GLY A 134 -9.64 -12.21 8.90
C GLY A 134 -10.14 -11.08 8.03
N VAL A 135 -10.96 -11.43 7.07
CA VAL A 135 -11.58 -10.46 6.19
C VAL A 135 -13.06 -10.76 6.15
N TRP A 136 -13.87 -9.79 5.78
CA TRP A 136 -15.30 -10.02 5.72
C TRP A 136 -15.67 -10.62 4.38
N GLU A 137 -15.08 -10.10 3.32
CA GLU A 137 -15.44 -10.54 1.99
C GLU A 137 -14.22 -10.69 1.07
N LYS A 138 -13.77 -9.60 0.45
CA LYS A 138 -12.80 -9.69 -0.63
C LYS A 138 -11.48 -8.99 -0.31
N ARG A 139 -10.49 -9.29 -1.14
CA ARG A 139 -9.20 -8.61 -1.10
C ARG A 139 -9.09 -7.71 -2.32
N LYS A 140 -8.24 -6.70 -2.22
CA LYS A 140 -8.00 -5.79 -3.32
C LYS A 140 -6.51 -5.57 -3.49
N ILE A 141 -6.00 -5.76 -4.69
CA ILE A 141 -4.60 -5.58 -4.97
C ILE A 141 -4.39 -4.41 -5.93
N PHE A 142 -3.52 -3.50 -5.54
CA PHE A 142 -3.19 -2.34 -6.35
C PHE A 142 -1.70 -2.33 -6.65
N VAL A 143 -1.34 -2.62 -7.89
CA VAL A 143 0.05 -2.59 -8.29
C VAL A 143 0.36 -1.33 -9.08
N ALA A 144 1.08 -0.42 -8.45
CA ALA A 144 1.49 0.82 -9.10
C ALA A 144 2.95 0.72 -9.54
N THR A 145 3.15 0.60 -10.84
CA THR A 145 4.49 0.46 -11.39
C THR A 145 5.11 1.84 -11.60
N GLU A 146 6.40 1.95 -11.31
CA GLU A 146 7.12 3.21 -11.42
C GLU A 146 7.18 3.66 -12.88
N VAL A 147 6.64 4.83 -13.14
CA VAL A 147 6.64 5.38 -14.50
C VAL A 147 7.96 6.09 -14.75
N LYS A 148 8.23 6.37 -16.01
CA LYS A 148 9.45 7.07 -16.38
C LYS A 148 9.13 8.50 -16.77
S2 2W7 B . -5.25 -7.65 2.85
C5 2W7 B . -4.18 -7.77 4.24
C6 2W7 B . -3.78 -6.61 4.89
C10 2W7 B . -3.75 -9.02 4.70
C7 2W7 B . -2.96 -6.69 6.01
C8 2W7 B . -2.53 -7.93 6.49
C9 2W7 B . -2.93 -9.08 5.83
C11 2W7 B . -4.12 -10.21 4.07
O2 2W7 B . -5.31 -10.46 3.85
N3 2W7 B . -3.12 -11.04 3.75
C12 2W7 B . -1.71 -10.60 3.59
C13 2W7 B . -1.20 -10.98 2.20
O3 2W7 B . -1.33 -10.22 1.24
N4 2W7 B . -0.62 -12.18 2.11
C14 2W7 B . -0.10 -12.67 0.82
C18 2W7 B . 0.40 -14.10 0.96
C17 2W7 B . 0.93 -14.60 -0.37
C19 2W7 B . -0.17 -14.56 -1.41
C23 2W7 B . -0.66 -13.13 -1.57
C24 2W7 B . -1.20 -12.63 -0.23
C25 2W7 B . 0.49 -12.24 -2.01
C20 2W7 B . 1.60 -12.28 -0.97
C26 2W7 B . 1.05 -11.78 0.37
C16 2W7 B . 2.09 -13.71 -0.81
H6 2W7 B . -4.11 -5.64 4.54
H7 2W7 B . -2.65 -5.78 6.53
H8 2W7 B . -1.90 -7.99 7.37
H9 2W7 B . -2.60 -10.06 6.20
H3 2W7 B . -3.25 -12.02 3.61
H122 2W7 B . -1.65 -9.52 3.72
H121 2W7 B . -1.09 -11.08 4.34
H4 2W7 B . -0.53 -12.78 2.90
HZ12 2W7 B . -0.43 -14.74 1.28
HZ11 2W7 B . 1.18 -14.14 1.72
HY1 2W7 B . 1.28 -15.62 -0.25
HX22 2W7 B . 0.23 -14.93 -2.36
HX21 2W7 B . -0.99 -15.21 -1.08
HY3 2W7 B . -1.45 -13.10 -2.31
HZ21 2W7 B . -2.02 -13.26 0.08
HZ22 2W7 B . -1.56 -11.61 -0.36
HX31 2W7 B . 0.87 -12.60 -2.96
HX32 2W7 B . 0.13 -11.22 -2.13
HY2 2W7 B . 2.42 -11.65 -1.29
HZ32 2W7 B . 0.72 -10.76 0.26
HZ31 2W7 B . 1.86 -11.81 1.10
HX12 2W7 B . 2.46 -14.06 -1.77
HX11 2W7 B . 2.88 -13.75 -0.07
N MET A 1 17.12 13.59 -0.21
CA MET A 1 18.15 14.04 -1.18
C MET A 1 19.51 13.51 -0.75
N GLN A 2 20.09 14.11 0.28
CA GLN A 2 21.30 13.57 0.89
C GLN A 2 20.89 12.58 1.96
N ALA A 3 21.18 11.30 1.72
CA ALA A 3 20.80 10.22 2.62
C ALA A 3 19.30 9.95 2.53
N LYS A 4 18.92 8.72 2.79
CA LYS A 4 17.52 8.31 2.70
C LYS A 4 17.07 7.66 4.00
N PRO A 5 15.81 7.87 4.39
CA PRO A 5 15.24 7.24 5.59
C PRO A 5 15.17 5.73 5.46
N GLN A 6 15.10 5.04 6.58
CA GLN A 6 15.03 3.59 6.58
C GLN A 6 13.72 3.11 7.17
N ILE A 7 13.43 1.84 7.00
CA ILE A 7 12.23 1.23 7.55
C ILE A 7 12.56 0.53 8.88
N PRO A 8 12.22 1.16 10.01
CA PRO A 8 12.58 0.67 11.33
C PRO A 8 11.50 -0.21 11.96
N LYS A 9 11.73 -0.57 13.22
CA LYS A 9 10.79 -1.36 13.99
C LYS A 9 9.70 -0.45 14.55
N ASP A 10 10.00 0.84 14.57
CA ASP A 10 9.13 1.83 15.16
C ASP A 10 7.86 1.99 14.34
N LYS A 11 6.73 2.10 15.03
CA LYS A 11 5.44 1.98 14.39
C LYS A 11 4.91 3.31 13.88
N SER A 12 5.24 4.40 14.57
CA SER A 12 4.71 5.70 14.21
C SER A 12 5.74 6.53 13.44
N LYS A 13 6.86 5.90 13.07
CA LYS A 13 7.89 6.58 12.31
C LYS A 13 7.58 6.51 10.81
N VAL A 14 6.86 7.49 10.31
CA VAL A 14 6.51 7.54 8.89
C VAL A 14 7.76 7.66 8.03
N ALA A 15 8.01 6.63 7.22
CA ALA A 15 9.16 6.59 6.34
C ALA A 15 8.80 7.10 4.95
N GLY A 16 7.54 6.94 4.57
CA GLY A 16 7.11 7.33 3.25
C GLY A 16 5.73 7.97 3.25
N TYR A 17 5.47 8.78 2.25
CA TYR A 17 4.17 9.44 2.11
C TYR A 17 3.53 9.03 0.79
N ILE A 18 2.27 8.64 0.84
CA ILE A 18 1.54 8.25 -0.36
C ILE A 18 0.60 9.38 -0.79
N GLU A 19 0.66 9.74 -2.06
CA GLU A 19 -0.16 10.82 -2.59
C GLU A 19 -0.76 10.44 -3.94
N ILE A 20 -2.06 10.21 -3.95
CA ILE A 20 -2.81 10.00 -5.17
C ILE A 20 -3.85 11.10 -5.30
N PRO A 21 -3.53 12.16 -6.04
CA PRO A 21 -4.38 13.36 -6.15
C PRO A 21 -5.79 13.05 -6.66
N ASP A 22 -5.87 12.10 -7.58
CA ASP A 22 -7.14 11.72 -8.19
C ASP A 22 -8.10 11.18 -7.13
N ALA A 23 -7.55 10.57 -6.09
CA ALA A 23 -8.35 9.97 -5.03
C ALA A 23 -8.20 10.75 -3.73
N ASP A 24 -7.49 11.86 -3.80
CA ASP A 24 -7.23 12.70 -2.62
C ASP A 24 -6.52 11.91 -1.53
N ILE A 25 -5.80 10.86 -1.92
CA ILE A 25 -5.10 10.02 -0.97
C ILE A 25 -3.74 10.64 -0.67
N LYS A 26 -3.66 11.33 0.45
CA LYS A 26 -2.44 12.01 0.85
C LYS A 26 -2.16 11.73 2.32
N GLU A 27 -1.46 10.64 2.58
CA GLU A 27 -1.28 10.15 3.94
C GLU A 27 0.09 9.52 4.16
N PRO A 28 0.57 9.54 5.41
CA PRO A 28 1.83 8.88 5.80
C PRO A 28 1.71 7.35 5.85
N VAL A 29 2.84 6.68 5.66
CA VAL A 29 2.89 5.23 5.74
C VAL A 29 3.60 4.83 7.02
N TYR A 30 3.11 3.81 7.69
CA TYR A 30 3.65 3.44 9.00
C TYR A 30 4.33 2.08 8.93
N PRO A 31 5.67 2.11 8.91
CA PRO A 31 6.51 0.90 8.93
C PRO A 31 6.17 -0.06 10.07
N GLY A 32 6.61 -1.30 9.93
CA GLY A 32 6.33 -2.30 10.92
C GLY A 32 5.65 -3.51 10.30
N PRO A 33 5.58 -4.64 11.02
CA PRO A 33 4.94 -5.85 10.53
C PRO A 33 3.43 -5.65 10.35
N ALA A 34 2.89 -6.23 9.29
CA ALA A 34 1.46 -6.17 9.03
C ALA A 34 0.68 -6.80 10.17
N THR A 35 0.15 -5.96 11.04
CA THR A 35 -0.53 -6.40 12.25
C THR A 35 -1.79 -5.59 12.48
N PRO A 36 -2.77 -6.15 13.22
CA PRO A 36 -4.04 -5.48 13.51
C PRO A 36 -3.84 -4.11 14.15
N GLU A 37 -2.81 -3.98 14.97
CA GLU A 37 -2.51 -2.73 15.66
C GLU A 37 -2.09 -1.66 14.68
N GLN A 38 -1.20 -2.01 13.75
CA GLN A 38 -0.66 -1.05 12.80
C GLN A 38 -1.69 -0.66 11.76
N LEU A 39 -2.36 -1.65 11.19
CA LEU A 39 -3.40 -1.41 10.20
C LEU A 39 -4.62 -0.74 10.82
N ASN A 40 -4.62 -0.66 12.15
CA ASN A 40 -5.64 0.06 12.88
C ASN A 40 -5.37 1.56 12.83
N ARG A 41 -4.09 1.90 12.79
CA ARG A 41 -3.67 3.30 12.77
C ARG A 41 -3.47 3.79 11.35
N GLY A 42 -2.77 3.00 10.54
CA GLY A 42 -2.48 3.40 9.19
C GLY A 42 -2.11 2.24 8.29
N VAL A 43 -1.39 2.53 7.22
CA VAL A 43 -0.97 1.50 6.27
C VAL A 43 0.45 1.05 6.59
N SER A 44 0.68 -0.26 6.58
CA SER A 44 1.95 -0.81 6.97
C SER A 44 2.50 -1.74 5.89
N PHE A 45 3.82 -1.84 5.82
CA PHE A 45 4.46 -2.66 4.79
C PHE A 45 4.28 -4.15 5.06
N ALA A 46 4.19 -4.92 3.98
CA ALA A 46 4.18 -6.37 4.09
C ALA A 46 5.62 -6.85 4.20
N GLU A 47 6.52 -6.08 3.61
CA GLU A 47 7.94 -6.30 3.72
C GLU A 47 8.51 -5.32 4.75
N GLU A 48 8.71 -5.80 5.97
CA GLU A 48 9.15 -4.94 7.07
C GLU A 48 10.67 -4.75 7.05
N ASN A 49 11.28 -5.05 5.92
CA ASN A 49 12.70 -4.87 5.75
C ASN A 49 13.04 -3.41 5.54
N GLU A 50 14.33 -3.11 5.53
CA GLU A 50 14.82 -1.73 5.49
C GLU A 50 14.83 -1.16 4.07
N SER A 51 14.16 -1.83 3.15
CA SER A 51 14.20 -1.42 1.77
C SER A 51 12.95 -0.68 1.36
N LEU A 52 13.07 0.63 1.29
CA LEU A 52 11.99 1.46 0.77
C LEU A 52 12.40 2.06 -0.57
N ASP A 53 13.57 1.65 -1.04
CA ASP A 53 14.12 2.18 -2.27
C ASP A 53 14.45 1.03 -3.23
N ASP A 54 13.79 -0.10 -2.98
CA ASP A 54 13.92 -1.27 -3.85
C ASP A 54 13.14 -1.00 -5.13
N GLN A 55 12.97 -2.02 -5.95
CA GLN A 55 12.17 -1.88 -7.15
C GLN A 55 10.74 -2.30 -6.87
N ASN A 56 10.56 -3.21 -5.93
CA ASN A 56 9.22 -3.61 -5.51
C ASN A 56 8.97 -3.11 -4.10
N ILE A 57 7.74 -2.70 -3.84
CA ILE A 57 7.34 -2.22 -2.53
C ILE A 57 5.96 -2.78 -2.18
N SER A 58 5.91 -3.81 -1.36
CA SER A 58 4.64 -4.41 -0.97
C SER A 58 4.15 -3.80 0.35
N ILE A 59 3.01 -3.12 0.28
CA ILE A 59 2.41 -2.52 1.45
C ILE A 59 1.00 -3.05 1.63
N ALA A 60 0.64 -3.35 2.87
CA ALA A 60 -0.69 -3.87 3.17
C ALA A 60 -1.64 -2.73 3.47
N GLY A 61 -2.68 -2.59 2.65
CA GLY A 61 -3.58 -1.48 2.80
C GLY A 61 -4.90 -1.89 3.42
N HIS A 62 -5.17 -1.38 4.61
CA HIS A 62 -6.44 -1.63 5.25
C HIS A 62 -7.54 -0.82 4.57
N THR A 63 -8.71 -1.39 4.44
CA THR A 63 -9.83 -0.70 3.83
C THR A 63 -10.40 0.34 4.80
N PHE A 64 -11.37 1.12 4.34
CA PHE A 64 -11.96 2.18 5.14
C PHE A 64 -13.03 1.62 6.07
N ILE A 65 -13.37 2.39 7.10
CA ILE A 65 -14.40 1.99 8.06
C ILE A 65 -15.32 3.16 8.35
N ASP A 66 -14.87 4.06 9.22
CA ASP A 66 -15.62 5.25 9.57
C ASP A 66 -14.85 6.49 9.12
N ARG A 67 -13.61 6.29 8.73
CA ARG A 67 -12.76 7.38 8.30
C ARG A 67 -12.75 7.47 6.78
N PRO A 68 -13.36 8.51 6.19
CA PRO A 68 -13.36 8.73 4.74
C PRO A 68 -12.12 9.51 4.29
N ASN A 69 -11.42 10.10 5.25
CA ASN A 69 -10.18 10.78 4.96
C ASN A 69 -9.04 10.10 5.68
N TYR A 70 -8.82 8.84 5.33
CA TYR A 70 -7.73 8.06 5.90
C TYR A 70 -6.80 7.59 4.79
N GLN A 71 -5.74 6.87 5.17
CA GLN A 71 -4.67 6.50 4.23
C GLN A 71 -5.22 5.80 2.99
N PHE A 72 -6.18 4.92 3.19
CA PHE A 72 -6.78 4.19 2.08
C PHE A 72 -8.29 4.26 2.16
N THR A 73 -8.86 5.12 1.35
CA THR A 73 -10.29 5.35 1.39
C THR A 73 -10.89 5.55 -0.01
N ASN A 74 -10.44 6.60 -0.67
CA ASN A 74 -11.09 7.08 -1.90
C ASN A 74 -10.44 6.51 -3.16
N LEU A 75 -9.81 5.34 -3.08
CA LEU A 75 -9.12 4.78 -4.24
C LEU A 75 -10.09 4.49 -5.39
N LYS A 76 -11.38 4.42 -5.07
CA LYS A 76 -12.41 4.16 -6.06
C LYS A 76 -12.49 5.30 -7.08
N ALA A 77 -12.01 6.47 -6.69
CA ALA A 77 -12.04 7.64 -7.56
C ALA A 77 -10.82 7.67 -8.48
N ALA A 78 -9.80 6.88 -8.17
CA ALA A 78 -8.59 6.84 -8.96
C ALA A 78 -8.79 6.00 -10.21
N LYS A 79 -7.83 6.07 -11.13
CA LYS A 79 -7.95 5.35 -12.40
C LYS A 79 -6.64 4.69 -12.79
N LYS A 80 -6.72 3.83 -13.79
CA LYS A 80 -5.60 2.99 -14.20
C LYS A 80 -4.47 3.81 -14.84
N GLY A 81 -4.75 5.06 -15.12
CA GLY A 81 -3.75 5.92 -15.70
C GLY A 81 -3.66 7.25 -14.97
N SER A 82 -3.77 7.19 -13.66
CA SER A 82 -3.64 8.38 -12.83
C SER A 82 -2.17 8.65 -12.51
N MET A 83 -1.91 9.24 -11.37
CA MET A 83 -0.54 9.53 -10.95
C MET A 83 -0.37 9.24 -9.47
N VAL A 84 0.30 8.14 -9.17
CA VAL A 84 0.54 7.75 -7.78
C VAL A 84 1.92 8.22 -7.35
N TYR A 85 1.95 9.04 -6.31
CA TYR A 85 3.21 9.53 -5.77
C TYR A 85 3.61 8.76 -4.54
N PHE A 86 4.84 8.29 -4.51
CA PHE A 86 5.37 7.62 -3.33
C PHE A 86 6.64 8.34 -2.89
N LYS A 87 6.53 9.09 -1.80
CA LYS A 87 7.63 9.89 -1.32
C LYS A 87 8.32 9.23 -0.14
N VAL A 88 9.56 8.85 -0.32
CA VAL A 88 10.36 8.34 0.77
C VAL A 88 11.18 9.48 1.37
N GLY A 89 10.71 9.99 2.50
CA GLY A 89 11.28 11.21 3.05
C GLY A 89 10.86 12.41 2.23
N ASN A 90 11.65 12.74 1.22
CA ASN A 90 11.31 13.84 0.32
C ASN A 90 11.39 13.35 -1.14
N GLU A 91 11.98 12.18 -1.34
CA GLU A 91 12.20 11.65 -2.67
C GLU A 91 10.90 11.11 -3.24
N THR A 92 10.45 11.70 -4.33
CA THR A 92 9.14 11.37 -4.89
C THR A 92 9.28 10.47 -6.13
N ARG A 93 8.83 9.23 -5.99
CA ARG A 93 8.80 8.30 -7.11
C ARG A 93 7.37 8.20 -7.63
N LYS A 94 7.20 8.22 -8.94
CA LYS A 94 5.87 8.24 -9.55
C LYS A 94 5.51 6.87 -10.10
N TYR A 95 4.27 6.48 -9.91
CA TYR A 95 3.79 5.19 -10.38
C TYR A 95 2.46 5.33 -11.11
N LYS A 96 2.25 4.46 -12.09
CA LYS A 96 1.01 4.45 -12.84
C LYS A 96 0.20 3.21 -12.44
N MET A 97 -1.12 3.37 -12.26
CA MET A 97 -1.97 2.29 -11.77
C MET A 97 -2.30 1.30 -12.89
N THR A 98 -1.27 0.68 -13.43
CA THR A 98 -1.41 -0.18 -14.59
C THR A 98 -2.18 -1.45 -14.28
N SER A 99 -1.92 -2.05 -13.13
CA SER A 99 -2.54 -3.31 -12.78
C SER A 99 -3.42 -3.17 -11.54
N ILE A 100 -4.73 -3.10 -11.79
CA ILE A 100 -5.71 -3.03 -10.72
C ILE A 100 -6.64 -4.23 -10.84
N ARG A 101 -6.60 -5.13 -9.86
CA ARG A 101 -7.43 -6.33 -9.93
C ARG A 101 -8.12 -6.59 -8.59
N ASP A 102 -9.36 -7.02 -8.69
CA ASP A 102 -10.17 -7.30 -7.50
C ASP A 102 -10.50 -8.79 -7.42
N VAL A 103 -9.87 -9.47 -6.47
CA VAL A 103 -10.14 -10.88 -6.24
C VAL A 103 -10.48 -11.10 -4.77
N LYS A 104 -10.55 -12.34 -4.33
CA LYS A 104 -10.81 -12.63 -2.94
C LYS A 104 -9.78 -13.64 -2.40
N PRO A 105 -9.57 -13.64 -1.06
CA PRO A 105 -8.53 -14.45 -0.45
C PRO A 105 -8.90 -15.93 -0.30
N THR A 106 -8.28 -16.75 -1.13
CA THR A 106 -8.37 -18.19 -0.98
C THR A 106 -6.97 -18.78 -0.76
N ASP A 107 -6.04 -18.41 -1.64
CA ASP A 107 -4.65 -18.84 -1.53
C ASP A 107 -3.78 -17.66 -1.14
N VAL A 108 -3.11 -17.76 0.00
CA VAL A 108 -2.26 -16.67 0.47
C VAL A 108 -0.78 -16.98 0.24
N GLU A 109 -0.45 -18.26 0.19
CA GLU A 109 0.94 -18.68 0.00
C GLU A 109 1.19 -19.05 -1.45
N VAL A 110 0.34 -18.57 -2.34
CA VAL A 110 0.48 -18.82 -3.77
C VAL A 110 1.57 -17.89 -4.34
N LEU A 111 2.16 -17.08 -3.48
CA LEU A 111 3.22 -16.17 -3.86
C LEU A 111 4.59 -16.81 -3.62
N ASP A 112 4.60 -18.11 -3.35
CA ASP A 112 5.84 -18.83 -3.06
C ASP A 112 6.57 -19.19 -4.34
N GLU A 113 6.04 -18.72 -5.44
CA GLU A 113 6.68 -18.86 -6.73
C GLU A 113 7.21 -17.50 -7.18
N GLN A 114 8.48 -17.25 -6.89
CA GLN A 114 9.09 -15.97 -7.26
C GLN A 114 9.94 -16.13 -8.51
N LYS A 115 9.61 -15.36 -9.53
CA LYS A 115 10.37 -15.38 -10.77
C LYS A 115 11.19 -14.09 -10.86
N GLY A 116 11.04 -13.27 -9.84
CA GLY A 116 11.68 -11.97 -9.80
C GLY A 116 10.68 -10.89 -9.53
N LYS A 117 11.03 -9.64 -9.81
CA LYS A 117 10.10 -8.53 -9.64
C LYS A 117 10.45 -7.39 -10.58
N ASP A 118 9.64 -6.37 -10.54
CA ASP A 118 9.82 -5.18 -11.36
C ASP A 118 9.75 -3.94 -10.49
N LYS A 119 9.72 -2.79 -11.13
CA LYS A 119 9.54 -1.53 -10.42
C LYS A 119 8.06 -1.26 -10.24
N GLN A 120 7.54 -1.61 -9.08
CA GLN A 120 6.11 -1.52 -8.83
C GLN A 120 5.80 -1.57 -7.35
N LEU A 121 4.85 -0.76 -6.91
CA LEU A 121 4.35 -0.85 -5.55
C LEU A 121 3.20 -1.85 -5.54
N THR A 122 3.25 -2.77 -4.61
CA THR A 122 2.22 -3.78 -4.48
C THR A 122 1.33 -3.45 -3.28
N LEU A 123 0.31 -2.65 -3.54
CA LEU A 123 -0.63 -2.27 -2.51
C LEU A 123 -1.72 -3.32 -2.40
N ILE A 124 -1.56 -4.21 -1.45
CA ILE A 124 -2.51 -5.28 -1.23
C ILE A 124 -3.58 -4.79 -0.28
N THR A 125 -4.68 -4.33 -0.85
CA THR A 125 -5.75 -3.75 -0.06
C THR A 125 -6.97 -4.66 -0.06
N CYS A 126 -7.12 -5.42 1.02
CA CYS A 126 -8.27 -6.29 1.17
C CYS A 126 -9.57 -5.50 1.19
N ASP A 127 -10.39 -5.74 0.19
CA ASP A 127 -11.64 -5.02 0.00
C ASP A 127 -12.78 -5.76 0.70
N ASP A 128 -13.88 -5.06 0.96
CA ASP A 128 -15.09 -5.66 1.53
C ASP A 128 -14.84 -6.09 2.97
N TYR A 129 -15.42 -5.38 3.91
CA TYR A 129 -15.12 -5.57 5.32
C TYR A 129 -16.38 -5.69 6.15
N ASN A 130 -16.24 -6.31 7.32
CA ASN A 130 -17.28 -6.25 8.34
C ASN A 130 -16.78 -5.33 9.46
N GLU A 131 -17.38 -4.14 9.52
CA GLU A 131 -16.85 -3.02 10.30
C GLU A 131 -16.63 -3.33 11.78
N LYS A 132 -17.37 -4.28 12.33
CA LYS A 132 -17.25 -4.61 13.75
C LYS A 132 -15.96 -5.37 14.00
N THR A 133 -15.82 -6.50 13.34
CA THR A 133 -14.70 -7.40 13.56
C THR A 133 -13.51 -7.04 12.67
N GLY A 134 -13.78 -6.87 11.39
CA GLY A 134 -12.75 -6.54 10.44
C GLY A 134 -12.34 -7.74 9.59
N VAL A 135 -13.33 -8.52 9.14
CA VAL A 135 -13.06 -9.64 8.26
C VAL A 135 -12.96 -9.15 6.82
N TRP A 136 -12.12 -9.81 6.04
CA TRP A 136 -11.85 -9.41 4.67
C TRP A 136 -12.53 -10.37 3.70
N GLU A 137 -13.51 -9.88 2.97
CA GLU A 137 -14.27 -10.70 2.04
C GLU A 137 -13.65 -10.70 0.66
N LYS A 138 -12.94 -9.61 0.33
CA LYS A 138 -12.20 -9.54 -0.92
C LYS A 138 -10.75 -9.15 -0.65
N ARG A 139 -10.00 -9.02 -1.73
CA ARG A 139 -8.65 -8.48 -1.66
C ARG A 139 -8.26 -7.89 -3.00
N LYS A 140 -8.35 -6.57 -3.11
CA LYS A 140 -7.92 -5.89 -4.31
C LYS A 140 -6.45 -5.56 -4.21
N ILE A 141 -5.66 -6.14 -5.08
CA ILE A 141 -4.28 -5.86 -5.09
C ILE A 141 -3.95 -4.87 -6.21
N PHE A 142 -3.44 -3.73 -5.77
CA PHE A 142 -3.12 -2.65 -6.68
C PHE A 142 -1.61 -2.61 -6.92
N VAL A 143 -1.23 -2.88 -8.16
CA VAL A 143 0.17 -2.86 -8.54
C VAL A 143 0.44 -1.66 -9.45
N ALA A 144 1.21 -0.72 -8.93
CA ALA A 144 1.56 0.49 -9.67
C ALA A 144 2.97 0.41 -10.20
N THR A 145 3.11 0.41 -11.52
CA THR A 145 4.41 0.33 -12.14
C THR A 145 5.08 1.70 -12.12
N GLU A 146 6.37 1.72 -11.78
CA GLU A 146 7.15 2.97 -11.75
C GLU A 146 7.17 3.62 -13.13
N VAL A 147 6.71 4.85 -13.19
CA VAL A 147 6.64 5.58 -14.44
C VAL A 147 7.62 6.73 -14.46
N LYS A 148 8.03 7.08 -15.65
CA LYS A 148 9.02 8.14 -15.85
C LYS A 148 8.31 9.45 -16.18
S2 2W7 B . -5.16 -7.82 2.65
C5 2W7 B . -4.94 -8.11 4.37
C6 2W7 B . -5.16 -7.06 5.26
C10 2W7 B . -4.56 -9.36 4.86
C7 2W7 B . -5.01 -7.24 6.62
C8 2W7 B . -4.63 -8.49 7.11
C9 2W7 B . -4.41 -9.54 6.23
C11 2W7 B . -4.33 -10.44 4.01
O2 2W7 B . -3.25 -11.02 4.01
N3 2W7 B . -5.34 -10.76 3.18
C12 2W7 B . -5.21 -11.81 2.18
C13 2W7 B . -4.05 -11.51 1.22
O3 2W7 B . -4.05 -11.94 0.06
N4 2W7 B . -3.07 -10.77 1.74
C14 2W7 B . -1.67 -11.25 1.69
C18 2W7 B . -1.61 -12.69 2.17
C17 2W7 B . -0.18 -13.19 2.12
C19 2W7 B . 0.33 -13.12 0.69
C23 2W7 B . 0.28 -11.69 0.21
C24 2W7 B . -1.16 -11.19 0.26
C25 2W7 B . 1.15 -10.82 1.10
C20 2W7 B . 0.63 -10.88 2.54
C26 2W7 B . -0.79 -10.37 2.57
C16 2W7 B . 0.69 -12.32 3.01
H6 2W7 B . -5.47 -6.08 4.87
H7 2W7 B . -5.18 -6.41 7.31
H8 2W7 B . -4.50 -8.64 8.19
H9 2W7 B . -4.11 -10.53 6.62
H3 2W7 B . -6.23 -10.32 3.23
H122 2W7 B . -5.02 -12.77 2.67
H121 2W7 B . -6.14 -11.89 1.60
H4 2W7 B . -3.24 -9.89 2.17
HZ12 2W7 B . -2.24 -13.32 1.53
HZ11 2W7 B . -1.99 -12.75 3.19
HY1 2W7 B . -0.15 -14.22 2.47
HX22 2W7 B . 1.35 -13.50 0.66
HX21 2W7 B . -0.30 -13.75 0.06
HY3 2W7 B . 0.65 -11.63 -0.81
HZ21 2W7 B . -1.78 -11.82 -0.39
HZ22 2W7 B . -1.19 -10.17 -0.11
HX31 2W7 B . 2.17 -11.20 1.07
HX32 2W7 B . 1.13 -9.80 0.76
HY2 2W7 B . 1.26 -10.26 3.18
HZ32 2W7 B . -0.83 -9.35 2.22
HZ31 2W7 B . -1.16 -10.42 3.60
HX12 2W7 B . 1.72 -12.67 3.00
HX11 2W7 B . 0.32 -12.37 4.04
N MET A 1 16.99 12.88 12.90
CA MET A 1 16.15 13.35 11.77
C MET A 1 16.98 14.25 10.85
N GLN A 2 16.31 14.98 9.96
CA GLN A 2 16.97 15.86 8.99
C GLN A 2 17.81 15.05 8.01
N ALA A 3 17.43 13.81 7.82
CA ALA A 3 18.15 12.91 6.95
C ALA A 3 17.17 11.98 6.25
N LYS A 4 17.59 11.42 5.12
CA LYS A 4 16.71 10.54 4.36
C LYS A 4 16.41 9.28 5.17
N PRO A 5 15.15 8.87 5.18
CA PRO A 5 14.70 7.72 5.96
C PRO A 5 15.01 6.38 5.30
N GLN A 6 15.78 5.56 6.00
CA GLN A 6 15.91 4.17 5.65
C GLN A 6 15.14 3.37 6.70
N ILE A 7 14.27 2.49 6.25
CA ILE A 7 13.28 1.83 7.12
C ILE A 7 13.90 1.21 8.36
N PRO A 8 13.67 1.85 9.54
CA PRO A 8 14.12 1.35 10.82
C PRO A 8 13.09 0.44 11.52
N LYS A 9 13.35 0.13 12.78
CA LYS A 9 12.56 -0.83 13.56
C LYS A 9 11.14 -0.32 13.87
N ASP A 10 11.05 0.96 14.23
CA ASP A 10 9.80 1.54 14.73
C ASP A 10 8.67 1.43 13.73
N LYS A 11 7.44 1.32 14.22
CA LYS A 11 6.29 1.22 13.35
C LYS A 11 5.65 2.58 13.12
N SER A 12 5.58 3.37 14.18
CA SER A 12 4.91 4.67 14.13
C SER A 12 5.73 5.69 13.35
N LYS A 13 6.94 5.29 12.95
CA LYS A 13 7.80 6.15 12.17
C LYS A 13 7.38 6.09 10.71
N VAL A 14 7.27 7.25 10.09
CA VAL A 14 6.92 7.33 8.69
C VAL A 14 8.17 7.50 7.83
N ALA A 15 8.32 6.63 6.86
CA ALA A 15 9.46 6.67 5.97
C ALA A 15 9.04 7.18 4.59
N GLY A 16 7.77 7.03 4.28
CA GLY A 16 7.28 7.46 2.99
C GLY A 16 5.88 8.02 3.08
N TYR A 17 5.59 8.97 2.22
CA TYR A 17 4.27 9.56 2.16
C TYR A 17 3.59 9.13 0.88
N ILE A 18 2.44 8.49 1.01
CA ILE A 18 1.70 8.01 -0.14
C ILE A 18 0.69 9.07 -0.57
N GLU A 19 0.89 9.59 -1.76
CA GLU A 19 0.09 10.70 -2.23
C GLU A 19 -0.52 10.39 -3.59
N ILE A 20 -1.83 10.20 -3.60
CA ILE A 20 -2.58 9.97 -4.81
C ILE A 20 -3.64 11.03 -4.95
N PRO A 21 -3.38 12.04 -5.80
CA PRO A 21 -4.27 13.21 -5.96
C PRO A 21 -5.65 12.84 -6.50
N ASP A 22 -5.72 11.69 -7.16
CA ASP A 22 -6.98 11.21 -7.73
C ASP A 22 -7.95 10.79 -6.63
N ALA A 23 -7.39 10.33 -5.52
CA ALA A 23 -8.20 9.85 -4.41
C ALA A 23 -7.97 10.70 -3.16
N ASP A 24 -7.33 11.85 -3.35
CA ASP A 24 -7.06 12.79 -2.25
C ASP A 24 -6.24 12.13 -1.15
N ILE A 25 -5.50 11.09 -1.50
CA ILE A 25 -4.72 10.34 -0.53
C ILE A 25 -3.38 11.02 -0.29
N LYS A 26 -3.20 11.53 0.91
CA LYS A 26 -1.92 12.13 1.31
C LYS A 26 -1.68 11.82 2.77
N GLU A 27 -1.24 10.59 3.05
CA GLU A 27 -1.08 10.13 4.41
C GLU A 27 0.26 9.42 4.59
N PRO A 28 0.78 9.40 5.83
CA PRO A 28 2.07 8.77 6.13
C PRO A 28 2.02 7.25 6.08
N VAL A 29 3.06 6.65 5.54
CA VAL A 29 3.20 5.20 5.47
C VAL A 29 4.01 4.72 6.66
N TYR A 30 3.56 3.64 7.28
CA TYR A 30 4.24 3.09 8.44
C TYR A 30 4.93 1.78 8.09
N PRO A 31 6.21 1.85 7.70
CA PRO A 31 7.01 0.67 7.35
C PRO A 31 7.43 -0.14 8.57
N GLY A 32 6.73 -1.24 8.79
CA GLY A 32 7.08 -2.12 9.90
C GLY A 32 6.31 -3.41 9.84
N PRO A 33 6.52 -4.32 10.81
CA PRO A 33 5.77 -5.58 10.88
C PRO A 33 4.28 -5.33 11.06
N ALA A 34 3.54 -5.40 9.96
CA ALA A 34 2.12 -5.07 9.96
C ALA A 34 1.32 -5.95 10.91
N THR A 35 0.61 -5.30 11.82
CA THR A 35 -0.25 -5.98 12.76
C THR A 35 -1.65 -5.37 12.68
N PRO A 36 -2.67 -6.10 13.15
CA PRO A 36 -4.07 -5.65 13.09
C PRO A 36 -4.26 -4.23 13.67
N GLU A 37 -3.53 -3.94 14.73
CA GLU A 37 -3.65 -2.65 15.42
C GLU A 37 -3.18 -1.49 14.55
N GLN A 38 -2.09 -1.67 13.82
CA GLN A 38 -1.57 -0.59 12.99
C GLN A 38 -2.30 -0.56 11.65
N LEU A 39 -2.90 -1.69 11.29
CA LEU A 39 -3.73 -1.77 10.08
C LEU A 39 -5.16 -1.36 10.41
N ASN A 40 -5.34 -0.82 11.60
CA ASN A 40 -6.64 -0.33 12.04
C ASN A 40 -6.58 1.19 12.17
N ARG A 41 -5.35 1.71 12.14
CA ARG A 41 -5.11 3.13 12.39
C ARG A 41 -4.41 3.79 11.20
N GLY A 42 -3.84 2.97 10.35
CA GLY A 42 -3.22 3.47 9.13
C GLY A 42 -2.80 2.35 8.21
N VAL A 43 -1.71 2.57 7.49
CA VAL A 43 -1.26 1.61 6.50
C VAL A 43 0.21 1.22 6.74
N SER A 44 0.49 -0.06 6.55
CA SER A 44 1.82 -0.59 6.76
C SER A 44 2.19 -1.50 5.59
N PHE A 45 3.46 -1.78 5.41
CA PHE A 45 3.88 -2.71 4.38
C PHE A 45 3.53 -4.13 4.78
N ALA A 46 3.47 -5.03 3.79
CA ALA A 46 3.21 -6.43 4.06
C ALA A 46 4.39 -7.05 4.81
N GLU A 47 5.57 -6.50 4.57
CA GLU A 47 6.76 -6.89 5.28
C GLU A 47 7.16 -5.77 6.25
N GLU A 48 8.11 -6.04 7.11
CA GLU A 48 8.70 -4.98 7.92
C GLU A 48 9.65 -4.17 7.03
N ASN A 49 10.32 -4.89 6.12
CA ASN A 49 11.11 -4.30 5.06
C ASN A 49 12.38 -3.63 5.60
N GLU A 50 13.36 -3.41 4.73
CA GLU A 50 14.58 -2.74 5.13
C GLU A 50 15.05 -1.77 4.05
N SER A 51 14.34 -1.78 2.94
CA SER A 51 14.74 -1.01 1.77
C SER A 51 13.54 -0.44 1.04
N LEU A 52 13.27 0.83 1.30
CA LEU A 52 12.20 1.54 0.60
C LEU A 52 12.68 1.95 -0.78
N ASP A 53 13.96 1.71 -1.02
CA ASP A 53 14.59 1.96 -2.29
C ASP A 53 14.66 0.67 -3.11
N ASP A 54 13.95 -0.34 -2.64
CA ASP A 54 13.85 -1.60 -3.36
C ASP A 54 12.72 -1.51 -4.38
N GLN A 55 12.80 -2.30 -5.45
CA GLN A 55 11.83 -2.20 -6.52
C GLN A 55 10.57 -3.00 -6.21
N ASN A 56 10.66 -3.95 -5.29
CA ASN A 56 9.54 -4.80 -4.93
C ASN A 56 8.95 -4.37 -3.59
N ILE A 57 7.95 -3.51 -3.65
CA ILE A 57 7.31 -2.99 -2.46
C ILE A 57 5.84 -3.42 -2.40
N SER A 58 5.43 -3.96 -1.26
CA SER A 58 4.05 -4.34 -1.07
C SER A 58 3.48 -3.64 0.15
N ILE A 59 2.45 -2.83 -0.06
CA ILE A 59 1.84 -2.07 1.01
C ILE A 59 0.48 -2.66 1.35
N ALA A 60 0.25 -2.90 2.62
CA ALA A 60 -1.00 -3.52 3.05
C ALA A 60 -1.97 -2.47 3.60
N GLY A 61 -3.08 -2.30 2.90
CA GLY A 61 -4.06 -1.31 3.29
C GLY A 61 -5.33 -1.94 3.80
N HIS A 62 -5.36 -2.24 5.09
CA HIS A 62 -6.53 -2.85 5.69
C HIS A 62 -7.49 -1.77 6.15
N THR A 63 -8.74 -1.89 5.74
CA THR A 63 -9.78 -0.96 6.15
C THR A 63 -11.11 -1.69 6.28
N PHE A 64 -11.82 -1.46 7.38
CA PHE A 64 -13.12 -2.08 7.59
C PHE A 64 -14.04 -1.14 8.35
N ILE A 65 -13.68 0.13 8.36
CA ILE A 65 -14.43 1.13 9.12
C ILE A 65 -15.55 1.72 8.27
N ASP A 66 -15.49 1.45 6.96
CA ASP A 66 -16.50 1.91 6.01
C ASP A 66 -16.70 3.42 6.08
N ARG A 67 -15.61 4.15 6.30
CA ARG A 67 -15.64 5.60 6.27
C ARG A 67 -14.99 6.09 4.99
N PRO A 68 -15.76 6.80 4.14
CA PRO A 68 -15.29 7.23 2.81
C PRO A 68 -14.23 8.32 2.86
N ASN A 69 -13.85 8.73 4.06
CA ASN A 69 -12.79 9.72 4.23
C ASN A 69 -11.59 9.11 4.93
N TYR A 70 -11.46 7.80 4.81
CA TYR A 70 -10.26 7.13 5.29
C TYR A 70 -9.23 7.10 4.15
N GLN A 71 -8.07 6.52 4.40
CA GLN A 71 -6.97 6.56 3.43
C GLN A 71 -7.33 5.88 2.12
N PHE A 72 -7.38 4.55 2.13
CA PHE A 72 -7.58 3.79 0.89
C PHE A 72 -9.05 3.53 0.59
N THR A 73 -9.95 4.23 1.27
CA THR A 73 -11.36 4.07 1.00
C THR A 73 -11.76 4.88 -0.23
N ASN A 74 -11.12 6.02 -0.41
CA ASN A 74 -11.41 6.89 -1.55
C ASN A 74 -10.65 6.42 -2.79
N LEU A 75 -9.93 5.30 -2.63
CA LEU A 75 -9.12 4.75 -3.72
C LEU A 75 -10.01 4.29 -4.88
N LYS A 76 -11.31 4.29 -4.65
CA LYS A 76 -12.29 4.01 -5.70
C LYS A 76 -12.22 5.05 -6.81
N ALA A 77 -11.71 6.23 -6.46
CA ALA A 77 -11.62 7.35 -7.40
C ALA A 77 -10.34 7.29 -8.22
N ALA A 78 -9.59 6.20 -8.06
CA ALA A 78 -8.35 6.02 -8.79
C ALA A 78 -8.59 5.20 -10.06
N LYS A 79 -7.86 5.55 -11.11
CA LYS A 79 -7.99 4.91 -12.40
C LYS A 79 -6.75 4.06 -12.68
N LYS A 80 -6.76 3.36 -13.81
CA LYS A 80 -5.61 2.54 -14.20
C LYS A 80 -4.45 3.40 -14.63
N GLY A 81 -4.74 4.65 -14.88
CA GLY A 81 -3.70 5.60 -15.26
C GLY A 81 -3.76 6.85 -14.43
N SER A 82 -3.69 6.68 -13.12
CA SER A 82 -3.65 7.79 -12.20
C SER A 82 -2.21 8.26 -12.05
N MET A 83 -1.95 8.99 -11.00
CA MET A 83 -0.59 9.42 -10.72
C MET A 83 -0.27 9.22 -9.25
N VAL A 84 0.50 8.18 -8.97
CA VAL A 84 0.82 7.82 -7.60
C VAL A 84 2.17 8.37 -7.21
N TYR A 85 2.19 9.12 -6.13
CA TYR A 85 3.43 9.69 -5.64
C TYR A 85 3.85 9.00 -4.35
N PHE A 86 5.04 8.46 -4.36
CA PHE A 86 5.62 7.88 -3.16
C PHE A 86 6.75 8.77 -2.69
N LYS A 87 6.49 9.52 -1.65
CA LYS A 87 7.44 10.52 -1.18
C LYS A 87 8.23 10.02 0.00
N VAL A 88 9.46 9.69 -0.28
CA VAL A 88 10.37 9.20 0.75
C VAL A 88 11.14 10.38 1.30
N GLY A 89 10.77 10.80 2.49
CA GLY A 89 11.26 12.06 3.01
C GLY A 89 10.74 13.21 2.17
N ASN A 90 11.60 13.75 1.33
CA ASN A 90 11.21 14.82 0.42
C ASN A 90 11.26 14.35 -1.04
N GLU A 91 11.83 13.16 -1.26
CA GLU A 91 12.01 12.65 -2.61
C GLU A 91 10.71 12.06 -3.13
N THR A 92 10.32 12.44 -4.33
CA THR A 92 9.05 12.01 -4.88
C THR A 92 9.25 10.99 -6.00
N ARG A 93 8.75 9.79 -5.80
CA ARG A 93 8.77 8.77 -6.83
C ARG A 93 7.42 8.70 -7.53
N LYS A 94 7.45 8.42 -8.82
CA LYS A 94 6.23 8.44 -9.64
C LYS A 94 5.85 7.04 -10.09
N TYR A 95 4.60 6.67 -9.87
CA TYR A 95 4.10 5.35 -10.23
C TYR A 95 2.78 5.44 -10.97
N LYS A 96 2.52 4.45 -11.82
CA LYS A 96 1.28 4.40 -12.57
C LYS A 96 0.50 3.14 -12.18
N MET A 97 -0.80 3.28 -12.00
CA MET A 97 -1.65 2.16 -11.56
C MET A 97 -1.96 1.23 -12.73
N THR A 98 -0.94 0.92 -13.52
CA THR A 98 -1.11 0.20 -14.76
C THR A 98 -1.03 -1.32 -14.56
N SER A 99 -1.31 -1.78 -13.35
CA SER A 99 -1.37 -3.19 -13.07
C SER A 99 -2.48 -3.49 -12.05
N ILE A 100 -3.65 -2.97 -12.33
CA ILE A 100 -4.81 -3.14 -11.45
C ILE A 100 -5.59 -4.37 -11.86
N ARG A 101 -5.67 -5.33 -10.96
CA ARG A 101 -6.34 -6.59 -11.26
C ARG A 101 -7.03 -7.13 -10.02
N ASP A 102 -8.13 -7.83 -10.22
CA ASP A 102 -8.90 -8.39 -9.11
C ASP A 102 -8.69 -9.89 -9.00
N VAL A 103 -8.49 -10.34 -7.77
CA VAL A 103 -8.34 -11.75 -7.48
C VAL A 103 -9.19 -12.10 -6.27
N LYS A 104 -9.71 -13.31 -6.24
CA LYS A 104 -10.58 -13.71 -5.15
C LYS A 104 -10.29 -15.15 -4.71
N PRO A 105 -9.32 -15.31 -3.80
CA PRO A 105 -8.98 -16.59 -3.21
C PRO A 105 -9.68 -16.79 -1.88
N THR A 106 -9.15 -17.68 -1.05
CA THR A 106 -9.61 -17.83 0.32
C THR A 106 -8.69 -18.78 1.09
N ASP A 107 -7.48 -18.94 0.59
CA ASP A 107 -6.52 -19.88 1.18
C ASP A 107 -5.11 -19.31 1.05
N VAL A 108 -4.22 -19.71 1.94
CA VAL A 108 -2.89 -19.12 1.96
C VAL A 108 -1.80 -20.17 1.75
N GLU A 109 -0.57 -19.68 1.57
CA GLU A 109 0.61 -20.52 1.39
C GLU A 109 0.57 -21.37 0.11
N VAL A 110 -0.52 -21.25 -0.63
CA VAL A 110 -0.66 -21.93 -1.91
C VAL A 110 0.00 -21.11 -3.01
N LEU A 111 0.19 -19.82 -2.76
CA LEU A 111 0.80 -18.92 -3.72
C LEU A 111 2.27 -18.70 -3.39
N ASP A 112 3.10 -18.63 -4.42
CA ASP A 112 4.53 -18.44 -4.25
C ASP A 112 4.95 -17.07 -4.77
N GLU A 113 5.93 -16.48 -4.10
CA GLU A 113 6.43 -15.17 -4.49
C GLU A 113 7.46 -15.33 -5.60
N GLN A 114 7.38 -14.46 -6.59
CA GLN A 114 8.14 -14.64 -7.82
C GLN A 114 9.30 -13.66 -7.91
N LYS A 115 10.38 -14.13 -8.51
CA LYS A 115 11.59 -13.34 -8.65
C LYS A 115 11.69 -12.86 -10.09
N GLY A 116 12.32 -11.72 -10.29
CA GLY A 116 12.37 -11.11 -11.60
C GLY A 116 11.33 -10.03 -11.74
N LYS A 117 11.30 -9.13 -10.77
CA LYS A 117 10.30 -8.08 -10.71
C LYS A 117 10.80 -6.80 -11.36
N ASP A 118 9.92 -5.82 -11.42
CA ASP A 118 10.27 -4.46 -11.79
C ASP A 118 9.97 -3.59 -10.60
N LYS A 119 10.12 -2.29 -10.74
CA LYS A 119 9.75 -1.38 -9.68
C LYS A 119 8.24 -1.26 -9.59
N GLN A 120 7.65 -1.97 -8.64
CA GLN A 120 6.20 -2.01 -8.52
C GLN A 120 5.78 -1.99 -7.06
N LEU A 121 4.81 -1.14 -6.74
CA LEU A 121 4.23 -1.13 -5.42
C LEU A 121 2.91 -1.90 -5.45
N THR A 122 2.86 -2.99 -4.74
CA THR A 122 1.68 -3.83 -4.70
C THR A 122 0.85 -3.50 -3.46
N LEU A 123 -0.15 -2.66 -3.65
CA LEU A 123 -1.03 -2.24 -2.57
C LEU A 123 -2.13 -3.26 -2.35
N ILE A 124 -2.00 -4.05 -1.30
CA ILE A 124 -3.00 -5.03 -0.96
C ILE A 124 -4.02 -4.42 -0.02
N THR A 125 -5.16 -4.02 -0.55
CA THR A 125 -6.24 -3.52 0.25
C THR A 125 -7.16 -4.67 0.62
N CYS A 126 -7.66 -4.67 1.85
CA CYS A 126 -8.54 -5.75 2.29
C CYS A 126 -9.53 -5.25 3.36
N ASP A 127 -10.81 -5.56 3.14
CA ASP A 127 -11.84 -5.25 4.12
C ASP A 127 -12.12 -6.47 4.97
N ASP A 128 -12.43 -7.57 4.29
CA ASP A 128 -12.73 -8.84 4.95
C ASP A 128 -11.50 -9.47 5.58
N TYR A 129 -11.29 -9.15 6.85
CA TYR A 129 -10.26 -9.78 7.65
C TYR A 129 -10.56 -9.57 9.13
N ASN A 130 -10.80 -10.66 9.82
CA ASN A 130 -10.95 -10.62 11.27
C ASN A 130 -9.75 -11.31 11.90
N GLU A 131 -9.05 -10.60 12.76
CA GLU A 131 -7.84 -11.11 13.40
C GLU A 131 -8.17 -12.21 14.41
N LYS A 132 -9.40 -12.17 14.93
CA LYS A 132 -9.85 -13.10 15.96
C LYS A 132 -9.74 -14.54 15.46
N THR A 133 -10.59 -14.88 14.50
CA THR A 133 -10.67 -16.24 14.01
C THR A 133 -9.83 -16.44 12.75
N GLY A 134 -9.47 -15.34 12.10
CA GLY A 134 -8.68 -15.42 10.88
C GLY A 134 -9.53 -15.76 9.67
N VAL A 135 -10.17 -14.75 9.09
CA VAL A 135 -11.00 -14.96 7.91
C VAL A 135 -10.65 -13.93 6.84
N TRP A 136 -10.76 -14.35 5.60
CA TRP A 136 -10.49 -13.51 4.45
C TRP A 136 -11.30 -14.00 3.26
N GLU A 137 -11.81 -13.07 2.46
CA GLU A 137 -12.68 -13.43 1.36
C GLU A 137 -12.11 -12.98 0.02
N LYS A 138 -12.10 -11.67 -0.23
CA LYS A 138 -11.77 -11.17 -1.56
C LYS A 138 -11.45 -9.67 -1.54
N ARG A 139 -10.64 -9.24 -2.51
CA ARG A 139 -10.33 -7.82 -2.68
C ARG A 139 -9.54 -7.59 -3.96
N LYS A 140 -9.87 -6.52 -4.66
CA LYS A 140 -9.16 -6.15 -5.88
C LYS A 140 -7.84 -5.48 -5.54
N ILE A 141 -6.76 -5.97 -6.14
CA ILE A 141 -5.42 -5.54 -5.79
C ILE A 141 -4.97 -4.38 -6.69
N PHE A 142 -4.28 -3.42 -6.09
CA PHE A 142 -3.80 -2.24 -6.81
C PHE A 142 -2.28 -2.29 -6.93
N VAL A 143 -1.79 -2.54 -8.14
CA VAL A 143 -0.36 -2.56 -8.37
C VAL A 143 0.06 -1.37 -9.21
N ALA A 144 0.96 -0.56 -8.67
CA ALA A 144 1.46 0.60 -9.38
C ALA A 144 2.93 0.41 -9.74
N THR A 145 3.21 0.42 -11.03
CA THR A 145 4.58 0.26 -11.51
C THR A 145 5.22 1.63 -11.70
N GLU A 146 6.52 1.72 -11.44
CA GLU A 146 7.24 2.97 -11.58
C GLU A 146 7.24 3.44 -13.02
N VAL A 147 6.76 4.66 -13.23
CA VAL A 147 6.71 5.23 -14.56
C VAL A 147 7.83 6.22 -14.77
N LYS A 148 8.19 6.39 -16.01
CA LYS A 148 9.31 7.23 -16.40
C LYS A 148 8.83 8.60 -16.82
S2 2W7 B . -4.89 -7.24 3.94
C5 2W7 B . -4.81 -8.75 4.83
C6 2W7 B . -4.15 -8.78 6.05
C10 2W7 B . -5.45 -9.90 4.35
C7 2W7 B . -4.13 -9.95 6.81
C8 2W7 B . -4.78 -11.09 6.33
C9 2W7 B . -5.44 -11.06 5.12
C11 2W7 B . -6.04 -9.92 3.09
O2 2W7 B . -5.52 -9.36 2.13
N3 2W7 B . -7.18 -10.65 3.00
C12 2W7 B . -7.56 -11.33 1.76
C13 2W7 B . -6.54 -12.41 1.40
O3 2W7 B . -6.86 -13.39 0.72
N4 2W7 B . -5.30 -12.22 1.86
C14 2W7 B . -4.16 -12.89 1.24
C18 2W7 B . -2.88 -12.43 1.91
C17 2W7 B . -1.68 -13.11 1.27
C19 2W7 B . -1.82 -14.63 1.43
C23 2W7 B . -3.10 -15.08 0.75
C24 2W7 B . -4.29 -14.39 1.40
C25 2W7 B . -3.05 -14.72 -0.73
C20 2W7 B . -2.91 -13.22 -0.88
C26 2W7 B . -4.10 -12.53 -0.23
C16 2W7 B . -1.64 -12.76 -0.20
H6 2W7 B . -3.64 -7.89 6.42
H7 2W7 B . -3.60 -9.97 7.76
H8 2W7 B . -4.76 -12.01 6.93
H9 2W7 B . -5.96 -11.96 4.76
H3 2W7 B . -7.81 -10.76 3.77
H122 2W7 B . -8.55 -11.77 1.88
H121 2W7 B . -7.60 -10.59 0.94
H4 2W7 B . -5.12 -11.63 2.65
HZ12 2W7 B . -2.90 -12.68 2.98
HZ11 2W7 B . -2.77 -11.35 1.82
HY1 2W7 B . -0.77 -12.78 1.76
HX22 2W7 B . -0.95 -15.10 0.97
HX21 2W7 B . -1.83 -14.86 2.49
HY3 2W7 B . -3.20 -16.16 0.86
HZ21 2W7 B . -4.33 -14.65 2.45
HZ22 2W7 B . -5.21 -14.74 0.91
HX31 2W7 B . -2.19 -15.22 -1.19
HX32 2W7 B . -3.96 -15.06 -1.22
HY2 2W7 B . -2.87 -12.96 -1.94
HZ32 2W7 B . -5.02 -12.85 -0.73
HZ31 2W7 B . -4.00 -11.45 -0.35
HX12 2W7 B . -0.78 -13.25 -0.68
HX11 2W7 B . -1.53 -11.68 -0.32
N MET A 1 17.61 19.31 12.27
CA MET A 1 16.51 18.46 12.79
C MET A 1 16.19 17.30 11.85
N GLN A 2 16.47 17.48 10.57
CA GLN A 2 16.13 16.48 9.55
C GLN A 2 17.06 15.27 9.59
N ALA A 3 16.80 14.37 8.65
CA ALA A 3 17.52 13.11 8.57
C ALA A 3 17.24 12.44 7.22
N LYS A 4 17.81 11.28 7.01
CA LYS A 4 17.60 10.53 5.78
C LYS A 4 16.44 9.54 5.95
N PRO A 5 15.66 9.31 4.89
CA PRO A 5 14.54 8.38 4.93
C PRO A 5 14.98 6.92 4.99
N GLN A 6 14.49 6.20 5.99
CA GLN A 6 14.83 4.80 6.17
C GLN A 6 13.66 4.10 6.86
N ILE A 7 13.65 2.77 6.85
CA ILE A 7 12.59 2.02 7.50
C ILE A 7 13.06 1.47 8.84
N PRO A 8 12.63 2.09 9.95
CA PRO A 8 12.96 1.65 11.29
C PRO A 8 11.93 0.64 11.81
N LYS A 9 12.13 0.17 13.03
CA LYS A 9 11.18 -0.75 13.64
C LYS A 9 10.13 0.03 14.43
N ASP A 10 10.31 1.34 14.52
CA ASP A 10 9.32 2.19 15.18
C ASP A 10 8.20 2.51 14.22
N LYS A 11 6.98 2.21 14.65
CA LYS A 11 5.81 2.34 13.80
C LYS A 11 5.16 3.70 13.98
N SER A 12 5.78 4.53 14.81
CA SER A 12 5.24 5.83 15.14
C SER A 12 5.77 6.90 14.17
N LYS A 13 6.82 6.57 13.46
CA LYS A 13 7.44 7.51 12.54
C LYS A 13 6.80 7.42 11.15
N VAL A 14 7.19 8.33 10.28
CA VAL A 14 6.72 8.33 8.92
C VAL A 14 7.89 8.10 7.97
N ALA A 15 7.96 6.92 7.38
CA ALA A 15 9.06 6.57 6.49
C ALA A 15 8.79 7.06 5.08
N GLY A 16 7.52 7.08 4.71
CA GLY A 16 7.15 7.49 3.38
C GLY A 16 5.79 8.16 3.36
N TYR A 17 5.49 8.83 2.26
CA TYR A 17 4.21 9.51 2.11
C TYR A 17 3.58 9.11 0.79
N ILE A 18 2.30 8.75 0.82
CA ILE A 18 1.61 8.35 -0.40
C ILE A 18 0.63 9.43 -0.84
N GLU A 19 0.79 9.88 -2.08
CA GLU A 19 -0.06 10.93 -2.61
C GLU A 19 -0.65 10.54 -3.97
N ILE A 20 -1.96 10.42 -4.00
CA ILE A 20 -2.69 10.15 -5.23
C ILE A 20 -3.80 11.19 -5.39
N PRO A 21 -3.56 12.20 -6.24
CA PRO A 21 -4.49 13.32 -6.45
C PRO A 21 -5.89 12.86 -6.86
N ASP A 22 -5.94 11.83 -7.70
CA ASP A 22 -7.20 11.32 -8.25
C ASP A 22 -8.08 10.70 -7.16
N ALA A 23 -7.48 10.39 -6.02
CA ALA A 23 -8.20 9.77 -4.93
C ALA A 23 -8.08 10.58 -3.65
N ASP A 24 -7.63 11.82 -3.79
CA ASP A 24 -7.46 12.72 -2.64
C ASP A 24 -6.58 12.10 -1.56
N ILE A 25 -5.68 11.22 -1.95
CA ILE A 25 -4.82 10.55 -1.01
C ILE A 25 -3.55 11.35 -0.79
N LYS A 26 -3.36 11.81 0.44
CA LYS A 26 -2.17 12.56 0.81
C LYS A 26 -1.80 12.20 2.25
N GLU A 27 -1.54 10.92 2.46
CA GLU A 27 -1.39 10.39 3.82
C GLU A 27 -0.03 9.73 4.00
N PRO A 28 0.46 9.65 5.25
CA PRO A 28 1.73 8.98 5.58
C PRO A 28 1.66 7.46 5.50
N VAL A 29 2.82 6.82 5.41
CA VAL A 29 2.91 5.37 5.41
C VAL A 29 3.67 4.93 6.64
N TYR A 30 3.16 3.93 7.33
CA TYR A 30 3.74 3.51 8.59
C TYR A 30 4.77 2.41 8.37
N PRO A 31 6.03 2.70 8.70
CA PRO A 31 7.12 1.72 8.64
C PRO A 31 6.94 0.62 9.68
N GLY A 32 7.41 -0.56 9.34
CA GLY A 32 7.32 -1.68 10.26
C GLY A 32 6.78 -2.91 9.57
N PRO A 33 6.78 -4.06 10.26
CA PRO A 33 6.24 -5.30 9.72
C PRO A 33 4.72 -5.34 9.79
N ALA A 34 4.12 -6.29 9.10
CA ALA A 34 2.67 -6.42 9.04
C ALA A 34 2.10 -6.84 10.39
N THR A 35 1.38 -5.93 11.03
CA THR A 35 0.73 -6.22 12.28
C THR A 35 -0.75 -5.83 12.21
N PRO A 36 -1.64 -6.66 12.78
CA PRO A 36 -3.10 -6.43 12.74
C PRO A 36 -3.50 -5.02 13.14
N GLU A 37 -2.93 -4.52 14.24
CA GLU A 37 -3.29 -3.20 14.75
C GLU A 37 -2.85 -2.11 13.77
N GLN A 38 -1.65 -2.26 13.23
CA GLN A 38 -1.07 -1.25 12.38
C GLN A 38 -1.72 -1.26 10.99
N LEU A 39 -2.06 -2.45 10.52
CA LEU A 39 -2.69 -2.59 9.20
C LEU A 39 -4.17 -2.27 9.25
N ASN A 40 -4.72 -2.14 10.44
CA ASN A 40 -6.12 -1.80 10.59
C ASN A 40 -6.28 -0.31 10.88
N ARG A 41 -5.20 0.31 11.35
CA ARG A 41 -5.22 1.74 11.60
C ARG A 41 -4.82 2.50 10.36
N GLY A 42 -3.93 1.89 9.59
CA GLY A 42 -3.50 2.50 8.34
C GLY A 42 -2.86 1.49 7.42
N VAL A 43 -1.87 1.94 6.67
CA VAL A 43 -1.17 1.09 5.73
C VAL A 43 0.28 0.93 6.17
N SER A 44 0.80 -0.28 6.05
CA SER A 44 2.14 -0.59 6.51
C SER A 44 2.77 -1.70 5.67
N PHE A 45 4.09 -1.76 5.69
CA PHE A 45 4.82 -2.76 4.92
C PHE A 45 4.57 -4.16 5.49
N ALA A 46 4.80 -5.17 4.66
CA ALA A 46 4.51 -6.54 5.06
C ALA A 46 5.78 -7.25 5.53
N GLU A 47 6.84 -7.11 4.77
CA GLU A 47 8.07 -7.84 5.04
C GLU A 47 9.06 -7.01 5.83
N GLU A 48 9.78 -7.67 6.71
CA GLU A 48 10.82 -7.03 7.51
C GLU A 48 12.12 -6.95 6.72
N ASN A 49 12.10 -7.51 5.52
CA ASN A 49 13.28 -7.53 4.67
C ASN A 49 13.07 -6.76 3.38
N GLU A 50 12.07 -5.90 3.35
CA GLU A 50 11.84 -5.04 2.20
C GLU A 50 12.27 -3.62 2.54
N SER A 51 12.93 -2.96 1.58
CA SER A 51 13.47 -1.63 1.80
C SER A 51 12.81 -0.63 0.87
N LEU A 52 12.72 0.62 1.31
CA LEU A 52 12.09 1.67 0.53
C LEU A 52 13.00 2.09 -0.63
N ASP A 53 14.22 1.57 -0.61
CA ASP A 53 15.19 1.86 -1.65
C ASP A 53 15.41 0.63 -2.53
N ASP A 54 14.68 -0.43 -2.25
CA ASP A 54 14.82 -1.67 -2.99
C ASP A 54 13.86 -1.69 -4.18
N GLN A 55 13.56 -2.88 -4.70
CA GLN A 55 12.72 -3.01 -5.87
C GLN A 55 11.30 -3.38 -5.47
N ASN A 56 11.16 -4.20 -4.43
CA ASN A 56 9.86 -4.71 -4.04
C ASN A 56 9.27 -3.85 -2.92
N ILE A 57 8.00 -3.49 -3.10
CA ILE A 57 7.26 -2.73 -2.11
C ILE A 57 5.92 -3.41 -1.84
N SER A 58 5.69 -3.80 -0.60
CA SER A 58 4.43 -4.44 -0.22
C SER A 58 3.82 -3.72 0.97
N ILE A 59 2.75 -2.96 0.72
CA ILE A 59 2.11 -2.18 1.76
C ILE A 59 0.64 -2.58 1.88
N ALA A 60 0.26 -3.08 3.05
CA ALA A 60 -1.11 -3.52 3.28
C ALA A 60 -1.88 -2.50 4.12
N GLY A 61 -3.11 -2.24 3.73
CA GLY A 61 -3.95 -1.30 4.44
C GLY A 61 -5.40 -1.74 4.46
N HIS A 62 -5.84 -2.37 5.54
CA HIS A 62 -7.15 -3.00 5.57
C HIS A 62 -8.09 -2.35 6.58
N THR A 63 -9.38 -2.57 6.37
CA THR A 63 -10.42 -2.08 7.28
C THR A 63 -11.78 -2.44 6.68
N PHE A 64 -12.86 -2.01 7.34
CA PHE A 64 -14.20 -2.28 6.86
C PHE A 64 -15.12 -1.11 7.18
N ILE A 65 -14.55 -0.07 7.77
CA ILE A 65 -15.34 1.04 8.29
C ILE A 65 -15.51 2.14 7.25
N ASP A 66 -15.87 1.73 6.04
CA ASP A 66 -16.23 2.64 4.92
C ASP A 66 -15.02 3.42 4.37
N ARG A 67 -14.06 3.68 5.24
CA ARG A 67 -12.83 4.42 4.91
C ARG A 67 -13.12 5.82 4.42
N PRO A 68 -13.63 6.69 5.30
CA PRO A 68 -13.77 8.10 5.01
C PRO A 68 -12.71 8.96 5.70
N ASN A 69 -11.98 8.35 6.63
CA ASN A 69 -10.95 9.04 7.39
C ASN A 69 -9.70 8.18 7.45
N TYR A 70 -9.55 7.32 6.46
CA TYR A 70 -8.36 6.46 6.37
C TYR A 70 -7.36 7.03 5.38
N GLN A 71 -6.19 6.41 5.32
CA GLN A 71 -5.15 6.81 4.39
C GLN A 71 -5.50 6.40 2.97
N PHE A 72 -6.38 5.42 2.84
CA PHE A 72 -6.91 5.02 1.55
C PHE A 72 -8.43 5.06 1.59
N THR A 73 -8.98 6.19 1.19
CA THR A 73 -10.42 6.40 1.22
C THR A 73 -10.99 6.38 -0.20
N ASN A 74 -10.64 7.38 -0.99
CA ASN A 74 -11.20 7.56 -2.31
C ASN A 74 -10.42 6.77 -3.37
N LEU A 75 -9.76 5.70 -2.93
CA LEU A 75 -8.99 4.84 -3.84
C LEU A 75 -9.92 4.12 -4.83
N LYS A 76 -11.21 4.36 -4.65
CA LYS A 76 -12.23 3.84 -5.54
C LYS A 76 -12.35 4.67 -6.81
N ALA A 77 -12.05 5.97 -6.71
CA ALA A 77 -12.20 6.89 -7.83
C ALA A 77 -10.94 6.93 -8.71
N ALA A 78 -9.84 6.41 -8.18
CA ALA A 78 -8.58 6.42 -8.92
C ALA A 78 -8.66 5.52 -10.15
N LYS A 79 -8.14 6.02 -11.27
CA LYS A 79 -8.22 5.30 -12.54
C LYS A 79 -6.94 4.51 -12.80
N LYS A 80 -6.87 3.88 -13.97
CA LYS A 80 -5.72 3.07 -14.35
C LYS A 80 -4.57 3.93 -14.88
N GLY A 81 -4.82 5.23 -14.98
CA GLY A 81 -3.81 6.15 -15.45
C GLY A 81 -3.52 7.24 -14.46
N SER A 82 -3.71 6.93 -13.19
CA SER A 82 -3.50 7.88 -12.13
C SER A 82 -2.04 7.88 -11.72
N MET A 83 -1.49 9.06 -11.63
CA MET A 83 -0.13 9.25 -11.17
C MET A 83 -0.06 9.11 -9.66
N VAL A 84 0.56 8.02 -9.24
CA VAL A 84 0.72 7.72 -7.84
C VAL A 84 2.09 8.18 -7.37
N TYR A 85 2.10 9.14 -6.46
CA TYR A 85 3.35 9.68 -5.96
C TYR A 85 3.70 9.05 -4.63
N PHE A 86 4.91 8.52 -4.56
CA PHE A 86 5.37 7.88 -3.34
C PHE A 86 6.64 8.56 -2.87
N LYS A 87 6.54 9.26 -1.76
CA LYS A 87 7.63 10.06 -1.25
C LYS A 87 8.34 9.35 -0.11
N VAL A 88 9.65 9.49 -0.05
CA VAL A 88 10.41 9.07 1.10
C VAL A 88 11.07 10.28 1.74
N GLY A 89 10.34 10.89 2.66
CA GLY A 89 10.81 12.09 3.31
C GLY A 89 10.44 13.33 2.52
N ASN A 90 10.83 13.33 1.26
CA ASN A 90 10.57 14.45 0.36
C ASN A 90 10.71 14.01 -1.08
N GLU A 91 11.65 13.11 -1.30
CA GLU A 91 11.93 12.60 -2.65
C GLU A 91 10.83 11.64 -3.07
N THR A 92 10.28 11.82 -4.25
CA THR A 92 9.16 11.00 -4.67
C THR A 92 9.49 10.23 -5.95
N ARG A 93 8.88 9.06 -6.08
CA ARG A 93 8.95 8.27 -7.29
C ARG A 93 7.55 8.18 -7.88
N LYS A 94 7.43 8.24 -9.20
CA LYS A 94 6.13 8.21 -9.84
C LYS A 94 5.77 6.81 -10.27
N TYR A 95 4.59 6.37 -9.90
CA TYR A 95 4.08 5.08 -10.30
C TYR A 95 2.70 5.27 -10.92
N LYS A 96 2.34 4.44 -11.87
CA LYS A 96 1.01 4.54 -12.45
C LYS A 96 0.21 3.30 -12.07
N MET A 97 -1.10 3.47 -11.95
CA MET A 97 -1.99 2.40 -11.52
C MET A 97 -2.29 1.47 -12.68
N THR A 98 -1.24 0.81 -13.17
CA THR A 98 -1.34 0.01 -14.39
C THR A 98 -2.10 -1.29 -14.15
N SER A 99 -1.95 -1.85 -12.96
CA SER A 99 -2.58 -3.12 -12.64
C SER A 99 -3.61 -2.94 -11.52
N ILE A 100 -4.86 -2.76 -11.92
CA ILE A 100 -5.95 -2.63 -10.98
C ILE A 100 -6.98 -3.73 -11.21
N ARG A 101 -7.20 -4.54 -10.19
CA ARG A 101 -8.17 -5.61 -10.27
C ARG A 101 -8.72 -5.90 -8.88
N ASP A 102 -9.94 -6.38 -8.84
CA ASP A 102 -10.52 -6.84 -7.59
C ASP A 102 -10.61 -8.36 -7.63
N VAL A 103 -10.11 -9.00 -6.60
CA VAL A 103 -10.09 -10.43 -6.54
C VAL A 103 -10.85 -10.91 -5.32
N LYS A 104 -11.81 -11.79 -5.51
CA LYS A 104 -12.60 -12.30 -4.41
C LYS A 104 -12.78 -13.82 -4.48
N PRO A 105 -11.74 -14.57 -4.12
CA PRO A 105 -11.82 -16.01 -3.98
C PRO A 105 -12.05 -16.42 -2.53
N THR A 106 -12.31 -17.70 -2.31
CA THR A 106 -12.49 -18.21 -0.96
C THR A 106 -11.19 -18.14 -0.17
N ASP A 107 -10.11 -18.66 -0.76
CA ASP A 107 -8.81 -18.67 -0.10
C ASP A 107 -7.74 -18.21 -1.06
N VAL A 108 -7.05 -17.15 -0.70
CA VAL A 108 -5.88 -16.72 -1.41
C VAL A 108 -4.82 -17.83 -1.37
N GLU A 109 -3.98 -17.91 -2.40
CA GLU A 109 -3.01 -19.00 -2.49
C GLU A 109 -1.98 -18.91 -1.37
N VAL A 110 -1.81 -17.69 -0.86
CA VAL A 110 -0.97 -17.39 0.31
C VAL A 110 0.43 -18.01 0.25
N LEU A 111 0.89 -18.33 -0.96
CA LEU A 111 2.25 -18.82 -1.15
C LEU A 111 3.22 -17.66 -1.22
N ASP A 112 4.51 -17.98 -1.32
CA ASP A 112 5.55 -16.96 -1.36
C ASP A 112 5.54 -16.23 -2.70
N GLU A 113 5.99 -14.99 -2.69
CA GLU A 113 6.22 -14.26 -3.92
C GLU A 113 7.68 -14.40 -4.34
N GLN A 114 7.90 -14.63 -5.62
CA GLN A 114 9.25 -14.82 -6.14
C GLN A 114 9.74 -13.57 -6.85
N LYS A 115 11.02 -13.53 -7.14
CA LYS A 115 11.60 -12.44 -7.91
C LYS A 115 11.19 -12.57 -9.38
N GLY A 116 11.33 -11.48 -10.12
CA GLY A 116 10.93 -11.46 -11.51
C GLY A 116 9.92 -10.37 -11.78
N LYS A 117 10.10 -9.24 -11.09
CA LYS A 117 9.18 -8.11 -11.22
C LYS A 117 9.97 -6.83 -11.44
N ASP A 118 9.29 -5.70 -11.31
CA ASP A 118 9.93 -4.39 -11.38
C ASP A 118 9.61 -3.63 -10.11
N LYS A 119 9.90 -2.33 -10.11
CA LYS A 119 9.52 -1.48 -8.98
C LYS A 119 8.00 -1.35 -8.96
N GLN A 120 7.38 -2.04 -8.03
CA GLN A 120 5.93 -2.00 -7.91
C GLN A 120 5.52 -1.73 -6.48
N LEU A 121 4.54 -0.85 -6.30
CA LEU A 121 3.96 -0.66 -4.98
C LEU A 121 2.77 -1.59 -4.84
N THR A 122 2.98 -2.70 -4.16
CA THR A 122 1.92 -3.65 -3.94
C THR A 122 1.00 -3.17 -2.83
N LEU A 123 -0.01 -2.40 -3.21
CA LEU A 123 -0.97 -1.89 -2.26
C LEU A 123 -2.19 -2.78 -2.19
N ILE A 124 -2.22 -3.61 -1.17
CA ILE A 124 -3.29 -4.56 -0.99
C ILE A 124 -4.28 -4.03 0.03
N THR A 125 -5.36 -3.43 -0.46
CA THR A 125 -6.37 -2.87 0.39
C THR A 125 -7.48 -3.88 0.66
N CYS A 126 -7.33 -4.63 1.73
CA CYS A 126 -8.37 -5.55 2.16
C CYS A 126 -9.52 -4.76 2.76
N ASP A 127 -10.57 -4.56 1.99
CA ASP A 127 -11.73 -3.80 2.45
C ASP A 127 -12.93 -4.72 2.50
N ASP A 128 -12.71 -5.88 3.09
CA ASP A 128 -13.69 -6.95 3.05
C ASP A 128 -13.77 -7.69 4.36
N TYR A 129 -12.94 -7.31 5.31
CA TYR A 129 -12.77 -8.10 6.52
C TYR A 129 -13.59 -7.52 7.67
N ASN A 130 -14.64 -8.23 8.07
CA ASN A 130 -15.38 -7.84 9.26
C ASN A 130 -15.28 -8.94 10.30
N GLU A 131 -14.61 -8.62 11.40
CA GLU A 131 -14.19 -9.62 12.39
C GLU A 131 -15.36 -10.16 13.22
N LYS A 132 -16.34 -9.32 13.53
CA LYS A 132 -17.47 -9.73 14.36
C LYS A 132 -18.18 -10.93 13.75
N THR A 133 -18.51 -10.80 12.47
CA THR A 133 -19.28 -11.82 11.79
C THR A 133 -18.37 -12.84 11.11
N GLY A 134 -17.14 -12.44 10.84
CA GLY A 134 -16.21 -13.32 10.17
C GLY A 134 -16.51 -13.40 8.68
N VAL A 135 -16.84 -12.27 8.09
CA VAL A 135 -17.20 -12.24 6.68
C VAL A 135 -16.07 -11.63 5.85
N TRP A 136 -15.91 -12.18 4.66
CA TRP A 136 -14.87 -11.74 3.74
C TRP A 136 -15.51 -11.46 2.38
N GLU A 137 -15.45 -10.20 1.94
CA GLU A 137 -16.13 -9.80 0.73
C GLU A 137 -15.17 -9.59 -0.45
N LYS A 138 -14.76 -8.34 -0.64
CA LYS A 138 -14.03 -7.94 -1.85
C LYS A 138 -12.77 -7.16 -1.47
N ARG A 139 -11.61 -7.73 -1.74
CA ARG A 139 -10.36 -7.02 -1.51
C ARG A 139 -9.77 -6.53 -2.82
N LYS A 140 -9.43 -5.26 -2.86
CA LYS A 140 -8.97 -4.62 -4.08
C LYS A 140 -7.46 -4.61 -4.16
N ILE A 141 -6.93 -5.13 -5.27
CA ILE A 141 -5.52 -5.17 -5.50
C ILE A 141 -5.08 -3.98 -6.33
N PHE A 142 -4.05 -3.31 -5.89
CA PHE A 142 -3.50 -2.17 -6.60
C PHE A 142 -1.99 -2.30 -6.71
N VAL A 143 -1.52 -2.53 -7.92
CA VAL A 143 -0.09 -2.61 -8.19
C VAL A 143 0.34 -1.46 -9.10
N ALA A 144 1.01 -0.48 -8.51
CA ALA A 144 1.50 0.65 -9.27
C ALA A 144 2.92 0.41 -9.75
N THR A 145 3.13 0.54 -11.04
CA THR A 145 4.43 0.27 -11.63
C THR A 145 5.21 1.57 -11.83
N GLU A 146 6.52 1.51 -11.57
CA GLU A 146 7.41 2.66 -11.71
C GLU A 146 7.38 3.20 -13.15
N VAL A 147 7.02 4.46 -13.28
CA VAL A 147 6.94 5.10 -14.57
C VAL A 147 7.80 6.35 -14.64
N LYS A 148 8.05 6.78 -15.86
CA LYS A 148 8.84 7.95 -16.14
C LYS A 148 7.98 9.03 -16.79
S2 2W7 B . -5.79 -8.46 4.35
C5 2W7 B . -6.18 -9.97 3.55
C6 2W7 B . -7.49 -10.42 3.54
C10 2W7 B . -5.19 -10.68 2.86
C7 2W7 B . -7.83 -11.57 2.82
C8 2W7 B . -6.86 -12.27 2.11
C9 2W7 B . -5.54 -11.82 2.13
C11 2W7 B . -3.86 -10.29 2.92
O2 2W7 B . -3.30 -10.12 4.02
N3 2W7 B . -3.23 -10.17 1.75
C12 2W7 B . -1.79 -9.95 1.66
C13 2W7 B . -1.15 -11.12 0.90
O3 2W7 B . -0.75 -12.12 1.49
N4 2W7 B . -1.08 -10.95 -0.44
C14 2W7 B . -0.62 -12.03 -1.32
C18 2W7 B . -0.74 -11.58 -2.76
C17 2W7 B . -0.27 -12.70 -3.68
C19 2W7 B . 1.18 -13.03 -3.38
C23 2W7 B . 1.30 -13.49 -1.93
C24 2W7 B . 0.83 -12.37 -1.02
C25 2W7 B . 0.42 -14.72 -1.72
C20 2W7 B . -1.02 -14.37 -2.02
C26 2W7 B . -1.49 -13.27 -1.10
C16 2W7 B . -1.14 -13.92 -3.47
H6 2W7 B . -8.26 -9.88 4.09
H7 2W7 B . -8.87 -11.92 2.81
H8 2W7 B . -7.12 -13.16 1.54
H9 2W7 B . -4.77 -12.37 1.57
H3 2W7 B . -3.71 -10.21 0.87
H122 2W7 B . -1.58 -9.02 1.13
H121 2W7 B . -1.35 -9.90 2.65
H4 2W7 B . -1.34 -10.08 -0.86
HZ12 2W7 B . -0.12 -10.70 -2.92
HZ11 2W7 B . -1.78 -11.32 -2.98
HY1 2W7 B . -0.36 -12.37 -4.71
HX22 2W7 B . 1.50 -13.83 -4.06
HX21 2W7 B . 1.80 -12.15 -3.55
HY3 2W7 B . 2.33 -13.74 -1.72
HZ21 2W7 B . 1.45 -11.49 -1.16
HZ22 2W7 B . 0.93 -12.69 0.02
HX31 2W7 B . 0.76 -15.51 -2.39
HX32 2W7 B . 0.52 -15.06 -0.69
HY2 2W7 B . -1.65 -15.26 -1.87
HZ32 2W7 B . -1.41 -13.60 -0.07
HZ31 2W7 B . -2.53 -13.03 -1.33
HX12 2W7 B . -0.81 -14.73 -4.13
HX11 2W7 B . -2.18 -13.68 -3.69
N MET A 1 19.63 17.79 6.73
CA MET A 1 20.26 17.45 8.03
C MET A 1 20.18 15.95 8.28
N GLN A 2 19.70 15.20 7.30
CA GLN A 2 19.61 13.76 7.44
C GLN A 2 19.77 13.06 6.10
N ALA A 3 19.72 11.74 6.16
CA ALA A 3 19.76 10.89 4.99
C ALA A 3 18.38 10.31 4.73
N LYS A 4 18.27 9.48 3.71
CA LYS A 4 17.02 8.79 3.45
C LYS A 4 16.86 7.62 4.42
N PRO A 5 15.88 7.70 5.33
CA PRO A 5 15.64 6.67 6.32
C PRO A 5 15.01 5.44 5.70
N GLN A 6 15.50 4.26 6.08
CA GLN A 6 14.91 3.01 5.64
C GLN A 6 13.73 2.65 6.55
N ILE A 7 13.24 1.41 6.43
CA ILE A 7 12.23 0.91 7.35
C ILE A 7 12.91 0.46 8.64
N PRO A 8 12.85 1.28 9.69
CA PRO A 8 13.63 1.10 10.89
C PRO A 8 12.88 0.34 11.97
N LYS A 9 13.42 0.37 13.18
CA LYS A 9 12.78 -0.20 14.34
C LYS A 9 11.64 0.70 14.79
N ASP A 10 11.74 1.96 14.42
CA ASP A 10 10.66 2.91 14.65
C ASP A 10 9.58 2.74 13.60
N LYS A 11 8.70 1.79 13.83
CA LYS A 11 7.67 1.47 12.86
C LYS A 11 6.45 2.38 13.01
N SER A 12 6.48 3.26 14.01
CA SER A 12 5.40 4.18 14.24
C SER A 12 5.73 5.58 13.71
N LYS A 13 6.89 5.70 13.08
CA LYS A 13 7.30 6.97 12.50
C LYS A 13 6.82 7.06 11.06
N VAL A 14 7.02 8.21 10.44
CA VAL A 14 6.63 8.39 9.04
C VAL A 14 7.83 8.19 8.13
N ALA A 15 7.96 6.98 7.60
CA ALA A 15 9.04 6.66 6.68
C ALA A 15 8.68 7.11 5.27
N GLY A 16 7.39 7.14 4.99
CA GLY A 16 6.93 7.48 3.67
C GLY A 16 5.56 8.11 3.69
N TYR A 17 5.13 8.66 2.58
CA TYR A 17 3.84 9.29 2.46
C TYR A 17 3.18 8.86 1.16
N ILE A 18 1.92 8.47 1.22
CA ILE A 18 1.20 8.08 0.03
C ILE A 18 0.25 9.20 -0.39
N GLU A 19 0.39 9.63 -1.64
CA GLU A 19 -0.34 10.78 -2.12
C GLU A 19 -0.93 10.50 -3.50
N ILE A 20 -2.23 10.28 -3.55
CA ILE A 20 -2.92 10.05 -4.81
C ILE A 20 -3.94 11.16 -5.05
N PRO A 21 -3.60 12.16 -5.88
CA PRO A 21 -4.46 13.31 -6.17
C PRO A 21 -5.81 12.89 -6.77
N ASP A 22 -5.79 11.79 -7.52
CA ASP A 22 -7.00 11.29 -8.18
C ASP A 22 -7.99 10.73 -7.17
N ALA A 23 -7.55 10.53 -5.94
CA ALA A 23 -8.41 9.97 -4.91
C ALA A 23 -8.33 10.77 -3.62
N ASP A 24 -7.57 11.87 -3.65
CA ASP A 24 -7.40 12.73 -2.48
C ASP A 24 -6.76 11.97 -1.31
N ILE A 25 -5.98 10.96 -1.65
CA ILE A 25 -5.32 10.12 -0.66
C ILE A 25 -3.98 10.72 -0.28
N LYS A 26 -3.88 11.29 0.92
CA LYS A 26 -2.63 11.87 1.39
C LYS A 26 -2.41 11.53 2.86
N GLU A 27 -1.82 10.38 3.12
CA GLU A 27 -1.59 9.94 4.49
C GLU A 27 -0.17 9.37 4.64
N PRO A 28 0.39 9.44 5.85
CA PRO A 28 1.70 8.83 6.15
C PRO A 28 1.65 7.31 6.10
N VAL A 29 2.77 6.70 5.75
CA VAL A 29 2.88 5.26 5.73
C VAL A 29 3.71 4.83 6.91
N TYR A 30 3.18 3.89 7.66
CA TYR A 30 3.83 3.41 8.86
C TYR A 30 4.66 2.18 8.55
N PRO A 31 5.98 2.35 8.54
CA PRO A 31 6.92 1.26 8.27
C PRO A 31 6.71 0.06 9.20
N GLY A 32 7.09 -1.12 8.75
CA GLY A 32 6.96 -2.30 9.58
C GLY A 32 6.15 -3.37 8.91
N PRO A 33 5.63 -4.34 9.68
CA PRO A 33 4.89 -5.46 9.14
C PRO A 33 3.38 -5.21 9.11
N ALA A 34 2.68 -5.94 8.26
CA ALA A 34 1.23 -5.82 8.20
C ALA A 34 0.60 -6.54 9.37
N THR A 35 0.01 -5.76 10.26
CA THR A 35 -0.54 -6.26 11.49
C THR A 35 -1.73 -5.41 11.93
N PRO A 36 -2.78 -6.05 12.49
CA PRO A 36 -3.97 -5.34 12.98
C PRO A 36 -3.63 -4.24 13.97
N GLU A 37 -2.48 -4.34 14.61
CA GLU A 37 -2.02 -3.33 15.56
C GLU A 37 -1.78 -2.00 14.86
N GLN A 38 -1.01 -2.03 13.78
CA GLN A 38 -0.65 -0.80 13.08
C GLN A 38 -1.70 -0.44 12.04
N LEU A 39 -2.35 -1.46 11.49
CA LEU A 39 -3.41 -1.23 10.51
C LEU A 39 -4.68 -0.73 11.18
N ASN A 40 -4.60 -0.56 12.50
CA ASN A 40 -5.68 0.08 13.25
C ASN A 40 -5.52 1.60 13.16
N ARG A 41 -4.31 2.02 12.81
CA ARG A 41 -4.00 3.43 12.70
C ARG A 41 -4.07 3.89 11.26
N GLY A 42 -3.18 3.36 10.42
CA GLY A 42 -3.10 3.78 9.04
C GLY A 42 -2.57 2.71 8.13
N VAL A 43 -1.89 3.11 7.07
CA VAL A 43 -1.33 2.17 6.10
C VAL A 43 0.10 1.80 6.49
N SER A 44 0.45 0.54 6.32
CA SER A 44 1.77 0.04 6.65
C SER A 44 2.34 -0.76 5.49
N PHE A 45 3.46 -1.42 5.71
CA PHE A 45 4.01 -2.32 4.70
C PHE A 45 3.64 -3.76 5.01
N ALA A 46 3.97 -4.67 4.09
CA ALA A 46 3.63 -6.07 4.25
C ALA A 46 4.62 -6.80 5.14
N GLU A 47 5.84 -6.97 4.65
CA GLU A 47 6.87 -7.69 5.38
C GLU A 47 7.78 -6.72 6.14
N GLU A 48 8.82 -7.26 6.75
CA GLU A 48 9.65 -6.48 7.67
C GLU A 48 11.14 -6.69 7.42
N ASN A 49 11.50 -7.02 6.18
CA ASN A 49 12.90 -7.31 5.87
C ASN A 49 13.38 -6.48 4.68
N GLU A 50 12.48 -5.71 4.11
CA GLU A 50 12.76 -4.97 2.88
C GLU A 50 13.30 -3.58 3.18
N SER A 51 13.96 -3.00 2.19
CA SER A 51 14.43 -1.63 2.26
C SER A 51 13.57 -0.76 1.36
N LEU A 52 13.37 0.49 1.73
CA LEU A 52 12.52 1.38 0.95
C LEU A 52 13.33 2.03 -0.17
N ASP A 53 14.60 1.65 -0.25
CA ASP A 53 15.46 2.05 -1.35
C ASP A 53 15.49 0.93 -2.40
N ASP A 54 14.67 -0.09 -2.14
CA ASP A 54 14.58 -1.24 -3.03
C ASP A 54 13.41 -1.04 -3.99
N GLN A 55 13.35 -1.83 -5.07
CA GLN A 55 12.34 -1.60 -6.10
C GLN A 55 11.09 -2.46 -5.88
N ASN A 56 11.16 -3.39 -4.94
CA ASN A 56 10.02 -4.26 -4.67
C ASN A 56 9.37 -3.87 -3.34
N ILE A 57 8.39 -2.97 -3.42
CA ILE A 57 7.72 -2.46 -2.24
C ILE A 57 6.28 -2.98 -2.16
N SER A 58 5.89 -3.44 -0.98
CA SER A 58 4.53 -3.90 -0.76
C SER A 58 3.89 -3.12 0.39
N ILE A 59 2.85 -2.38 0.08
CA ILE A 59 2.18 -1.54 1.07
C ILE A 59 0.81 -2.15 1.41
N ALA A 60 0.50 -2.24 2.68
CA ALA A 60 -0.78 -2.81 3.11
C ALA A 60 -1.58 -1.79 3.88
N GLY A 61 -2.80 -1.53 3.42
CA GLY A 61 -3.64 -0.53 4.03
C GLY A 61 -4.85 -1.12 4.72
N HIS A 62 -5.75 -0.28 5.18
CA HIS A 62 -6.93 -0.74 5.91
C HIS A 62 -8.16 0.05 5.49
N THR A 63 -9.31 -0.61 5.53
CA THR A 63 -10.58 0.04 5.21
C THR A 63 -11.74 -0.77 5.75
N PHE A 64 -12.78 -0.07 6.20
CA PHE A 64 -13.95 -0.71 6.78
C PHE A 64 -15.14 -0.54 5.85
N ILE A 65 -16.36 -0.66 6.37
CA ILE A 65 -17.56 -0.48 5.55
C ILE A 65 -17.97 0.99 5.52
N ASP A 66 -18.38 1.50 6.67
CA ASP A 66 -18.87 2.88 6.77
C ASP A 66 -17.70 3.84 6.82
N ARG A 67 -17.21 4.20 5.65
CA ARG A 67 -16.11 5.15 5.53
C ARG A 67 -16.00 5.74 4.14
N PRO A 68 -16.42 7.01 3.97
CA PRO A 68 -16.18 7.77 2.76
C PRO A 68 -15.00 8.74 2.91
N ASN A 69 -14.42 8.73 4.10
CA ASN A 69 -13.35 9.65 4.44
C ASN A 69 -12.09 8.88 4.77
N TYR A 70 -12.11 7.59 4.45
CA TYR A 70 -11.00 6.72 4.74
C TYR A 70 -9.96 6.84 3.63
N GLN A 71 -8.73 6.43 3.93
CA GLN A 71 -7.65 6.44 2.94
C GLN A 71 -8.08 5.71 1.67
N PHE A 72 -8.75 4.58 1.83
CA PHE A 72 -9.18 3.81 0.68
C PHE A 72 -10.70 3.80 0.56
N THR A 73 -11.23 4.77 -0.16
CA THR A 73 -12.64 4.79 -0.51
C THR A 73 -12.83 5.51 -1.84
N ASN A 74 -12.09 6.59 -2.03
CA ASN A 74 -12.17 7.37 -3.26
C ASN A 74 -11.28 6.74 -4.34
N LEU A 75 -10.84 5.50 -4.08
CA LEU A 75 -10.05 4.75 -5.04
C LEU A 75 -10.86 4.39 -6.27
N LYS A 76 -12.16 4.59 -6.19
CA LYS A 76 -13.05 4.39 -7.34
C LYS A 76 -12.89 5.54 -8.33
N ALA A 77 -12.43 6.68 -7.82
CA ALA A 77 -12.14 7.83 -8.66
C ALA A 77 -10.73 7.72 -9.24
N ALA A 78 -9.95 6.80 -8.69
CA ALA A 78 -8.62 6.53 -9.21
C ALA A 78 -8.73 5.75 -10.52
N LYS A 79 -7.64 5.64 -11.23
CA LYS A 79 -7.67 5.10 -12.57
C LYS A 79 -6.58 4.06 -12.76
N LYS A 80 -6.57 3.45 -13.94
CA LYS A 80 -5.50 2.54 -14.33
C LYS A 80 -4.34 3.35 -14.88
N GLY A 81 -4.54 4.66 -14.93
CA GLY A 81 -3.53 5.56 -15.42
C GLY A 81 -3.59 6.89 -14.71
N SER A 82 -3.86 6.86 -13.41
CA SER A 82 -3.85 8.04 -12.61
C SER A 82 -2.44 8.32 -12.12
N MET A 83 -2.31 9.25 -11.20
CA MET A 83 -1.01 9.64 -10.70
C MET A 83 -0.87 9.28 -9.23
N VAL A 84 -0.05 8.29 -8.93
CA VAL A 84 0.21 7.90 -7.56
C VAL A 84 1.57 8.41 -7.13
N TYR A 85 1.60 9.21 -6.07
CA TYR A 85 2.85 9.73 -5.53
C TYR A 85 3.25 8.95 -4.29
N PHE A 86 4.48 8.48 -4.28
CA PHE A 86 5.05 7.88 -3.09
C PHE A 86 6.22 8.71 -2.63
N LYS A 87 6.06 9.36 -1.49
CA LYS A 87 7.07 10.25 -0.97
C LYS A 87 7.88 9.56 0.12
N VAL A 88 9.17 9.71 0.07
CA VAL A 88 10.05 9.10 1.05
C VAL A 88 11.39 9.81 1.10
N GLY A 89 11.65 10.47 2.23
CA GLY A 89 12.87 11.23 2.40
C GLY A 89 12.97 12.37 1.40
N ASN A 90 13.77 12.16 0.36
CA ASN A 90 13.93 13.16 -0.70
C ASN A 90 13.34 12.65 -2.00
N GLU A 91 12.78 11.46 -1.97
CA GLU A 91 12.29 10.82 -3.17
C GLU A 91 10.79 11.05 -3.30
N THR A 92 10.37 11.40 -4.51
CA THR A 92 8.97 11.53 -4.83
C THR A 92 8.69 10.84 -6.16
N ARG A 93 8.28 9.59 -6.08
CA ARG A 93 8.13 8.77 -7.27
C ARG A 93 6.67 8.73 -7.68
N LYS A 94 6.42 8.74 -8.98
CA LYS A 94 5.07 8.63 -9.49
C LYS A 94 4.86 7.22 -10.02
N TYR A 95 3.76 6.61 -9.64
CA TYR A 95 3.47 5.25 -10.04
C TYR A 95 2.17 5.19 -10.85
N LYS A 96 2.15 4.29 -11.81
CA LYS A 96 0.97 4.09 -12.64
C LYS A 96 0.24 2.83 -12.19
N MET A 97 -1.07 2.95 -12.04
CA MET A 97 -1.88 1.85 -11.55
C MET A 97 -2.28 0.96 -12.73
N THR A 98 -1.29 0.52 -13.48
CA THR A 98 -1.52 -0.21 -14.71
C THR A 98 -1.92 -1.66 -14.45
N SER A 99 -1.71 -2.14 -13.23
CA SER A 99 -2.13 -3.47 -12.88
C SER A 99 -3.05 -3.45 -11.66
N ILE A 100 -4.34 -3.29 -11.92
CA ILE A 100 -5.34 -3.27 -10.86
C ILE A 100 -6.15 -4.57 -10.90
N ARG A 101 -5.94 -5.43 -9.91
CA ARG A 101 -6.62 -6.71 -9.86
C ARG A 101 -7.16 -6.97 -8.45
N ASP A 102 -8.25 -7.70 -8.38
CA ASP A 102 -8.76 -8.14 -7.10
C ASP A 102 -8.70 -9.67 -7.06
N VAL A 103 -8.41 -10.19 -5.88
CA VAL A 103 -8.22 -11.62 -5.72
C VAL A 103 -9.19 -12.16 -4.66
N LYS A 104 -9.81 -13.27 -4.99
CA LYS A 104 -10.72 -13.91 -4.06
C LYS A 104 -9.94 -14.73 -3.04
N PRO A 105 -10.25 -14.55 -1.75
CA PRO A 105 -9.52 -15.20 -0.64
C PRO A 105 -9.84 -16.68 -0.52
N THR A 106 -9.92 -17.36 -1.65
CA THR A 106 -10.17 -18.79 -1.68
C THR A 106 -8.95 -19.56 -1.18
N ASP A 107 -7.77 -19.03 -1.48
CA ASP A 107 -6.51 -19.63 -1.04
C ASP A 107 -5.39 -18.59 -1.13
N VAL A 108 -4.39 -18.75 -0.28
CA VAL A 108 -3.27 -17.82 -0.25
C VAL A 108 -2.04 -18.44 -0.91
N GLU A 109 -2.00 -19.77 -0.98
CA GLU A 109 -0.86 -20.48 -1.53
C GLU A 109 -1.04 -20.69 -3.04
N VAL A 110 -2.20 -20.31 -3.53
CA VAL A 110 -2.57 -20.54 -4.93
C VAL A 110 -1.80 -19.63 -5.89
N LEU A 111 -1.35 -18.49 -5.38
CA LEU A 111 -0.75 -17.48 -6.23
C LEU A 111 0.76 -17.42 -6.07
N ASP A 112 1.43 -16.99 -7.13
CA ASP A 112 2.88 -16.84 -7.14
C ASP A 112 3.28 -15.77 -8.12
N GLU A 113 4.48 -15.23 -7.95
CA GLU A 113 5.02 -14.25 -8.88
C GLU A 113 6.43 -14.64 -9.30
N GLN A 114 7.04 -13.82 -10.15
CA GLN A 114 8.31 -14.19 -10.74
C GLN A 114 9.43 -13.25 -10.32
N LYS A 115 10.66 -13.71 -10.51
CA LYS A 115 11.84 -13.01 -10.04
C LYS A 115 12.36 -12.06 -11.12
N GLY A 116 12.65 -10.83 -10.73
CA GLY A 116 13.10 -9.84 -11.69
C GLY A 116 12.12 -8.70 -11.80
N LYS A 117 11.96 -7.96 -10.72
CA LYS A 117 10.99 -6.86 -10.66
C LYS A 117 11.61 -5.55 -11.10
N ASP A 118 10.74 -4.60 -11.35
CA ASP A 118 11.12 -3.22 -11.53
C ASP A 118 10.63 -2.47 -10.30
N LYS A 119 10.64 -1.16 -10.33
CA LYS A 119 10.10 -0.40 -9.23
C LYS A 119 8.58 -0.46 -9.25
N GLN A 120 8.01 -1.28 -8.39
CA GLN A 120 6.56 -1.42 -8.32
C GLN A 120 6.11 -1.47 -6.87
N LEU A 121 4.98 -0.87 -6.59
CA LEU A 121 4.41 -0.95 -5.26
C LEU A 121 3.20 -1.88 -5.31
N THR A 122 3.30 -2.97 -4.57
CA THR A 122 2.21 -3.92 -4.51
C THR A 122 1.38 -3.66 -3.26
N LEU A 123 0.31 -2.88 -3.43
CA LEU A 123 -0.55 -2.51 -2.33
C LEU A 123 -1.56 -3.62 -2.03
N ILE A 124 -1.35 -4.30 -0.93
CA ILE A 124 -2.27 -5.33 -0.47
C ILE A 124 -3.44 -4.65 0.23
N THR A 125 -4.38 -4.17 -0.56
CA THR A 125 -5.52 -3.45 -0.02
C THR A 125 -6.67 -4.40 0.25
N CYS A 126 -6.79 -4.84 1.50
CA CYS A 126 -7.95 -5.60 1.91
C CYS A 126 -9.16 -4.68 1.97
N ASP A 127 -9.86 -4.61 0.85
CA ASP A 127 -10.92 -3.63 0.64
C ASP A 127 -12.22 -4.06 1.31
N ASP A 128 -12.12 -5.12 2.10
CA ASP A 128 -13.24 -5.63 2.86
C ASP A 128 -12.73 -6.57 3.93
N TYR A 129 -12.76 -6.12 5.18
CA TYR A 129 -12.43 -7.00 6.29
C TYR A 129 -13.28 -6.61 7.50
N ASN A 130 -13.80 -7.60 8.19
CA ASN A 130 -14.56 -7.36 9.39
C ASN A 130 -13.66 -7.57 10.61
N GLU A 131 -13.44 -6.49 11.34
CA GLU A 131 -12.51 -6.49 12.47
C GLU A 131 -12.99 -7.37 13.63
N LYS A 132 -14.26 -7.75 13.60
CA LYS A 132 -14.83 -8.61 14.64
C LYS A 132 -14.38 -10.06 14.44
N THR A 133 -14.85 -10.66 13.37
CA THR A 133 -14.65 -12.08 13.12
C THR A 133 -13.38 -12.35 12.31
N GLY A 134 -12.89 -11.32 11.61
CA GLY A 134 -11.69 -11.49 10.81
C GLY A 134 -11.99 -12.10 9.45
N VAL A 135 -13.11 -11.71 8.86
CA VAL A 135 -13.50 -12.21 7.55
C VAL A 135 -13.26 -11.13 6.49
N TRP A 136 -12.95 -11.57 5.28
CA TRP A 136 -12.68 -10.66 4.19
C TRP A 136 -13.28 -11.20 2.88
N GLU A 137 -14.14 -10.41 2.25
CA GLU A 137 -14.76 -10.83 1.00
C GLU A 137 -13.91 -10.48 -0.21
N LYS A 138 -13.62 -9.19 -0.38
CA LYS A 138 -12.92 -8.74 -1.58
C LYS A 138 -11.55 -8.15 -1.23
N ARG A 139 -10.52 -8.70 -1.85
CA ARG A 139 -9.17 -8.20 -1.67
C ARG A 139 -8.67 -7.55 -2.95
N LYS A 140 -8.67 -6.22 -2.97
CA LYS A 140 -8.27 -5.49 -4.15
C LYS A 140 -6.81 -5.07 -4.03
N ILE A 141 -5.94 -5.79 -4.72
CA ILE A 141 -4.55 -5.53 -4.65
C ILE A 141 -4.07 -4.69 -5.83
N PHE A 142 -3.35 -3.63 -5.52
CA PHE A 142 -2.92 -2.68 -6.53
C PHE A 142 -1.43 -2.83 -6.82
N VAL A 143 -1.11 -3.13 -8.07
CA VAL A 143 0.27 -3.18 -8.50
C VAL A 143 0.58 -1.95 -9.35
N ALA A 144 1.24 -0.98 -8.75
CA ALA A 144 1.56 0.25 -9.44
C ALA A 144 3.03 0.31 -9.79
N THR A 145 3.32 0.42 -11.08
CA THR A 145 4.69 0.47 -11.56
C THR A 145 5.16 1.92 -11.66
N GLU A 146 6.41 2.16 -11.29
CA GLU A 146 6.97 3.50 -11.26
C GLU A 146 7.04 4.08 -12.68
N VAL A 147 6.29 5.16 -12.88
CA VAL A 147 6.26 5.83 -14.17
C VAL A 147 7.10 7.09 -14.14
N LYS A 148 7.50 7.49 -15.30
CA LYS A 148 8.45 8.57 -15.46
C LYS A 148 7.79 9.81 -16.08
S2 2W7 B . -6.82 -8.80 4.76
C5 2W7 B . -5.62 -8.38 5.96
C6 2W7 B . -5.93 -7.45 6.95
C10 2W7 B . -4.33 -8.91 5.89
C7 2W7 B . -4.97 -7.05 7.87
C8 2W7 B . -3.68 -7.58 7.80
C9 2W7 B . -3.37 -8.51 6.81
C11 2W7 B . -4.01 -9.90 4.96
O2 2W7 B . -3.50 -9.64 3.88
N3 2W7 B . -4.32 -11.15 5.36
C12 2W7 B . -3.45 -12.31 5.06
C13 2W7 B . -3.29 -12.48 3.55
O3 2W7 B . -4.10 -13.15 2.89
N4 2W7 B . -2.23 -11.86 3.01
C14 2W7 B . -1.60 -12.39 1.79
C18 2W7 B . -1.25 -13.85 2.02
C17 2W7 B . -0.59 -14.43 0.78
C19 2W7 B . -1.57 -14.34 -0.39
C23 2W7 B . -1.92 -12.87 -0.63
C24 2W7 B . -2.57 -12.29 0.61
C25 2W7 B . -0.66 -12.10 -0.95
C20 2W7 B . 0.31 -12.18 0.22
C26 2W7 B . -0.35 -11.60 1.46
C16 2W7 B . 0.67 -13.64 0.46
H6 2W7 B . -6.94 -7.04 7.00
H7 2W7 B . -5.22 -6.33 8.65
H8 2W7 B . -2.93 -7.26 8.51
H9 2W7 B . -2.35 -8.91 6.76
H3 2W7 B . -5.14 -11.36 5.88
H122 2W7 B . -2.47 -12.15 5.51
H121 2W7 B . -3.90 -13.21 5.48
H4 2W7 B . -1.85 -11.02 3.41
HZ12 2W7 B . -2.14 -14.43 2.25
HZ11 2W7 B . -0.56 -13.93 2.86
HY1 2W7 B . -0.34 -15.47 0.94
HX22 2W7 B . -1.10 -14.76 -1.28
HX21 2W7 B . -2.47 -14.91 -0.15
HY3 2W7 B . -2.61 -12.80 -1.47
HZ21 2W7 B . -3.48 -12.84 0.83
HZ22 2W7 B . -2.81 -11.24 0.42
HX31 2W7 B . -0.19 -12.52 -1.84
HX32 2W7 B . -0.91 -11.05 -1.14
HY2 2W7 B . 1.21 -11.62 -0.01
HZ32 2W7 B . -0.60 -10.56 1.29
HZ31 2W7 B . 0.36 -11.66 2.29
HX12 2W7 B . 1.14 -14.04 -0.44
HX11 2W7 B . 1.37 -13.71 1.29
N MET A 1 21.49 16.45 4.11
CA MET A 1 20.81 16.97 5.33
C MET A 1 21.10 16.08 6.54
N GLN A 2 20.58 14.85 6.51
CA GLN A 2 20.77 13.91 7.60
C GLN A 2 20.96 12.51 7.04
N ALA A 3 20.64 11.49 7.84
CA ALA A 3 20.75 10.10 7.42
C ALA A 3 19.92 9.83 6.17
N LYS A 4 20.28 8.78 5.43
CA LYS A 4 19.57 8.44 4.22
C LYS A 4 18.20 7.86 4.54
N PRO A 5 17.21 8.13 3.68
CA PRO A 5 15.86 7.59 3.81
C PRO A 5 15.86 6.06 3.90
N GLN A 6 15.40 5.54 5.03
CA GLN A 6 15.33 4.11 5.23
C GLN A 6 14.04 3.78 5.98
N ILE A 7 13.70 2.50 6.09
CA ILE A 7 12.48 2.10 6.76
C ILE A 7 12.80 1.67 8.19
N PRO A 8 12.36 2.46 9.19
CA PRO A 8 12.52 2.11 10.59
C PRO A 8 11.56 1.01 11.02
N LYS A 9 11.71 0.52 12.23
CA LYS A 9 10.86 -0.55 12.72
C LYS A 9 9.90 -0.01 13.77
N ASP A 10 9.67 1.29 13.72
CA ASP A 10 8.72 1.96 14.58
C ASP A 10 7.66 2.65 13.72
N LYS A 11 6.43 2.68 14.21
CA LYS A 11 5.30 3.14 13.40
C LYS A 11 5.12 4.64 13.51
N SER A 12 5.76 5.25 14.50
CA SER A 12 5.67 6.69 14.70
C SER A 12 6.76 7.39 13.89
N LYS A 13 7.75 6.63 13.50
CA LYS A 13 8.85 7.14 12.69
C LYS A 13 8.40 7.21 11.23
N VAL A 14 7.77 8.31 10.87
CA VAL A 14 7.27 8.51 9.52
C VAL A 14 8.42 8.48 8.51
N ALA A 15 8.53 7.37 7.80
CA ALA A 15 9.58 7.20 6.80
C ALA A 15 9.17 7.80 5.47
N GLY A 16 7.86 7.81 5.22
CA GLY A 16 7.38 8.28 3.95
C GLY A 16 5.94 8.76 3.99
N TYR A 17 5.48 9.25 2.86
CA TYR A 17 4.13 9.78 2.73
C TYR A 17 3.50 9.24 1.45
N ILE A 18 2.28 8.76 1.54
CA ILE A 18 1.58 8.25 0.37
C ILE A 18 0.56 9.28 -0.11
N GLU A 19 0.69 9.69 -1.36
CA GLU A 19 -0.19 10.72 -1.92
C GLU A 19 -0.68 10.33 -3.31
N ILE A 20 -1.98 10.22 -3.45
CA ILE A 20 -2.61 9.98 -4.73
C ILE A 20 -3.65 11.08 -5.01
N PRO A 21 -3.30 12.04 -5.88
CA PRO A 21 -4.15 13.21 -6.15
C PRO A 21 -5.49 12.84 -6.77
N ASP A 22 -5.54 11.67 -7.39
CA ASP A 22 -6.77 11.17 -8.00
C ASP A 22 -7.82 10.88 -6.95
N ALA A 23 -7.37 10.50 -5.76
CA ALA A 23 -8.29 10.06 -4.71
C ALA A 23 -8.14 10.92 -3.45
N ASP A 24 -7.31 11.95 -3.53
CA ASP A 24 -7.05 12.84 -2.40
C ASP A 24 -6.40 12.08 -1.24
N ILE A 25 -5.74 10.99 -1.58
CA ILE A 25 -5.07 10.15 -0.59
C ILE A 25 -3.78 10.81 -0.14
N LYS A 26 -3.74 11.23 1.12
CA LYS A 26 -2.58 11.93 1.65
C LYS A 26 -2.36 11.56 3.12
N GLU A 27 -1.51 10.59 3.37
CA GLU A 27 -1.19 10.17 4.74
C GLU A 27 0.21 9.57 4.81
N PRO A 28 0.83 9.61 5.99
CA PRO A 28 2.14 9.00 6.21
C PRO A 28 2.10 7.48 6.11
N VAL A 29 3.23 6.88 5.78
CA VAL A 29 3.32 5.43 5.72
C VAL A 29 3.93 4.94 7.01
N TYR A 30 3.28 3.96 7.61
CA TYR A 30 3.70 3.47 8.91
C TYR A 30 4.63 2.27 8.76
N PRO A 31 5.92 2.48 9.01
CA PRO A 31 6.93 1.41 8.97
C PRO A 31 6.68 0.35 10.02
N GLY A 32 6.97 -0.89 9.68
CA GLY A 32 6.79 -1.98 10.60
C GLY A 32 6.23 -3.21 9.92
N PRO A 33 6.01 -4.29 10.67
CA PRO A 33 5.47 -5.54 10.11
C PRO A 33 3.96 -5.47 9.91
N ALA A 34 3.48 -6.13 8.86
CA ALA A 34 2.05 -6.19 8.58
C ALA A 34 1.31 -6.90 9.71
N THR A 35 0.71 -6.12 10.59
CA THR A 35 -0.02 -6.65 11.72
C THR A 35 -1.41 -6.04 11.79
N PRO A 36 -2.42 -6.82 12.21
CA PRO A 36 -3.82 -6.40 12.25
C PRO A 36 -4.02 -5.09 13.02
N GLU A 37 -3.33 -4.94 14.14
CA GLU A 37 -3.46 -3.74 14.95
C GLU A 37 -2.93 -2.51 14.23
N GLN A 38 -1.78 -2.66 13.58
CA GLN A 38 -1.14 -1.55 12.90
C GLN A 38 -1.90 -1.17 11.63
N LEU A 39 -2.36 -2.18 10.90
CA LEU A 39 -3.10 -1.97 9.66
C LEU A 39 -4.47 -1.34 9.95
N ASN A 40 -4.88 -1.42 11.21
CA ASN A 40 -6.17 -0.87 11.64
C ASN A 40 -6.02 0.62 11.95
N ARG A 41 -4.78 1.10 11.97
CA ARG A 41 -4.52 2.52 12.23
C ARG A 41 -4.14 3.26 10.95
N GLY A 42 -3.68 2.51 9.95
CA GLY A 42 -3.28 3.13 8.71
C GLY A 42 -2.62 2.13 7.79
N VAL A 43 -1.98 2.62 6.74
CA VAL A 43 -1.30 1.75 5.80
C VAL A 43 0.14 1.48 6.27
N SER A 44 0.56 0.23 6.15
CA SER A 44 1.88 -0.18 6.62
C SER A 44 2.54 -1.14 5.63
N PHE A 45 3.79 -1.45 5.87
CA PHE A 45 4.53 -2.36 5.00
C PHE A 45 4.23 -3.82 5.36
N ALA A 46 4.70 -4.72 4.51
CA ALA A 46 4.43 -6.14 4.66
C ALA A 46 5.72 -6.96 4.74
N GLU A 47 6.72 -6.49 4.01
CA GLU A 47 7.94 -7.24 3.77
C GLU A 47 8.92 -7.16 4.95
N GLU A 48 10.08 -7.80 4.77
CA GLU A 48 11.08 -7.90 5.82
C GLU A 48 12.20 -6.88 5.63
N ASN A 49 12.32 -6.36 4.43
CA ASN A 49 13.46 -5.52 4.08
C ASN A 49 13.15 -4.05 4.38
N GLU A 50 14.11 -3.38 4.99
CA GLU A 50 13.93 -2.01 5.46
C GLU A 50 14.25 -0.98 4.37
N SER A 51 14.06 -1.35 3.12
CA SER A 51 14.31 -0.44 2.01
C SER A 51 13.01 0.07 1.42
N LEU A 52 13.11 1.18 0.72
CA LEU A 52 11.95 1.85 0.17
C LEU A 52 12.09 2.00 -1.33
N ASP A 53 13.22 1.55 -1.85
CA ASP A 53 13.47 1.58 -3.27
C ASP A 53 14.37 0.43 -3.69
N ASP A 54 13.96 -0.79 -3.33
CA ASP A 54 14.65 -1.98 -3.81
C ASP A 54 14.01 -2.42 -5.14
N GLN A 55 12.73 -2.77 -5.10
CA GLN A 55 11.98 -3.17 -6.28
C GLN A 55 10.54 -3.54 -5.91
N ASN A 56 10.40 -4.60 -5.13
CA ASN A 56 9.08 -5.15 -4.83
C ASN A 56 8.58 -4.74 -3.46
N ILE A 57 7.76 -3.70 -3.45
CA ILE A 57 7.16 -3.22 -2.22
C ILE A 57 5.70 -3.65 -2.15
N SER A 58 5.24 -4.04 -0.97
CA SER A 58 3.86 -4.43 -0.76
C SER A 58 3.27 -3.65 0.41
N ILE A 59 2.57 -2.56 0.10
CA ILE A 59 1.98 -1.72 1.14
C ILE A 59 0.55 -2.16 1.40
N ALA A 60 0.27 -2.59 2.63
CA ALA A 60 -1.05 -3.08 2.98
C ALA A 60 -1.83 -2.06 3.83
N GLY A 61 -3.09 -1.88 3.50
CA GLY A 61 -3.94 -0.97 4.26
C GLY A 61 -5.28 -1.60 4.61
N HIS A 62 -5.72 -1.45 5.85
CA HIS A 62 -6.95 -2.12 6.30
C HIS A 62 -7.82 -1.18 7.13
N THR A 63 -7.61 0.12 6.99
CA THR A 63 -8.36 1.08 7.79
C THR A 63 -9.67 1.48 7.10
N PHE A 64 -10.08 0.68 6.13
CA PHE A 64 -11.31 0.93 5.40
C PHE A 64 -12.47 0.16 6.03
N ILE A 65 -13.21 0.84 6.92
CA ILE A 65 -14.39 0.25 7.51
C ILE A 65 -15.27 1.30 8.20
N ASP A 66 -14.68 2.11 9.07
CA ASP A 66 -15.44 3.08 9.85
C ASP A 66 -15.42 4.45 9.19
N ARG A 67 -14.36 4.72 8.45
CA ARG A 67 -14.17 6.04 7.86
C ARG A 67 -14.30 6.00 6.35
N PRO A 68 -15.23 6.79 5.80
CA PRO A 68 -15.36 6.99 4.35
C PRO A 68 -14.46 8.12 3.87
N ASN A 69 -13.73 8.71 4.79
CA ASN A 69 -12.86 9.83 4.48
C ASN A 69 -11.44 9.52 4.94
N TYR A 70 -10.94 8.35 4.55
CA TYR A 70 -9.60 7.92 4.94
C TYR A 70 -8.84 7.40 3.71
N GLN A 71 -7.69 6.77 3.97
CA GLN A 71 -6.75 6.33 2.93
C GLN A 71 -7.39 5.89 1.61
N PHE A 72 -7.76 4.61 1.50
CA PHE A 72 -8.16 4.06 0.22
C PHE A 72 -9.67 4.06 0.05
N THR A 73 -10.33 5.04 0.67
CA THR A 73 -11.78 5.14 0.60
C THR A 73 -12.20 5.75 -0.74
N ASN A 74 -11.47 6.76 -1.18
CA ASN A 74 -11.78 7.44 -2.43
C ASN A 74 -10.94 6.87 -3.56
N LEU A 75 -10.30 5.74 -3.30
CA LEU A 75 -9.40 5.10 -4.26
C LEU A 75 -10.16 4.68 -5.53
N LYS A 76 -11.47 4.65 -5.41
CA LYS A 76 -12.36 4.36 -6.54
C LYS A 76 -12.22 5.42 -7.63
N ALA A 77 -11.77 6.61 -7.25
CA ALA A 77 -11.60 7.71 -8.19
C ALA A 77 -10.29 7.59 -8.97
N ALA A 78 -9.45 6.66 -8.55
CA ALA A 78 -8.18 6.43 -9.22
C ALA A 78 -8.34 5.42 -10.34
N LYS A 79 -7.79 5.73 -11.50
CA LYS A 79 -7.88 4.84 -12.64
C LYS A 79 -6.58 4.11 -12.87
N LYS A 80 -6.55 3.33 -13.95
CA LYS A 80 -5.37 2.54 -14.30
C LYS A 80 -4.23 3.44 -14.78
N GLY A 81 -4.49 4.73 -14.81
CA GLY A 81 -3.50 5.70 -15.20
C GLY A 81 -3.57 6.93 -14.35
N SER A 82 -3.34 6.75 -13.07
CA SER A 82 -3.27 7.85 -12.14
C SER A 82 -1.80 8.22 -11.94
N MET A 83 -1.51 8.89 -10.84
CA MET A 83 -0.15 9.23 -10.51
C MET A 83 0.08 9.03 -9.02
N VAL A 84 0.51 7.83 -8.67
CA VAL A 84 0.76 7.49 -7.29
C VAL A 84 2.10 8.08 -6.85
N TYR A 85 2.04 8.98 -5.88
CA TYR A 85 3.24 9.60 -5.35
C TYR A 85 3.68 8.90 -4.08
N PHE A 86 4.76 8.18 -4.17
CA PHE A 86 5.35 7.53 -3.01
C PHE A 86 6.51 8.36 -2.51
N LYS A 87 6.24 9.14 -1.50
CA LYS A 87 7.22 10.05 -0.94
C LYS A 87 7.94 9.41 0.23
N VAL A 88 9.22 9.64 0.31
CA VAL A 88 10.04 9.18 1.44
C VAL A 88 11.10 10.22 1.76
N GLY A 89 10.93 10.90 2.89
CA GLY A 89 11.80 12.02 3.22
C GLY A 89 11.56 13.18 2.29
N ASN A 90 12.41 13.31 1.28
CA ASN A 90 12.25 14.35 0.27
C ASN A 90 12.20 13.72 -1.12
N GLU A 91 12.17 12.39 -1.15
CA GLU A 91 12.12 11.66 -2.41
C GLU A 91 10.69 11.52 -2.90
N THR A 92 10.50 11.60 -4.20
CA THR A 92 9.18 11.44 -4.80
C THR A 92 9.23 10.36 -5.88
N ARG A 93 8.57 9.25 -5.62
CA ARG A 93 8.53 8.15 -6.57
C ARG A 93 7.14 8.09 -7.23
N LYS A 94 7.08 8.20 -8.55
CA LYS A 94 5.80 8.20 -9.25
C LYS A 94 5.49 6.80 -9.78
N TYR A 95 4.28 6.35 -9.56
CA TYR A 95 3.86 5.04 -10.03
C TYR A 95 2.54 5.10 -10.79
N LYS A 96 2.41 4.25 -11.77
CA LYS A 96 1.22 4.16 -12.61
C LYS A 96 0.47 2.89 -12.27
N MET A 97 -0.83 3.01 -11.99
CA MET A 97 -1.64 1.87 -11.56
C MET A 97 -2.03 1.01 -12.75
N THR A 98 -1.05 0.32 -13.31
CA THR A 98 -1.22 -0.40 -14.55
C THR A 98 -2.16 -1.60 -14.42
N SER A 99 -2.02 -2.35 -13.32
CA SER A 99 -2.82 -3.55 -13.13
C SER A 99 -3.77 -3.39 -11.96
N ILE A 100 -5.04 -3.22 -12.26
CA ILE A 100 -6.07 -3.08 -11.23
C ILE A 100 -7.20 -4.08 -11.45
N ARG A 101 -7.11 -5.22 -10.79
CA ARG A 101 -8.16 -6.24 -10.85
C ARG A 101 -8.27 -6.94 -9.51
N ASP A 102 -9.46 -7.42 -9.22
CA ASP A 102 -9.75 -8.01 -7.92
C ASP A 102 -9.77 -9.54 -8.01
N VAL A 103 -9.18 -10.19 -7.02
CA VAL A 103 -9.17 -11.65 -6.94
C VAL A 103 -9.45 -12.10 -5.51
N LYS A 104 -10.24 -13.15 -5.37
CA LYS A 104 -10.56 -13.69 -4.05
C LYS A 104 -9.94 -15.07 -3.87
N PRO A 105 -8.71 -15.13 -3.36
CA PRO A 105 -8.02 -16.39 -3.09
C PRO A 105 -8.32 -16.94 -1.70
N THR A 106 -8.54 -16.02 -0.75
CA THR A 106 -8.84 -16.36 0.64
C THR A 106 -7.62 -16.91 1.39
N ASP A 107 -6.89 -17.84 0.76
CA ASP A 107 -5.69 -18.40 1.37
C ASP A 107 -4.53 -17.42 1.24
N VAL A 108 -3.49 -17.64 2.03
CA VAL A 108 -2.35 -16.76 2.07
C VAL A 108 -1.34 -17.09 0.97
N GLU A 109 -1.22 -18.37 0.63
CA GLU A 109 -0.22 -18.78 -0.34
C GLU A 109 -0.87 -19.36 -1.58
N VAL A 110 -1.31 -18.47 -2.46
CA VAL A 110 -1.94 -18.86 -3.72
C VAL A 110 -1.05 -18.50 -4.90
N LEU A 111 0.04 -17.80 -4.62
CA LEU A 111 0.96 -17.38 -5.66
C LEU A 111 2.38 -17.36 -5.10
N ASP A 112 3.36 -17.12 -5.96
CA ASP A 112 4.75 -17.17 -5.56
C ASP A 112 5.57 -16.16 -6.34
N GLU A 113 6.82 -15.96 -5.92
CA GLU A 113 7.70 -15.00 -6.56
C GLU A 113 8.30 -15.59 -7.84
N GLN A 114 7.64 -15.35 -8.97
CA GLN A 114 8.06 -15.89 -10.25
C GLN A 114 8.80 -14.85 -11.08
N LYS A 115 9.94 -15.29 -11.65
CA LYS A 115 10.77 -14.48 -12.53
C LYS A 115 11.15 -13.13 -11.94
N GLY A 116 11.76 -12.30 -12.78
CA GLY A 116 12.18 -10.99 -12.35
C GLY A 116 11.00 -10.07 -12.09
N LYS A 117 11.01 -9.42 -10.95
CA LYS A 117 9.94 -8.50 -10.59
C LYS A 117 10.29 -7.09 -11.06
N ASP A 118 9.42 -6.15 -10.78
CA ASP A 118 9.67 -4.77 -11.16
C ASP A 118 9.65 -3.89 -9.93
N LYS A 119 9.75 -2.60 -10.16
CA LYS A 119 9.67 -1.62 -9.08
C LYS A 119 8.23 -1.14 -8.97
N GLN A 120 7.49 -1.77 -8.06
CA GLN A 120 6.07 -1.54 -7.92
C GLN A 120 5.65 -1.64 -6.46
N LEU A 121 4.48 -1.12 -6.14
CA LEU A 121 3.91 -1.31 -4.82
C LEU A 121 2.67 -2.17 -4.95
N THR A 122 2.68 -3.31 -4.28
CA THR A 122 1.52 -4.17 -4.23
C THR A 122 0.57 -3.68 -3.14
N LEU A 123 -0.34 -2.79 -3.53
CA LEU A 123 -1.28 -2.22 -2.58
C LEU A 123 -2.36 -3.22 -2.24
N ILE A 124 -2.25 -3.80 -1.07
CA ILE A 124 -3.20 -4.80 -0.62
C ILE A 124 -4.35 -4.15 0.15
N THR A 125 -5.47 -3.96 -0.53
CA THR A 125 -6.65 -3.44 0.12
C THR A 125 -7.70 -4.54 0.24
N CYS A 126 -7.85 -5.08 1.44
CA CYS A 126 -8.88 -6.09 1.68
C CYS A 126 -10.25 -5.42 1.63
N ASP A 127 -10.86 -5.44 0.44
CA ASP A 127 -12.11 -4.74 0.21
C ASP A 127 -13.09 -5.61 -0.55
N ASP A 128 -14.01 -6.22 0.19
CA ASP A 128 -15.06 -7.04 -0.39
C ASP A 128 -15.87 -7.66 0.73
N TYR A 129 -16.95 -7.00 1.09
CA TYR A 129 -17.83 -7.50 2.14
C TYR A 129 -18.63 -8.68 1.62
N ASN A 130 -18.77 -9.71 2.44
CA ASN A 130 -19.48 -10.92 2.03
C ASN A 130 -20.98 -10.75 2.16
N GLU A 131 -21.38 -9.49 2.36
CA GLU A 131 -22.79 -9.03 2.55
C GLU A 131 -23.55 -9.76 3.67
N LYS A 132 -23.13 -10.96 4.03
CA LYS A 132 -23.71 -11.70 5.13
C LYS A 132 -23.53 -10.93 6.42
N THR A 133 -22.27 -10.64 6.74
CA THR A 133 -21.93 -9.91 7.95
C THR A 133 -21.06 -8.70 7.63
N GLY A 134 -20.36 -8.77 6.50
CA GLY A 134 -19.53 -7.66 6.09
C GLY A 134 -18.08 -7.87 6.46
N VAL A 135 -17.58 -9.07 6.22
CA VAL A 135 -16.18 -9.38 6.46
C VAL A 135 -15.39 -9.18 5.18
N TRP A 136 -14.14 -8.79 5.33
CA TRP A 136 -13.27 -8.52 4.20
C TRP A 136 -12.70 -9.82 3.66
N GLU A 137 -13.36 -10.39 2.65
CA GLU A 137 -12.92 -11.65 2.09
C GLU A 137 -11.84 -11.47 1.05
N LYS A 138 -12.17 -10.71 0.01
CA LYS A 138 -11.31 -10.57 -1.14
C LYS A 138 -10.20 -9.55 -0.90
N ARG A 139 -8.99 -9.91 -1.30
CA ARG A 139 -7.87 -8.98 -1.22
C ARG A 139 -7.73 -8.28 -2.55
N LYS A 140 -8.21 -7.05 -2.59
CA LYS A 140 -8.24 -6.27 -3.81
C LYS A 140 -6.89 -5.60 -4.00
N ILE A 141 -6.17 -6.02 -5.04
CA ILE A 141 -4.81 -5.58 -5.23
C ILE A 141 -4.72 -4.47 -6.25
N PHE A 142 -3.92 -3.46 -5.93
CA PHE A 142 -3.62 -2.38 -6.86
C PHE A 142 -2.12 -2.38 -7.16
N VAL A 143 -1.78 -2.70 -8.39
CA VAL A 143 -0.37 -2.77 -8.78
C VAL A 143 0.04 -1.50 -9.52
N ALA A 144 0.89 -0.71 -8.88
CA ALA A 144 1.40 0.51 -9.49
C ALA A 144 2.88 0.37 -9.81
N THR A 145 3.20 0.38 -11.10
CA THR A 145 4.57 0.25 -11.56
C THR A 145 5.21 1.63 -11.70
N GLU A 146 6.51 1.74 -11.45
CA GLU A 146 7.20 3.02 -11.47
C GLU A 146 7.17 3.65 -12.86
N VAL A 147 7.00 4.96 -12.89
CA VAL A 147 7.05 5.71 -14.14
C VAL A 147 8.25 6.65 -14.14
N LYS A 148 8.60 7.12 -15.32
CA LYS A 148 9.72 8.05 -15.47
C LYS A 148 9.28 9.46 -15.16
S2 2W7 B . -6.83 -7.84 5.21
C5 2W7 B . -7.54 -9.41 5.50
C6 2W7 B . -8.86 -9.51 5.90
C10 2W7 B . -6.80 -10.57 5.23
C7 2W7 B . -9.46 -10.76 6.06
C8 2W7 B . -8.73 -11.91 5.80
C9 2W7 B . -7.40 -11.82 5.38
C11 2W7 B . -5.45 -10.49 4.94
O2 2W7 B . -4.67 -9.89 5.68
N3 2W7 B . -5.07 -11.13 3.82
C12 2W7 B . -3.80 -11.86 3.74
C13 2W7 B . -3.59 -12.40 2.33
O3 2W7 B . -4.54 -12.67 1.59
N4 2W7 B . -2.30 -12.56 1.98
C14 2W7 B . -1.88 -12.47 0.57
C18 2W7 B . -2.62 -13.51 -0.26
C17 2W7 B . -2.16 -13.40 -1.71
C19 2W7 B . -2.48 -12.02 -2.24
C23 2W7 B . -1.76 -10.98 -1.41
C24 2W7 B . -2.20 -11.08 0.04
C25 2W7 B . -0.26 -11.22 -1.49
C20 2W7 B . 0.07 -12.60 -0.96
C26 2W7 B . -0.39 -12.70 0.49
C16 2W7 B . -0.66 -13.64 -1.79
H6 2W7 B . -9.44 -8.61 6.10
H7 2W7 B . -10.50 -10.83 6.39
H8 2W7 B . -9.19 -12.89 5.92
H9 2W7 B . -6.84 -12.72 5.17
H3 2W7 B . -5.62 -11.13 2.99
H122 2W7 B . -2.98 -11.21 4.01
H121 2W7 B . -3.83 -12.70 4.44
H4 2W7 B . -1.60 -12.75 2.67
HZ12 2W7 B . -3.69 -13.34 -0.21
HZ11 2W7 B . -2.40 -14.50 0.12
HY1 2W7 B . -2.67 -14.15 -2.31
HX22 2W7 B . -2.16 -11.96 -3.29
HX21 2W7 B . -3.57 -11.87 -2.19
HY3 2W7 B . -1.99 -9.98 -1.78
HZ21 2W7 B . -3.28 -10.90 0.10
HZ22 2W7 B . -1.68 -10.33 0.63
HX31 2W7 B . 0.06 -11.13 -2.52
HX32 2W7 B . 0.26 -10.46 -0.90
HY2 2W7 B . 1.15 -12.77 -1.01
HZ32 2W7 B . 0.15 -11.96 1.09
HZ31 2W7 B . -0.14 -13.70 0.87
HX12 2W7 B . -0.33 -13.55 -2.83
HX11 2W7 B . -0.42 -14.64 -1.43
N MET A 1 19.63 13.80 3.85
CA MET A 1 21.00 13.41 3.46
C MET A 1 21.71 12.77 4.64
N GLN A 2 21.75 13.48 5.77
CA GLN A 2 22.27 12.90 6.99
C GLN A 2 21.25 11.90 7.53
N ALA A 3 21.73 10.75 7.96
CA ALA A 3 20.87 9.62 8.30
C ALA A 3 20.06 9.19 7.09
N LYS A 4 20.65 8.31 6.28
CA LYS A 4 20.04 7.88 5.04
C LYS A 4 18.71 7.19 5.29
N PRO A 5 17.73 7.44 4.41
CA PRO A 5 16.37 6.94 4.57
C PRO A 5 16.30 5.43 4.68
N GLN A 6 15.98 4.97 5.88
CA GLN A 6 15.80 3.56 6.15
C GLN A 6 14.56 3.38 7.03
N ILE A 7 14.01 2.18 7.06
CA ILE A 7 12.81 1.92 7.84
C ILE A 7 13.14 1.96 9.34
N PRO A 8 12.53 2.92 10.06
CA PRO A 8 12.83 3.17 11.48
C PRO A 8 12.57 1.94 12.37
N LYS A 9 13.34 1.86 13.45
CA LYS A 9 13.18 0.78 14.41
C LYS A 9 11.88 0.95 15.19
N ASP A 10 11.44 2.19 15.32
CA ASP A 10 10.12 2.48 15.88
C ASP A 10 9.10 2.36 14.76
N LYS A 11 7.84 2.17 15.12
CA LYS A 11 6.82 1.89 14.14
C LYS A 11 5.85 3.04 14.00
N SER A 12 6.28 4.24 14.36
CA SER A 12 5.40 5.40 14.32
C SER A 12 5.95 6.49 13.40
N LYS A 13 7.27 6.62 13.34
CA LYS A 13 7.89 7.58 12.45
C LYS A 13 7.60 7.27 10.99
N VAL A 14 6.73 8.08 10.40
CA VAL A 14 6.42 7.95 8.99
C VAL A 14 7.67 8.11 8.13
N ALA A 15 8.06 7.03 7.49
CA ALA A 15 9.25 7.02 6.64
C ALA A 15 8.91 7.54 5.25
N GLY A 16 7.70 7.24 4.81
CA GLY A 16 7.28 7.63 3.49
C GLY A 16 5.85 8.13 3.46
N TYR A 17 5.52 8.91 2.46
CA TYR A 17 4.20 9.48 2.36
C TYR A 17 3.55 9.06 1.05
N ILE A 18 2.30 8.58 1.13
CA ILE A 18 1.59 8.13 -0.05
C ILE A 18 0.52 9.15 -0.44
N GLU A 19 0.63 9.64 -1.67
CA GLU A 19 -0.29 10.66 -2.17
C GLU A 19 -0.88 10.28 -3.52
N ILE A 20 -2.16 9.96 -3.51
CA ILE A 20 -2.91 9.65 -4.71
C ILE A 20 -4.06 10.64 -4.86
N PRO A 21 -3.88 11.68 -5.69
CA PRO A 21 -4.85 12.79 -5.82
C PRO A 21 -6.23 12.31 -6.24
N ASP A 22 -6.28 11.29 -7.09
CA ASP A 22 -7.53 10.76 -7.61
C ASP A 22 -8.44 10.29 -6.48
N ALA A 23 -7.83 9.77 -5.42
CA ALA A 23 -8.57 9.18 -4.34
C ALA A 23 -8.44 10.02 -3.07
N ASP A 24 -7.82 11.19 -3.22
CA ASP A 24 -7.61 12.13 -2.10
C ASP A 24 -6.74 11.49 -1.03
N ILE A 25 -5.90 10.54 -1.43
CA ILE A 25 -5.05 9.82 -0.51
C ILE A 25 -3.81 10.66 -0.20
N LYS A 26 -3.69 11.06 1.04
CA LYS A 26 -2.59 11.91 1.47
C LYS A 26 -2.22 11.56 2.90
N GLU A 27 -1.81 10.32 3.10
CA GLU A 27 -1.58 9.79 4.43
C GLU A 27 -0.14 9.31 4.58
N PRO A 28 0.38 9.31 5.82
CA PRO A 28 1.70 8.78 6.11
C PRO A 28 1.74 7.26 5.99
N VAL A 29 2.89 6.73 5.58
CA VAL A 29 3.08 5.30 5.55
C VAL A 29 3.77 4.89 6.82
N TYR A 30 3.15 3.98 7.53
CA TYR A 30 3.63 3.59 8.83
C TYR A 30 4.47 2.33 8.72
N PRO A 31 5.80 2.51 8.78
CA PRO A 31 6.76 1.43 8.60
C PRO A 31 6.53 0.27 9.57
N GLY A 32 6.68 -0.94 9.06
CA GLY A 32 6.48 -2.12 9.89
C GLY A 32 5.69 -3.17 9.14
N PRO A 33 5.59 -4.38 9.69
CA PRO A 33 4.83 -5.47 9.07
C PRO A 33 3.33 -5.30 9.20
N ALA A 34 2.59 -6.01 8.37
CA ALA A 34 1.13 -5.94 8.36
C ALA A 34 0.57 -6.46 9.67
N THR A 35 0.21 -5.55 10.55
CA THR A 35 -0.35 -5.90 11.83
C THR A 35 -1.62 -5.10 12.10
N PRO A 36 -2.64 -5.73 12.68
CA PRO A 36 -3.95 -5.11 12.90
C PRO A 36 -3.90 -3.88 13.81
N GLU A 37 -2.74 -3.64 14.41
CA GLU A 37 -2.58 -2.49 15.28
C GLU A 37 -1.99 -1.31 14.52
N GLN A 38 -1.05 -1.57 13.61
CA GLN A 38 -0.48 -0.52 12.79
C GLN A 38 -1.41 -0.17 11.65
N LEU A 39 -2.06 -1.18 11.09
CA LEU A 39 -3.02 -1.00 10.01
C LEU A 39 -4.26 -0.28 10.52
N ASN A 40 -4.40 -0.20 11.84
CA ASN A 40 -5.50 0.51 12.48
C ASN A 40 -5.42 1.99 12.11
N ARG A 41 -4.19 2.50 12.07
CA ARG A 41 -3.95 3.90 11.72
C ARG A 41 -4.32 4.15 10.27
N GLY A 42 -3.99 3.20 9.41
CA GLY A 42 -4.28 3.35 8.00
C GLY A 42 -3.60 2.30 7.15
N VAL A 43 -2.34 2.52 6.83
CA VAL A 43 -1.60 1.65 5.94
C VAL A 43 -0.17 1.41 6.44
N SER A 44 0.28 0.17 6.31
CA SER A 44 1.63 -0.22 6.70
C SER A 44 2.17 -1.20 5.66
N PHE A 45 3.44 -1.55 5.74
CA PHE A 45 4.03 -2.47 4.77
C PHE A 45 3.57 -3.90 5.03
N ALA A 46 3.29 -4.63 3.96
CA ALA A 46 2.76 -5.98 4.08
C ALA A 46 3.89 -6.99 4.20
N GLU A 47 4.91 -6.83 3.38
CA GLU A 47 6.01 -7.78 3.32
C GLU A 47 7.14 -7.37 4.26
N GLU A 48 8.17 -8.19 4.32
CA GLU A 48 9.35 -7.91 5.12
C GLU A 48 10.23 -6.86 4.45
N ASN A 49 9.64 -5.71 4.15
CA ASN A 49 10.36 -4.62 3.51
C ASN A 49 11.24 -3.89 4.51
N GLU A 50 12.47 -4.37 4.63
CA GLU A 50 13.48 -3.70 5.46
C GLU A 50 14.28 -2.73 4.61
N SER A 51 13.83 -2.57 3.38
CA SER A 51 14.38 -1.61 2.45
C SER A 51 13.23 -0.81 1.86
N LEU A 52 13.49 0.45 1.54
CA LEU A 52 12.45 1.32 1.02
C LEU A 52 12.83 1.82 -0.37
N ASP A 53 13.90 1.28 -0.91
CA ASP A 53 14.38 1.64 -2.23
C ASP A 53 14.84 0.40 -2.98
N ASP A 54 14.13 -0.71 -2.76
CA ASP A 54 14.45 -1.96 -3.46
C ASP A 54 13.72 -2.02 -4.79
N GLN A 55 12.54 -2.65 -4.83
CA GLN A 55 11.73 -2.71 -6.04
C GLN A 55 10.37 -3.36 -5.79
N ASN A 56 10.24 -4.09 -4.71
CA ASN A 56 8.97 -4.75 -4.40
C ASN A 56 8.35 -4.12 -3.16
N ILE A 57 7.66 -3.03 -3.38
CA ILE A 57 7.05 -2.27 -2.30
C ILE A 57 5.59 -2.71 -2.12
N SER A 58 5.39 -3.75 -1.32
CA SER A 58 4.05 -4.24 -1.05
C SER A 58 3.50 -3.58 0.21
N ILE A 59 2.60 -2.62 0.02
CA ILE A 59 2.00 -1.89 1.12
C ILE A 59 0.60 -2.44 1.37
N ALA A 60 0.25 -2.62 2.63
CA ALA A 60 -1.02 -3.20 3.00
C ALA A 60 -2.01 -2.15 3.49
N GLY A 61 -3.15 -2.07 2.84
CA GLY A 61 -4.18 -1.14 3.25
C GLY A 61 -5.53 -1.82 3.30
N HIS A 62 -6.57 -1.08 3.65
CA HIS A 62 -7.90 -1.66 3.78
C HIS A 62 -8.97 -0.60 3.67
N THR A 63 -10.16 -1.02 3.29
CA THR A 63 -11.32 -0.13 3.28
C THR A 63 -11.75 0.14 4.72
N PHE A 64 -12.54 1.18 4.92
CA PHE A 64 -13.07 1.49 6.24
C PHE A 64 -14.46 2.10 6.07
N ILE A 65 -15.48 1.38 6.54
CA ILE A 65 -16.86 1.75 6.27
C ILE A 65 -17.38 2.79 7.25
N ASP A 66 -16.74 2.89 8.40
CA ASP A 66 -17.19 3.80 9.45
C ASP A 66 -16.72 5.23 9.21
N ARG A 67 -15.52 5.37 8.65
CA ARG A 67 -14.95 6.69 8.40
C ARG A 67 -14.35 6.77 7.00
N PRO A 68 -14.84 7.70 6.16
CA PRO A 68 -14.35 7.88 4.79
C PRO A 68 -13.02 8.63 4.73
N ASN A 69 -12.64 9.24 5.84
CA ASN A 69 -11.49 10.15 5.87
C ASN A 69 -10.17 9.39 5.96
N TYR A 70 -10.20 8.10 5.68
CA TYR A 70 -8.99 7.30 5.59
C TYR A 70 -8.37 7.45 4.21
N GLN A 71 -7.40 6.62 3.88
CA GLN A 71 -6.72 6.72 2.61
C GLN A 71 -7.28 5.70 1.60
N PHE A 72 -7.34 4.45 2.01
CA PHE A 72 -7.77 3.38 1.11
C PHE A 72 -9.29 3.26 1.06
N THR A 73 -9.97 4.34 1.43
CA THR A 73 -11.42 4.37 1.42
C THR A 73 -11.95 4.86 0.06
N ASN A 74 -11.22 5.78 -0.55
CA ASN A 74 -11.69 6.42 -1.78
C ASN A 74 -10.98 5.84 -3.01
N LEU A 75 -10.41 4.66 -2.86
CA LEU A 75 -9.69 4.00 -3.95
C LEU A 75 -10.61 3.64 -5.13
N LYS A 76 -11.92 3.85 -4.96
CA LYS A 76 -12.87 3.62 -6.05
C LYS A 76 -12.78 4.74 -7.09
N ALA A 77 -12.21 5.86 -6.69
CA ALA A 77 -12.07 7.02 -7.58
C ALA A 77 -10.72 6.99 -8.30
N ALA A 78 -9.95 5.93 -8.10
CA ALA A 78 -8.65 5.79 -8.74
C ALA A 78 -8.79 4.95 -10.01
N LYS A 79 -7.99 5.27 -11.02
CA LYS A 79 -8.07 4.60 -12.30
C LYS A 79 -6.76 3.89 -12.60
N LYS A 80 -6.76 3.13 -13.69
CA LYS A 80 -5.56 2.41 -14.14
C LYS A 80 -4.55 3.39 -14.74
N GLY A 81 -4.92 4.65 -14.82
CA GLY A 81 -4.04 5.65 -15.34
C GLY A 81 -3.90 6.84 -14.43
N SER A 82 -4.14 6.63 -13.14
CA SER A 82 -4.00 7.68 -12.16
C SER A 82 -2.53 7.91 -11.82
N MET A 83 -2.29 8.61 -10.74
CA MET A 83 -0.94 8.97 -10.35
C MET A 83 -0.71 8.65 -8.89
N VAL A 84 0.26 7.79 -8.64
CA VAL A 84 0.63 7.41 -7.29
C VAL A 84 1.96 8.05 -6.92
N TYR A 85 1.92 9.01 -6.02
CA TYR A 85 3.13 9.67 -5.57
C TYR A 85 3.66 9.01 -4.31
N PHE A 86 4.87 8.51 -4.41
CA PHE A 86 5.49 7.87 -3.27
C PHE A 86 6.68 8.69 -2.79
N LYS A 87 6.51 9.29 -1.64
CA LYS A 87 7.54 10.09 -1.01
C LYS A 87 8.21 9.28 0.08
N VAL A 88 9.50 9.50 0.28
CA VAL A 88 10.23 8.87 1.37
C VAL A 88 11.46 9.69 1.72
N GLY A 89 11.45 10.28 2.90
CA GLY A 89 12.49 11.21 3.28
C GLY A 89 12.47 12.46 2.41
N ASN A 90 13.34 12.48 1.40
CA ASN A 90 13.35 13.56 0.41
C ASN A 90 13.23 12.99 -0.99
N GLU A 91 13.00 11.68 -1.06
CA GLU A 91 12.86 11.00 -2.33
C GLU A 91 11.39 11.02 -2.75
N THR A 92 11.14 11.25 -4.03
CA THR A 92 9.79 11.23 -4.55
C THR A 92 9.79 10.68 -5.97
N ARG A 93 9.07 9.60 -6.18
CA ARG A 93 8.99 9.00 -7.50
C ARG A 93 7.52 8.93 -7.95
N LYS A 94 7.32 8.92 -9.27
CA LYS A 94 5.97 8.92 -9.82
C LYS A 94 5.59 7.53 -10.30
N TYR A 95 4.46 7.03 -9.82
CA TYR A 95 4.01 5.71 -10.19
C TYR A 95 2.61 5.77 -10.77
N LYS A 96 2.25 4.80 -11.57
CA LYS A 96 0.92 4.75 -12.16
C LYS A 96 0.29 3.39 -11.91
N MET A 97 -1.03 3.37 -11.81
CA MET A 97 -1.76 2.17 -11.42
C MET A 97 -1.99 1.30 -12.65
N THR A 98 -0.89 0.89 -13.26
CA THR A 98 -0.91 0.18 -14.53
C THR A 98 -1.55 -1.20 -14.42
N SER A 99 -1.18 -1.93 -13.39
CA SER A 99 -1.68 -3.28 -13.21
C SER A 99 -2.68 -3.33 -12.05
N ILE A 100 -3.95 -3.33 -12.41
CA ILE A 100 -5.01 -3.35 -11.42
C ILE A 100 -5.86 -4.61 -11.55
N ARG A 101 -5.79 -5.49 -10.56
CA ARG A 101 -6.59 -6.69 -10.52
C ARG A 101 -7.07 -6.95 -9.11
N ASP A 102 -8.28 -7.39 -8.98
CA ASP A 102 -8.88 -7.64 -7.68
C ASP A 102 -9.01 -9.13 -7.44
N VAL A 103 -8.39 -9.59 -6.38
CA VAL A 103 -8.33 -10.99 -6.05
C VAL A 103 -9.63 -11.46 -5.43
N LYS A 104 -10.24 -12.44 -6.06
CA LYS A 104 -11.42 -13.08 -5.51
C LYS A 104 -11.02 -14.43 -4.94
N PRO A 105 -11.47 -14.73 -3.70
CA PRO A 105 -11.04 -15.92 -2.97
C PRO A 105 -11.23 -17.22 -3.73
N THR A 106 -10.12 -17.71 -4.31
CA THR A 106 -10.09 -19.00 -4.94
C THR A 106 -8.94 -19.83 -4.37
N ASP A 107 -7.76 -19.23 -4.32
CA ASP A 107 -6.59 -19.89 -3.76
C ASP A 107 -5.70 -18.89 -3.05
N VAL A 108 -5.09 -19.31 -1.96
CA VAL A 108 -4.26 -18.44 -1.16
C VAL A 108 -2.80 -18.51 -1.61
N GLU A 109 -2.43 -19.65 -2.16
CA GLU A 109 -1.04 -19.93 -2.54
C GLU A 109 -0.81 -19.59 -4.01
N VAL A 110 -1.47 -18.55 -4.46
CA VAL A 110 -1.43 -18.14 -5.86
C VAL A 110 -0.14 -17.35 -6.17
N LEU A 111 0.77 -17.32 -5.20
CA LEU A 111 2.03 -16.60 -5.35
C LEU A 111 2.98 -17.36 -6.27
N ASP A 112 3.88 -16.64 -6.92
CA ASP A 112 4.86 -17.26 -7.80
C ASP A 112 6.25 -16.73 -7.46
N GLU A 113 7.26 -17.53 -7.77
CA GLU A 113 8.64 -17.22 -7.39
C GLU A 113 9.43 -16.63 -8.55
N GLN A 114 8.77 -16.34 -9.66
CA GLN A 114 9.39 -15.58 -10.72
C GLN A 114 9.27 -14.10 -10.41
N LYS A 115 10.34 -13.54 -9.86
CA LYS A 115 10.31 -12.19 -9.31
C LYS A 115 10.81 -11.18 -10.34
N GLY A 116 10.55 -11.45 -11.62
CA GLY A 116 10.99 -10.55 -12.67
C GLY A 116 10.12 -9.32 -12.78
N LYS A 117 10.46 -8.30 -12.02
CA LYS A 117 9.69 -7.06 -11.98
C LYS A 117 10.60 -5.85 -12.04
N ASP A 118 10.01 -4.67 -11.89
CA ASP A 118 10.75 -3.43 -11.77
C ASP A 118 10.44 -2.85 -10.40
N LYS A 119 10.71 -1.57 -10.20
CA LYS A 119 10.32 -0.90 -8.97
C LYS A 119 8.81 -0.66 -8.99
N GLN A 120 8.09 -1.48 -8.26
CA GLN A 120 6.64 -1.41 -8.26
C GLN A 120 6.10 -1.42 -6.83
N LEU A 121 5.00 -0.71 -6.62
CA LEU A 121 4.33 -0.74 -5.34
C LEU A 121 3.05 -1.55 -5.43
N THR A 122 3.06 -2.71 -4.80
CA THR A 122 1.91 -3.59 -4.81
C THR A 122 1.00 -3.27 -3.64
N LEU A 123 -0.06 -2.50 -3.91
CA LEU A 123 -1.01 -2.14 -2.88
C LEU A 123 -1.97 -3.28 -2.62
N ILE A 124 -1.80 -3.90 -1.46
CA ILE A 124 -2.66 -5.00 -1.05
C ILE A 124 -3.79 -4.47 -0.19
N THR A 125 -4.98 -4.39 -0.78
CA THR A 125 -6.12 -3.80 -0.10
C THR A 125 -7.03 -4.88 0.47
N CYS A 126 -7.37 -4.75 1.75
CA CYS A 126 -8.38 -5.58 2.37
C CYS A 126 -9.76 -4.96 2.17
N ASP A 127 -10.45 -5.44 1.15
CA ASP A 127 -11.79 -4.95 0.85
C ASP A 127 -12.83 -5.79 1.58
N ASP A 128 -14.04 -5.24 1.69
CA ASP A 128 -15.19 -6.00 2.17
C ASP A 128 -14.90 -6.68 3.49
N TYR A 129 -14.33 -5.93 4.42
CA TYR A 129 -13.92 -6.49 5.69
C TYR A 129 -15.11 -6.56 6.66
N ASN A 130 -15.14 -7.60 7.45
CA ASN A 130 -16.07 -7.68 8.56
C ASN A 130 -15.31 -7.61 9.85
N GLU A 131 -15.42 -6.48 10.55
CA GLU A 131 -14.61 -6.23 11.74
C GLU A 131 -14.86 -7.26 12.84
N LYS A 132 -16.05 -7.85 12.84
CA LYS A 132 -16.44 -8.76 13.90
C LYS A 132 -15.66 -10.08 13.82
N THR A 133 -15.74 -10.73 12.67
CA THR A 133 -15.12 -12.05 12.52
C THR A 133 -13.74 -11.98 11.89
N GLY A 134 -13.48 -10.89 11.17
CA GLY A 134 -12.20 -10.73 10.52
C GLY A 134 -12.18 -11.29 9.11
N VAL A 135 -13.32 -11.22 8.43
CA VAL A 135 -13.40 -11.71 7.06
C VAL A 135 -13.05 -10.60 6.07
N TRP A 136 -12.33 -10.98 5.04
CA TRP A 136 -12.03 -10.11 3.93
C TRP A 136 -12.27 -10.86 2.63
N GLU A 137 -13.26 -10.43 1.86
CA GLU A 137 -13.64 -11.14 0.66
C GLU A 137 -12.88 -10.63 -0.56
N LYS A 138 -13.16 -9.41 -0.96
CA LYS A 138 -12.51 -8.83 -2.12
C LYS A 138 -11.13 -8.33 -1.75
N ARG A 139 -10.15 -8.58 -2.61
CA ARG A 139 -8.80 -8.10 -2.37
C ARG A 139 -8.32 -7.30 -3.58
N LYS A 140 -8.63 -6.02 -3.60
CA LYS A 140 -8.28 -5.19 -4.74
C LYS A 140 -6.80 -4.85 -4.70
N ILE A 141 -6.05 -5.45 -5.62
CA ILE A 141 -4.63 -5.22 -5.67
C ILE A 141 -4.30 -4.16 -6.72
N PHE A 142 -3.50 -3.20 -6.32
CA PHE A 142 -3.08 -2.13 -7.21
C PHE A 142 -1.57 -2.13 -7.34
N VAL A 143 -1.06 -2.68 -8.42
CA VAL A 143 0.37 -2.71 -8.65
C VAL A 143 0.78 -1.49 -9.46
N ALA A 144 1.36 -0.51 -8.78
CA ALA A 144 1.77 0.72 -9.42
C ALA A 144 3.21 0.62 -9.90
N THR A 145 3.37 0.59 -11.21
CA THR A 145 4.69 0.54 -11.82
C THR A 145 5.28 1.94 -11.93
N GLU A 146 6.59 2.04 -11.74
CA GLU A 146 7.30 3.31 -11.80
C GLU A 146 7.19 3.91 -13.20
N VAL A 147 6.80 5.17 -13.28
CA VAL A 147 6.73 5.85 -14.56
C VAL A 147 8.02 6.62 -14.78
N LYS A 148 8.31 6.85 -16.03
CA LYS A 148 9.56 7.46 -16.41
C LYS A 148 9.31 8.69 -17.28
S2 2W7 B . -5.25 -6.21 4.86
C5 2W7 B . -4.82 -7.10 6.29
C6 2W7 B . -5.15 -6.57 7.55
C10 2W7 B . -4.16 -8.33 6.21
C7 2W7 B . -4.83 -7.28 8.71
C8 2W7 B . -4.19 -8.50 8.62
C9 2W7 B . -3.85 -9.02 7.38
C11 2W7 B . -3.79 -8.90 4.97
O2 2W7 B . -4.51 -8.78 3.98
N3 2W7 B . -2.63 -9.55 4.99
C12 2W7 B . -2.48 -10.96 4.59
C13 2W7 B . -2.84 -11.17 3.11
O3 2W7 B . -3.69 -10.49 2.54
N4 2W7 B . -2.16 -12.16 2.50
C14 2W7 B . -2.50 -12.57 1.13
C18 2W7 B . -3.95 -13.03 1.07
C17 2W7 B . -4.29 -13.48 -0.34
C19 2W7 B . -4.09 -12.30 -1.30
C23 2W7 B . -2.65 -11.85 -1.24
C24 2W7 B . -2.31 -11.41 0.17
C25 2W7 B . -1.74 -12.99 -1.65
C20 2W7 B . -1.93 -14.16 -0.69
C26 2W7 B . -1.59 -13.72 0.72
C16 2W7 B . -3.38 -14.62 -0.75
H6 2W7 B . -5.66 -5.61 7.61
H7 2W7 B . -5.09 -6.86 9.67
H8 2W7 B . -3.94 -9.05 9.53
H9 2W7 B . -3.33 -9.99 7.32
H3 2W7 B . -1.77 -9.12 5.28
H122 2W7 B . -1.47 -11.30 4.75
H121 2W7 B . -3.15 -11.58 5.20
H4 2W7 B . -1.42 -12.63 2.98
HZ12 2W7 B . -4.62 -12.22 1.36
HZ11 2W7 B . -4.10 -13.87 1.76
HY1 2W7 B . -5.33 -13.80 -0.38
HX22 2W7 B . -4.35 -12.63 -2.31
HX21 2W7 B . -4.76 -11.49 -1.00
HY3 2W7 B . -2.50 -11.02 -1.93
HZ21 2W7 B . -2.95 -10.58 0.46
HZ22 2W7 B . -1.26 -11.08 0.20
HX31 2W7 B . -1.98 -13.31 -2.66
HX32 2W7 B . -0.70 -12.67 -1.62
HY2 2W7 B . -1.27 -14.99 -0.98
HZ32 2W7 B . -0.55 -13.39 0.76
HZ31 2W7 B . -1.72 -14.56 1.40
HX12 2W7 B . -3.61 -14.93 -1.77
HX11 2W7 B . -3.52 -15.46 -0.07
N MET A 1 17.24 18.17 8.74
CA MET A 1 17.65 17.36 7.57
C MET A 1 18.20 16.02 8.04
N GLN A 2 17.38 14.98 7.94
CA GLN A 2 17.79 13.66 8.37
C GLN A 2 18.48 12.91 7.24
N ALA A 3 18.89 11.68 7.54
CA ALA A 3 19.56 10.84 6.57
C ALA A 3 18.58 10.26 5.56
N LYS A 4 19.10 9.40 4.70
CA LYS A 4 18.32 8.73 3.69
C LYS A 4 17.25 7.85 4.34
N PRO A 5 16.00 7.95 3.87
CA PRO A 5 14.86 7.26 4.47
C PRO A 5 14.96 5.74 4.39
N GLN A 6 14.83 5.10 5.54
CA GLN A 6 14.86 3.66 5.63
C GLN A 6 13.71 3.18 6.52
N ILE A 7 13.68 1.90 6.84
CA ILE A 7 12.58 1.34 7.62
C ILE A 7 13.06 0.94 9.03
N PRO A 8 12.71 1.75 10.04
CA PRO A 8 13.04 1.46 11.44
C PRO A 8 12.03 0.52 12.11
N LYS A 9 12.14 0.36 13.42
CA LYS A 9 11.28 -0.53 14.18
C LYS A 9 9.98 0.16 14.56
N ASP A 10 9.94 1.46 14.39
CA ASP A 10 8.82 2.26 14.88
C ASP A 10 7.80 2.50 13.79
N LYS A 11 6.67 1.81 13.90
CA LYS A 11 5.54 2.05 13.00
C LYS A 11 4.73 3.24 13.49
N SER A 12 5.31 3.99 14.41
CA SER A 12 4.74 5.25 14.85
C SER A 12 5.44 6.41 14.13
N LYS A 13 6.50 6.07 13.39
CA LYS A 13 7.24 7.05 12.62
C LYS A 13 6.70 7.16 11.20
N VAL A 14 7.31 8.03 10.41
CA VAL A 14 6.93 8.20 9.03
C VAL A 14 8.11 7.89 8.13
N ALA A 15 8.04 6.77 7.42
CA ALA A 15 9.12 6.36 6.53
C ALA A 15 8.92 6.95 5.14
N GLY A 16 7.67 7.16 4.79
CA GLY A 16 7.32 7.70 3.50
C GLY A 16 5.93 8.29 3.50
N TYR A 17 5.55 8.90 2.38
CA TYR A 17 4.23 9.50 2.26
C TYR A 17 3.54 8.98 1.01
N ILE A 18 2.36 8.41 1.16
CA ILE A 18 1.62 7.88 0.03
C ILE A 18 0.55 8.89 -0.41
N GLU A 19 0.62 9.29 -1.66
CA GLU A 19 -0.28 10.31 -2.18
C GLU A 19 -0.85 9.90 -3.53
N ILE A 20 -2.16 9.97 -3.65
CA ILE A 20 -2.83 9.74 -4.91
C ILE A 20 -3.79 10.89 -5.17
N PRO A 21 -3.35 11.88 -5.97
CA PRO A 21 -4.13 13.09 -6.25
C PRO A 21 -5.48 12.79 -6.91
N ASP A 22 -5.54 11.64 -7.59
CA ASP A 22 -6.77 11.19 -8.23
C ASP A 22 -7.86 10.91 -7.21
N ALA A 23 -7.43 10.62 -5.97
CA ALA A 23 -8.34 10.33 -4.89
C ALA A 23 -8.11 11.29 -3.73
N ASP A 24 -7.26 12.28 -3.96
CA ASP A 24 -6.89 13.27 -2.94
C ASP A 24 -6.27 12.59 -1.73
N ILE A 25 -5.70 11.41 -1.94
CA ILE A 25 -5.08 10.65 -0.87
C ILE A 25 -3.72 11.24 -0.54
N LYS A 26 -3.48 11.45 0.74
CA LYS A 26 -2.23 12.03 1.20
C LYS A 26 -2.00 11.68 2.66
N GLU A 27 -1.33 10.57 2.90
CA GLU A 27 -1.11 10.10 4.26
C GLU A 27 0.27 9.46 4.41
N PRO A 28 0.85 9.56 5.61
CA PRO A 28 2.16 8.96 5.92
C PRO A 28 2.10 7.44 5.98
N VAL A 29 3.21 6.78 5.69
CA VAL A 29 3.26 5.33 5.73
C VAL A 29 4.06 4.91 6.95
N TYR A 30 3.51 3.97 7.69
CA TYR A 30 4.11 3.55 8.94
C TYR A 30 5.05 2.36 8.71
N PRO A 31 6.35 2.62 8.89
CA PRO A 31 7.40 1.59 8.72
C PRO A 31 7.26 0.45 9.72
N GLY A 32 7.01 -0.74 9.21
CA GLY A 32 6.85 -1.90 10.05
C GLY A 32 6.17 -3.03 9.32
N PRO A 33 5.94 -4.17 9.98
CA PRO A 33 5.29 -5.32 9.38
C PRO A 33 3.77 -5.19 9.41
N ALA A 34 3.10 -5.87 8.48
CA ALA A 34 1.64 -5.85 8.41
C ALA A 34 1.05 -6.62 9.58
N THR A 35 0.08 -5.99 10.23
CA THR A 35 -0.58 -6.57 11.40
C THR A 35 -1.97 -5.97 11.56
N PRO A 36 -2.94 -6.75 12.09
CA PRO A 36 -4.32 -6.29 12.32
C PRO A 36 -4.38 -4.94 13.02
N GLU A 37 -3.47 -4.69 13.96
CA GLU A 37 -3.42 -3.43 14.68
C GLU A 37 -3.14 -2.27 13.73
N GLN A 38 -2.09 -2.40 12.94
CA GLN A 38 -1.66 -1.33 12.04
C GLN A 38 -2.71 -1.06 10.96
N LEU A 39 -3.25 -2.13 10.39
CA LEU A 39 -4.20 -2.00 9.28
C LEU A 39 -5.53 -1.42 9.75
N ASN A 40 -5.67 -1.24 11.05
CA ASN A 40 -6.85 -0.62 11.63
C ASN A 40 -6.54 0.84 11.97
N ARG A 41 -5.27 1.20 11.89
CA ARG A 41 -4.83 2.53 12.27
C ARG A 41 -4.35 3.33 11.06
N GLY A 42 -3.69 2.65 10.12
CA GLY A 42 -3.16 3.33 8.96
C GLY A 42 -2.42 2.39 8.03
N VAL A 43 -1.68 2.95 7.09
CA VAL A 43 -0.97 2.15 6.10
C VAL A 43 0.43 1.81 6.58
N SER A 44 0.83 0.57 6.36
CA SER A 44 2.15 0.10 6.73
C SER A 44 2.77 -0.70 5.59
N PHE A 45 3.90 -1.34 5.83
CA PHE A 45 4.53 -2.15 4.80
C PHE A 45 4.22 -3.63 5.00
N ALA A 46 4.30 -4.39 3.90
CA ALA A 46 3.98 -5.81 3.94
C ALA A 46 5.18 -6.64 4.38
N GLU A 47 6.21 -6.67 3.53
CA GLU A 47 7.40 -7.45 3.82
C GLU A 47 8.33 -6.69 4.75
N GLU A 48 8.61 -7.29 5.90
CA GLU A 48 9.55 -6.70 6.86
C GLU A 48 10.99 -6.91 6.42
N ASN A 49 11.16 -7.57 5.28
CA ASN A 49 12.47 -7.88 4.75
C ASN A 49 12.77 -7.00 3.54
N GLU A 50 11.76 -6.26 3.11
CA GLU A 50 11.87 -5.41 1.93
C GLU A 50 12.45 -4.05 2.31
N SER A 51 13.01 -3.35 1.35
CA SER A 51 13.73 -2.11 1.64
C SER A 51 13.16 -0.92 0.89
N LEU A 52 13.14 0.24 1.55
CA LEU A 52 12.65 1.48 0.95
C LEU A 52 13.50 1.93 -0.23
N ASP A 53 14.66 1.32 -0.38
CA ASP A 53 15.56 1.67 -1.47
C ASP A 53 15.80 0.45 -2.35
N ASP A 54 14.84 -0.45 -2.36
CA ASP A 54 14.91 -1.64 -3.18
C ASP A 54 14.18 -1.41 -4.49
N GLN A 55 13.93 -2.47 -5.24
CA GLN A 55 13.21 -2.36 -6.51
C GLN A 55 11.71 -2.29 -6.27
N ASN A 56 11.23 -2.97 -5.25
CA ASN A 56 9.80 -3.07 -5.00
C ASN A 56 9.45 -2.56 -3.61
N ILE A 57 8.27 -1.96 -3.50
CA ILE A 57 7.74 -1.52 -2.22
C ILE A 57 6.33 -2.05 -2.01
N SER A 58 6.20 -3.00 -1.11
CA SER A 58 4.91 -3.59 -0.80
C SER A 58 4.23 -2.84 0.34
N ILE A 59 3.21 -2.05 0.02
CA ILE A 59 2.52 -1.26 1.02
C ILE A 59 1.18 -1.91 1.33
N ALA A 60 0.80 -1.90 2.60
CA ALA A 60 -0.46 -2.51 3.03
C ALA A 60 -1.36 -1.49 3.70
N GLY A 61 -2.58 -1.38 3.21
CA GLY A 61 -3.53 -0.41 3.74
C GLY A 61 -4.93 -0.99 3.80
N HIS A 62 -5.90 -0.19 4.22
CA HIS A 62 -7.27 -0.68 4.33
C HIS A 62 -8.29 0.34 3.82
N THR A 63 -9.08 -0.09 2.84
CA THR A 63 -10.18 0.72 2.33
C THR A 63 -11.38 0.62 3.27
N PHE A 64 -12.24 1.63 3.26
CA PHE A 64 -13.47 1.58 4.04
C PHE A 64 -14.42 2.68 3.55
N ILE A 65 -15.19 2.36 2.52
CA ILE A 65 -16.06 3.35 1.86
C ILE A 65 -17.09 3.96 2.82
N ASP A 66 -17.58 3.16 3.76
CA ASP A 66 -18.63 3.60 4.67
C ASP A 66 -18.13 4.66 5.65
N ARG A 67 -16.82 4.70 5.87
CA ARG A 67 -16.23 5.65 6.80
C ARG A 67 -15.30 6.62 6.08
N PRO A 68 -15.76 7.86 5.83
CA PRO A 68 -14.96 8.88 5.13
C PRO A 68 -13.66 9.20 5.83
N ASN A 69 -13.63 8.95 7.14
CA ASN A 69 -12.46 9.31 7.95
C ASN A 69 -11.45 8.17 7.96
N TYR A 70 -11.62 7.22 7.05
CA TYR A 70 -10.63 6.16 6.87
C TYR A 70 -9.63 6.56 5.79
N GLN A 71 -8.78 5.61 5.41
CA GLN A 71 -7.68 5.90 4.49
C GLN A 71 -8.16 6.03 3.05
N PHE A 72 -8.35 4.89 2.41
CA PHE A 72 -8.62 4.83 0.98
C PHE A 72 -10.11 4.91 0.68
N THR A 73 -10.82 5.71 1.45
CA THR A 73 -12.26 5.86 1.28
C THR A 73 -12.59 6.42 -0.10
N ASN A 74 -11.67 7.22 -0.64
CA ASN A 74 -11.88 7.83 -1.95
C ASN A 74 -11.10 7.09 -3.04
N LEU A 75 -10.47 5.96 -2.68
CA LEU A 75 -9.70 5.17 -3.65
C LEU A 75 -10.60 4.69 -4.78
N LYS A 76 -11.88 4.55 -4.46
CA LYS A 76 -12.89 4.16 -5.43
C LYS A 76 -12.94 5.10 -6.62
N ALA A 77 -12.49 6.33 -6.41
CA ALA A 77 -12.50 7.35 -7.45
C ALA A 77 -11.23 7.29 -8.31
N ALA A 78 -10.34 6.36 -8.01
CA ALA A 78 -9.10 6.22 -8.77
C ALA A 78 -9.28 5.24 -9.92
N LYS A 79 -8.34 5.26 -10.86
CA LYS A 79 -8.39 4.39 -12.02
C LYS A 79 -7.02 3.79 -12.32
N LYS A 80 -6.95 3.04 -13.40
CA LYS A 80 -5.72 2.31 -13.75
C LYS A 80 -4.66 3.25 -14.33
N GLY A 81 -5.00 4.51 -14.44
CA GLY A 81 -4.06 5.49 -14.93
C GLY A 81 -3.90 6.63 -13.96
N SER A 82 -4.13 6.34 -12.69
CA SER A 82 -3.97 7.29 -11.65
C SER A 82 -2.52 7.36 -11.24
N MET A 83 -2.15 8.49 -10.68
CA MET A 83 -0.78 8.75 -10.31
C MET A 83 -0.56 8.49 -8.83
N VAL A 84 0.20 7.45 -8.56
CA VAL A 84 0.58 7.11 -7.20
C VAL A 84 1.93 7.73 -6.87
N TYR A 85 1.96 8.62 -5.91
CA TYR A 85 3.19 9.28 -5.51
C TYR A 85 3.64 8.77 -4.16
N PHE A 86 4.91 8.39 -4.08
CA PHE A 86 5.48 7.93 -2.83
C PHE A 86 6.66 8.82 -2.45
N LYS A 87 6.45 9.66 -1.45
CA LYS A 87 7.51 10.54 -0.96
C LYS A 87 8.36 9.84 0.06
N VAL A 88 9.66 10.02 -0.06
CA VAL A 88 10.62 9.56 0.94
C VAL A 88 11.69 10.63 1.11
N GLY A 89 11.48 11.51 2.08
CA GLY A 89 12.34 12.66 2.24
C GLY A 89 12.00 13.73 1.23
N ASN A 90 12.95 14.04 0.34
CA ASN A 90 12.70 14.98 -0.75
C ASN A 90 12.30 14.22 -2.01
N GLU A 91 12.45 12.91 -1.96
CA GLU A 91 12.14 12.07 -3.11
C GLU A 91 10.65 11.87 -3.25
N THR A 92 10.21 11.82 -4.48
CA THR A 92 8.83 11.51 -4.81
C THR A 92 8.79 10.63 -6.04
N ARG A 93 8.65 9.34 -5.81
CA ARG A 93 8.59 8.37 -6.91
C ARG A 93 7.18 8.36 -7.48
N LYS A 94 7.08 8.35 -8.80
CA LYS A 94 5.78 8.34 -9.46
C LYS A 94 5.46 6.96 -9.99
N TYR A 95 4.33 6.42 -9.59
CA TYR A 95 3.91 5.11 -10.04
C TYR A 95 2.55 5.18 -10.70
N LYS A 96 2.30 4.28 -11.65
CA LYS A 96 1.02 4.24 -12.33
C LYS A 96 0.30 2.95 -11.98
N MET A 97 -0.99 3.05 -11.77
CA MET A 97 -1.79 1.90 -11.32
C MET A 97 -2.20 1.06 -12.51
N THR A 98 -1.22 0.73 -13.33
CA THR A 98 -1.45 0.09 -14.62
C THR A 98 -1.75 -1.41 -14.49
N SER A 99 -1.81 -1.90 -13.25
CA SER A 99 -2.20 -3.29 -13.01
C SER A 99 -3.01 -3.40 -11.71
N ILE A 100 -4.31 -3.52 -11.83
CA ILE A 100 -5.20 -3.63 -10.67
C ILE A 100 -6.02 -4.91 -10.72
N ARG A 101 -6.14 -5.58 -9.58
CA ARG A 101 -6.92 -6.80 -9.49
C ARG A 101 -7.42 -7.00 -8.05
N ASP A 102 -8.48 -7.78 -7.91
CA ASP A 102 -8.96 -8.18 -6.60
C ASP A 102 -9.15 -9.69 -6.57
N VAL A 103 -8.74 -10.32 -5.48
CA VAL A 103 -8.80 -11.78 -5.38
C VAL A 103 -9.74 -12.23 -4.26
N LYS A 104 -9.81 -13.54 -4.05
CA LYS A 104 -10.76 -14.11 -3.11
C LYS A 104 -10.14 -14.24 -1.71
N PRO A 105 -10.99 -14.26 -0.67
CA PRO A 105 -10.54 -14.45 0.71
C PRO A 105 -10.22 -15.90 1.03
N THR A 106 -9.77 -16.15 2.27
CA THR A 106 -9.43 -17.50 2.76
C THR A 106 -8.43 -18.20 1.85
N ASP A 107 -7.67 -17.41 1.10
CA ASP A 107 -6.71 -17.95 0.14
C ASP A 107 -5.75 -16.85 -0.28
N VAL A 108 -4.48 -17.21 -0.46
CA VAL A 108 -3.49 -16.26 -0.94
C VAL A 108 -2.70 -16.84 -2.11
N GLU A 109 -2.99 -18.08 -2.46
CA GLU A 109 -2.21 -18.77 -3.49
C GLU A 109 -2.86 -18.63 -4.86
N VAL A 110 -4.02 -17.98 -4.91
CA VAL A 110 -4.63 -17.60 -6.18
C VAL A 110 -3.64 -16.76 -6.98
N LEU A 111 -2.94 -15.88 -6.27
CA LEU A 111 -1.81 -15.15 -6.81
C LEU A 111 -0.64 -15.27 -5.87
N ASP A 112 0.28 -16.15 -6.20
CA ASP A 112 1.39 -16.45 -5.33
C ASP A 112 2.58 -16.93 -6.17
N GLU A 113 3.62 -17.45 -5.50
CA GLU A 113 4.88 -17.87 -6.14
C GLU A 113 5.32 -16.85 -7.18
N GLN A 114 5.61 -15.64 -6.71
CA GLN A 114 6.00 -14.55 -7.58
C GLN A 114 7.29 -14.91 -8.31
N LYS A 115 7.30 -14.68 -9.62
CA LYS A 115 8.45 -15.01 -10.44
C LYS A 115 9.49 -13.89 -10.36
N GLY A 116 9.60 -13.30 -9.17
CA GLY A 116 10.46 -12.16 -8.97
C GLY A 116 9.66 -10.89 -8.81
N LYS A 117 10.14 -10.00 -7.94
CA LYS A 117 9.50 -8.71 -7.76
C LYS A 117 9.96 -7.80 -8.91
N ASP A 118 9.32 -6.64 -9.06
CA ASP A 118 9.77 -5.68 -10.05
C ASP A 118 9.96 -4.33 -9.40
N LYS A 119 9.99 -3.28 -10.19
CA LYS A 119 10.22 -1.95 -9.70
C LYS A 119 8.90 -1.20 -9.65
N GLN A 120 8.18 -1.42 -8.56
CA GLN A 120 6.80 -0.99 -8.44
C GLN A 120 6.37 -1.06 -6.98
N LEU A 121 5.15 -0.64 -6.70
CA LEU A 121 4.60 -0.78 -5.37
C LEU A 121 3.56 -1.87 -5.36
N THR A 122 3.66 -2.76 -4.39
CA THR A 122 2.70 -3.83 -4.22
C THR A 122 1.71 -3.48 -3.13
N LEU A 123 0.65 -2.76 -3.49
CA LEU A 123 -0.33 -2.31 -2.52
C LEU A 123 -1.31 -3.42 -2.17
N ILE A 124 -1.20 -3.90 -0.95
CA ILE A 124 -2.16 -4.84 -0.40
C ILE A 124 -3.19 -4.06 0.41
N THR A 125 -4.29 -3.70 -0.23
CA THR A 125 -5.28 -2.85 0.41
C THR A 125 -6.64 -3.53 0.42
N CYS A 126 -6.78 -4.56 1.24
CA CYS A 126 -8.02 -5.31 1.35
C CYS A 126 -9.18 -4.37 1.69
N ASP A 127 -10.17 -4.33 0.81
CA ASP A 127 -11.32 -3.43 0.98
C ASP A 127 -12.13 -3.84 2.20
N ASP A 128 -12.31 -5.14 2.38
CA ASP A 128 -13.08 -5.66 3.50
C ASP A 128 -12.18 -5.99 4.66
N TYR A 129 -12.73 -5.87 5.87
CA TYR A 129 -12.05 -6.28 7.09
C TYR A 129 -12.95 -6.03 8.30
N ASN A 130 -13.55 -7.09 8.80
CA ASN A 130 -14.33 -7.02 10.02
C ASN A 130 -13.63 -7.82 11.11
N GLU A 131 -13.13 -7.11 12.12
CA GLU A 131 -12.18 -7.65 13.09
C GLU A 131 -12.74 -8.83 13.90
N LYS A 132 -13.99 -8.73 14.34
CA LYS A 132 -14.57 -9.75 15.19
C LYS A 132 -14.63 -11.09 14.47
N THR A 133 -15.35 -11.11 13.36
CA THR A 133 -15.61 -12.34 12.64
C THR A 133 -14.38 -12.78 11.85
N GLY A 134 -13.57 -11.82 11.44
CA GLY A 134 -12.38 -12.14 10.68
C GLY A 134 -12.67 -12.33 9.20
N VAL A 135 -13.54 -11.48 8.66
CA VAL A 135 -13.90 -11.59 7.26
C VAL A 135 -13.29 -10.44 6.45
N TRP A 136 -12.72 -10.81 5.32
CA TRP A 136 -12.14 -9.85 4.38
C TRP A 136 -12.32 -10.36 2.96
N GLU A 137 -13.48 -10.06 2.38
CA GLU A 137 -13.86 -10.62 1.09
C GLU A 137 -12.95 -10.13 -0.03
N LYS A 138 -13.01 -8.83 -0.32
CA LYS A 138 -12.27 -8.30 -1.44
C LYS A 138 -10.80 -8.08 -1.09
N ARG A 139 -9.98 -9.06 -1.44
CA ARG A 139 -8.54 -8.96 -1.26
C ARG A 139 -7.97 -8.14 -2.40
N LYS A 140 -7.63 -6.90 -2.12
CA LYS A 140 -7.25 -5.96 -3.15
C LYS A 140 -5.75 -5.86 -3.31
N ILE A 141 -5.30 -5.99 -4.55
CA ILE A 141 -3.95 -5.75 -4.89
C ILE A 141 -3.84 -4.69 -5.97
N PHE A 142 -3.11 -3.64 -5.66
CA PHE A 142 -2.86 -2.59 -6.63
C PHE A 142 -1.39 -2.58 -7.01
N VAL A 143 -1.10 -2.99 -8.22
CA VAL A 143 0.27 -2.98 -8.71
C VAL A 143 0.55 -1.69 -9.45
N ALA A 144 1.26 -0.79 -8.78
CA ALA A 144 1.60 0.47 -9.39
C ALA A 144 3.08 0.50 -9.74
N THR A 145 3.37 0.28 -11.01
CA THR A 145 4.74 0.27 -11.49
C THR A 145 5.20 1.70 -11.78
N GLU A 146 6.47 1.99 -11.50
CA GLU A 146 6.98 3.35 -11.62
C GLU A 146 6.86 3.87 -13.05
N VAL A 147 6.29 5.05 -13.16
CA VAL A 147 6.17 5.72 -14.46
C VAL A 147 7.23 6.79 -14.60
N LYS A 148 7.46 7.16 -15.84
CA LYS A 148 8.58 8.00 -16.21
C LYS A 148 8.27 9.48 -16.00
S2 2W7 B . -5.17 -7.18 3.52
C5 2W7 B . -5.35 -8.48 4.68
C6 2W7 B . -6.31 -8.37 5.67
C10 2W7 B . -4.56 -9.63 4.61
C7 2W7 B . -6.49 -9.39 6.59
C8 2W7 B . -5.71 -10.53 6.53
C9 2W7 B . -4.74 -10.66 5.54
C11 2W7 B . -3.57 -9.78 3.64
O2 2W7 B . -3.74 -9.37 2.48
N3 2W7 B . -2.47 -10.42 4.05
C12 2W7 B . -1.22 -10.44 3.27
C13 2W7 B . -1.46 -11.09 1.90
O3 2W7 B . -2.27 -12.01 1.74
N4 2W7 B . -0.69 -10.60 0.91
C14 2W7 B . -0.79 -11.13 -0.45
C18 2W7 B . 0.19 -10.39 -1.35
C17 2W7 B . 0.12 -10.94 -2.76
C19 2W7 B . 0.46 -12.42 -2.75
C23 2W7 B . -0.52 -13.16 -1.86
C24 2W7 B . -0.44 -12.62 -0.45
C25 2W7 B . -1.94 -12.97 -2.39
C20 2W7 B . -2.28 -11.49 -2.41
C26 2W7 B . -2.20 -10.95 -0.99
C16 2W7 B . -1.30 -10.75 -3.30
H6 2W7 B . -6.93 -7.47 5.74
H7 2W7 B . -7.25 -9.29 7.37
H8 2W7 B . -5.86 -11.34 7.26
H9 2W7 B . -4.14 -11.56 5.48
H3 2W7 B . -2.42 -10.93 4.92
H122 2W7 B . -0.87 -9.42 3.12
H121 2W7 B . -0.46 -11.01 3.80
H4 2W7 B . -0.05 -9.86 1.09
HZ12 2W7 B . 1.21 -10.52 -0.96
HZ11 2W7 B . -0.05 -9.34 -1.35
HY1 2W7 B . 0.82 -10.40 -3.40
HX22 2W7 B . 0.43 -12.79 -3.77
HX21 2W7 B . 1.49 -12.54 -2.36
HY3 2W7 B . -0.28 -14.23 -1.85
HZ21 2W7 B . 0.56 -12.76 -0.06
HZ22 2W7 B . -1.15 -13.16 0.18
HX31 2W7 B . -1.99 -13.38 -3.41
HX32 2W7 B . -2.64 -13.51 -1.76
HY2 2W7 B . -3.29 -11.36 -2.79
HZ32 2W7 B . -2.91 -11.46 -0.36
HZ31 2W7 B . -2.44 -9.88 -1.00
HX12 2W7 B . -1.36 -11.15 -4.31
HX11 2W7 B . -1.55 -9.69 -3.32
N MET A 1 12.76 15.70 10.22
CA MET A 1 13.63 14.60 9.76
C MET A 1 15.03 15.11 9.44
N GLN A 2 16.04 14.32 9.76
CA GLN A 2 17.42 14.71 9.51
C GLN A 2 17.97 14.01 8.28
N ALA A 3 17.26 12.99 7.85
CA ALA A 3 17.65 12.21 6.68
C ALA A 3 16.47 11.40 6.18
N LYS A 4 16.65 10.73 5.05
CA LYS A 4 15.63 9.86 4.48
C LYS A 4 15.54 8.55 5.28
N PRO A 5 14.39 8.30 5.91
CA PRO A 5 14.18 7.12 6.75
C PRO A 5 13.93 5.85 5.97
N GLN A 6 14.85 4.91 6.06
CA GLN A 6 14.67 3.60 5.45
C GLN A 6 14.14 2.62 6.48
N ILE A 7 12.80 2.57 6.57
CA ILE A 7 12.05 1.69 7.46
C ILE A 7 12.83 1.26 8.71
N PRO A 8 12.70 2.02 9.81
CA PRO A 8 13.40 1.74 11.06
C PRO A 8 12.74 0.60 11.85
N LYS A 9 13.33 0.28 13.00
CA LYS A 9 12.83 -0.80 13.83
C LYS A 9 11.56 -0.39 14.56
N ASP A 10 11.57 0.81 15.11
CA ASP A 10 10.41 1.31 15.85
C ASP A 10 9.35 1.80 14.87
N LYS A 11 8.10 1.52 15.19
CA LYS A 11 7.01 1.72 14.24
C LYS A 11 6.12 2.89 14.65
N SER A 12 6.64 3.76 15.50
CA SER A 12 5.94 4.98 15.86
C SER A 12 6.34 6.12 14.92
N LYS A 13 7.45 5.93 14.23
CA LYS A 13 7.92 6.91 13.26
C LYS A 13 7.36 6.62 11.88
N VAL A 14 7.26 7.65 11.06
CA VAL A 14 6.85 7.48 9.67
C VAL A 14 8.07 7.43 8.76
N ALA A 15 8.06 6.50 7.84
CA ALA A 15 9.19 6.29 6.93
C ALA A 15 8.91 6.85 5.55
N GLY A 16 7.63 7.01 5.22
CA GLY A 16 7.29 7.48 3.88
C GLY A 16 5.90 8.06 3.79
N TYR A 17 5.57 8.60 2.63
CA TYR A 17 4.26 9.17 2.37
C TYR A 17 3.64 8.57 1.12
N ILE A 18 2.34 8.30 1.18
CA ILE A 18 1.61 7.80 0.02
C ILE A 18 0.65 8.88 -0.49
N GLU A 19 0.74 9.16 -1.78
CA GLU A 19 -0.06 10.23 -2.37
C GLU A 19 -0.67 9.80 -3.70
N ILE A 20 -1.98 9.86 -3.78
CA ILE A 20 -2.70 9.65 -5.03
C ILE A 20 -3.66 10.81 -5.25
N PRO A 21 -3.24 11.83 -6.02
CA PRO A 21 -4.03 13.04 -6.24
C PRO A 21 -5.40 12.76 -6.84
N ASP A 22 -5.47 11.73 -7.68
CA ASP A 22 -6.71 11.37 -8.35
C ASP A 22 -7.73 10.82 -7.36
N ALA A 23 -7.27 10.44 -6.18
CA ALA A 23 -8.15 9.90 -5.15
C ALA A 23 -8.06 10.71 -3.87
N ASP A 24 -7.31 11.82 -3.91
CA ASP A 24 -7.09 12.68 -2.73
C ASP A 24 -6.42 11.92 -1.60
N ILE A 25 -5.68 10.88 -1.94
CA ILE A 25 -5.01 10.08 -0.93
C ILE A 25 -3.66 10.70 -0.58
N LYS A 26 -3.48 11.05 0.67
CA LYS A 26 -2.24 11.66 1.14
C LYS A 26 -2.08 11.41 2.63
N GLU A 27 -1.29 10.40 2.98
CA GLU A 27 -1.08 10.07 4.37
C GLU A 27 0.28 9.42 4.57
N PRO A 28 0.81 9.48 5.79
CA PRO A 28 2.10 8.87 6.12
C PRO A 28 2.01 7.36 6.22
N VAL A 29 3.11 6.66 5.95
CA VAL A 29 3.12 5.22 5.97
C VAL A 29 3.93 4.74 7.16
N TYR A 30 3.37 3.79 7.89
CA TYR A 30 4.01 3.31 9.10
C TYR A 30 4.86 2.09 8.81
N PRO A 31 6.19 2.24 8.92
CA PRO A 31 7.14 1.15 8.75
C PRO A 31 6.85 0.00 9.69
N GLY A 32 6.81 -1.21 9.15
CA GLY A 32 6.53 -2.37 9.96
C GLY A 32 5.70 -3.38 9.21
N PRO A 33 5.47 -4.57 9.80
CA PRO A 33 4.69 -5.63 9.15
C PRO A 33 3.19 -5.42 9.32
N ALA A 34 2.42 -6.22 8.60
CA ALA A 34 0.97 -6.15 8.67
C ALA A 34 0.46 -6.74 9.96
N THR A 35 -0.25 -5.93 10.73
CA THR A 35 -0.78 -6.35 12.01
C THR A 35 -1.92 -5.41 12.43
N PRO A 36 -2.98 -5.99 13.04
CA PRO A 36 -4.23 -5.27 13.40
C PRO A 36 -4.04 -3.84 13.91
N GLU A 37 -3.43 -3.68 15.08
CA GLU A 37 -3.37 -2.38 15.75
C GLU A 37 -2.53 -1.38 14.96
N GLN A 38 -1.55 -1.87 14.23
CA GLN A 38 -0.71 -1.01 13.40
C GLN A 38 -1.50 -0.51 12.18
N LEU A 39 -2.10 -1.43 11.46
CA LEU A 39 -2.90 -1.11 10.28
C LEU A 39 -4.14 -0.31 10.66
N ASN A 40 -4.54 -0.41 11.92
CA ASN A 40 -5.72 0.29 12.40
C ASN A 40 -5.46 1.80 12.42
N ARG A 41 -4.20 2.18 12.60
CA ARG A 41 -3.83 3.58 12.66
C ARG A 41 -3.65 4.14 11.25
N GLY A 42 -3.08 3.35 10.35
CA GLY A 42 -2.86 3.79 9.00
C GLY A 42 -2.25 2.72 8.13
N VAL A 43 -1.62 3.15 7.04
CA VAL A 43 -1.01 2.22 6.08
C VAL A 43 0.33 1.70 6.62
N SER A 44 0.60 0.43 6.38
CA SER A 44 1.84 -0.20 6.84
C SER A 44 2.32 -1.18 5.78
N PHE A 45 3.56 -1.64 5.90
CA PHE A 45 4.16 -2.52 4.90
C PHE A 45 3.83 -3.99 5.18
N ALA A 46 4.27 -4.87 4.28
CA ALA A 46 4.08 -6.29 4.46
C ALA A 46 5.38 -6.93 4.94
N GLU A 47 6.50 -6.49 4.39
CA GLU A 47 7.80 -6.96 4.83
C GLU A 47 8.52 -5.88 5.59
N GLU A 48 9.23 -6.27 6.64
CA GLU A 48 10.02 -5.32 7.40
C GLU A 48 11.39 -5.15 6.76
N ASN A 49 11.63 -5.88 5.68
CA ASN A 49 12.92 -5.85 5.02
C ASN A 49 12.82 -5.18 3.65
N GLU A 50 11.60 -4.99 3.16
CA GLU A 50 11.42 -4.33 1.87
C GLU A 50 11.95 -2.91 1.94
N SER A 51 12.75 -2.53 0.97
CA SER A 51 13.41 -1.24 1.02
C SER A 51 12.60 -0.19 0.27
N LEU A 52 12.23 0.87 0.99
CA LEU A 52 11.38 1.92 0.44
C LEU A 52 12.15 2.78 -0.57
N ASP A 53 13.44 2.50 -0.69
CA ASP A 53 14.30 3.22 -1.62
C ASP A 53 14.73 2.30 -2.77
N ASP A 54 14.21 1.08 -2.75
CA ASP A 54 14.64 0.05 -3.70
C ASP A 54 13.55 -0.22 -4.73
N GLN A 55 13.58 -1.41 -5.33
CA GLN A 55 12.70 -1.76 -6.44
C GLN A 55 11.41 -2.42 -5.95
N ASN A 56 11.52 -3.33 -4.98
CA ASN A 56 10.38 -4.10 -4.53
C ASN A 56 9.68 -3.42 -3.36
N ILE A 57 8.39 -3.16 -3.54
CA ILE A 57 7.56 -2.56 -2.52
C ILE A 57 6.25 -3.34 -2.38
N SER A 58 5.87 -3.65 -1.15
CA SER A 58 4.63 -4.36 -0.88
C SER A 58 3.95 -3.78 0.35
N ILE A 59 3.19 -2.72 0.16
CA ILE A 59 2.53 -2.05 1.26
C ILE A 59 1.13 -2.63 1.45
N ALA A 60 0.74 -2.78 2.70
CA ALA A 60 -0.53 -3.42 3.04
C ALA A 60 -1.63 -2.39 3.23
N GLY A 61 -2.86 -2.83 3.02
CA GLY A 61 -4.01 -1.95 3.12
C GLY A 61 -5.29 -2.70 3.37
N HIS A 62 -6.27 -2.04 3.95
CA HIS A 62 -7.52 -2.69 4.31
C HIS A 62 -8.69 -1.72 4.25
N THR A 63 -9.89 -2.27 4.34
CA THR A 63 -11.11 -1.48 4.20
C THR A 63 -11.74 -1.20 5.57
N PHE A 64 -12.82 -0.41 5.54
CA PHE A 64 -13.67 -0.16 6.69
C PHE A 64 -15.10 -0.01 6.20
N ILE A 65 -16.04 0.04 7.12
CA ILE A 65 -17.44 0.19 6.74
C ILE A 65 -17.98 1.52 7.23
N ASP A 66 -17.30 2.10 8.21
CA ASP A 66 -17.73 3.34 8.84
C ASP A 66 -17.08 4.58 8.24
N ARG A 67 -15.79 4.49 7.91
CA ARG A 67 -15.04 5.69 7.57
C ARG A 67 -14.95 5.89 6.06
N PRO A 68 -15.32 7.08 5.58
CA PRO A 68 -15.08 7.49 4.20
C PRO A 68 -13.75 8.23 4.07
N ASN A 69 -12.97 8.22 5.15
CA ASN A 69 -11.72 8.96 5.18
C ASN A 69 -10.55 8.07 5.56
N TYR A 70 -10.68 6.75 5.40
CA TYR A 70 -9.54 5.87 5.61
C TYR A 70 -8.74 5.76 4.32
N GLN A 71 -7.52 5.24 4.45
CA GLN A 71 -6.55 5.07 3.35
C GLN A 71 -7.17 4.96 1.96
N PHE A 72 -7.89 3.88 1.67
CA PHE A 72 -8.31 3.61 0.30
C PHE A 72 -9.82 3.71 0.11
N THR A 73 -10.44 4.76 0.64
CA THR A 73 -11.87 4.98 0.45
C THR A 73 -12.16 5.43 -0.98
N ASN A 74 -11.45 6.46 -1.40
CA ASN A 74 -11.68 7.08 -2.70
C ASN A 74 -10.85 6.39 -3.78
N LEU A 75 -10.37 5.19 -3.47
CA LEU A 75 -9.57 4.40 -4.41
C LEU A 75 -10.38 4.11 -5.66
N LYS A 76 -11.71 4.10 -5.51
CA LYS A 76 -12.63 3.82 -6.61
C LYS A 76 -12.57 4.92 -7.68
N ALA A 77 -12.16 6.11 -7.28
CA ALA A 77 -12.09 7.25 -8.20
C ALA A 77 -10.82 7.21 -9.04
N ALA A 78 -9.88 6.35 -8.67
CA ALA A 78 -8.60 6.27 -9.35
C ALA A 78 -8.69 5.39 -10.60
N LYS A 79 -8.02 5.80 -11.66
CA LYS A 79 -8.07 5.10 -12.93
C LYS A 79 -6.79 4.32 -13.16
N LYS A 80 -6.75 3.57 -14.26
CA LYS A 80 -5.57 2.78 -14.61
C LYS A 80 -4.44 3.66 -15.16
N GLY A 81 -4.69 4.95 -15.21
CA GLY A 81 -3.69 5.88 -15.72
C GLY A 81 -3.46 7.03 -14.76
N SER A 82 -3.82 6.81 -13.50
CA SER A 82 -3.68 7.82 -12.49
C SER A 82 -2.28 7.79 -11.91
N MET A 83 -1.94 8.85 -11.22
CA MET A 83 -0.61 9.03 -10.67
C MET A 83 -0.55 8.67 -9.21
N VAL A 84 0.36 7.75 -8.90
CA VAL A 84 0.59 7.34 -7.54
C VAL A 84 2.00 7.73 -7.12
N TYR A 85 2.11 8.42 -6.01
CA TYR A 85 3.39 8.91 -5.54
C TYR A 85 3.77 8.27 -4.22
N PHE A 86 5.02 7.88 -4.11
CA PHE A 86 5.55 7.38 -2.86
C PHE A 86 6.74 8.23 -2.44
N LYS A 87 6.65 8.82 -1.27
CA LYS A 87 7.64 9.77 -0.81
C LYS A 87 8.49 9.20 0.31
N VAL A 88 9.77 9.49 0.27
CA VAL A 88 10.69 9.18 1.34
C VAL A 88 11.62 10.36 1.58
N GLY A 89 11.45 11.01 2.71
CA GLY A 89 12.15 12.25 2.97
C GLY A 89 11.71 13.35 2.02
N ASN A 90 12.53 13.64 1.03
CA ASN A 90 12.17 14.63 0.00
C ASN A 90 12.08 13.97 -1.37
N GLU A 91 12.37 12.68 -1.43
CA GLU A 91 12.33 11.94 -2.68
C GLU A 91 10.92 11.41 -2.92
N THR A 92 10.46 11.46 -4.15
CA THR A 92 9.12 10.98 -4.48
C THR A 92 9.11 10.36 -5.88
N ARG A 93 8.82 9.07 -5.94
CA ARG A 93 8.72 8.38 -7.22
C ARG A 93 7.29 8.43 -7.73
N LYS A 94 7.13 8.38 -9.05
CA LYS A 94 5.81 8.41 -9.67
C LYS A 94 5.49 7.06 -10.30
N TYR A 95 4.39 6.47 -9.88
CA TYR A 95 3.97 5.17 -10.38
C TYR A 95 2.58 5.28 -11.00
N LYS A 96 2.29 4.40 -11.95
CA LYS A 96 1.01 4.41 -12.62
C LYS A 96 0.19 3.22 -12.17
N MET A 97 -1.12 3.37 -12.16
CA MET A 97 -2.02 2.33 -11.68
C MET A 97 -2.30 1.32 -12.78
N THR A 98 -1.28 0.54 -13.12
CA THR A 98 -1.35 -0.36 -14.26
C THR A 98 -2.29 -1.53 -13.99
N SER A 99 -2.16 -2.15 -12.82
CA SER A 99 -2.95 -3.32 -12.50
C SER A 99 -3.83 -3.07 -11.29
N ILE A 100 -5.13 -3.00 -11.54
CA ILE A 100 -6.12 -2.81 -10.47
C ILE A 100 -7.15 -3.91 -10.56
N ARG A 101 -6.91 -5.02 -9.89
CA ARG A 101 -7.76 -6.18 -10.03
C ARG A 101 -8.26 -6.66 -8.69
N ASP A 102 -9.50 -7.13 -8.69
CA ASP A 102 -10.17 -7.60 -7.49
C ASP A 102 -10.16 -9.13 -7.46
N VAL A 103 -9.49 -9.70 -6.46
CA VAL A 103 -9.32 -11.14 -6.38
C VAL A 103 -9.63 -11.67 -4.99
N LYS A 104 -9.52 -12.97 -4.81
CA LYS A 104 -9.74 -13.60 -3.51
C LYS A 104 -8.63 -14.60 -3.17
N PRO A 105 -7.49 -14.12 -2.69
CA PRO A 105 -6.43 -14.96 -2.14
C PRO A 105 -6.56 -15.09 -0.63
N THR A 106 -6.98 -16.27 -0.18
CA THR A 106 -7.21 -16.51 1.24
C THR A 106 -5.89 -16.81 1.97
N ASP A 107 -4.90 -17.28 1.25
CA ASP A 107 -3.62 -17.66 1.85
C ASP A 107 -2.67 -16.47 1.91
N VAL A 108 -1.90 -16.40 2.98
CA VAL A 108 -0.91 -15.35 3.17
C VAL A 108 0.44 -15.95 3.58
N GLU A 109 0.62 -17.23 3.32
CA GLU A 109 1.78 -17.95 3.83
C GLU A 109 2.65 -18.53 2.73
N VAL A 110 2.03 -19.20 1.77
CA VAL A 110 2.76 -19.99 0.79
C VAL A 110 3.43 -19.14 -0.29
N LEU A 111 3.20 -17.83 -0.24
CA LEU A 111 3.76 -16.93 -1.25
C LEU A 111 5.20 -16.53 -0.89
N ASP A 112 6.06 -17.52 -0.80
CA ASP A 112 7.49 -17.31 -0.56
C ASP A 112 8.29 -17.72 -1.79
N GLU A 113 9.43 -17.05 -1.99
CA GLU A 113 10.23 -17.25 -3.21
C GLU A 113 9.40 -16.86 -4.43
N GLN A 114 8.55 -15.87 -4.24
CA GLN A 114 7.67 -15.37 -5.28
C GLN A 114 8.45 -14.58 -6.32
N LYS A 115 8.81 -15.28 -7.38
CA LYS A 115 9.63 -14.74 -8.44
C LYS A 115 8.83 -13.81 -9.35
N GLY A 116 9.53 -12.85 -9.94
CA GLY A 116 8.88 -11.88 -10.78
C GLY A 116 8.63 -10.57 -10.05
N LYS A 117 9.63 -9.70 -10.03
CA LYS A 117 9.50 -8.41 -9.40
C LYS A 117 9.82 -7.31 -10.39
N ASP A 118 9.38 -6.11 -10.09
CA ASP A 118 9.69 -4.93 -10.87
C ASP A 118 9.57 -3.72 -9.96
N LYS A 119 9.73 -2.54 -10.51
CA LYS A 119 9.52 -1.32 -9.76
C LYS A 119 8.03 -1.06 -9.66
N GLN A 120 7.44 -1.60 -8.60
CA GLN A 120 6.01 -1.55 -8.42
C GLN A 120 5.65 -1.42 -6.94
N LEU A 121 4.74 -0.52 -6.64
CA LEU A 121 4.19 -0.43 -5.30
C LEU A 121 3.03 -1.39 -5.21
N THR A 122 3.27 -2.55 -4.64
CA THR A 122 2.21 -3.54 -4.50
C THR A 122 1.29 -3.16 -3.35
N LEU A 123 0.27 -2.38 -3.66
CA LEU A 123 -0.70 -1.95 -2.67
C LEU A 123 -1.86 -2.91 -2.57
N ILE A 124 -1.89 -3.64 -1.48
CA ILE A 124 -2.97 -4.57 -1.24
C ILE A 124 -4.09 -3.85 -0.51
N THR A 125 -5.33 -4.25 -0.76
CA THR A 125 -6.46 -3.66 -0.08
C THR A 125 -7.55 -4.69 0.13
N CYS A 126 -7.61 -5.25 1.34
CA CYS A 126 -8.70 -6.13 1.71
C CYS A 126 -10.02 -5.41 1.53
N ASP A 127 -10.77 -5.83 0.52
CA ASP A 127 -11.96 -5.10 0.10
C ASP A 127 -13.18 -5.59 0.85
N ASP A 128 -13.10 -6.82 1.35
CA ASP A 128 -14.19 -7.40 2.12
C ASP A 128 -13.63 -8.31 3.21
N TYR A 129 -13.90 -7.96 4.46
CA TYR A 129 -13.50 -8.78 5.60
C TYR A 129 -14.30 -8.37 6.82
N ASN A 130 -14.15 -9.13 7.91
CA ASN A 130 -14.72 -8.73 9.19
C ASN A 130 -13.61 -8.64 10.23
N GLU A 131 -13.58 -7.54 10.96
CA GLU A 131 -12.44 -7.20 11.81
C GLU A 131 -12.48 -7.91 13.16
N LYS A 132 -13.64 -8.42 13.56
CA LYS A 132 -13.75 -9.07 14.85
C LYS A 132 -13.49 -10.57 14.72
N THR A 133 -14.28 -11.23 13.88
CA THR A 133 -14.28 -12.68 13.80
C THR A 133 -13.09 -13.23 13.02
N GLY A 134 -12.35 -12.34 12.37
CA GLY A 134 -11.15 -12.75 11.66
C GLY A 134 -11.44 -13.56 10.41
N VAL A 135 -12.07 -12.92 9.43
CA VAL A 135 -12.34 -13.56 8.16
C VAL A 135 -12.10 -12.56 7.03
N TRP A 136 -11.62 -13.06 5.91
CA TRP A 136 -11.34 -12.23 4.75
C TRP A 136 -11.71 -12.98 3.47
N GLU A 137 -12.36 -12.28 2.56
CA GLU A 137 -12.75 -12.89 1.29
C GLU A 137 -12.19 -12.11 0.13
N LYS A 138 -12.87 -11.01 -0.19
CA LYS A 138 -12.56 -10.25 -1.38
C LYS A 138 -11.53 -9.19 -1.08
N ARG A 139 -10.58 -9.01 -1.97
CA ARG A 139 -9.58 -7.97 -1.81
C ARG A 139 -9.04 -7.54 -3.16
N LYS A 140 -8.86 -6.25 -3.33
CA LYS A 140 -8.26 -5.73 -4.53
C LYS A 140 -6.76 -5.67 -4.33
N ILE A 141 -6.01 -5.94 -5.37
CA ILE A 141 -4.61 -5.72 -5.34
C ILE A 141 -4.22 -4.71 -6.40
N PHE A 142 -3.66 -3.62 -5.94
CA PHE A 142 -3.31 -2.51 -6.80
C PHE A 142 -1.79 -2.47 -7.00
N VAL A 143 -1.37 -2.72 -8.22
CA VAL A 143 0.04 -2.69 -8.57
C VAL A 143 0.36 -1.42 -9.35
N ALA A 144 1.14 -0.54 -8.74
CA ALA A 144 1.55 0.69 -9.39
C ALA A 144 2.95 0.56 -9.94
N THR A 145 3.07 0.55 -11.26
CA THR A 145 4.36 0.37 -11.93
C THR A 145 5.04 1.72 -12.17
N GLU A 146 6.37 1.72 -12.06
CA GLU A 146 7.17 2.93 -12.26
C GLU A 146 6.89 3.59 -13.61
N VAL A 147 6.73 4.90 -13.60
CA VAL A 147 6.57 5.67 -14.83
C VAL A 147 7.79 6.55 -15.04
N LYS A 148 7.89 7.11 -16.22
CA LYS A 148 8.97 8.03 -16.54
C LYS A 148 8.42 9.42 -16.81
S2 2W7 B . -5.67 -7.54 2.89
C5 2W7 B . -5.00 -7.06 4.45
C6 2W7 B . -5.73 -7.23 5.62
C10 2W7 B . -3.72 -6.50 4.49
C7 2W7 B . -5.18 -6.82 6.84
C8 2W7 B . -3.90 -6.27 6.88
C9 2W7 B . -3.18 -6.11 5.71
C11 2W7 B . -3.00 -6.34 3.31
O2 2W7 B . -2.83 -5.21 2.84
N3 2W7 B . -2.55 -7.46 2.74
C12 2W7 B . -1.98 -8.55 3.52
C13 2W7 B . -1.54 -9.67 2.58
O3 2W7 B . -2.30 -10.61 2.31
N4 2W7 B . -0.31 -9.55 2.08
C14 2W7 B . 0.32 -10.63 1.31
C18 2W7 B . -0.55 -10.99 0.10
C17 2W7 B . 0.11 -12.12 -0.67
C19 2W7 B . 1.48 -11.67 -1.17
C23 2W7 B . 2.34 -11.31 0.03
C24 2W7 B . 1.68 -10.19 0.82
C25 2W7 B . 2.50 -12.53 0.93
C20 2W7 B . 1.14 -12.98 1.42
C26 2W7 B . 0.49 -11.85 2.20
C16 2W7 B . 0.26 -13.33 0.23
H6 2W7 B . -6.73 -7.66 5.60
H7 2W7 B . -5.75 -6.95 7.77
H8 2W7 B . -3.47 -5.96 7.84
H9 2W7 B . -2.19 -5.66 5.74
H3 2W7 B . -2.57 -7.62 1.76
H122 2W7 B . -1.13 -8.20 4.09
H121 2W7 B . -2.73 -8.95 4.22
H4 2W7 B . 0.22 -8.71 2.23
HZ12 2W7 B . -0.65 -10.13 -0.55
HZ11 2W7 B . -1.53 -11.31 0.44
HY1 2W7 B . -0.51 -12.38 -1.53
HX22 2W7 B . 1.93 -12.48 -1.73
HX21 2W7 B . 1.35 -10.81 -1.82
HY3 2W7 B . 3.32 -10.98 -0.31
HZ21 2W7 B . 1.57 -9.31 0.18
HZ22 2W7 B . 2.32 -9.93 1.67
HX31 2W7 B . 2.98 -13.32 0.36
HX32 2W7 B . 3.13 -12.27 1.78
HY2 2W7 B . 1.26 -13.85 2.06
HZ32 2W7 B . 1.09 -11.60 3.06
HZ31 2W7 B . -0.49 -12.19 2.55
HX12 2W7 B . 0.73 -14.15 -0.32
HX11 2W7 B . -0.72 -13.66 0.59
N MET A 1 23.41 9.14 -1.00
CA MET A 1 24.56 9.45 -0.11
C MET A 1 24.12 9.29 1.35
N GLN A 2 24.77 10.00 2.26
CA GLN A 2 24.48 9.87 3.68
C GLN A 2 23.05 10.26 4.01
N ALA A 3 22.58 11.29 3.32
CA ALA A 3 21.24 11.80 3.55
C ALA A 3 20.22 11.08 2.68
N LYS A 4 19.80 9.92 3.15
CA LYS A 4 18.72 9.16 2.54
C LYS A 4 17.95 8.42 3.63
N PRO A 5 16.62 8.41 3.53
CA PRO A 5 15.79 7.71 4.50
C PRO A 5 15.83 6.20 4.31
N GLN A 6 15.64 5.46 5.39
CA GLN A 6 15.57 4.02 5.32
C GLN A 6 14.36 3.54 6.10
N ILE A 7 14.05 2.26 6.03
CA ILE A 7 12.83 1.76 6.64
C ILE A 7 13.14 0.79 7.78
N PRO A 8 12.99 1.27 9.03
CA PRO A 8 13.10 0.44 10.21
C PRO A 8 11.72 -0.06 10.67
N LYS A 9 11.61 -0.46 11.93
CA LYS A 9 10.34 -0.90 12.47
C LYS A 9 9.67 0.22 13.27
N ASP A 10 10.20 1.43 13.12
CA ASP A 10 9.67 2.58 13.83
C ASP A 10 8.40 3.08 13.15
N LYS A 11 7.27 2.68 13.69
CA LYS A 11 5.98 3.10 13.16
C LYS A 11 5.41 4.24 13.98
N SER A 12 6.28 4.88 14.75
CA SER A 12 5.89 6.02 15.55
C SER A 12 6.17 7.30 14.78
N LYS A 13 7.25 7.28 13.99
CA LYS A 13 7.57 8.40 13.12
C LYS A 13 7.08 8.14 11.71
N VAL A 14 6.95 9.20 10.94
CA VAL A 14 6.54 9.07 9.55
C VAL A 14 7.77 9.00 8.67
N ALA A 15 7.93 7.89 7.96
CA ALA A 15 9.02 7.76 7.01
C ALA A 15 8.60 8.31 5.66
N GLY A 16 7.37 8.00 5.26
CA GLY A 16 6.94 8.33 3.93
C GLY A 16 5.52 8.84 3.89
N TYR A 17 5.13 9.33 2.73
CA TYR A 17 3.81 9.88 2.52
C TYR A 17 3.26 9.41 1.19
N ILE A 18 2.12 8.75 1.23
CA ILE A 18 1.46 8.30 0.02
C ILE A 18 0.47 9.36 -0.44
N GLU A 19 0.71 9.90 -1.62
CA GLU A 19 -0.12 10.98 -2.13
C GLU A 19 -0.62 10.69 -3.54
N ILE A 20 -1.92 10.50 -3.65
CA ILE A 20 -2.57 10.30 -4.93
C ILE A 20 -3.55 11.45 -5.16
N PRO A 21 -3.14 12.42 -5.99
CA PRO A 21 -3.95 13.62 -6.27
C PRO A 21 -5.31 13.26 -6.87
N ASP A 22 -5.36 12.12 -7.56
CA ASP A 22 -6.57 11.66 -8.22
C ASP A 22 -7.63 11.22 -7.21
N ALA A 23 -7.20 10.89 -5.99
CA ALA A 23 -8.11 10.38 -4.98
C ALA A 23 -8.03 11.18 -3.69
N ASP A 24 -7.43 12.36 -3.75
CA ASP A 24 -7.36 13.27 -2.59
C ASP A 24 -6.62 12.61 -1.43
N ILE A 25 -5.73 11.69 -1.76
CA ILE A 25 -4.99 10.93 -0.77
C ILE A 25 -3.64 11.55 -0.49
N LYS A 26 -3.41 11.96 0.76
CA LYS A 26 -2.09 12.39 1.21
C LYS A 26 -1.90 11.98 2.66
N GLU A 27 -1.52 10.73 2.85
CA GLU A 27 -1.47 10.13 4.19
C GLU A 27 -0.08 9.57 4.48
N PRO A 28 0.30 9.52 5.77
CA PRO A 28 1.60 9.01 6.18
C PRO A 28 1.69 7.49 6.08
N VAL A 29 2.91 6.98 5.90
CA VAL A 29 3.14 5.55 5.85
C VAL A 29 3.97 5.15 7.06
N TYR A 30 3.51 4.12 7.75
CA TYR A 30 4.14 3.70 8.99
C TYR A 30 5.08 2.52 8.75
N PRO A 31 6.39 2.75 8.91
CA PRO A 31 7.41 1.72 8.78
C PRO A 31 7.25 0.61 9.82
N GLY A 32 7.46 -0.62 9.40
CA GLY A 32 7.34 -1.74 10.30
C GLY A 32 6.47 -2.83 9.73
N PRO A 33 6.37 -3.98 10.40
CA PRO A 33 5.58 -5.11 9.90
C PRO A 33 4.08 -4.83 9.94
N ALA A 34 3.36 -5.46 9.03
CA ALA A 34 1.91 -5.31 8.96
C ALA A 34 1.23 -6.26 9.93
N THR A 35 0.00 -5.93 10.30
CA THR A 35 -0.77 -6.70 11.24
C THR A 35 -2.16 -6.07 11.35
N PRO A 36 -3.22 -6.87 11.65
CA PRO A 36 -4.58 -6.37 11.80
C PRO A 36 -4.65 -5.11 12.67
N GLU A 37 -3.82 -5.08 13.72
CA GLU A 37 -3.74 -3.92 14.61
C GLU A 37 -3.27 -2.67 13.86
N GLN A 38 -2.21 -2.84 13.08
CA GLN A 38 -1.59 -1.74 12.37
C GLN A 38 -2.47 -1.28 11.21
N LEU A 39 -3.10 -2.24 10.56
CA LEU A 39 -3.94 -1.95 9.40
C LEU A 39 -5.29 -1.38 9.82
N ASN A 40 -5.61 -1.53 11.09
CA ASN A 40 -6.82 -0.93 11.65
C ASN A 40 -6.59 0.56 11.88
N ARG A 41 -5.32 0.93 11.92
CA ARG A 41 -4.91 2.31 12.12
C ARG A 41 -4.77 3.01 10.78
N GLY A 42 -4.10 2.35 9.84
CA GLY A 42 -3.87 2.94 8.55
C GLY A 42 -3.16 1.98 7.61
N VAL A 43 -2.21 2.50 6.85
CA VAL A 43 -1.47 1.70 5.89
C VAL A 43 -0.01 1.56 6.32
N SER A 44 0.53 0.36 6.20
CA SER A 44 1.89 0.08 6.60
C SER A 44 2.46 -1.03 5.74
N PHE A 45 3.77 -1.21 5.78
CA PHE A 45 4.43 -2.20 4.93
C PHE A 45 4.13 -3.61 5.40
N ALA A 46 3.80 -4.48 4.45
CA ALA A 46 3.62 -5.90 4.74
C ALA A 46 4.97 -6.52 4.98
N GLU A 47 5.93 -6.09 4.17
CA GLU A 47 7.32 -6.43 4.36
C GLU A 47 8.14 -5.16 4.35
N GLU A 48 8.80 -4.89 5.47
CA GLU A 48 9.63 -3.70 5.60
C GLU A 48 10.67 -3.64 4.48
N ASN A 49 11.19 -4.81 4.13
CA ASN A 49 12.15 -4.98 3.02
C ASN A 49 13.51 -4.38 3.36
N GLU A 50 13.51 -3.43 4.30
CA GLU A 50 14.71 -2.77 4.81
C GLU A 50 15.14 -1.63 3.90
N SER A 51 14.73 -1.71 2.66
CA SER A 51 15.07 -0.71 1.67
C SER A 51 13.84 -0.20 0.95
N LEU A 52 13.83 1.10 0.67
CA LEU A 52 12.71 1.75 0.00
C LEU A 52 13.06 2.02 -1.47
N ASP A 53 14.35 1.91 -1.77
CA ASP A 53 14.84 2.11 -3.11
C ASP A 53 15.05 0.77 -3.80
N ASP A 54 14.31 -0.23 -3.32
CA ASP A 54 14.32 -1.55 -3.92
C ASP A 54 13.31 -1.58 -5.07
N GLN A 55 12.98 -2.76 -5.57
CA GLN A 55 12.03 -2.88 -6.66
C GLN A 55 10.77 -3.61 -6.23
N ASN A 56 10.89 -4.51 -5.26
CA ASN A 56 9.72 -5.26 -4.81
C ASN A 56 9.26 -4.80 -3.42
N ILE A 57 8.27 -3.93 -3.43
CA ILE A 57 7.71 -3.39 -2.20
C ILE A 57 6.26 -3.81 -2.05
N SER A 58 5.86 -4.17 -0.84
CA SER A 58 4.49 -4.55 -0.58
C SER A 58 3.93 -3.77 0.61
N ILE A 59 2.97 -2.90 0.35
CA ILE A 59 2.38 -2.08 1.40
C ILE A 59 0.93 -2.53 1.63
N ALA A 60 0.58 -2.80 2.88
CA ALA A 60 -0.75 -3.32 3.20
C ALA A 60 -1.65 -2.22 3.73
N GLY A 61 -2.92 -2.26 3.36
CA GLY A 61 -3.85 -1.25 3.82
C GLY A 61 -5.26 -1.78 3.96
N HIS A 62 -6.06 -1.10 4.74
CA HIS A 62 -7.44 -1.51 4.97
C HIS A 62 -8.39 -0.36 4.61
N THR A 63 -9.55 -0.69 4.07
CA THR A 63 -10.51 0.31 3.68
C THR A 63 -11.76 0.26 4.57
N PHE A 64 -12.61 1.27 4.47
CA PHE A 64 -13.87 1.28 5.19
C PHE A 64 -14.88 2.14 4.45
N ILE A 65 -16.10 1.64 4.31
CA ILE A 65 -17.12 2.31 3.50
C ILE A 65 -17.53 3.65 4.09
N ASP A 66 -17.82 3.66 5.38
CA ASP A 66 -18.33 4.86 6.05
C ASP A 66 -17.22 5.85 6.37
N ARG A 67 -16.00 5.36 6.57
CA ARG A 67 -14.91 6.22 7.00
C ARG A 67 -14.02 6.62 5.83
N PRO A 68 -14.12 7.89 5.40
CA PRO A 68 -13.30 8.44 4.32
C PRO A 68 -11.89 8.76 4.81
N ASN A 69 -11.70 8.56 6.10
CA ASN A 69 -10.43 8.87 6.76
C ASN A 69 -9.38 7.85 6.40
N TYR A 70 -9.84 6.67 6.01
CA TYR A 70 -8.95 5.66 5.50
C TYR A 70 -8.52 6.04 4.09
N GLN A 71 -7.23 6.27 3.94
CA GLN A 71 -6.66 6.71 2.66
C GLN A 71 -7.13 5.86 1.48
N PHE A 72 -7.18 4.55 1.65
CA PHE A 72 -7.54 3.65 0.57
C PHE A 72 -9.06 3.62 0.33
N THR A 73 -9.80 4.34 1.14
CA THR A 73 -11.25 4.39 1.02
C THR A 73 -11.67 5.11 -0.26
N ASN A 74 -10.90 6.12 -0.66
CA ASN A 74 -11.23 6.91 -1.84
C ASN A 74 -10.46 6.38 -3.06
N LEU A 75 -9.90 5.19 -2.93
CA LEU A 75 -9.06 4.62 -3.99
C LEU A 75 -9.87 4.36 -5.26
N LYS A 76 -11.20 4.37 -5.12
CA LYS A 76 -12.09 4.16 -6.27
C LYS A 76 -12.05 5.33 -7.24
N ALA A 77 -11.65 6.49 -6.72
CA ALA A 77 -11.54 7.69 -7.54
C ALA A 77 -10.25 7.68 -8.36
N ALA A 78 -9.41 6.69 -8.10
CA ALA A 78 -8.15 6.54 -8.81
C ALA A 78 -8.27 5.46 -9.88
N LYS A 79 -7.84 5.79 -11.08
CA LYS A 79 -7.97 4.90 -12.23
C LYS A 79 -6.62 4.38 -12.70
N LYS A 80 -6.65 3.53 -13.72
CA LYS A 80 -5.47 2.84 -14.24
C LYS A 80 -4.36 3.80 -14.67
N GLY A 81 -4.72 5.03 -14.93
CA GLY A 81 -3.77 6.00 -15.41
C GLY A 81 -3.68 7.21 -14.52
N SER A 82 -3.65 6.97 -13.21
CA SER A 82 -3.51 8.04 -12.26
C SER A 82 -2.06 8.19 -11.87
N MET A 83 -1.82 9.10 -10.96
CA MET A 83 -0.47 9.39 -10.52
C MET A 83 -0.32 9.09 -9.03
N VAL A 84 0.34 7.98 -8.73
CA VAL A 84 0.56 7.59 -7.35
C VAL A 84 1.94 8.04 -6.89
N TYR A 85 1.97 9.06 -6.05
CA TYR A 85 3.23 9.55 -5.54
C TYR A 85 3.60 8.82 -4.26
N PHE A 86 4.72 8.14 -4.30
CA PHE A 86 5.23 7.48 -3.11
C PHE A 86 6.40 8.29 -2.56
N LYS A 87 6.12 9.10 -1.56
CA LYS A 87 7.12 9.94 -0.95
C LYS A 87 7.66 9.25 0.29
N VAL A 88 8.94 9.45 0.56
CA VAL A 88 9.55 8.91 1.76
C VAL A 88 10.85 9.65 2.04
N GLY A 89 10.91 10.29 3.20
CA GLY A 89 12.00 11.19 3.48
C GLY A 89 12.05 12.33 2.48
N ASN A 90 13.07 12.34 1.65
CA ASN A 90 13.18 13.32 0.59
C ASN A 90 12.92 12.66 -0.77
N GLU A 91 12.61 11.37 -0.74
CA GLU A 91 12.41 10.60 -1.96
C GLU A 91 10.97 10.78 -2.45
N THR A 92 10.81 10.86 -3.76
CA THR A 92 9.49 10.94 -4.37
C THR A 92 9.45 10.12 -5.66
N ARG A 93 8.95 8.89 -5.56
CA ARG A 93 8.91 7.99 -6.70
C ARG A 93 7.47 7.81 -7.16
N LYS A 94 7.25 7.89 -8.47
CA LYS A 94 5.91 7.95 -9.01
C LYS A 94 5.50 6.61 -9.60
N TYR A 95 4.26 6.25 -9.40
CA TYR A 95 3.74 4.99 -9.88
C TYR A 95 2.42 5.19 -10.61
N LYS A 96 2.19 4.36 -11.61
CA LYS A 96 0.92 4.35 -12.31
C LYS A 96 0.13 3.12 -11.88
N MET A 97 -1.19 3.24 -11.88
CA MET A 97 -2.04 2.16 -11.40
C MET A 97 -2.25 1.13 -12.49
N THR A 98 -1.21 0.38 -12.78
CA THR A 98 -1.22 -0.56 -13.88
C THR A 98 -2.08 -1.77 -13.58
N SER A 99 -2.00 -2.28 -12.35
CA SER A 99 -2.74 -3.46 -11.96
C SER A 99 -3.80 -3.15 -10.91
N ILE A 100 -5.03 -3.02 -11.38
CA ILE A 100 -6.18 -2.89 -10.51
C ILE A 100 -7.11 -4.06 -10.80
N ARG A 101 -6.74 -5.24 -10.30
CA ARG A 101 -7.41 -6.46 -10.69
C ARG A 101 -8.53 -6.84 -9.76
N ASP A 102 -9.45 -7.61 -10.31
CA ASP A 102 -10.65 -8.03 -9.62
C ASP A 102 -10.57 -9.52 -9.33
N VAL A 103 -10.23 -9.87 -8.10
CA VAL A 103 -10.16 -11.28 -7.72
C VAL A 103 -11.04 -11.54 -6.50
N LYS A 104 -11.62 -12.73 -6.47
CA LYS A 104 -12.53 -13.10 -5.40
C LYS A 104 -11.79 -13.86 -4.31
N PRO A 105 -12.12 -13.60 -3.03
CA PRO A 105 -11.51 -14.28 -1.90
C PRO A 105 -11.85 -15.77 -1.88
N THR A 106 -10.82 -16.61 -1.79
CA THR A 106 -11.02 -18.05 -1.78
C THR A 106 -9.89 -18.77 -1.05
N ASP A 107 -8.65 -18.54 -1.47
CA ASP A 107 -7.52 -19.24 -0.88
C ASP A 107 -6.31 -18.30 -0.76
N VAL A 108 -5.30 -18.73 -0.02
CA VAL A 108 -4.13 -17.94 0.21
C VAL A 108 -3.21 -17.92 -1.01
N GLU A 109 -2.97 -19.07 -1.61
CA GLU A 109 -2.03 -19.18 -2.72
C GLU A 109 -2.75 -19.41 -4.04
N VAL A 110 -3.97 -18.88 -4.14
CA VAL A 110 -4.76 -19.03 -5.34
C VAL A 110 -4.35 -18.02 -6.42
N LEU A 111 -3.47 -17.09 -6.05
CA LEU A 111 -2.99 -16.07 -6.99
C LEU A 111 -1.77 -16.59 -7.74
N ASP A 112 -1.83 -16.51 -9.06
CA ASP A 112 -0.70 -16.92 -9.90
C ASP A 112 0.34 -15.83 -9.96
N GLU A 113 1.59 -16.23 -9.79
CA GLU A 113 2.70 -15.29 -9.69
C GLU A 113 3.36 -15.09 -11.04
N GLN A 114 3.65 -13.84 -11.37
CA GLN A 114 4.19 -13.51 -12.68
C GLN A 114 5.70 -13.31 -12.60
N LYS A 115 6.40 -13.75 -13.63
CA LYS A 115 7.85 -13.56 -13.71
C LYS A 115 8.18 -12.25 -14.39
N GLY A 116 9.43 -11.82 -14.29
CA GLY A 116 9.84 -10.56 -14.89
C GLY A 116 9.42 -9.39 -14.04
N LYS A 117 10.16 -9.17 -12.96
CA LYS A 117 9.83 -8.13 -12.00
C LYS A 117 10.42 -6.79 -12.41
N ASP A 118 9.95 -5.74 -11.76
CA ASP A 118 10.48 -4.40 -11.92
C ASP A 118 10.16 -3.64 -10.64
N LYS A 119 10.31 -2.33 -10.66
CA LYS A 119 9.97 -1.49 -9.54
C LYS A 119 8.47 -1.35 -9.41
N GLN A 120 7.90 -2.09 -8.47
CA GLN A 120 6.45 -2.12 -8.29
C GLN A 120 6.08 -2.20 -6.82
N LEU A 121 4.98 -1.56 -6.46
CA LEU A 121 4.47 -1.66 -5.11
C LEU A 121 3.22 -2.51 -5.11
N THR A 122 3.28 -3.66 -4.48
CA THR A 122 2.14 -4.53 -4.35
C THR A 122 1.36 -4.16 -3.09
N LEU A 123 0.33 -3.35 -3.26
CA LEU A 123 -0.48 -2.90 -2.14
C LEU A 123 -1.53 -3.93 -1.79
N ILE A 124 -1.47 -4.41 -0.57
CA ILE A 124 -2.40 -5.40 -0.09
C ILE A 124 -3.73 -4.75 0.30
N THR A 125 -4.59 -4.58 -0.69
CA THR A 125 -5.94 -4.12 -0.47
C THR A 125 -6.86 -5.34 -0.44
N CYS A 126 -7.22 -5.75 0.77
CA CYS A 126 -8.02 -6.96 0.94
C CYS A 126 -9.51 -6.71 0.72
N ASP A 127 -9.95 -5.48 0.93
CA ASP A 127 -11.37 -5.17 0.83
C ASP A 127 -11.75 -4.67 -0.54
N ASP A 128 -13.05 -4.62 -0.78
CA ASP A 128 -13.60 -4.01 -1.96
C ASP A 128 -15.02 -3.57 -1.65
N TYR A 129 -15.21 -2.29 -1.45
CA TYR A 129 -16.47 -1.77 -0.95
C TYR A 129 -17.57 -1.89 -2.00
N ASN A 130 -18.73 -2.37 -1.59
CA ASN A 130 -19.91 -2.32 -2.41
C ASN A 130 -20.76 -1.13 -1.99
N GLU A 131 -20.76 -0.10 -2.82
CA GLU A 131 -21.41 1.16 -2.54
C GLU A 131 -22.87 0.99 -2.16
N LYS A 132 -23.52 0.02 -2.79
CA LYS A 132 -24.95 -0.19 -2.61
C LYS A 132 -25.28 -0.50 -1.14
N THR A 133 -24.74 -1.59 -0.64
CA THR A 133 -25.16 -2.13 0.65
C THR A 133 -24.07 -1.94 1.72
N GLY A 134 -22.98 -1.29 1.36
CA GLY A 134 -21.95 -0.96 2.33
C GLY A 134 -21.27 -2.17 2.93
N VAL A 135 -20.84 -3.08 2.07
CA VAL A 135 -20.13 -4.28 2.51
C VAL A 135 -18.94 -4.53 1.61
N TRP A 136 -17.94 -5.23 2.10
CA TRP A 136 -16.77 -5.55 1.28
C TRP A 136 -16.98 -6.88 0.57
N GLU A 137 -16.86 -6.83 -0.76
CA GLU A 137 -17.16 -7.99 -1.60
C GLU A 137 -15.92 -8.83 -1.88
N LYS A 138 -15.04 -8.27 -2.67
CA LYS A 138 -13.93 -9.01 -3.25
C LYS A 138 -12.60 -8.53 -2.69
N ARG A 139 -11.52 -9.05 -3.24
CA ARG A 139 -10.20 -8.68 -2.80
C ARG A 139 -9.46 -7.93 -3.90
N LYS A 140 -9.95 -6.74 -4.23
CA LYS A 140 -9.35 -5.94 -5.28
C LYS A 140 -7.98 -5.44 -4.83
N ILE A 141 -6.95 -6.16 -5.24
CA ILE A 141 -5.60 -5.82 -4.93
C ILE A 141 -5.04 -4.82 -5.95
N PHE A 142 -4.29 -3.86 -5.46
CA PHE A 142 -3.72 -2.84 -6.32
C PHE A 142 -2.20 -2.93 -6.34
N VAL A 143 -1.65 -3.05 -7.54
CA VAL A 143 -0.21 -3.07 -7.73
C VAL A 143 0.20 -1.93 -8.65
N ALA A 144 1.09 -1.09 -8.16
CA ALA A 144 1.52 0.08 -8.92
C ALA A 144 2.92 -0.09 -9.48
N THR A 145 3.07 0.18 -10.76
CA THR A 145 4.36 0.09 -11.42
C THR A 145 4.99 1.47 -11.54
N GLU A 146 6.29 1.56 -11.27
CA GLU A 146 6.99 2.84 -11.28
C GLU A 146 7.02 3.44 -12.68
N VAL A 147 6.48 4.64 -12.80
CA VAL A 147 6.42 5.33 -14.07
C VAL A 147 7.47 6.43 -14.14
N LYS A 148 7.75 6.85 -15.35
CA LYS A 148 8.83 7.78 -15.62
C LYS A 148 8.31 9.21 -15.64
S2 2W7 B . -6.79 -10.09 3.63
C5 2W7 B . -7.34 -11.23 2.43
C6 2W7 B . -8.68 -11.30 2.09
C10 2W7 B . -6.42 -12.04 1.75
C7 2W7 B . -9.11 -12.17 1.11
C8 2W7 B . -8.20 -12.98 0.44
C9 2W7 B . -6.85 -12.91 0.76
C11 2W7 B . -5.07 -12.02 2.13
O2 2W7 B . -4.22 -11.54 1.37
N3 2W7 B . -4.84 -12.53 3.34
C12 2W7 B . -3.59 -13.19 3.75
C13 2W7 B . -2.54 -13.26 2.62
O3 2W7 B . -1.33 -13.23 2.89
N4 2W7 B . -3.03 -13.38 1.38
C14 2W7 B . -2.13 -13.23 0.23
C18 2W7 B . -1.17 -14.41 0.17
C17 2W7 B . -0.24 -14.26 -1.03
C19 2W7 B . -1.06 -14.22 -2.31
C23 2W7 B . -2.01 -13.03 -2.25
C24 2W7 B . -2.94 -13.19 -1.05
C25 2W7 B . -1.21 -11.74 -2.11
C20 2W7 B . -0.39 -11.79 -0.83
C26 2W7 B . -1.33 -11.94 0.36
C16 2W7 B . 0.56 -12.98 -0.88
H6 2W7 B . -9.40 -10.67 2.62
H7 2W7 B . -10.17 -12.22 0.85
H8 2W7 B . -8.54 -13.65 -0.34
H9 2W7 B . -6.12 -13.54 0.23
H3 2W7 B . -5.52 -12.49 4.07
H122 2W7 B . -3.16 -12.64 4.59
H121 2W7 B . -3.81 -14.21 4.08
H4 2W7 B . -3.99 -13.58 1.21
HZ12 2W7 B . -1.74 -15.34 0.07
HZ11 2W7 B . -0.59 -14.46 1.08
HY1 2W7 B . 0.44 -15.11 -1.06
HX22 2W7 B . -0.37 -14.10 -3.15
HX21 2W7 B . -1.61 -15.14 -2.42
HY3 2W7 B . -2.60 -12.99 -3.17
HZ21 2W7 B . -3.51 -14.11 -1.15
HZ22 2W7 B . -3.63 -12.34 -1.03
HX31 2W7 B . -0.56 -11.63 -2.97
HX32 2W7 B . -1.90 -10.90 -2.07
HY2 2W7 B . 0.18 -10.87 -0.73
HZ32 2W7 B . -2.00 -11.09 0.40
HZ31 2W7 B . -0.73 -11.96 1.27
HX12 2W7 B . 1.23 -12.86 -1.74
HX11 2W7 B . 1.15 -13.01 0.03
#